data_2JQV
#
_entry.id   2JQV
#
_entity_poly.entity_id   1
_entity_poly.type   'polypeptide(L)'
_entity_poly.pdbx_seq_one_letter_code
;STSSDPQSHNVFVYGSILEPAVAAVILDRTADTVPAVLHGYHRYKLKGLPYPCIVSSDSGKVNGKVITGVSDAELNNFDV
IEGNDYERVTVEVVRMDNSEKVKVETYVWVNKDDPRMYGEWDFEEWRVVHAEKFVETFRKMLEWNKNPNGKSMEEAVGSL
LSSGD
;
_entity_poly.pdbx_strand_id   A
#
# COMPACT_ATOMS: atom_id res chain seq x y z
N SER A 1 -31.52 -4.06 6.56
CA SER A 1 -31.50 -2.77 5.89
C SER A 1 -30.07 -2.38 5.56
N THR A 2 -29.88 -1.23 4.96
CA THR A 2 -28.56 -0.74 4.67
C THR A 2 -27.95 -0.16 5.94
N SER A 3 -27.10 -0.91 6.58
CA SER A 3 -26.44 -0.48 7.79
C SER A 3 -25.09 -1.17 7.91
N SER A 4 -24.06 -0.42 8.21
CA SER A 4 -22.74 -0.98 8.37
C SER A 4 -22.61 -1.68 9.72
N ASP A 5 -21.91 -2.78 9.74
CA ASP A 5 -21.73 -3.56 10.96
C ASP A 5 -20.38 -3.27 11.58
N PRO A 6 -20.13 -3.76 12.84
CA PRO A 6 -18.82 -3.66 13.48
C PRO A 6 -17.75 -4.43 12.70
N GLN A 7 -16.53 -4.44 13.25
CA GLN A 7 -15.38 -5.05 12.62
C GLN A 7 -14.99 -4.25 11.37
N SER A 8 -14.33 -3.14 11.61
CA SER A 8 -13.91 -2.26 10.58
C SER A 8 -12.64 -2.78 9.93
N HIS A 9 -12.53 -2.59 8.67
CA HIS A 9 -11.44 -3.10 7.89
C HIS A 9 -10.50 -2.02 7.47
N ASN A 10 -9.25 -2.40 7.33
CA ASN A 10 -8.19 -1.53 6.89
C ASN A 10 -7.56 -2.18 5.69
N VAL A 11 -7.51 -1.48 4.61
CA VAL A 11 -6.95 -2.04 3.39
C VAL A 11 -5.91 -1.11 2.76
N PHE A 12 -4.70 -1.64 2.56
CA PHE A 12 -3.61 -0.89 1.96
C PHE A 12 -3.82 -0.83 0.47
N VAL A 13 -3.92 0.36 -0.06
CA VAL A 13 -4.15 0.56 -1.45
C VAL A 13 -3.00 1.33 -2.08
N TYR A 14 -2.74 1.06 -3.32
CA TYR A 14 -1.70 1.72 -4.04
C TYR A 14 -2.27 2.30 -5.32
N GLY A 15 -2.42 3.61 -5.36
CA GLY A 15 -2.89 4.29 -6.55
C GLY A 15 -4.39 4.53 -6.58
N SER A 16 -5.15 3.45 -6.73
CA SER A 16 -6.61 3.46 -6.92
C SER A 16 -7.39 4.44 -5.99
N ILE A 17 -7.51 4.12 -4.71
CA ILE A 17 -8.30 4.91 -3.83
C ILE A 17 -7.39 5.72 -2.94
N LEU A 18 -6.68 6.63 -3.52
CA LEU A 18 -5.86 7.55 -2.77
C LEU A 18 -6.42 8.92 -2.95
N GLU A 19 -7.64 8.94 -3.42
CA GLU A 19 -8.33 10.18 -3.66
C GLU A 19 -9.82 10.06 -3.27
N PRO A 20 -10.40 11.18 -2.79
CA PRO A 20 -11.79 11.21 -2.30
C PRO A 20 -12.83 10.81 -3.34
N ALA A 21 -12.66 11.29 -4.58
CA ALA A 21 -13.62 10.99 -5.66
C ALA A 21 -13.79 9.50 -5.86
N VAL A 22 -12.66 8.81 -5.92
CA VAL A 22 -12.68 7.38 -6.11
C VAL A 22 -13.30 6.65 -4.92
N ALA A 23 -12.92 7.05 -3.70
CA ALA A 23 -13.49 6.41 -2.49
C ALA A 23 -14.99 6.59 -2.46
N ALA A 24 -15.45 7.74 -2.89
CA ALA A 24 -16.85 8.05 -2.87
C ALA A 24 -17.60 7.26 -3.95
N VAL A 25 -16.95 7.01 -5.08
CA VAL A 25 -17.62 6.25 -6.14
C VAL A 25 -17.54 4.75 -5.87
N ILE A 26 -16.48 4.30 -5.18
CA ILE A 26 -16.39 2.90 -4.87
C ILE A 26 -17.38 2.49 -3.81
N LEU A 27 -17.46 3.25 -2.75
CA LEU A 27 -18.29 2.82 -1.66
C LEU A 27 -19.66 3.45 -1.72
N ASP A 28 -19.67 4.78 -1.77
CA ASP A 28 -20.88 5.61 -1.69
C ASP A 28 -20.47 6.91 -1.06
N ARG A 29 -19.51 6.79 -0.17
CA ARG A 29 -19.08 7.85 0.68
C ARG A 29 -17.57 7.86 0.68
N THR A 30 -16.99 8.97 1.05
CA THR A 30 -15.57 9.09 1.07
C THR A 30 -14.99 8.35 2.28
N ALA A 31 -14.18 7.38 2.01
CA ALA A 31 -13.49 6.64 3.04
C ALA A 31 -12.21 7.36 3.38
N ASP A 32 -11.74 7.20 4.58
CA ASP A 32 -10.53 7.88 5.00
C ASP A 32 -9.33 7.01 4.85
N THR A 33 -8.40 7.48 4.07
CA THR A 33 -7.15 6.83 3.94
C THR A 33 -6.17 7.44 4.90
N VAL A 34 -5.31 6.63 5.42
CA VAL A 34 -4.29 7.07 6.32
C VAL A 34 -2.96 6.64 5.72
N PRO A 35 -1.94 7.51 5.69
CA PRO A 35 -0.64 7.19 5.13
C PRO A 35 0.06 6.09 5.92
N ALA A 36 0.45 5.06 5.22
CA ALA A 36 1.11 3.92 5.82
C ALA A 36 2.05 3.29 4.85
N VAL A 37 3.03 2.62 5.36
CA VAL A 37 4.00 1.97 4.54
C VAL A 37 4.05 0.47 4.81
N LEU A 38 3.96 -0.29 3.76
CA LEU A 38 4.00 -1.71 3.83
C LEU A 38 5.40 -2.25 3.70
N HIS A 39 6.03 -2.49 4.81
CA HIS A 39 7.30 -3.17 4.81
C HIS A 39 7.08 -4.65 4.51
N GLY A 40 7.84 -5.19 3.61
CA GLY A 40 7.71 -6.59 3.33
C GLY A 40 7.22 -6.88 1.93
N TYR A 41 6.79 -5.86 1.24
CA TYR A 41 6.39 -5.97 -0.12
C TYR A 41 7.12 -4.99 -0.95
N HIS A 42 7.19 -5.25 -2.22
CA HIS A 42 7.91 -4.39 -3.09
C HIS A 42 6.97 -3.99 -4.21
N ARG A 43 6.89 -2.72 -4.50
CA ARG A 43 6.03 -2.24 -5.57
C ARG A 43 6.75 -2.17 -6.89
N TYR A 44 6.06 -2.60 -7.89
CA TYR A 44 6.57 -2.59 -9.22
C TYR A 44 5.66 -1.70 -10.04
N LYS A 45 6.11 -1.27 -11.20
CA LYS A 45 5.33 -0.36 -12.02
C LYS A 45 4.39 -1.10 -12.95
N LEU A 46 4.90 -2.13 -13.60
CA LEU A 46 4.13 -2.96 -14.53
C LEU A 46 3.50 -2.21 -15.67
N LYS A 47 4.32 -1.89 -16.62
CA LYS A 47 3.86 -1.25 -17.81
C LYS A 47 3.21 -2.25 -18.74
N GLY A 48 1.92 -2.22 -18.81
CA GLY A 48 1.21 -3.11 -19.65
C GLY A 48 0.08 -3.76 -18.92
N LEU A 49 0.27 -3.96 -17.63
CA LEU A 49 -0.77 -4.53 -16.80
C LEU A 49 -1.51 -3.35 -16.10
N PRO A 50 -2.78 -3.51 -15.66
CA PRO A 50 -3.60 -2.42 -15.05
C PRO A 50 -3.09 -1.96 -13.67
N TYR A 51 -2.14 -0.98 -13.70
CA TYR A 51 -1.43 -0.42 -12.53
C TYR A 51 -1.11 -1.33 -11.30
N PRO A 52 -0.41 -2.47 -11.56
CA PRO A 52 0.08 -3.40 -10.56
C PRO A 52 1.61 -3.22 -10.37
N CYS A 53 2.24 -3.82 -9.37
CA CYS A 53 1.65 -4.65 -8.34
C CYS A 53 2.57 -4.60 -7.15
N ILE A 54 2.22 -5.33 -6.11
CA ILE A 54 3.16 -5.62 -5.06
C ILE A 54 3.18 -7.11 -4.88
N VAL A 55 4.34 -7.66 -4.98
CA VAL A 55 4.53 -9.09 -4.83
C VAL A 55 5.88 -9.31 -4.20
N SER A 56 6.16 -10.55 -3.85
CA SER A 56 7.42 -10.96 -3.23
C SER A 56 7.51 -10.46 -1.79
N SER A 57 7.85 -11.35 -0.86
CA SER A 57 8.11 -10.91 0.49
C SER A 57 9.52 -10.35 0.52
N ASP A 58 9.63 -9.19 -0.03
CA ASP A 58 10.85 -8.49 -0.26
C ASP A 58 11.25 -7.74 1.01
N SER A 59 12.51 -7.36 1.10
CA SER A 59 12.97 -6.64 2.26
C SER A 59 12.67 -5.14 2.17
N GLY A 60 12.11 -4.74 1.04
CA GLY A 60 11.77 -3.35 0.84
C GLY A 60 10.42 -3.02 1.42
N LYS A 61 9.95 -1.84 1.13
CA LYS A 61 8.69 -1.41 1.63
C LYS A 61 7.98 -0.54 0.59
N VAL A 62 6.67 -0.51 0.68
CA VAL A 62 5.83 0.24 -0.23
C VAL A 62 5.09 1.32 0.55
N ASN A 63 5.25 2.55 0.18
CA ASN A 63 4.57 3.64 0.88
C ASN A 63 3.30 4.00 0.13
N GLY A 64 2.19 3.93 0.82
CA GLY A 64 0.91 4.22 0.26
C GLY A 64 -0.04 4.65 1.33
N LYS A 65 -1.29 4.29 1.22
CA LYS A 65 -2.24 4.65 2.24
C LYS A 65 -3.18 3.50 2.48
N VAL A 66 -3.67 3.42 3.67
CA VAL A 66 -4.61 2.42 4.03
C VAL A 66 -5.98 3.02 4.13
N ILE A 67 -6.93 2.36 3.56
CA ILE A 67 -8.29 2.80 3.60
C ILE A 67 -8.88 2.22 4.87
N THR A 68 -9.17 3.09 5.80
CA THR A 68 -9.65 2.67 7.11
C THR A 68 -11.14 2.89 7.25
N GLY A 69 -11.73 2.22 8.23
CA GLY A 69 -13.14 2.37 8.49
C GLY A 69 -13.98 1.76 7.42
N VAL A 70 -13.51 0.68 6.85
CA VAL A 70 -14.21 0.02 5.79
C VAL A 70 -15.06 -1.11 6.38
N SER A 71 -16.34 -1.07 6.14
CA SER A 71 -17.22 -2.12 6.59
C SER A 71 -17.00 -3.35 5.69
N ASP A 72 -17.44 -4.51 6.15
CA ASP A 72 -17.28 -5.76 5.39
C ASP A 72 -18.02 -5.68 4.07
N ALA A 73 -19.05 -4.85 4.02
CA ALA A 73 -19.83 -4.67 2.82
C ALA A 73 -19.06 -3.76 1.87
N GLU A 74 -18.51 -2.70 2.42
CA GLU A 74 -17.72 -1.73 1.67
C GLU A 74 -16.47 -2.40 1.10
N LEU A 75 -15.81 -3.21 1.92
CA LEU A 75 -14.55 -3.88 1.59
C LEU A 75 -14.75 -4.78 0.39
N ASN A 76 -15.91 -5.39 0.32
CA ASN A 76 -16.22 -6.32 -0.73
C ASN A 76 -16.17 -5.64 -2.10
N ASN A 77 -16.45 -4.33 -2.15
CA ASN A 77 -16.54 -3.67 -3.44
C ASN A 77 -15.16 -3.55 -4.06
N PHE A 78 -14.15 -3.47 -3.21
CA PHE A 78 -12.78 -3.35 -3.68
C PHE A 78 -12.33 -4.66 -4.29
N ASP A 79 -12.85 -5.74 -3.73
CA ASP A 79 -12.53 -7.07 -4.21
C ASP A 79 -13.23 -7.33 -5.54
N VAL A 80 -14.47 -6.86 -5.63
CA VAL A 80 -15.30 -7.03 -6.82
C VAL A 80 -14.86 -6.10 -7.96
N ILE A 81 -14.59 -4.85 -7.64
CA ILE A 81 -14.27 -3.85 -8.63
C ILE A 81 -12.78 -3.59 -8.69
N GLU A 82 -12.22 -3.82 -9.88
CA GLU A 82 -10.79 -3.61 -10.19
C GLU A 82 -9.86 -4.69 -9.63
N GLY A 83 -10.28 -5.33 -8.55
CA GLY A 83 -9.51 -6.43 -7.99
C GLY A 83 -9.77 -7.72 -8.78
N ASN A 84 -9.62 -7.64 -10.10
CA ASN A 84 -9.91 -8.75 -11.00
C ASN A 84 -8.84 -9.81 -10.97
N ASP A 85 -7.59 -9.41 -10.97
CA ASP A 85 -6.49 -10.37 -10.99
C ASP A 85 -5.69 -10.18 -9.71
N TYR A 86 -6.38 -9.68 -8.73
CA TYR A 86 -5.80 -9.40 -7.46
C TYR A 86 -6.42 -10.30 -6.41
N GLU A 87 -5.66 -10.59 -5.40
CA GLU A 87 -6.15 -11.39 -4.30
C GLU A 87 -5.91 -10.66 -2.99
N ARG A 88 -6.77 -10.89 -2.03
CA ARG A 88 -6.63 -10.29 -0.73
C ARG A 88 -5.75 -11.07 0.18
N VAL A 89 -4.76 -10.41 0.69
CA VAL A 89 -3.86 -10.99 1.64
C VAL A 89 -3.68 -10.04 2.80
N THR A 90 -3.32 -10.57 3.93
CA THR A 90 -3.13 -9.75 5.09
C THR A 90 -1.64 -9.42 5.24
N VAL A 91 -1.36 -8.15 5.30
CA VAL A 91 -0.02 -7.64 5.40
C VAL A 91 0.02 -6.67 6.56
N GLU A 92 1.16 -6.42 7.11
CA GLU A 92 1.21 -5.51 8.20
C GLU A 92 1.98 -4.27 7.75
N VAL A 93 1.43 -3.13 8.01
CA VAL A 93 2.00 -1.90 7.54
C VAL A 93 2.21 -0.97 8.70
N VAL A 94 2.99 0.01 8.49
CA VAL A 94 3.21 1.00 9.48
C VAL A 94 2.43 2.21 9.16
N ARG A 95 1.52 2.54 10.02
CA ARG A 95 0.75 3.74 9.90
C ARG A 95 1.69 4.91 10.10
N MET A 96 2.18 5.43 9.00
CA MET A 96 3.15 6.51 8.93
C MET A 96 2.63 7.71 9.71
N ASP A 97 1.32 7.88 9.64
CA ASP A 97 0.60 8.94 10.35
C ASP A 97 0.91 8.97 11.86
N ASN A 98 1.22 7.81 12.46
CA ASN A 98 1.51 7.76 13.91
C ASN A 98 2.75 6.87 14.19
N SER A 99 3.37 6.39 13.12
CA SER A 99 4.55 5.51 13.17
C SER A 99 4.27 4.18 13.94
N GLU A 100 3.01 3.76 13.96
CA GLU A 100 2.62 2.53 14.64
C GLU A 100 2.43 1.44 13.61
N LYS A 101 2.45 0.22 14.02
CA LYS A 101 2.31 -0.87 13.09
C LYS A 101 0.90 -1.43 13.18
N VAL A 102 0.26 -1.58 12.04
CA VAL A 102 -1.11 -2.05 11.97
C VAL A 102 -1.25 -3.15 10.93
N LYS A 103 -2.08 -4.11 11.20
CA LYS A 103 -2.27 -5.23 10.30
C LYS A 103 -3.45 -4.92 9.38
N VAL A 104 -3.26 -5.02 8.09
CA VAL A 104 -4.28 -4.63 7.13
C VAL A 104 -4.41 -5.67 6.01
N GLU A 105 -5.39 -5.48 5.17
CA GLU A 105 -5.57 -6.30 3.99
C GLU A 105 -5.03 -5.53 2.81
N THR A 106 -4.60 -6.20 1.80
CA THR A 106 -4.16 -5.53 0.62
C THR A 106 -4.40 -6.43 -0.57
N TYR A 107 -4.17 -5.92 -1.75
CA TYR A 107 -4.37 -6.64 -2.95
C TYR A 107 -3.07 -6.88 -3.64
N VAL A 108 -2.73 -8.13 -3.79
CA VAL A 108 -1.55 -8.51 -4.48
C VAL A 108 -1.95 -9.15 -5.80
N TRP A 109 -1.01 -9.40 -6.64
CA TRP A 109 -1.28 -9.86 -7.97
C TRP A 109 -1.24 -11.38 -7.98
N VAL A 110 -2.27 -12.04 -8.51
CA VAL A 110 -2.34 -13.49 -8.48
C VAL A 110 -1.32 -14.14 -9.44
N ASN A 111 -0.85 -13.37 -10.41
CA ASN A 111 0.18 -13.85 -11.35
C ASN A 111 1.60 -13.73 -10.69
N LYS A 112 1.59 -13.49 -9.36
CA LYS A 112 2.78 -13.34 -8.47
C LYS A 112 3.81 -14.47 -8.57
N ASP A 113 3.41 -15.60 -9.18
CA ASP A 113 4.23 -16.81 -9.29
C ASP A 113 5.64 -16.49 -9.76
N ASP A 114 5.73 -15.76 -10.84
CA ASP A 114 7.00 -15.34 -11.37
C ASP A 114 7.17 -13.85 -11.14
N PRO A 115 8.30 -13.42 -10.52
CA PRO A 115 8.56 -12.00 -10.32
C PRO A 115 8.79 -11.28 -11.65
N ARG A 116 7.79 -10.56 -12.08
CA ARG A 116 7.84 -9.84 -13.32
C ARG A 116 8.13 -8.39 -13.05
N MET A 117 9.08 -7.83 -13.82
CA MET A 117 9.52 -6.44 -13.68
C MET A 117 10.05 -6.21 -12.29
N TYR A 118 10.86 -7.15 -11.80
CA TYR A 118 11.43 -7.14 -10.45
C TYR A 118 12.25 -5.86 -10.14
N GLY A 119 12.71 -5.20 -11.18
CA GLY A 119 13.42 -3.97 -11.00
C GLY A 119 12.46 -2.84 -10.72
N GLU A 120 12.70 -2.10 -9.68
CA GLU A 120 11.81 -1.04 -9.29
C GLU A 120 12.17 0.22 -10.08
N TRP A 121 11.15 0.83 -10.62
CA TRP A 121 11.29 1.93 -11.53
C TRP A 121 11.66 3.25 -10.79
N ASP A 122 11.67 4.35 -11.50
CA ASP A 122 12.09 5.62 -10.95
C ASP A 122 10.98 6.23 -10.16
N PHE A 123 11.24 6.43 -8.90
CA PHE A 123 10.32 7.00 -7.96
C PHE A 123 10.05 8.43 -8.35
N GLU A 124 11.08 9.07 -8.86
CA GLU A 124 11.02 10.46 -9.22
C GLU A 124 10.11 10.66 -10.40
N GLU A 125 10.06 9.66 -11.27
CA GLU A 125 9.18 9.75 -12.40
C GLU A 125 7.75 9.61 -11.91
N TRP A 126 7.56 8.70 -10.95
CA TRP A 126 6.23 8.52 -10.39
C TRP A 126 5.79 9.82 -9.71
N ARG A 127 6.71 10.42 -8.95
CA ARG A 127 6.45 11.67 -8.25
C ARG A 127 6.01 12.76 -9.22
N VAL A 128 6.73 12.93 -10.32
CA VAL A 128 6.40 13.98 -11.25
C VAL A 128 5.10 13.69 -12.01
N VAL A 129 4.90 12.44 -12.42
CA VAL A 129 3.73 12.09 -13.20
C VAL A 129 2.44 12.20 -12.39
N HIS A 130 2.44 11.70 -11.15
CA HIS A 130 1.21 11.81 -10.35
C HIS A 130 0.94 13.26 -10.02
N ALA A 131 2.02 14.03 -9.82
CA ALA A 131 1.91 15.42 -9.48
C ALA A 131 1.27 16.20 -10.61
N GLU A 132 1.75 15.98 -11.85
CA GLU A 132 1.27 16.73 -13.00
C GLU A 132 -0.21 16.53 -13.18
N LYS A 133 -0.62 15.29 -13.00
CA LYS A 133 -2.00 14.90 -13.14
C LYS A 133 -2.89 15.59 -12.12
N PHE A 134 -2.50 15.60 -10.87
CA PHE A 134 -3.26 16.30 -9.85
C PHE A 134 -3.21 17.80 -10.05
N VAL A 135 -2.01 18.33 -10.31
CA VAL A 135 -1.80 19.75 -10.51
C VAL A 135 -2.67 20.29 -11.67
N GLU A 136 -2.66 19.59 -12.83
CA GLU A 136 -3.51 20.01 -13.95
C GLU A 136 -4.96 20.01 -13.53
N THR A 137 -5.38 18.92 -12.91
CA THR A 137 -6.75 18.74 -12.49
C THR A 137 -7.23 19.88 -11.55
N PHE A 138 -6.41 20.26 -10.57
CA PHE A 138 -6.82 21.34 -9.67
C PHE A 138 -6.85 22.70 -10.37
N ARG A 139 -5.83 22.97 -11.19
CA ARG A 139 -5.77 24.25 -11.92
C ARG A 139 -6.96 24.41 -12.86
N LYS A 140 -7.23 23.36 -13.60
CA LYS A 140 -8.29 23.37 -14.59
C LYS A 140 -9.67 23.35 -13.96
N MET A 141 -9.80 22.71 -12.80
CA MET A 141 -11.09 22.70 -12.15
C MET A 141 -11.34 24.07 -11.56
N LEU A 142 -10.27 24.74 -11.15
CA LEU A 142 -10.33 26.07 -10.59
C LEU A 142 -10.73 27.07 -11.65
N GLU A 143 -10.25 26.87 -12.87
CA GLU A 143 -10.64 27.72 -13.99
C GLU A 143 -12.12 27.62 -14.24
N TRP A 144 -12.62 26.41 -14.25
CA TRP A 144 -14.03 26.19 -14.44
C TRP A 144 -14.84 26.75 -13.26
N ASN A 145 -14.35 26.50 -12.05
CA ASN A 145 -15.02 26.97 -10.82
C ASN A 145 -14.97 28.50 -10.71
N LYS A 146 -14.03 29.08 -11.40
CA LYS A 146 -13.87 30.52 -11.45
C LYS A 146 -14.89 31.11 -12.43
N ASN A 147 -15.30 30.29 -13.40
CA ASN A 147 -16.25 30.71 -14.46
C ASN A 147 -15.61 31.79 -15.31
N PRO A 148 -14.77 31.41 -16.28
CA PRO A 148 -14.04 32.36 -17.10
C PRO A 148 -14.93 33.05 -18.12
N ASN A 149 -15.86 32.28 -18.67
CA ASN A 149 -16.79 32.76 -19.69
C ASN A 149 -18.10 33.18 -19.06
N GLY A 150 -18.16 33.12 -17.73
CA GLY A 150 -19.43 33.37 -17.06
C GLY A 150 -20.40 32.25 -17.37
N LYS A 151 -19.85 31.06 -17.52
CA LYS A 151 -20.59 29.88 -17.90
C LYS A 151 -21.28 29.31 -16.68
N SER A 152 -22.56 29.20 -16.73
CA SER A 152 -23.33 28.70 -15.62
C SER A 152 -23.74 27.25 -15.89
N MET A 153 -24.17 26.55 -14.85
CA MET A 153 -24.54 25.12 -14.94
C MET A 153 -25.62 24.84 -15.98
N GLU A 154 -26.65 25.67 -16.02
CA GLU A 154 -27.75 25.49 -16.97
C GLU A 154 -27.37 26.03 -18.35
N GLU A 155 -26.44 26.94 -18.36
CA GLU A 155 -25.98 27.57 -19.59
C GLU A 155 -25.09 26.57 -20.35
N ALA A 156 -24.18 25.93 -19.60
CA ALA A 156 -23.22 24.99 -20.16
C ALA A 156 -23.89 23.75 -20.74
N VAL A 157 -25.05 23.41 -20.23
CA VAL A 157 -25.75 22.25 -20.74
C VAL A 157 -26.72 22.65 -21.84
N GLY A 158 -26.65 21.96 -22.96
CA GLY A 158 -27.54 22.21 -24.06
C GLY A 158 -28.89 21.61 -23.81
N SER A 159 -29.68 22.26 -22.99
CA SER A 159 -30.98 21.81 -22.63
C SER A 159 -31.96 22.08 -23.79
N LEU A 160 -32.99 21.27 -23.89
CA LEU A 160 -34.00 21.44 -24.91
C LEU A 160 -35.30 21.85 -24.28
N LEU A 161 -36.01 22.73 -24.93
CA LEU A 161 -37.31 23.18 -24.48
C LEU A 161 -38.41 22.46 -25.25
N SER A 162 -38.01 21.87 -26.36
CA SER A 162 -38.90 21.22 -27.29
C SER A 162 -39.89 22.21 -27.87
N SER A 163 -39.40 22.97 -28.80
CA SER A 163 -40.14 23.98 -29.44
C SER A 163 -41.09 23.36 -30.46
N GLY A 164 -42.32 23.77 -30.40
CA GLY A 164 -43.31 23.26 -31.29
C GLY A 164 -43.67 24.26 -32.32
N ASP A 165 -43.26 24.02 -33.52
CA ASP A 165 -43.53 24.92 -34.61
C ASP A 165 -44.26 24.17 -35.69
N SER A 1 -24.92 6.82 10.62
CA SER A 1 -24.46 5.52 11.06
C SER A 1 -24.89 5.29 12.49
N THR A 2 -25.20 4.06 12.83
CA THR A 2 -25.69 3.77 14.16
C THR A 2 -24.53 3.69 15.18
N SER A 3 -23.38 3.26 14.70
CA SER A 3 -22.22 3.14 15.55
C SER A 3 -20.99 3.03 14.64
N SER A 4 -19.83 2.94 15.22
CA SER A 4 -18.63 2.73 14.45
C SER A 4 -18.50 1.23 14.18
N ASP A 5 -18.01 0.87 13.02
CA ASP A 5 -17.87 -0.53 12.65
C ASP A 5 -16.85 -1.22 13.59
N PRO A 6 -17.25 -2.32 14.25
CA PRO A 6 -16.41 -2.99 15.26
C PRO A 6 -15.20 -3.73 14.68
N GLN A 7 -15.18 -3.91 13.39
CA GLN A 7 -14.11 -4.62 12.76
C GLN A 7 -13.78 -3.92 11.46
N SER A 8 -13.83 -2.58 11.52
CA SER A 8 -13.56 -1.73 10.40
C SER A 8 -12.23 -2.09 9.77
N HIS A 9 -12.28 -2.38 8.53
CA HIS A 9 -11.16 -2.82 7.78
C HIS A 9 -10.41 -1.67 7.20
N ASN A 10 -9.17 -1.92 6.94
CA ASN A 10 -8.27 -0.96 6.37
C ASN A 10 -7.68 -1.57 5.13
N VAL A 11 -7.69 -0.84 4.06
CA VAL A 11 -7.16 -1.38 2.83
C VAL A 11 -5.99 -0.54 2.34
N PHE A 12 -4.86 -1.18 2.21
CA PHE A 12 -3.67 -0.59 1.63
C PHE A 12 -3.75 -0.92 0.17
N VAL A 13 -4.24 -0.02 -0.59
CA VAL A 13 -4.45 -0.36 -1.97
C VAL A 13 -3.65 0.52 -2.86
N TYR A 14 -2.82 -0.09 -3.65
CA TYR A 14 -2.11 0.63 -4.63
C TYR A 14 -2.96 0.56 -5.89
N GLY A 15 -4.10 1.20 -5.80
CA GLY A 15 -5.09 1.21 -6.82
C GLY A 15 -5.76 2.52 -6.86
N SER A 16 -6.82 2.64 -7.59
CA SER A 16 -7.46 3.91 -7.76
C SER A 16 -8.49 4.19 -6.67
N ILE A 17 -8.00 4.72 -5.57
CA ILE A 17 -8.79 5.27 -4.49
C ILE A 17 -7.98 6.44 -3.98
N LEU A 18 -7.02 6.11 -3.06
CA LEU A 18 -6.02 7.00 -2.43
C LEU A 18 -6.54 8.31 -1.78
N GLU A 19 -7.43 8.98 -2.42
CA GLU A 19 -7.99 10.19 -1.93
C GLU A 19 -9.46 9.95 -1.56
N PRO A 20 -9.92 10.56 -0.43
CA PRO A 20 -11.28 10.38 0.11
C PRO A 20 -12.41 10.56 -0.91
N ALA A 21 -12.18 11.36 -1.93
CA ALA A 21 -13.19 11.57 -2.98
C ALA A 21 -13.48 10.27 -3.74
N VAL A 22 -12.44 9.52 -4.03
CA VAL A 22 -12.59 8.26 -4.72
C VAL A 22 -13.09 7.21 -3.74
N ALA A 23 -12.73 7.36 -2.48
CA ALA A 23 -13.26 6.47 -1.46
C ALA A 23 -14.78 6.65 -1.36
N ALA A 24 -15.23 7.86 -1.68
CA ALA A 24 -16.64 8.18 -1.68
C ALA A 24 -17.35 7.59 -2.90
N VAL A 25 -16.61 7.04 -3.87
CA VAL A 25 -17.26 6.43 -5.01
C VAL A 25 -17.33 4.91 -4.85
N ILE A 26 -16.44 4.37 -4.03
CA ILE A 26 -16.45 2.96 -3.72
C ILE A 26 -17.41 2.66 -2.55
N LEU A 27 -17.31 3.44 -1.49
CA LEU A 27 -18.13 3.24 -0.31
C LEU A 27 -19.42 4.01 -0.41
N ASP A 28 -19.41 5.05 -1.28
CA ASP A 28 -20.54 6.02 -1.41
C ASP A 28 -20.63 6.87 -0.14
N ARG A 29 -19.60 6.72 0.65
CA ARG A 29 -19.39 7.37 1.89
C ARG A 29 -17.94 7.80 1.88
N THR A 30 -17.63 8.95 2.39
CA THR A 30 -16.25 9.38 2.38
C THR A 30 -15.47 8.66 3.50
N ALA A 31 -14.28 8.21 3.17
CA ALA A 31 -13.45 7.49 4.11
C ALA A 31 -12.15 8.22 4.29
N ASP A 32 -11.54 8.01 5.41
CA ASP A 32 -10.26 8.62 5.69
C ASP A 32 -9.16 7.71 5.22
N THR A 33 -8.38 8.17 4.28
CA THR A 33 -7.27 7.41 3.84
C THR A 33 -6.05 8.09 4.45
N VAL A 34 -5.08 7.33 4.86
CA VAL A 34 -3.89 7.91 5.46
C VAL A 34 -2.64 7.24 4.90
N PRO A 35 -1.52 7.97 4.82
CA PRO A 35 -0.26 7.41 4.32
C PRO A 35 0.27 6.30 5.23
N ALA A 36 0.66 5.21 4.63
CA ALA A 36 1.16 4.09 5.35
C ALA A 36 2.16 3.36 4.50
N VAL A 37 3.01 2.64 5.13
CA VAL A 37 4.01 1.89 4.44
C VAL A 37 3.91 0.40 4.78
N LEU A 38 3.85 -0.40 3.76
CA LEU A 38 3.78 -1.81 3.88
C LEU A 38 5.17 -2.37 3.95
N HIS A 39 5.52 -2.87 5.08
CA HIS A 39 6.81 -3.47 5.28
C HIS A 39 6.77 -4.96 4.90
N GLY A 40 7.62 -5.37 3.96
CA GLY A 40 7.65 -6.78 3.61
C GLY A 40 7.38 -7.03 2.15
N TYR A 41 6.73 -6.10 1.51
CA TYR A 41 6.43 -6.20 0.12
C TYR A 41 7.10 -5.11 -0.61
N HIS A 42 7.25 -5.26 -1.88
CA HIS A 42 7.84 -4.24 -2.68
C HIS A 42 6.96 -4.06 -3.90
N ARG A 43 6.62 -2.84 -4.21
CA ARG A 43 5.82 -2.54 -5.37
C ARG A 43 6.70 -2.35 -6.55
N TYR A 44 6.49 -3.17 -7.54
CA TYR A 44 7.25 -3.10 -8.76
C TYR A 44 6.43 -2.28 -9.74
N LYS A 45 7.06 -1.74 -10.76
CA LYS A 45 6.39 -0.80 -11.64
C LYS A 45 5.55 -1.52 -12.72
N LEU A 46 6.10 -2.60 -13.30
CA LEU A 46 5.41 -3.41 -14.36
C LEU A 46 5.09 -2.65 -15.66
N LYS A 47 4.92 -3.39 -16.72
CA LYS A 47 4.63 -2.81 -18.04
C LYS A 47 3.42 -3.48 -18.60
N GLY A 48 3.46 -4.81 -18.61
CA GLY A 48 2.37 -5.60 -19.11
C GLY A 48 1.13 -5.45 -18.26
N LEU A 49 1.35 -5.19 -17.00
CA LEU A 49 0.27 -4.96 -16.07
C LEU A 49 0.25 -3.46 -15.73
N PRO A 50 -0.84 -2.96 -15.09
CA PRO A 50 -0.95 -1.54 -14.66
C PRO A 50 0.13 -1.15 -13.62
N TYR A 51 -0.15 -0.10 -12.86
CA TYR A 51 0.78 0.39 -11.84
C TYR A 51 1.21 -0.63 -10.73
N PRO A 52 0.33 -1.61 -10.32
CA PRO A 52 0.75 -2.82 -9.55
C PRO A 52 2.13 -3.42 -10.06
N CYS A 53 2.75 -4.36 -9.32
CA CYS A 53 2.15 -5.06 -8.22
C CYS A 53 3.13 -5.23 -7.08
N ILE A 54 2.71 -5.93 -6.04
CA ILE A 54 3.58 -6.29 -4.95
C ILE A 54 3.54 -7.79 -4.81
N VAL A 55 4.67 -8.37 -4.53
CA VAL A 55 4.79 -9.81 -4.28
C VAL A 55 5.89 -10.05 -3.29
N SER A 56 5.85 -11.18 -2.64
CA SER A 56 6.86 -11.53 -1.68
C SER A 56 8.10 -12.05 -2.40
N SER A 57 8.96 -11.15 -2.74
CA SER A 57 10.20 -11.46 -3.37
C SER A 57 11.22 -10.50 -2.84
N ASP A 58 11.04 -9.22 -3.14
CA ASP A 58 11.88 -8.22 -2.56
C ASP A 58 11.30 -7.93 -1.19
N SER A 59 12.12 -8.03 -0.18
CA SER A 59 11.68 -7.91 1.19
C SER A 59 11.60 -6.45 1.67
N GLY A 60 11.63 -5.52 0.73
CA GLY A 60 11.55 -4.11 1.05
C GLY A 60 10.22 -3.65 1.56
N LYS A 61 9.88 -2.40 1.25
CA LYS A 61 8.63 -1.86 1.72
C LYS A 61 7.95 -1.02 0.65
N VAL A 62 6.65 -0.92 0.75
CA VAL A 62 5.83 -0.18 -0.19
C VAL A 62 5.19 1.00 0.50
N ASN A 63 5.41 2.18 0.00
CA ASN A 63 4.79 3.37 0.56
C ASN A 63 3.52 3.68 -0.20
N GLY A 64 2.42 3.77 0.51
CA GLY A 64 1.15 4.05 -0.09
C GLY A 64 0.19 4.67 0.90
N LYS A 65 -1.09 4.42 0.75
CA LYS A 65 -2.08 4.97 1.64
C LYS A 65 -3.12 3.91 1.96
N VAL A 66 -3.79 4.06 3.08
CA VAL A 66 -4.74 3.05 3.54
C VAL A 66 -6.08 3.65 3.79
N ILE A 67 -7.09 3.04 3.24
CA ILE A 67 -8.43 3.53 3.37
C ILE A 67 -9.02 2.87 4.60
N THR A 68 -9.36 3.67 5.58
CA THR A 68 -9.89 3.15 6.81
C THR A 68 -11.41 3.28 6.85
N GLY A 69 -12.05 2.52 7.73
CA GLY A 69 -13.47 2.58 7.87
C GLY A 69 -14.21 1.74 6.85
N VAL A 70 -13.61 0.63 6.46
CA VAL A 70 -14.23 -0.23 5.48
C VAL A 70 -14.93 -1.39 6.14
N SER A 71 -16.20 -1.55 5.91
CA SER A 71 -16.89 -2.69 6.44
C SER A 71 -16.61 -3.92 5.57
N ASP A 72 -16.79 -5.09 6.15
CA ASP A 72 -16.50 -6.40 5.48
C ASP A 72 -17.15 -6.53 4.10
N ALA A 73 -18.32 -5.98 3.94
CA ALA A 73 -19.04 -6.09 2.67
C ALA A 73 -18.49 -5.09 1.67
N GLU A 74 -18.15 -3.93 2.17
CA GLU A 74 -17.65 -2.82 1.36
C GLU A 74 -16.28 -3.16 0.83
N LEU A 75 -15.57 -3.97 1.61
CA LEU A 75 -14.23 -4.39 1.31
C LEU A 75 -14.20 -5.13 -0.02
N ASN A 76 -15.27 -5.86 -0.30
CA ASN A 76 -15.38 -6.66 -1.50
C ASN A 76 -15.30 -5.77 -2.74
N ASN A 77 -15.71 -4.50 -2.62
CA ASN A 77 -15.73 -3.61 -3.77
C ASN A 77 -14.30 -3.30 -4.18
N PHE A 78 -13.39 -3.29 -3.20
CA PHE A 78 -11.97 -3.06 -3.48
C PHE A 78 -11.40 -4.21 -4.23
N ASP A 79 -11.88 -5.39 -3.92
CA ASP A 79 -11.40 -6.60 -4.56
C ASP A 79 -11.87 -6.62 -6.04
N VAL A 80 -13.07 -6.10 -6.24
CA VAL A 80 -13.71 -6.04 -7.56
C VAL A 80 -13.07 -4.97 -8.50
N ILE A 81 -12.42 -3.93 -7.90
CA ILE A 81 -11.83 -2.79 -8.67
C ILE A 81 -11.03 -3.23 -9.92
N GLU A 82 -9.84 -3.78 -9.74
CA GLU A 82 -9.04 -4.29 -10.87
C GLU A 82 -8.31 -5.58 -10.49
N GLY A 83 -8.79 -6.22 -9.45
CA GLY A 83 -8.18 -7.44 -8.97
C GLY A 83 -8.69 -8.67 -9.67
N ASN A 84 -8.47 -8.76 -10.96
CA ASN A 84 -8.88 -9.93 -11.75
C ASN A 84 -7.84 -11.02 -11.61
N ASP A 85 -6.60 -10.65 -11.68
CA ASP A 85 -5.48 -11.60 -11.54
C ASP A 85 -4.71 -11.28 -10.29
N TYR A 86 -5.33 -10.53 -9.46
CA TYR A 86 -4.75 -10.15 -8.20
C TYR A 86 -5.61 -10.75 -7.13
N GLU A 87 -5.06 -10.94 -5.98
CA GLU A 87 -5.81 -11.46 -4.90
C GLU A 87 -5.65 -10.53 -3.71
N ARG A 88 -6.71 -10.38 -3.00
CA ARG A 88 -6.74 -9.52 -1.85
C ARG A 88 -6.29 -10.30 -0.62
N VAL A 89 -5.20 -9.87 -0.02
CA VAL A 89 -4.60 -10.53 1.15
C VAL A 89 -4.40 -9.57 2.30
N THR A 90 -4.24 -10.13 3.49
CA THR A 90 -4.00 -9.34 4.66
C THR A 90 -2.49 -9.14 4.84
N VAL A 91 -2.10 -7.92 5.03
CA VAL A 91 -0.71 -7.54 5.24
C VAL A 91 -0.70 -6.54 6.39
N GLU A 92 0.45 -6.16 6.86
CA GLU A 92 0.49 -5.25 7.98
C GLU A 92 1.31 -4.03 7.59
N VAL A 93 0.77 -2.85 7.81
CA VAL A 93 1.44 -1.64 7.40
C VAL A 93 1.56 -0.67 8.56
N VAL A 94 2.34 0.34 8.37
CA VAL A 94 2.54 1.36 9.36
C VAL A 94 1.99 2.69 8.90
N ARG A 95 1.07 3.23 9.67
CA ARG A 95 0.48 4.52 9.40
C ARG A 95 1.53 5.58 9.67
N MET A 96 2.09 6.07 8.59
CA MET A 96 3.25 6.98 8.53
C MET A 96 3.13 8.13 9.56
N ASP A 97 2.08 8.92 9.43
CA ASP A 97 1.87 10.13 10.29
C ASP A 97 1.91 9.83 11.80
N ASN A 98 1.45 8.67 12.20
CA ASN A 98 1.41 8.35 13.64
C ASN A 98 2.41 7.29 14.04
N SER A 99 3.03 6.67 13.04
CA SER A 99 4.04 5.62 13.24
C SER A 99 3.40 4.38 13.91
N GLU A 100 2.10 4.22 13.74
CA GLU A 100 1.42 3.11 14.36
C GLU A 100 1.26 2.01 13.36
N LYS A 101 1.04 0.84 13.82
CA LYS A 101 0.92 -0.30 12.96
C LYS A 101 -0.53 -0.70 12.85
N VAL A 102 -0.96 -1.00 11.65
CA VAL A 102 -2.31 -1.43 11.40
C VAL A 102 -2.29 -2.61 10.43
N LYS A 103 -3.14 -3.56 10.68
CA LYS A 103 -3.24 -4.72 9.83
C LYS A 103 -4.29 -4.41 8.75
N VAL A 104 -3.92 -4.60 7.51
CA VAL A 104 -4.75 -4.15 6.38
C VAL A 104 -4.89 -5.24 5.31
N GLU A 105 -5.76 -4.98 4.35
CA GLU A 105 -5.92 -5.83 3.18
C GLU A 105 -5.25 -5.12 2.00
N THR A 106 -4.80 -5.85 1.01
CA THR A 106 -4.09 -5.25 -0.10
C THR A 106 -4.21 -6.15 -1.37
N TYR A 107 -3.64 -5.71 -2.49
CA TYR A 107 -3.63 -6.47 -3.74
C TYR A 107 -2.27 -7.08 -3.96
N VAL A 108 -2.23 -8.38 -4.03
CA VAL A 108 -1.02 -9.07 -4.36
C VAL A 108 -1.30 -9.86 -5.65
N TRP A 109 -0.28 -10.25 -6.34
CA TRP A 109 -0.41 -10.93 -7.62
C TRP A 109 -0.62 -12.43 -7.35
N VAL A 110 -1.59 -13.09 -8.03
CA VAL A 110 -1.85 -14.53 -7.77
C VAL A 110 -0.74 -15.43 -8.33
N ASN A 111 -0.02 -14.89 -9.26
CA ASN A 111 1.09 -15.55 -9.94
C ASN A 111 2.41 -15.21 -9.19
N LYS A 112 2.23 -14.72 -7.95
CA LYS A 112 3.27 -14.21 -7.02
C LYS A 112 4.51 -15.09 -6.85
N ASP A 113 4.44 -16.34 -7.25
CA ASP A 113 5.63 -17.19 -7.17
C ASP A 113 6.63 -16.84 -8.23
N ASP A 114 6.15 -16.18 -9.26
CA ASP A 114 7.02 -15.62 -10.25
C ASP A 114 7.20 -14.16 -9.91
N PRO A 115 8.43 -13.70 -9.75
CA PRO A 115 8.67 -12.31 -9.45
C PRO A 115 8.58 -11.47 -10.69
N ARG A 116 7.48 -10.78 -10.85
CA ARG A 116 7.33 -9.91 -11.98
C ARG A 116 8.05 -8.63 -11.67
N MET A 117 9.14 -8.41 -12.40
CA MET A 117 10.06 -7.27 -12.21
C MET A 117 10.81 -7.40 -10.88
N TYR A 118 12.02 -6.91 -10.84
CA TYR A 118 12.80 -6.99 -9.62
C TYR A 118 13.12 -5.61 -9.08
N GLY A 119 13.05 -4.61 -9.94
CA GLY A 119 13.34 -3.27 -9.53
C GLY A 119 12.30 -2.33 -10.07
N GLU A 120 12.24 -1.13 -9.52
CA GLU A 120 11.27 -0.16 -9.94
C GLU A 120 11.76 1.28 -9.93
N TRP A 121 11.17 2.04 -10.82
CA TRP A 121 11.37 3.45 -10.99
C TRP A 121 10.18 4.06 -11.74
N ASP A 122 9.19 4.43 -10.99
CA ASP A 122 7.97 4.97 -11.58
C ASP A 122 7.98 6.48 -11.48
N PHE A 123 7.84 7.13 -12.60
CA PHE A 123 7.90 8.58 -12.68
C PHE A 123 6.71 9.29 -12.02
N GLU A 124 5.50 8.80 -12.22
CA GLU A 124 4.34 9.49 -11.69
C GLU A 124 4.22 9.33 -10.19
N GLU A 125 4.51 8.13 -9.72
CA GLU A 125 4.51 7.80 -8.29
C GLU A 125 5.45 8.72 -7.54
N TRP A 126 6.58 9.04 -8.18
CA TRP A 126 7.62 9.87 -7.61
C TRP A 126 7.06 11.19 -7.08
N ARG A 127 6.40 11.94 -7.94
CA ARG A 127 5.85 13.21 -7.52
C ARG A 127 4.63 13.04 -6.62
N VAL A 128 3.83 12.00 -6.89
CA VAL A 128 2.60 11.75 -6.14
C VAL A 128 2.85 11.48 -4.65
N VAL A 129 3.80 10.61 -4.35
CA VAL A 129 4.09 10.27 -2.95
C VAL A 129 4.70 11.48 -2.23
N HIS A 130 5.46 12.23 -2.99
CA HIS A 130 6.11 13.44 -2.49
C HIS A 130 5.07 14.52 -2.22
N ALA A 131 4.17 14.69 -3.18
CA ALA A 131 3.13 15.69 -3.07
C ALA A 131 2.23 15.42 -1.89
N GLU A 132 1.72 14.21 -1.79
CA GLU A 132 0.79 13.83 -0.72
C GLU A 132 1.37 14.12 0.64
N LYS A 133 2.62 13.74 0.80
CA LYS A 133 3.35 13.91 2.03
C LYS A 133 3.48 15.38 2.42
N PHE A 134 3.99 16.18 1.51
CA PHE A 134 4.25 17.57 1.82
C PHE A 134 2.98 18.42 1.86
N VAL A 135 1.99 18.08 1.06
CA VAL A 135 0.74 18.83 1.05
C VAL A 135 0.03 18.72 2.40
N GLU A 136 -0.07 17.52 2.96
CA GLU A 136 -0.73 17.38 4.26
C GLU A 136 0.08 18.05 5.34
N THR A 137 1.39 17.95 5.24
CA THR A 137 2.29 18.60 6.16
C THR A 137 2.07 20.13 6.11
N PHE A 138 2.01 20.67 4.89
CA PHE A 138 1.79 22.08 4.65
C PHE A 138 0.47 22.51 5.26
N ARG A 139 -0.57 21.75 4.98
CA ARG A 139 -1.88 22.05 5.50
C ARG A 139 -1.93 22.03 7.02
N LYS A 140 -1.28 21.03 7.63
CA LYS A 140 -1.23 20.96 9.09
C LYS A 140 -0.45 22.13 9.67
N MET A 141 0.67 22.46 9.02
CA MET A 141 1.52 23.57 9.45
C MET A 141 0.80 24.90 9.35
N LEU A 142 -0.09 25.02 8.38
CA LEU A 142 -0.91 26.21 8.26
C LEU A 142 -1.87 26.29 9.42
N GLU A 143 -2.52 25.17 9.74
CA GLU A 143 -3.47 25.12 10.85
C GLU A 143 -2.77 25.47 12.13
N TRP A 144 -1.63 24.86 12.33
CA TRP A 144 -0.81 25.03 13.51
C TRP A 144 -0.37 26.48 13.68
N ASN A 145 -0.06 27.13 12.59
CA ASN A 145 0.47 28.49 12.62
C ASN A 145 -0.65 29.54 12.70
N LYS A 146 -1.67 29.37 11.91
CA LYS A 146 -2.74 30.34 11.82
C LYS A 146 -3.82 30.13 12.89
N ASN A 147 -3.97 28.92 13.34
CA ASN A 147 -5.02 28.59 14.29
C ASN A 147 -4.44 27.99 15.56
N PRO A 148 -4.76 28.58 16.73
CA PRO A 148 -4.29 28.06 18.03
C PRO A 148 -4.82 26.66 18.31
N ASN A 149 -5.89 26.29 17.61
CA ASN A 149 -6.48 24.97 17.76
C ASN A 149 -5.91 24.02 16.71
N GLY A 150 -4.94 24.51 15.92
CA GLY A 150 -4.25 23.66 14.97
C GLY A 150 -3.40 22.68 15.72
N LYS A 151 -2.91 23.13 16.86
CA LYS A 151 -2.25 22.30 17.79
C LYS A 151 -3.31 21.89 18.79
N SER A 152 -3.24 20.70 19.31
CA SER A 152 -4.25 20.28 20.22
C SER A 152 -4.06 20.96 21.58
N MET A 153 -5.14 21.06 22.33
CA MET A 153 -5.18 21.82 23.59
C MET A 153 -4.22 21.26 24.62
N GLU A 154 -4.14 19.96 24.66
CA GLU A 154 -3.26 19.26 25.58
C GLU A 154 -1.81 19.49 25.21
N GLU A 155 -1.55 19.46 23.93
CA GLU A 155 -0.23 19.59 23.39
C GLU A 155 0.22 21.05 23.51
N ALA A 156 -0.76 21.96 23.46
CA ALA A 156 -0.52 23.38 23.66
C ALA A 156 -0.01 23.65 25.06
N VAL A 157 -0.38 22.77 25.98
CA VAL A 157 0.10 22.88 27.35
C VAL A 157 1.46 22.20 27.44
N GLY A 158 1.51 20.93 27.06
CA GLY A 158 2.76 20.20 27.06
C GLY A 158 3.11 19.63 28.43
N SER A 159 2.94 20.45 29.45
CA SER A 159 3.23 20.07 30.82
C SER A 159 2.17 19.09 31.35
N LEU A 160 0.98 19.18 30.80
CA LEU A 160 -0.10 18.30 31.19
C LEU A 160 -0.62 17.57 29.98
N LEU A 161 -0.42 16.30 29.96
CA LEU A 161 -0.82 15.47 28.85
C LEU A 161 -1.52 14.23 29.41
N SER A 162 -2.61 13.82 28.78
CA SER A 162 -3.35 12.67 29.24
C SER A 162 -2.59 11.38 28.90
N SER A 163 -1.88 10.91 29.87
CA SER A 163 -1.06 9.74 29.80
C SER A 163 -0.60 9.44 31.22
N GLY A 164 -0.87 8.25 31.69
CA GLY A 164 -0.53 7.90 33.03
C GLY A 164 0.68 7.02 33.14
N ASP A 165 1.37 6.79 32.05
CA ASP A 165 2.58 5.99 32.09
C ASP A 165 3.79 6.90 32.06
N SER A 1 -31.35 -2.81 5.56
CA SER A 1 -30.08 -2.92 4.87
C SER A 1 -28.97 -3.11 5.89
N THR A 2 -28.00 -3.90 5.56
CA THR A 2 -26.87 -4.10 6.40
C THR A 2 -25.88 -2.98 6.11
N SER A 3 -25.65 -2.12 7.08
CA SER A 3 -24.81 -0.98 6.89
C SER A 3 -23.83 -0.86 8.03
N SER A 4 -22.58 -0.55 7.70
CA SER A 4 -21.52 -0.32 8.67
C SER A 4 -21.24 -1.55 9.55
N ASP A 5 -20.36 -2.39 9.09
CA ASP A 5 -19.98 -3.60 9.81
C ASP A 5 -19.03 -3.25 10.91
N PRO A 6 -19.21 -3.84 12.11
CA PRO A 6 -18.26 -3.67 13.21
C PRO A 6 -16.91 -4.27 12.83
N GLN A 7 -15.86 -3.87 13.53
CA GLN A 7 -14.49 -4.23 13.19
C GLN A 7 -14.14 -3.66 11.82
N SER A 8 -13.73 -2.41 11.83
CA SER A 8 -13.42 -1.68 10.64
C SER A 8 -12.23 -2.31 9.91
N HIS A 9 -12.25 -2.18 8.63
CA HIS A 9 -11.23 -2.71 7.80
C HIS A 9 -10.39 -1.61 7.23
N ASN A 10 -9.19 -1.96 6.89
CA ASN A 10 -8.21 -1.04 6.37
C ASN A 10 -7.62 -1.69 5.13
N VAL A 11 -7.65 -0.99 4.03
CA VAL A 11 -7.15 -1.55 2.78
C VAL A 11 -5.96 -0.74 2.26
N PHE A 12 -4.83 -1.39 2.09
CA PHE A 12 -3.64 -0.76 1.53
C PHE A 12 -3.73 -0.83 0.01
N VAL A 13 -3.88 0.30 -0.60
CA VAL A 13 -3.96 0.37 -2.04
C VAL A 13 -2.73 1.11 -2.57
N TYR A 14 -2.21 0.65 -3.69
CA TYR A 14 -1.02 1.25 -4.27
C TYR A 14 -1.36 2.51 -5.04
N GLY A 15 -2.27 2.43 -6.00
CA GLY A 15 -2.56 3.61 -6.78
C GLY A 15 -3.84 3.54 -7.58
N SER A 16 -4.96 3.78 -6.92
CA SER A 16 -6.26 3.86 -7.58
C SER A 16 -7.29 4.56 -6.68
N ILE A 17 -7.87 3.80 -5.78
CA ILE A 17 -8.84 4.29 -4.87
C ILE A 17 -8.10 4.74 -3.59
N LEU A 18 -7.40 5.83 -3.77
CA LEU A 18 -6.69 6.50 -2.69
C LEU A 18 -7.33 7.81 -2.51
N GLU A 19 -8.16 8.12 -3.46
CA GLU A 19 -8.81 9.41 -3.54
C GLU A 19 -10.08 9.40 -2.71
N PRO A 20 -10.23 10.35 -1.78
CA PRO A 20 -11.45 10.50 -0.98
C PRO A 20 -12.71 10.59 -1.87
N ALA A 21 -12.58 11.29 -3.01
CA ALA A 21 -13.68 11.41 -3.96
C ALA A 21 -14.08 10.05 -4.54
N VAL A 22 -13.08 9.27 -4.93
CA VAL A 22 -13.31 7.95 -5.49
C VAL A 22 -13.81 7.01 -4.39
N ALA A 23 -13.32 7.20 -3.19
CA ALA A 23 -13.77 6.42 -2.05
C ALA A 23 -15.26 6.67 -1.82
N ALA A 24 -15.67 7.90 -2.07
CA ALA A 24 -17.05 8.30 -1.89
C ALA A 24 -17.95 7.73 -3.00
N VAL A 25 -17.36 7.21 -4.06
CA VAL A 25 -18.16 6.59 -5.09
C VAL A 25 -18.18 5.08 -4.92
N ILE A 26 -17.13 4.52 -4.30
CA ILE A 26 -17.07 3.10 -4.05
C ILE A 26 -17.81 2.70 -2.75
N LEU A 27 -17.65 3.50 -1.72
CA LEU A 27 -18.28 3.22 -0.42
C LEU A 27 -19.53 4.06 -0.23
N ASP A 28 -19.60 5.15 -1.00
CA ASP A 28 -20.64 6.21 -0.86
C ASP A 28 -20.30 7.08 0.36
N ARG A 29 -19.27 6.65 1.05
CA ARG A 29 -18.70 7.32 2.18
C ARG A 29 -17.42 7.93 1.74
N THR A 30 -17.14 9.12 2.15
CA THR A 30 -15.85 9.66 1.89
C THR A 30 -14.90 9.04 2.92
N ALA A 31 -14.01 8.21 2.46
CA ALA A 31 -13.15 7.47 3.36
C ALA A 31 -11.90 8.21 3.64
N ASP A 32 -11.30 7.88 4.74
CA ASP A 32 -10.08 8.49 5.14
C ASP A 32 -8.89 7.62 4.81
N THR A 33 -8.07 8.09 3.92
CA THR A 33 -6.85 7.43 3.59
C THR A 33 -5.69 8.14 4.26
N VAL A 34 -4.72 7.37 4.71
CA VAL A 34 -3.52 7.92 5.31
C VAL A 34 -2.33 7.19 4.77
N PRO A 35 -1.22 7.91 4.56
CA PRO A 35 0.02 7.30 4.11
C PRO A 35 0.45 6.19 5.07
N ALA A 36 0.79 5.09 4.52
CA ALA A 36 1.21 3.97 5.28
C ALA A 36 2.19 3.19 4.49
N VAL A 37 3.04 2.51 5.15
CA VAL A 37 4.04 1.77 4.49
C VAL A 37 3.97 0.29 4.82
N LEU A 38 3.93 -0.50 3.78
CA LEU A 38 3.91 -1.91 3.89
C LEU A 38 5.31 -2.45 3.88
N HIS A 39 5.77 -2.79 5.02
CA HIS A 39 7.09 -3.37 5.17
C HIS A 39 7.05 -4.84 4.71
N GLY A 40 7.90 -5.22 3.79
CA GLY A 40 7.96 -6.61 3.43
C GLY A 40 7.59 -6.89 1.99
N TYR A 41 6.88 -5.98 1.36
CA TYR A 41 6.54 -6.17 -0.02
C TYR A 41 7.33 -5.27 -0.90
N HIS A 42 7.45 -5.65 -2.12
CA HIS A 42 8.21 -4.90 -3.06
C HIS A 42 7.32 -4.58 -4.25
N ARG A 43 7.21 -3.30 -4.56
CA ARG A 43 6.43 -2.87 -5.72
C ARG A 43 7.31 -2.78 -6.96
N TYR A 44 6.74 -3.05 -8.10
CA TYR A 44 7.49 -3.08 -9.35
C TYR A 44 6.95 -2.10 -10.39
N LYS A 45 7.44 -2.20 -11.62
CA LYS A 45 6.96 -1.34 -12.70
C LYS A 45 6.12 -2.13 -13.70
N LEU A 46 6.53 -3.39 -13.96
CA LEU A 46 5.92 -4.24 -14.98
C LEU A 46 6.10 -3.68 -16.38
N LYS A 47 5.55 -4.35 -17.36
CA LYS A 47 5.75 -3.97 -18.76
C LYS A 47 4.45 -3.74 -19.50
N GLY A 48 3.43 -3.35 -18.77
CA GLY A 48 2.15 -3.13 -19.40
C GLY A 48 0.98 -3.48 -18.51
N LEU A 49 1.22 -3.63 -17.24
CA LEU A 49 0.15 -3.94 -16.31
C LEU A 49 -0.41 -2.65 -15.64
N PRO A 50 -1.63 -2.69 -15.08
CA PRO A 50 -2.25 -1.51 -14.45
C PRO A 50 -1.94 -1.40 -12.95
N TYR A 51 -1.28 -0.29 -12.56
CA TYR A 51 -0.81 -0.05 -11.15
C TYR A 51 -0.24 -1.31 -10.47
N PRO A 52 0.83 -1.85 -11.07
CA PRO A 52 1.40 -3.13 -10.71
C PRO A 52 2.80 -3.12 -10.14
N CYS A 53 3.11 -3.98 -9.21
CA CYS A 53 2.26 -4.84 -8.39
C CYS A 53 3.09 -5.03 -7.14
N ILE A 54 2.64 -5.78 -6.18
CA ILE A 54 3.52 -6.11 -5.07
C ILE A 54 3.64 -7.59 -4.91
N VAL A 55 4.87 -8.05 -4.98
CA VAL A 55 5.22 -9.46 -4.85
C VAL A 55 6.60 -9.58 -4.25
N SER A 56 7.02 -10.84 -4.02
CA SER A 56 8.32 -11.19 -3.44
C SER A 56 8.58 -10.46 -2.12
N SER A 57 8.40 -11.14 -1.02
CA SER A 57 8.58 -10.51 0.24
C SER A 57 10.06 -10.27 0.55
N ASP A 58 10.58 -9.18 0.03
CA ASP A 58 11.94 -8.74 0.27
C ASP A 58 12.00 -7.98 1.57
N SER A 59 13.12 -7.31 1.78
CA SER A 59 13.29 -6.43 2.91
C SER A 59 12.80 -5.03 2.50
N GLY A 60 12.24 -4.95 1.30
CA GLY A 60 11.74 -3.70 0.78
C GLY A 60 10.43 -3.34 1.38
N LYS A 61 10.03 -2.11 1.21
CA LYS A 61 8.79 -1.68 1.76
C LYS A 61 8.06 -0.80 0.74
N VAL A 62 6.76 -0.88 0.75
CA VAL A 62 5.95 -0.11 -0.18
C VAL A 62 5.21 0.97 0.57
N ASN A 63 5.39 2.20 0.19
CA ASN A 63 4.71 3.30 0.83
C ASN A 63 3.53 3.70 -0.04
N GLY A 64 2.36 3.70 0.54
CA GLY A 64 1.16 4.05 -0.16
C GLY A 64 0.11 4.55 0.80
N LYS A 65 -1.13 4.19 0.58
CA LYS A 65 -2.21 4.64 1.42
C LYS A 65 -3.18 3.57 1.77
N VAL A 66 -3.59 3.58 3.01
CA VAL A 66 -4.57 2.67 3.50
C VAL A 66 -5.89 3.37 3.66
N ILE A 67 -6.91 2.74 3.18
CA ILE A 67 -8.24 3.25 3.31
C ILE A 67 -8.75 2.72 4.61
N THR A 68 -8.94 3.57 5.56
CA THR A 68 -9.39 3.14 6.85
C THR A 68 -10.90 3.29 7.01
N GLY A 69 -11.47 2.58 7.98
CA GLY A 69 -12.89 2.70 8.27
C GLY A 69 -13.77 2.04 7.23
N VAL A 70 -13.31 0.95 6.65
CA VAL A 70 -14.07 0.23 5.64
C VAL A 70 -14.88 -0.89 6.29
N SER A 71 -16.16 -0.98 5.97
CA SER A 71 -16.95 -2.07 6.49
C SER A 71 -16.66 -3.33 5.71
N ASP A 72 -16.96 -4.44 6.31
CA ASP A 72 -16.78 -5.77 5.70
C ASP A 72 -17.51 -5.88 4.36
N ALA A 73 -18.73 -5.41 4.34
CA ALA A 73 -19.56 -5.46 3.14
C ALA A 73 -19.04 -4.51 2.07
N GLU A 74 -18.55 -3.37 2.51
CA GLU A 74 -18.05 -2.34 1.63
C GLU A 74 -16.71 -2.74 1.03
N LEU A 75 -15.90 -3.43 1.83
CA LEU A 75 -14.57 -3.84 1.41
C LEU A 75 -14.70 -4.74 0.18
N ASN A 76 -15.76 -5.52 0.19
CA ASN A 76 -16.05 -6.48 -0.87
C ASN A 76 -16.10 -5.81 -2.25
N ASN A 77 -16.45 -4.52 -2.31
CA ASN A 77 -16.57 -3.88 -3.62
C ASN A 77 -15.18 -3.62 -4.18
N PHE A 78 -14.21 -3.37 -3.31
CA PHE A 78 -12.83 -3.19 -3.75
C PHE A 78 -12.31 -4.54 -4.17
N ASP A 79 -12.66 -5.53 -3.36
CA ASP A 79 -12.24 -6.93 -3.53
C ASP A 79 -12.63 -7.43 -4.91
N VAL A 80 -13.90 -7.27 -5.24
CA VAL A 80 -14.45 -7.79 -6.48
C VAL A 80 -13.88 -7.09 -7.74
N ILE A 81 -13.57 -5.80 -7.66
CA ILE A 81 -13.16 -5.11 -8.86
C ILE A 81 -11.64 -4.92 -8.99
N GLU A 82 -10.94 -4.72 -7.88
CA GLU A 82 -9.49 -4.54 -7.95
C GLU A 82 -8.78 -5.89 -8.10
N GLY A 83 -9.49 -6.94 -7.76
CA GLY A 83 -8.93 -8.25 -7.86
C GLY A 83 -9.17 -8.89 -9.22
N ASN A 84 -8.66 -8.25 -10.27
CA ASN A 84 -8.83 -8.79 -11.63
C ASN A 84 -7.79 -9.86 -11.87
N ASP A 85 -6.57 -9.56 -11.47
CA ASP A 85 -5.44 -10.49 -11.53
C ASP A 85 -4.64 -10.27 -10.28
N TYR A 86 -5.31 -9.72 -9.33
CA TYR A 86 -4.75 -9.46 -8.05
C TYR A 86 -5.61 -10.18 -7.04
N GLU A 87 -5.06 -10.51 -5.93
CA GLU A 87 -5.83 -11.12 -4.90
C GLU A 87 -5.68 -10.38 -3.60
N ARG A 88 -6.69 -10.49 -2.78
CA ARG A 88 -6.73 -9.89 -1.48
C ARG A 88 -6.02 -10.75 -0.46
N VAL A 89 -5.03 -10.17 0.16
CA VAL A 89 -4.28 -10.82 1.19
C VAL A 89 -4.12 -9.89 2.38
N THR A 90 -3.86 -10.45 3.51
CA THR A 90 -3.65 -9.67 4.69
C THR A 90 -2.14 -9.40 4.85
N VAL A 91 -1.80 -8.16 5.09
CA VAL A 91 -0.42 -7.73 5.26
C VAL A 91 -0.38 -6.75 6.42
N GLU A 92 0.76 -6.44 6.95
CA GLU A 92 0.78 -5.52 8.05
C GLU A 92 1.57 -4.29 7.66
N VAL A 93 0.99 -3.13 7.84
CA VAL A 93 1.60 -1.88 7.42
C VAL A 93 1.69 -0.93 8.58
N VAL A 94 2.42 0.12 8.39
CA VAL A 94 2.55 1.13 9.38
C VAL A 94 1.84 2.39 8.97
N ARG A 95 0.84 2.80 9.76
CA ARG A 95 0.14 4.05 9.50
C ARG A 95 1.04 5.16 9.89
N MET A 96 1.58 5.81 8.89
CA MET A 96 2.54 6.88 9.03
C MET A 96 1.95 8.02 9.88
N ASP A 97 0.62 8.10 9.86
CA ASP A 97 -0.12 9.10 10.63
C ASP A 97 0.14 8.99 12.15
N ASN A 98 0.36 7.77 12.64
CA ASN A 98 0.61 7.58 14.09
C ASN A 98 1.86 6.76 14.34
N SER A 99 2.53 6.37 13.26
CA SER A 99 3.74 5.53 13.33
C SER A 99 3.42 4.14 13.95
N GLU A 100 2.18 3.73 13.81
CA GLU A 100 1.68 2.49 14.40
C GLU A 100 1.58 1.43 13.34
N LYS A 101 1.54 0.21 13.75
CA LYS A 101 1.41 -0.86 12.81
C LYS A 101 -0.01 -1.34 12.83
N VAL A 102 -0.55 -1.56 11.69
CA VAL A 102 -1.89 -2.08 11.56
C VAL A 102 -1.90 -3.19 10.54
N LYS A 103 -2.63 -4.21 10.83
CA LYS A 103 -2.76 -5.32 9.96
C LYS A 103 -3.92 -5.00 9.02
N VAL A 104 -3.65 -5.00 7.74
CA VAL A 104 -4.60 -4.55 6.75
C VAL A 104 -4.73 -5.55 5.62
N GLU A 105 -5.65 -5.27 4.73
CA GLU A 105 -5.84 -6.06 3.54
C GLU A 105 -5.23 -5.30 2.38
N THR A 106 -4.71 -6.00 1.43
CA THR A 106 -4.13 -5.38 0.28
C THR A 106 -4.30 -6.31 -0.90
N TYR A 107 -3.94 -5.86 -2.07
CA TYR A 107 -4.06 -6.65 -3.24
C TYR A 107 -2.71 -6.86 -3.85
N VAL A 108 -2.32 -8.10 -3.93
CA VAL A 108 -1.06 -8.49 -4.46
C VAL A 108 -1.30 -9.14 -5.78
N TRP A 109 -0.25 -9.49 -6.47
CA TRP A 109 -0.40 -10.08 -7.77
C TRP A 109 -0.85 -11.50 -7.55
N VAL A 110 -1.86 -11.95 -8.26
CA VAL A 110 -2.44 -13.26 -8.02
C VAL A 110 -1.47 -14.38 -8.44
N ASN A 111 -0.54 -14.00 -9.30
CA ASN A 111 0.50 -14.88 -9.82
C ASN A 111 1.74 -14.82 -8.88
N LYS A 112 1.51 -14.30 -7.67
CA LYS A 112 2.52 -14.06 -6.60
C LYS A 112 3.44 -15.25 -6.30
N ASP A 113 3.08 -16.45 -6.74
CA ASP A 113 3.92 -17.61 -6.47
C ASP A 113 5.16 -17.56 -7.33
N ASP A 114 5.07 -16.85 -8.43
CA ASP A 114 6.20 -16.69 -9.29
C ASP A 114 6.64 -15.23 -9.28
N PRO A 115 7.91 -14.97 -8.92
CA PRO A 115 8.49 -13.63 -8.99
C PRO A 115 8.82 -13.31 -10.43
N ARG A 116 8.16 -12.32 -10.95
CA ARG A 116 8.32 -11.99 -12.32
C ARG A 116 8.58 -10.49 -12.44
N MET A 117 9.69 -10.16 -13.09
CA MET A 117 10.21 -8.78 -13.21
C MET A 117 10.81 -8.27 -11.91
N TYR A 118 12.00 -7.74 -12.01
CA TYR A 118 12.72 -7.20 -10.87
C TYR A 118 12.77 -5.68 -10.96
N GLY A 119 12.38 -5.17 -12.11
CA GLY A 119 12.41 -3.76 -12.35
C GLY A 119 11.22 -3.05 -11.74
N GLU A 120 11.48 -1.93 -11.13
CA GLU A 120 10.47 -1.11 -10.50
C GLU A 120 10.51 0.27 -11.11
N TRP A 121 9.64 1.17 -10.65
CA TRP A 121 9.54 2.55 -11.13
C TRP A 121 8.76 2.66 -12.44
N ASP A 122 7.60 3.22 -12.35
CA ASP A 122 6.75 3.54 -13.49
C ASP A 122 6.41 5.00 -13.34
N PHE A 123 6.32 5.75 -14.42
CA PHE A 123 6.10 7.20 -14.31
C PHE A 123 4.71 7.59 -13.77
N GLU A 124 3.64 7.01 -14.29
CA GLU A 124 2.31 7.37 -13.81
C GLU A 124 2.00 6.74 -12.45
N GLU A 125 2.53 5.54 -12.22
CA GLU A 125 2.40 4.87 -10.92
C GLU A 125 3.37 5.45 -9.89
N TRP A 126 4.15 6.38 -10.34
CA TRP A 126 5.11 7.08 -9.51
C TRP A 126 4.42 8.19 -8.73
N ARG A 127 3.43 8.81 -9.36
CA ARG A 127 2.69 9.95 -8.78
C ARG A 127 2.17 9.63 -7.38
N VAL A 128 1.53 8.47 -7.27
CA VAL A 128 0.88 8.07 -6.03
C VAL A 128 1.85 7.87 -4.88
N VAL A 129 3.04 7.41 -5.19
CA VAL A 129 4.06 7.15 -4.20
C VAL A 129 4.81 8.45 -3.92
N HIS A 130 5.15 9.16 -4.99
CA HIS A 130 5.90 10.41 -4.94
C HIS A 130 5.22 11.44 -4.04
N ALA A 131 3.92 11.47 -4.07
CA ALA A 131 3.19 12.41 -3.24
C ALA A 131 3.40 12.12 -1.76
N GLU A 132 3.24 10.88 -1.37
CA GLU A 132 3.33 10.49 0.03
C GLU A 132 4.78 10.53 0.51
N LYS A 133 5.68 10.19 -0.38
CA LYS A 133 7.10 10.18 -0.09
C LYS A 133 7.66 11.58 0.12
N PHE A 134 6.99 12.57 -0.41
CA PHE A 134 7.46 13.92 -0.25
C PHE A 134 6.76 14.63 0.88
N VAL A 135 5.49 14.30 1.10
CA VAL A 135 4.78 14.89 2.23
C VAL A 135 5.41 14.40 3.55
N GLU A 136 5.91 13.15 3.56
CA GLU A 136 6.56 12.61 4.73
C GLU A 136 7.76 13.45 5.11
N THR A 137 8.51 13.92 4.10
CA THR A 137 9.68 14.75 4.32
C THR A 137 9.33 16.01 5.13
N PHE A 138 8.26 16.65 4.76
CA PHE A 138 7.82 17.85 5.46
C PHE A 138 7.36 17.52 6.88
N ARG A 139 6.79 16.34 7.07
CA ARG A 139 6.51 15.90 8.40
C ARG A 139 7.78 15.56 9.14
N LYS A 140 8.75 14.95 8.47
CA LYS A 140 10.06 14.62 9.10
C LYS A 140 10.69 15.89 9.68
N MET A 141 10.71 16.95 8.87
CA MET A 141 11.26 18.24 9.29
C MET A 141 10.41 18.84 10.42
N LEU A 142 9.11 18.54 10.39
CA LEU A 142 8.18 18.99 11.40
C LEU A 142 8.52 18.26 12.71
N GLU A 143 8.76 16.95 12.59
CA GLU A 143 9.15 16.08 13.70
C GLU A 143 10.46 16.54 14.32
N TRP A 144 11.32 17.15 13.53
CA TRP A 144 12.56 17.69 14.07
C TRP A 144 12.26 18.98 14.83
N ASN A 145 11.43 19.81 14.23
CA ASN A 145 11.09 21.13 14.77
C ASN A 145 10.31 21.02 16.07
N LYS A 146 9.30 20.20 16.08
CA LYS A 146 8.43 20.06 17.24
C LYS A 146 8.97 18.97 18.18
N ASN A 147 9.81 18.12 17.63
CA ASN A 147 10.53 17.03 18.32
C ASN A 147 9.70 16.16 19.27
N PRO A 148 8.82 15.28 18.73
CA PRO A 148 8.06 14.35 19.53
C PRO A 148 8.81 13.01 19.75
N ASN A 149 9.68 12.67 18.79
CA ASN A 149 10.42 11.42 18.83
C ASN A 149 11.69 11.57 19.60
N GLY A 150 12.20 12.79 19.64
CA GLY A 150 13.46 13.04 20.29
C GLY A 150 14.60 12.92 19.32
N LYS A 151 14.25 12.87 18.05
CA LYS A 151 15.23 12.75 17.00
C LYS A 151 15.61 14.13 16.50
N SER A 152 16.85 14.30 16.13
CA SER A 152 17.31 15.53 15.57
C SER A 152 17.52 15.35 14.05
N MET A 153 17.78 16.45 13.34
CA MET A 153 17.91 16.42 11.87
C MET A 153 19.10 15.61 11.38
N GLU A 154 20.20 15.66 12.11
CA GLU A 154 21.42 15.00 11.67
C GLU A 154 21.33 13.50 11.91
N GLU A 155 20.42 13.12 12.78
CA GLU A 155 20.15 11.72 13.07
C GLU A 155 19.59 11.07 11.82
N ALA A 156 18.71 11.81 11.14
CA ALA A 156 18.06 11.33 9.94
C ALA A 156 19.00 11.27 8.77
N VAL A 157 20.05 12.10 8.80
CA VAL A 157 21.03 12.15 7.71
C VAL A 157 21.66 10.76 7.50
N GLY A 158 21.30 10.17 6.40
CA GLY A 158 21.72 8.85 6.06
C GLY A 158 20.73 8.24 5.11
N SER A 159 19.89 7.35 5.60
CA SER A 159 18.88 6.79 4.77
C SER A 159 17.61 7.64 4.83
N LEU A 160 17.69 8.76 4.15
CA LEU A 160 16.63 9.72 4.03
C LEU A 160 17.21 10.81 3.17
N LEU A 161 16.40 11.50 2.44
CA LEU A 161 16.89 12.55 1.60
C LEU A 161 15.96 13.74 1.71
N SER A 162 16.51 14.95 1.52
CA SER A 162 15.73 16.18 1.57
C SER A 162 14.60 16.11 0.54
N SER A 163 14.92 15.51 -0.61
CA SER A 163 13.98 15.23 -1.70
C SER A 163 13.41 16.48 -2.38
N GLY A 164 13.22 16.35 -3.65
CA GLY A 164 12.71 17.41 -4.45
C GLY A 164 13.20 17.22 -5.84
N ASP A 165 13.28 18.26 -6.58
CA ASP A 165 13.82 18.19 -7.91
C ASP A 165 15.30 18.46 -7.85
N SER A 1 -31.36 -8.62 9.90
CA SER A 1 -30.38 -7.90 10.69
C SER A 1 -28.98 -8.27 10.21
N THR A 2 -28.00 -7.50 10.62
CA THR A 2 -26.62 -7.77 10.31
C THR A 2 -25.83 -7.64 11.60
N SER A 3 -25.65 -8.73 12.29
CA SER A 3 -24.97 -8.69 13.55
C SER A 3 -23.62 -9.37 13.47
N SER A 4 -22.62 -8.58 13.27
CA SER A 4 -21.27 -9.04 13.23
C SER A 4 -20.45 -8.09 14.05
N ASP A 5 -19.33 -8.55 14.53
CA ASP A 5 -18.45 -7.69 15.25
C ASP A 5 -17.80 -6.76 14.23
N PRO A 6 -17.68 -5.47 14.55
CA PRO A 6 -17.10 -4.51 13.63
C PRO A 6 -15.60 -4.69 13.48
N GLN A 7 -15.23 -5.62 12.64
CA GLN A 7 -13.86 -5.82 12.33
C GLN A 7 -13.62 -4.98 11.09
N SER A 8 -13.18 -3.79 11.32
CA SER A 8 -12.99 -2.84 10.28
C SER A 8 -11.80 -3.22 9.42
N HIS A 9 -12.03 -3.25 8.14
CA HIS A 9 -11.01 -3.58 7.21
C HIS A 9 -10.28 -2.36 6.82
N ASN A 10 -9.07 -2.56 6.46
CA ASN A 10 -8.19 -1.52 6.05
C ASN A 10 -7.53 -1.99 4.80
N VAL A 11 -7.50 -1.18 3.79
CA VAL A 11 -6.95 -1.62 2.53
C VAL A 11 -5.72 -0.81 2.18
N PHE A 12 -4.58 -1.46 2.05
CA PHE A 12 -3.38 -0.80 1.57
C PHE A 12 -3.37 -0.90 0.08
N VAL A 13 -3.58 0.18 -0.60
CA VAL A 13 -3.59 0.14 -2.03
C VAL A 13 -2.82 1.32 -2.58
N TYR A 14 -2.31 1.18 -3.78
CA TYR A 14 -1.64 2.24 -4.47
C TYR A 14 -2.29 2.46 -5.82
N GLY A 15 -3.24 3.36 -5.84
CA GLY A 15 -3.96 3.68 -7.03
C GLY A 15 -5.45 3.42 -6.86
N SER A 16 -6.18 3.62 -7.93
CA SER A 16 -7.62 3.35 -8.01
C SER A 16 -8.51 4.29 -7.13
N ILE A 17 -8.52 4.10 -5.82
CA ILE A 17 -9.44 4.84 -4.97
C ILE A 17 -8.74 5.74 -3.94
N LEU A 18 -7.44 5.97 -4.12
CA LEU A 18 -6.70 6.84 -3.18
C LEU A 18 -7.02 8.29 -3.40
N GLU A 19 -7.78 8.54 -4.43
CA GLU A 19 -8.32 9.85 -4.69
C GLU A 19 -9.62 9.97 -3.91
N PRO A 20 -9.66 10.89 -2.91
CA PRO A 20 -10.82 11.08 -2.00
C PRO A 20 -12.18 11.02 -2.69
N ALA A 21 -12.31 11.68 -3.83
CA ALA A 21 -13.57 11.70 -4.58
C ALA A 21 -14.01 10.28 -4.98
N VAL A 22 -13.07 9.50 -5.44
CA VAL A 22 -13.33 8.14 -5.88
C VAL A 22 -13.64 7.24 -4.68
N ALA A 23 -12.93 7.45 -3.59
CA ALA A 23 -13.18 6.68 -2.39
C ALA A 23 -14.56 7.01 -1.83
N ALA A 24 -14.98 8.24 -2.03
CA ALA A 24 -16.28 8.70 -1.56
C ALA A 24 -17.41 8.17 -2.43
N VAL A 25 -17.10 7.67 -3.62
CA VAL A 25 -18.15 7.12 -4.46
C VAL A 25 -18.26 5.60 -4.25
N ILE A 26 -17.14 4.93 -3.99
CA ILE A 26 -17.16 3.50 -3.73
C ILE A 26 -17.75 3.20 -2.36
N LEU A 27 -17.32 3.92 -1.34
CA LEU A 27 -17.84 3.72 -0.01
C LEU A 27 -19.09 4.54 0.20
N ASP A 28 -19.35 5.45 -0.75
CA ASP A 28 -20.55 6.34 -0.71
C ASP A 28 -20.46 7.29 0.49
N ARG A 29 -19.31 7.29 1.14
CA ARG A 29 -19.08 8.03 2.36
C ARG A 29 -17.66 8.54 2.37
N THR A 30 -17.30 9.27 3.41
CA THR A 30 -15.97 9.78 3.53
C THR A 30 -14.99 8.70 3.95
N ALA A 31 -14.11 8.33 3.06
CA ALA A 31 -13.14 7.32 3.31
C ALA A 31 -11.97 7.91 4.04
N ASP A 32 -11.42 7.17 4.96
CA ASP A 32 -10.24 7.60 5.64
C ASP A 32 -9.03 6.92 5.05
N THR A 33 -8.23 7.67 4.36
CA THR A 33 -6.98 7.15 3.91
C THR A 33 -5.88 7.87 4.59
N VAL A 34 -4.86 7.16 4.90
CA VAL A 34 -3.69 7.70 5.52
C VAL A 34 -2.50 7.00 4.94
N PRO A 35 -1.40 7.73 4.70
CA PRO A 35 -0.19 7.13 4.21
C PRO A 35 0.30 6.06 5.17
N ALA A 36 0.70 4.95 4.63
CA ALA A 36 1.16 3.84 5.39
C ALA A 36 2.18 3.08 4.62
N VAL A 37 2.97 2.36 5.35
CA VAL A 37 4.07 1.65 4.78
C VAL A 37 3.88 0.16 4.92
N LEU A 38 3.93 -0.53 3.82
CA LEU A 38 3.87 -1.95 3.85
C LEU A 38 5.27 -2.55 3.77
N HIS A 39 5.87 -2.69 4.92
CA HIS A 39 7.10 -3.41 5.06
C HIS A 39 6.89 -4.88 4.66
N GLY A 40 7.75 -5.41 3.86
CA GLY A 40 7.64 -6.80 3.49
C GLY A 40 7.35 -6.99 2.03
N TYR A 41 6.76 -5.99 1.42
CA TYR A 41 6.46 -6.05 0.03
C TYR A 41 7.31 -5.12 -0.78
N HIS A 42 7.39 -5.39 -2.05
CA HIS A 42 8.18 -4.60 -2.95
C HIS A 42 7.32 -4.27 -4.14
N ARG A 43 7.20 -2.99 -4.48
CA ARG A 43 6.38 -2.65 -5.63
C ARG A 43 7.19 -2.65 -6.91
N TYR A 44 6.61 -3.21 -7.92
CA TYR A 44 7.20 -3.29 -9.23
C TYR A 44 6.54 -2.30 -10.16
N LYS A 45 6.94 -2.30 -11.39
CA LYS A 45 6.36 -1.43 -12.39
C LYS A 45 6.15 -2.15 -13.71
N LEU A 46 5.00 -2.69 -13.88
CA LEU A 46 4.70 -3.36 -15.10
C LEU A 46 4.04 -2.43 -16.05
N LYS A 47 4.60 -2.34 -17.22
CA LYS A 47 4.06 -1.50 -18.26
C LYS A 47 3.27 -2.35 -19.25
N GLY A 48 3.39 -3.65 -19.09
CA GLY A 48 2.63 -4.57 -19.91
C GLY A 48 1.38 -5.04 -19.21
N LEU A 49 1.35 -4.80 -17.91
CA LEU A 49 0.22 -5.18 -17.08
C LEU A 49 -0.41 -3.90 -16.45
N PRO A 50 -1.66 -3.97 -15.91
CA PRO A 50 -2.39 -2.79 -15.43
C PRO A 50 -1.97 -2.31 -14.02
N TYR A 51 -1.12 -1.26 -14.02
CA TYR A 51 -0.57 -0.55 -12.80
C TYR A 51 -0.06 -1.49 -11.60
N PRO A 52 0.58 -2.65 -11.88
CA PRO A 52 1.04 -3.59 -10.85
C PRO A 52 2.53 -3.39 -10.54
N CYS A 53 3.04 -3.97 -9.45
CA CYS A 53 2.31 -4.75 -8.42
C CYS A 53 3.14 -4.69 -7.14
N ILE A 54 2.79 -5.49 -6.14
CA ILE A 54 3.66 -5.70 -4.99
C ILE A 54 3.90 -7.18 -4.80
N VAL A 55 5.16 -7.56 -4.80
CA VAL A 55 5.54 -8.95 -4.60
C VAL A 55 6.87 -8.98 -3.86
N SER A 56 6.87 -9.58 -2.66
CA SER A 56 8.09 -9.77 -1.87
C SER A 56 7.76 -10.34 -0.52
N SER A 57 8.77 -10.84 0.14
CA SER A 57 8.71 -11.29 1.50
C SER A 57 9.97 -10.80 2.21
N ASP A 58 10.71 -9.95 1.47
CA ASP A 58 12.00 -9.47 1.89
C ASP A 58 11.82 -8.25 2.84
N SER A 59 12.88 -7.53 3.10
CA SER A 59 12.86 -6.42 4.01
C SER A 59 12.61 -5.10 3.29
N GLY A 60 12.16 -5.19 2.06
CA GLY A 60 11.78 -4.01 1.33
C GLY A 60 10.44 -3.51 1.83
N LYS A 61 10.05 -2.33 1.46
CA LYS A 61 8.78 -1.80 1.90
C LYS A 61 8.15 -0.93 0.84
N VAL A 62 6.85 -0.87 0.85
CA VAL A 62 6.10 -0.07 -0.09
C VAL A 62 5.38 1.04 0.66
N ASN A 63 5.45 2.23 0.16
CA ASN A 63 4.70 3.31 0.78
C ASN A 63 3.45 3.54 -0.05
N GLY A 64 2.35 3.74 0.62
CA GLY A 64 1.10 4.00 -0.03
C GLY A 64 0.09 4.52 0.95
N LYS A 65 -1.16 4.21 0.74
CA LYS A 65 -2.23 4.64 1.62
C LYS A 65 -3.17 3.51 1.95
N VAL A 66 -3.62 3.51 3.17
CA VAL A 66 -4.58 2.55 3.62
C VAL A 66 -5.94 3.18 3.82
N ILE A 67 -6.95 2.54 3.31
CA ILE A 67 -8.31 2.96 3.49
C ILE A 67 -8.80 2.27 4.73
N THR A 68 -9.11 3.00 5.76
CA THR A 68 -9.49 2.38 7.00
C THR A 68 -11.00 2.46 7.23
N GLY A 69 -11.49 1.61 8.12
CA GLY A 69 -12.88 1.64 8.52
C GLY A 69 -13.80 1.02 7.50
N VAL A 70 -13.25 0.16 6.68
CA VAL A 70 -14.03 -0.47 5.64
C VAL A 70 -14.77 -1.68 6.21
N SER A 71 -16.09 -1.68 6.11
CA SER A 71 -16.84 -2.81 6.60
C SER A 71 -16.65 -3.96 5.63
N ASP A 72 -16.88 -5.17 6.10
CA ASP A 72 -16.71 -6.37 5.26
C ASP A 72 -17.52 -6.27 3.96
N ALA A 73 -18.73 -5.76 4.08
CA ALA A 73 -19.62 -5.60 2.93
C ALA A 73 -19.09 -4.52 2.00
N GLU A 74 -18.53 -3.47 2.57
CA GLU A 74 -18.00 -2.36 1.79
C GLU A 74 -16.72 -2.77 1.08
N LEU A 75 -15.95 -3.63 1.76
CA LEU A 75 -14.69 -4.16 1.26
C LEU A 75 -14.96 -4.89 -0.04
N ASN A 76 -16.08 -5.56 -0.06
CA ASN A 76 -16.52 -6.32 -1.20
C ASN A 76 -16.64 -5.44 -2.44
N ASN A 77 -16.95 -4.15 -2.26
CA ASN A 77 -17.18 -3.27 -3.39
C ASN A 77 -15.87 -3.07 -4.13
N PHE A 78 -14.77 -3.02 -3.37
CA PHE A 78 -13.44 -2.86 -3.92
C PHE A 78 -13.01 -4.17 -4.57
N ASP A 79 -13.41 -5.25 -3.92
CA ASP A 79 -13.04 -6.60 -4.29
C ASP A 79 -13.67 -6.99 -5.63
N VAL A 80 -14.87 -6.48 -5.87
CA VAL A 80 -15.59 -6.72 -7.12
C VAL A 80 -15.00 -5.89 -8.27
N ILE A 81 -14.69 -4.63 -8.01
CA ILE A 81 -14.33 -3.69 -9.07
C ILE A 81 -12.91 -3.90 -9.65
N GLU A 82 -11.88 -3.77 -8.84
CA GLU A 82 -10.51 -3.83 -9.35
C GLU A 82 -9.81 -5.04 -8.75
N GLY A 83 -8.61 -5.32 -9.24
CA GLY A 83 -7.85 -6.42 -8.72
C GLY A 83 -8.17 -7.74 -9.40
N ASN A 84 -8.04 -7.78 -10.71
CA ASN A 84 -8.40 -8.96 -11.50
C ASN A 84 -7.36 -10.06 -11.38
N ASP A 85 -6.08 -9.69 -11.42
CA ASP A 85 -4.99 -10.69 -11.31
C ASP A 85 -4.34 -10.49 -9.95
N TYR A 86 -5.13 -9.98 -9.05
CA TYR A 86 -4.70 -9.75 -7.70
C TYR A 86 -5.47 -10.65 -6.75
N GLU A 87 -4.89 -10.92 -5.62
CA GLU A 87 -5.54 -11.72 -4.60
C GLU A 87 -5.53 -10.98 -3.27
N ARG A 88 -6.44 -11.36 -2.39
CA ARG A 88 -6.63 -10.73 -1.11
C ARG A 88 -5.73 -11.37 -0.06
N VAL A 89 -4.78 -10.64 0.43
CA VAL A 89 -3.92 -11.11 1.50
C VAL A 89 -3.89 -10.09 2.61
N THR A 90 -3.71 -10.55 3.82
CA THR A 90 -3.62 -9.66 4.95
C THR A 90 -2.15 -9.37 5.23
N VAL A 91 -1.81 -8.11 5.23
CA VAL A 91 -0.45 -7.64 5.39
C VAL A 91 -0.43 -6.62 6.51
N GLU A 92 0.69 -6.38 7.11
CA GLU A 92 0.70 -5.42 8.19
C GLU A 92 1.52 -4.22 7.75
N VAL A 93 0.99 -3.05 7.96
CA VAL A 93 1.63 -1.85 7.52
C VAL A 93 1.77 -0.89 8.67
N VAL A 94 2.54 0.12 8.46
CA VAL A 94 2.73 1.16 9.41
C VAL A 94 2.08 2.41 8.95
N ARG A 95 1.10 2.88 9.68
CA ARG A 95 0.46 4.13 9.40
C ARG A 95 1.47 5.25 9.60
N MET A 96 2.02 5.67 8.50
CA MET A 96 3.06 6.69 8.39
C MET A 96 2.63 7.98 9.09
N ASP A 97 1.34 8.25 9.02
CA ASP A 97 0.75 9.43 9.67
C ASP A 97 0.97 9.43 11.19
N ASN A 98 0.83 8.28 11.82
CA ASN A 98 0.87 8.23 13.29
C ASN A 98 2.03 7.35 13.81
N SER A 99 2.76 6.71 12.90
CA SER A 99 3.90 5.83 13.23
C SER A 99 3.43 4.55 13.95
N GLU A 100 2.17 4.17 13.73
CA GLU A 100 1.60 2.99 14.38
C GLU A 100 1.52 1.86 13.39
N LYS A 101 1.43 0.67 13.87
CA LYS A 101 1.34 -0.50 13.01
C LYS A 101 -0.09 -0.97 12.96
N VAL A 102 -0.58 -1.26 11.79
CA VAL A 102 -1.93 -1.73 11.61
C VAL A 102 -1.96 -2.88 10.61
N LYS A 103 -2.74 -3.87 10.90
CA LYS A 103 -2.88 -5.00 10.03
C LYS A 103 -3.99 -4.69 9.03
N VAL A 104 -3.68 -4.82 7.76
CA VAL A 104 -4.60 -4.43 6.71
C VAL A 104 -4.70 -5.53 5.64
N GLU A 105 -5.57 -5.36 4.69
CA GLU A 105 -5.65 -6.26 3.58
C GLU A 105 -5.15 -5.53 2.36
N THR A 106 -4.60 -6.24 1.42
CA THR A 106 -4.07 -5.60 0.26
C THR A 106 -4.25 -6.51 -0.94
N TYR A 107 -3.90 -6.01 -2.08
CA TYR A 107 -3.97 -6.75 -3.28
C TYR A 107 -2.56 -7.11 -3.69
N VAL A 108 -2.29 -8.37 -3.74
CA VAL A 108 -1.02 -8.85 -4.18
C VAL A 108 -1.23 -9.55 -5.52
N TRP A 109 -0.26 -9.49 -6.37
CA TRP A 109 -0.38 -10.05 -7.69
C TRP A 109 -0.36 -11.56 -7.57
N VAL A 110 -1.35 -12.26 -8.11
CA VAL A 110 -1.45 -13.71 -7.95
C VAL A 110 -0.28 -14.45 -8.58
N ASN A 111 0.37 -13.80 -9.52
CA ASN A 111 1.52 -14.36 -10.23
C ASN A 111 2.80 -14.17 -9.38
N LYS A 112 2.60 -13.81 -8.10
CA LYS A 112 3.66 -13.57 -7.09
C LYS A 112 4.72 -14.68 -6.96
N ASP A 113 4.46 -15.84 -7.50
CA ASP A 113 5.41 -16.93 -7.39
C ASP A 113 6.55 -16.81 -8.40
N ASP A 114 6.37 -16.01 -9.42
CA ASP A 114 7.39 -15.91 -10.43
C ASP A 114 8.46 -14.89 -10.01
N PRO A 115 9.75 -15.31 -10.03
CA PRO A 115 10.88 -14.49 -9.56
C PRO A 115 11.26 -13.31 -10.46
N ARG A 116 10.66 -13.19 -11.62
CA ARG A 116 10.97 -12.08 -12.51
C ARG A 116 9.71 -11.31 -12.89
N MET A 117 9.63 -10.09 -12.45
CA MET A 117 8.46 -9.28 -12.69
C MET A 117 8.87 -7.81 -12.70
N TYR A 118 10.11 -7.58 -13.05
CA TYR A 118 10.70 -6.25 -13.10
C TYR A 118 10.17 -5.44 -14.28
N GLY A 119 9.61 -6.16 -15.26
CA GLY A 119 8.99 -5.53 -16.40
C GLY A 119 10.00 -5.02 -17.38
N GLU A 120 9.71 -3.86 -17.91
CA GLU A 120 10.57 -3.22 -18.88
C GLU A 120 11.17 -1.95 -18.32
N TRP A 121 11.96 -1.26 -19.17
CA TRP A 121 12.74 -0.06 -18.84
C TRP A 121 14.08 -0.49 -18.28
N ASP A 122 14.73 0.37 -17.58
CA ASP A 122 16.04 0.07 -17.03
C ASP A 122 15.96 -0.30 -15.54
N PHE A 123 16.69 -1.33 -15.16
CA PHE A 123 16.67 -1.86 -13.80
C PHE A 123 17.30 -0.87 -12.79
N GLU A 124 18.39 -0.22 -13.18
CA GLU A 124 19.03 0.71 -12.30
C GLU A 124 18.22 1.98 -12.20
N GLU A 125 17.60 2.35 -13.29
CA GLU A 125 16.67 3.46 -13.36
C GLU A 125 15.56 3.21 -12.36
N TRP A 126 15.08 1.98 -12.29
CA TRP A 126 14.06 1.59 -11.34
C TRP A 126 14.55 1.81 -9.92
N ARG A 127 15.81 1.42 -9.67
CA ARG A 127 16.43 1.65 -8.37
C ARG A 127 16.38 3.13 -8.03
N VAL A 128 16.79 3.93 -9.01
CA VAL A 128 16.82 5.37 -8.90
C VAL A 128 15.43 5.94 -8.62
N VAL A 129 14.44 5.48 -9.37
CA VAL A 129 13.07 5.98 -9.24
C VAL A 129 12.46 5.60 -7.89
N HIS A 130 12.62 4.36 -7.45
CA HIS A 130 12.07 4.00 -6.16
C HIS A 130 12.83 4.62 -5.02
N ALA A 131 14.12 4.83 -5.21
CA ALA A 131 14.95 5.50 -4.21
C ALA A 131 14.48 6.94 -4.01
N GLU A 132 14.00 7.55 -5.11
CA GLU A 132 13.50 8.92 -5.08
C GLU A 132 12.30 8.99 -4.19
N LYS A 133 11.50 7.96 -4.26
CA LYS A 133 10.27 7.89 -3.51
C LYS A 133 10.55 7.90 -2.02
N PHE A 134 11.62 7.25 -1.63
CA PHE A 134 12.02 7.24 -0.24
C PHE A 134 12.62 8.58 0.16
N VAL A 135 13.61 9.07 -0.61
CA VAL A 135 14.25 10.34 -0.30
C VAL A 135 13.24 11.51 -0.29
N GLU A 136 12.29 11.52 -1.22
CA GLU A 136 11.24 12.56 -1.23
C GLU A 136 10.46 12.55 0.06
N THR A 137 10.12 11.36 0.52
CA THR A 137 9.41 11.21 1.78
C THR A 137 10.24 11.82 2.92
N PHE A 138 11.53 11.48 2.98
CA PHE A 138 12.40 12.03 3.99
C PHE A 138 12.52 13.53 3.87
N ARG A 139 12.68 14.03 2.64
CA ARG A 139 12.79 15.48 2.41
C ARG A 139 11.55 16.21 2.90
N LYS A 140 10.36 15.67 2.59
CA LYS A 140 9.10 16.27 3.03
C LYS A 140 9.02 16.29 4.54
N MET A 141 9.35 15.15 5.16
CA MET A 141 9.32 15.05 6.62
C MET A 141 10.33 15.99 7.24
N LEU A 142 11.45 16.17 6.58
CA LEU A 142 12.44 17.10 7.04
C LEU A 142 11.95 18.52 6.89
N GLU A 143 11.24 18.81 5.78
CA GLU A 143 10.66 20.14 5.56
C GLU A 143 9.69 20.49 6.69
N TRP A 144 8.98 19.49 7.18
CA TRP A 144 8.10 19.68 8.32
C TRP A 144 8.85 19.96 9.61
N ASN A 145 9.94 19.26 9.85
CA ASN A 145 10.77 19.50 11.06
C ASN A 145 11.56 20.79 10.92
N LYS A 146 11.81 21.16 9.69
CA LYS A 146 12.57 22.34 9.32
C LYS A 146 11.74 23.60 9.41
N ASN A 147 10.46 23.50 9.19
CA ASN A 147 9.61 24.67 9.18
C ASN A 147 8.49 24.60 10.21
N PRO A 148 8.67 25.26 11.37
CA PRO A 148 7.61 25.38 12.38
C PRO A 148 6.42 26.14 11.80
N ASN A 149 6.73 27.11 10.96
CA ASN A 149 5.74 27.96 10.30
C ASN A 149 5.21 27.29 9.02
N GLY A 150 5.85 26.19 8.62
CA GLY A 150 5.46 25.47 7.42
C GLY A 150 4.12 24.80 7.61
N LYS A 151 3.85 24.41 8.82
CA LYS A 151 2.59 23.84 9.18
C LYS A 151 1.72 24.97 9.69
N SER A 152 0.44 24.90 9.50
CA SER A 152 -0.43 25.90 10.05
C SER A 152 -0.69 25.58 11.52
N MET A 153 -1.44 26.42 12.18
CA MET A 153 -1.77 26.24 13.58
C MET A 153 -2.53 24.93 13.80
N GLU A 154 -3.27 24.53 12.80
CA GLU A 154 -4.06 23.32 12.85
C GLU A 154 -3.27 22.15 12.30
N GLU A 155 -2.30 22.43 11.46
CA GLU A 155 -1.42 21.38 10.97
C GLU A 155 -0.42 20.93 12.03
N ALA A 156 0.12 21.90 12.74
CA ALA A 156 1.06 21.61 13.81
C ALA A 156 0.29 21.16 15.04
N VAL A 157 -0.88 21.77 15.22
CA VAL A 157 -1.75 21.59 16.39
C VAL A 157 -1.04 21.96 17.71
N GLY A 158 -1.52 22.99 18.35
CA GLY A 158 -0.91 23.42 19.58
C GLY A 158 0.07 24.54 19.35
N SER A 159 -0.21 25.35 18.37
CA SER A 159 0.62 26.50 18.10
C SER A 159 0.17 27.64 19.00
N LEU A 160 1.11 28.35 19.55
CA LEU A 160 0.80 29.43 20.45
C LEU A 160 0.83 30.74 19.68
N LEU A 161 -0.21 31.50 19.84
CA LEU A 161 -0.32 32.78 19.20
C LEU A 161 -1.33 33.59 19.97
N SER A 162 -1.26 34.89 19.84
CA SER A 162 -2.19 35.74 20.52
C SER A 162 -3.53 35.73 19.78
N SER A 163 -4.33 34.75 20.10
CA SER A 163 -5.65 34.57 19.57
C SER A 163 -6.44 33.70 20.55
N GLY A 164 -7.09 34.35 21.47
CA GLY A 164 -7.83 33.65 22.47
C GLY A 164 -8.37 34.62 23.47
N ASP A 165 -9.36 35.36 23.06
CA ASP A 165 -9.98 36.33 23.93
C ASP A 165 -11.17 35.69 24.58
N SER A 1 -25.66 -7.96 9.76
CA SER A 1 -26.19 -6.65 9.39
C SER A 1 -25.15 -5.55 9.69
N THR A 2 -24.53 -5.61 10.86
CA THR A 2 -23.51 -4.65 11.20
C THR A 2 -22.16 -5.08 10.64
N SER A 3 -21.74 -4.40 9.60
CA SER A 3 -20.52 -4.69 8.89
C SER A 3 -19.27 -4.39 9.72
N SER A 4 -19.38 -3.46 10.66
CA SER A 4 -18.25 -3.13 11.48
C SER A 4 -18.63 -3.21 12.95
N ASP A 5 -18.56 -4.39 13.49
CA ASP A 5 -18.89 -4.59 14.89
C ASP A 5 -17.64 -4.54 15.79
N PRO A 6 -16.63 -5.44 15.64
CA PRO A 6 -15.47 -5.43 16.50
C PRO A 6 -14.43 -4.38 16.06
N GLN A 7 -14.19 -4.30 14.77
CA GLN A 7 -13.18 -3.45 14.20
C GLN A 7 -13.68 -2.87 12.90
N SER A 8 -12.83 -2.18 12.23
CA SER A 8 -13.06 -1.62 10.92
C SER A 8 -11.92 -2.07 10.04
N HIS A 9 -12.16 -2.18 8.78
CA HIS A 9 -11.15 -2.66 7.88
C HIS A 9 -10.28 -1.54 7.37
N ASN A 10 -9.10 -1.93 6.99
CA ASN A 10 -8.08 -1.04 6.48
C ASN A 10 -7.49 -1.70 5.28
N VAL A 11 -7.51 -1.03 4.17
CA VAL A 11 -7.04 -1.61 2.94
C VAL A 11 -5.88 -0.78 2.36
N PHE A 12 -4.74 -1.40 2.15
CA PHE A 12 -3.57 -0.73 1.58
C PHE A 12 -3.61 -0.88 0.05
N VAL A 13 -4.07 0.13 -0.65
CA VAL A 13 -4.14 0.10 -2.12
C VAL A 13 -3.71 1.42 -2.69
N TYR A 14 -2.92 1.38 -3.75
CA TYR A 14 -2.52 2.58 -4.45
C TYR A 14 -3.71 3.06 -5.28
N GLY A 15 -3.98 2.35 -6.38
CA GLY A 15 -5.13 2.63 -7.24
C GLY A 15 -5.30 4.10 -7.53
N SER A 16 -6.46 4.61 -7.22
CA SER A 16 -6.74 6.01 -7.32
C SER A 16 -7.55 6.44 -6.08
N ILE A 17 -7.66 5.51 -5.13
CA ILE A 17 -8.48 5.66 -3.92
C ILE A 17 -7.79 6.63 -2.92
N LEU A 18 -6.57 7.00 -3.25
CA LEU A 18 -5.75 7.89 -2.43
C LEU A 18 -6.45 9.24 -2.24
N GLU A 19 -7.32 9.56 -3.19
CA GLU A 19 -8.16 10.72 -3.13
C GLU A 19 -9.53 10.31 -2.58
N PRO A 20 -9.99 10.97 -1.49
CA PRO A 20 -11.28 10.70 -0.82
C PRO A 20 -12.47 10.55 -1.79
N ALA A 21 -12.46 11.33 -2.88
CA ALA A 21 -13.54 11.27 -3.88
C ALA A 21 -13.69 9.85 -4.43
N VAL A 22 -12.57 9.21 -4.72
CA VAL A 22 -12.59 7.87 -5.28
C VAL A 22 -13.03 6.85 -4.24
N ALA A 23 -12.65 7.06 -3.00
CA ALA A 23 -13.07 6.18 -1.93
C ALA A 23 -14.57 6.32 -1.69
N ALA A 24 -15.09 7.50 -1.94
CA ALA A 24 -16.49 7.77 -1.80
C ALA A 24 -17.29 7.09 -2.88
N VAL A 25 -16.78 7.11 -4.10
CA VAL A 25 -17.50 6.49 -5.21
C VAL A 25 -17.49 4.96 -5.10
N ILE A 26 -16.45 4.39 -4.49
CA ILE A 26 -16.38 2.96 -4.33
C ILE A 26 -17.23 2.46 -3.17
N LEU A 27 -17.12 3.10 -2.03
CA LEU A 27 -17.80 2.61 -0.86
C LEU A 27 -19.18 3.21 -0.70
N ASP A 28 -19.43 4.27 -1.45
CA ASP A 28 -20.66 5.08 -1.36
C ASP A 28 -20.65 5.84 -0.04
N ARG A 29 -19.48 5.84 0.53
CA ARG A 29 -19.13 6.45 1.78
C ARG A 29 -17.71 6.91 1.63
N THR A 30 -17.42 8.09 2.07
CA THR A 30 -16.09 8.61 1.93
C THR A 30 -15.17 7.99 2.98
N ALA A 31 -14.26 7.16 2.54
CA ALA A 31 -13.27 6.60 3.40
C ALA A 31 -12.05 7.46 3.37
N ASP A 32 -11.41 7.58 4.49
CA ASP A 32 -10.24 8.41 4.61
C ASP A 32 -8.99 7.57 4.47
N THR A 33 -8.12 7.95 3.58
CA THR A 33 -6.86 7.29 3.45
C THR A 33 -5.82 8.01 4.26
N VAL A 34 -4.93 7.27 4.84
CA VAL A 34 -3.80 7.83 5.55
C VAL A 34 -2.52 7.18 5.05
N PRO A 35 -1.45 7.97 4.88
CA PRO A 35 -0.16 7.46 4.42
C PRO A 35 0.35 6.33 5.31
N ALA A 36 0.73 5.24 4.69
CA ALA A 36 1.21 4.08 5.39
C ALA A 36 2.19 3.35 4.53
N VAL A 37 3.03 2.58 5.14
CA VAL A 37 4.01 1.86 4.42
C VAL A 37 3.93 0.35 4.76
N LEU A 38 3.95 -0.46 3.72
CA LEU A 38 3.88 -1.89 3.85
C LEU A 38 5.25 -2.51 3.94
N HIS A 39 5.54 -3.05 5.09
CA HIS A 39 6.77 -3.76 5.31
C HIS A 39 6.59 -5.24 4.94
N GLY A 40 7.25 -5.67 3.89
CA GLY A 40 7.14 -7.05 3.47
C GLY A 40 7.07 -7.20 1.96
N TYR A 41 6.34 -6.31 1.31
CA TYR A 41 6.17 -6.36 -0.13
C TYR A 41 6.89 -5.23 -0.79
N HIS A 42 7.04 -5.33 -2.09
CA HIS A 42 7.67 -4.29 -2.86
C HIS A 42 6.86 -4.06 -4.11
N ARG A 43 6.62 -2.81 -4.43
CA ARG A 43 5.90 -2.47 -5.63
C ARG A 43 6.82 -2.30 -6.79
N TYR A 44 6.53 -3.01 -7.82
CA TYR A 44 7.32 -3.01 -9.02
C TYR A 44 6.74 -2.09 -10.03
N LYS A 45 7.58 -1.46 -10.79
CA LYS A 45 7.17 -0.53 -11.75
C LYS A 45 6.95 -1.20 -13.09
N LEU A 46 5.71 -1.45 -13.37
CA LEU A 46 5.30 -2.00 -14.62
C LEU A 46 4.34 -1.07 -15.34
N LYS A 47 4.70 -0.65 -16.53
CA LYS A 47 3.92 0.28 -17.31
C LYS A 47 2.85 -0.39 -18.14
N GLY A 48 2.84 -1.70 -18.13
CA GLY A 48 1.83 -2.42 -18.86
C GLY A 48 0.50 -2.41 -18.16
N LEU A 49 0.54 -2.24 -16.86
CA LEU A 49 -0.67 -2.22 -16.06
C LEU A 49 -0.83 -0.88 -15.32
N PRO A 50 -2.07 -0.52 -14.96
CA PRO A 50 -2.35 0.65 -14.14
C PRO A 50 -2.25 0.31 -12.63
N TYR A 51 -1.80 1.28 -11.82
CA TYR A 51 -1.63 1.16 -10.33
C TYR A 51 -0.94 -0.17 -9.83
N PRO A 52 0.12 -0.66 -10.52
CA PRO A 52 0.73 -1.96 -10.24
C PRO A 52 2.13 -1.89 -9.62
N CYS A 53 2.59 -2.92 -8.91
CA CYS A 53 1.88 -4.09 -8.30
C CYS A 53 2.77 -4.48 -7.14
N ILE A 54 2.35 -5.36 -6.26
CA ILE A 54 3.25 -5.79 -5.21
C ILE A 54 3.45 -7.27 -5.25
N VAL A 55 4.68 -7.67 -5.09
CA VAL A 55 5.05 -9.05 -5.30
C VAL A 55 5.78 -9.65 -4.10
N SER A 56 7.08 -9.38 -3.98
CA SER A 56 7.90 -9.95 -2.91
C SER A 56 9.32 -9.41 -2.99
N SER A 57 10.02 -9.42 -1.88
CA SER A 57 11.41 -8.97 -1.79
C SER A 57 12.03 -9.46 -0.48
N ASP A 58 13.32 -9.24 -0.31
CA ASP A 58 14.06 -9.62 0.90
C ASP A 58 13.42 -8.98 2.10
N SER A 59 13.49 -7.67 2.18
CA SER A 59 12.84 -6.98 3.25
C SER A 59 11.58 -6.29 2.72
N GLY A 60 11.69 -5.78 1.46
CA GLY A 60 10.59 -5.16 0.70
C GLY A 60 9.71 -4.16 1.44
N LYS A 61 9.67 -2.93 1.02
CA LYS A 61 8.73 -2.03 1.63
C LYS A 61 8.09 -1.07 0.64
N VAL A 62 6.79 -0.85 0.80
CA VAL A 62 5.96 -0.07 -0.13
C VAL A 62 5.27 1.08 0.58
N ASN A 63 5.48 2.28 0.13
CA ASN A 63 4.78 3.42 0.72
C ASN A 63 3.55 3.75 -0.10
N GLY A 64 2.43 3.86 0.58
CA GLY A 64 1.18 4.21 -0.04
C GLY A 64 0.25 4.79 0.97
N LYS A 65 -1.02 4.49 0.86
CA LYS A 65 -1.99 4.97 1.83
C LYS A 65 -2.96 3.85 2.09
N VAL A 66 -3.45 3.79 3.29
CA VAL A 66 -4.43 2.81 3.65
C VAL A 66 -5.77 3.45 3.74
N ILE A 67 -6.73 2.79 3.19
CA ILE A 67 -8.08 3.24 3.17
C ILE A 67 -8.66 2.76 4.49
N THR A 68 -8.93 3.68 5.39
CA THR A 68 -9.35 3.31 6.72
C THR A 68 -10.86 3.44 6.89
N GLY A 69 -11.38 2.80 7.93
CA GLY A 69 -12.79 2.86 8.24
C GLY A 69 -13.64 2.15 7.23
N VAL A 70 -13.14 1.08 6.68
CA VAL A 70 -13.86 0.36 5.66
C VAL A 70 -14.69 -0.72 6.31
N SER A 71 -15.97 -0.70 6.07
CA SER A 71 -16.81 -1.70 6.62
C SER A 71 -16.59 -3.01 5.87
N ASP A 72 -16.92 -4.11 6.52
CA ASP A 72 -16.76 -5.45 5.92
C ASP A 72 -17.44 -5.54 4.56
N ALA A 73 -18.66 -5.03 4.48
CA ALA A 73 -19.45 -5.05 3.23
C ALA A 73 -18.84 -4.10 2.20
N GLU A 74 -18.33 -3.00 2.67
CA GLU A 74 -17.67 -2.01 1.84
C GLU A 74 -16.36 -2.52 1.28
N LEU A 75 -15.65 -3.34 2.07
CA LEU A 75 -14.40 -3.93 1.62
C LEU A 75 -14.72 -4.79 0.40
N ASN A 76 -15.87 -5.45 0.47
CA ASN A 76 -16.36 -6.27 -0.62
C ASN A 76 -16.46 -5.55 -1.94
N ASN A 77 -16.64 -4.21 -1.94
CA ASN A 77 -16.77 -3.51 -3.23
C ASN A 77 -15.43 -3.60 -3.95
N PHE A 78 -14.33 -3.57 -3.18
CA PHE A 78 -12.99 -3.67 -3.76
C PHE A 78 -12.82 -5.10 -4.28
N ASP A 79 -13.43 -6.02 -3.57
CA ASP A 79 -13.41 -7.45 -3.89
C ASP A 79 -14.22 -7.71 -5.18
N VAL A 80 -15.25 -6.89 -5.39
CA VAL A 80 -16.04 -6.94 -6.60
C VAL A 80 -15.23 -6.35 -7.78
N ILE A 81 -14.43 -5.31 -7.48
CA ILE A 81 -13.48 -4.76 -8.48
C ILE A 81 -12.52 -5.89 -8.86
N GLU A 82 -12.15 -6.64 -7.82
CA GLU A 82 -11.48 -7.91 -7.92
C GLU A 82 -10.02 -7.84 -8.36
N GLY A 83 -9.78 -7.73 -9.63
CA GLY A 83 -8.44 -7.80 -10.12
C GLY A 83 -8.13 -9.25 -10.40
N ASN A 84 -8.11 -9.61 -11.67
CA ASN A 84 -7.91 -11.01 -12.09
C ASN A 84 -6.57 -11.52 -11.66
N ASP A 85 -5.56 -10.69 -11.78
CA ASP A 85 -4.21 -11.09 -11.53
C ASP A 85 -3.82 -10.67 -10.13
N TYR A 86 -4.79 -10.21 -9.38
CA TYR A 86 -4.55 -9.79 -8.03
C TYR A 86 -5.32 -10.69 -7.05
N GLU A 87 -4.85 -10.78 -5.84
CA GLU A 87 -5.56 -11.52 -4.80
C GLU A 87 -5.55 -10.71 -3.50
N ARG A 88 -6.65 -10.73 -2.77
CA ARG A 88 -6.77 -9.97 -1.54
C ARG A 88 -6.27 -10.76 -0.35
N VAL A 89 -5.14 -10.31 0.16
CA VAL A 89 -4.45 -10.95 1.26
C VAL A 89 -4.26 -9.98 2.41
N THR A 90 -4.01 -10.52 3.57
CA THR A 90 -3.75 -9.71 4.71
C THR A 90 -2.22 -9.47 4.82
N VAL A 91 -1.86 -8.23 5.00
CA VAL A 91 -0.47 -7.80 5.10
C VAL A 91 -0.38 -6.86 6.28
N GLU A 92 0.78 -6.45 6.67
CA GLU A 92 0.88 -5.60 7.82
C GLU A 92 1.62 -4.33 7.46
N VAL A 93 1.04 -3.20 7.75
CA VAL A 93 1.63 -1.94 7.38
C VAL A 93 1.76 -1.04 8.58
N VAL A 94 2.48 0.00 8.42
CA VAL A 94 2.61 1.00 9.41
C VAL A 94 1.98 2.25 8.92
N ARG A 95 1.01 2.76 9.65
CA ARG A 95 0.43 4.03 9.32
C ARG A 95 1.45 5.05 9.60
N MET A 96 2.05 5.54 8.56
CA MET A 96 3.12 6.51 8.64
C MET A 96 2.56 7.76 9.30
N ASP A 97 1.28 8.01 9.04
CA ASP A 97 0.55 9.14 9.61
C ASP A 97 0.59 9.15 11.14
N ASN A 98 0.36 8.00 11.74
CA ASN A 98 0.29 7.91 13.20
C ASN A 98 1.49 7.14 13.78
N SER A 99 2.33 6.64 12.88
CA SER A 99 3.55 5.88 13.19
C SER A 99 3.19 4.54 13.91
N GLU A 100 1.98 4.05 13.69
CA GLU A 100 1.51 2.85 14.36
C GLU A 100 1.51 1.68 13.40
N LYS A 101 1.50 0.49 13.92
CA LYS A 101 1.48 -0.70 13.10
C LYS A 101 0.07 -1.25 13.06
N VAL A 102 -0.40 -1.57 11.88
CA VAL A 102 -1.73 -2.10 11.69
C VAL A 102 -1.71 -3.24 10.66
N LYS A 103 -2.44 -4.28 10.95
CA LYS A 103 -2.56 -5.39 10.06
C LYS A 103 -3.73 -5.07 9.11
N VAL A 104 -3.45 -5.00 7.83
CA VAL A 104 -4.42 -4.54 6.86
C VAL A 104 -4.57 -5.55 5.73
N GLU A 105 -5.47 -5.28 4.83
CA GLU A 105 -5.65 -6.14 3.68
C GLU A 105 -5.28 -5.38 2.42
N THR A 106 -4.81 -6.10 1.43
CA THR A 106 -4.36 -5.51 0.19
C THR A 106 -4.54 -6.51 -0.95
N TYR A 107 -4.28 -6.05 -2.14
CA TYR A 107 -4.37 -6.88 -3.32
C TYR A 107 -2.98 -7.03 -3.89
N VAL A 108 -2.51 -8.25 -3.94
CA VAL A 108 -1.17 -8.53 -4.40
C VAL A 108 -1.23 -9.25 -5.73
N TRP A 109 -0.09 -9.43 -6.34
CA TRP A 109 -0.01 -10.02 -7.64
C TRP A 109 0.04 -11.56 -7.49
N VAL A 110 -0.92 -12.27 -8.10
CA VAL A 110 -1.00 -13.73 -8.01
C VAL A 110 0.09 -14.43 -8.80
N ASN A 111 0.65 -13.71 -9.72
CA ASN A 111 1.68 -14.20 -10.63
C ASN A 111 3.07 -14.00 -9.99
N LYS A 112 3.03 -13.74 -8.69
CA LYS A 112 4.14 -13.44 -7.82
C LYS A 112 5.31 -14.43 -7.92
N ASP A 113 5.07 -15.65 -8.34
CA ASP A 113 6.13 -16.64 -8.31
C ASP A 113 7.09 -16.55 -9.49
N ASP A 114 6.66 -15.95 -10.58
CA ASP A 114 7.55 -15.79 -11.74
C ASP A 114 8.02 -14.33 -11.74
N PRO A 115 9.31 -14.07 -11.99
CA PRO A 115 9.88 -12.72 -11.93
C PRO A 115 9.17 -11.69 -12.82
N ARG A 116 8.66 -10.64 -12.19
CA ARG A 116 8.07 -9.54 -12.90
C ARG A 116 8.75 -8.27 -12.51
N MET A 117 9.45 -7.66 -13.46
CA MET A 117 10.15 -6.36 -13.30
C MET A 117 11.06 -6.34 -12.07
N TYR A 118 11.56 -7.50 -11.71
CA TYR A 118 12.39 -7.67 -10.54
C TYR A 118 13.79 -7.18 -10.83
N GLY A 119 14.33 -7.62 -11.93
CA GLY A 119 15.69 -7.31 -12.24
C GLY A 119 15.80 -6.26 -13.28
N GLU A 120 14.72 -5.60 -13.57
CA GLU A 120 14.73 -4.58 -14.58
C GLU A 120 13.83 -3.42 -14.19
N TRP A 121 14.38 -2.23 -14.28
CA TRP A 121 13.73 -0.96 -13.98
C TRP A 121 14.81 0.11 -14.13
N ASP A 122 14.41 1.34 -14.33
CA ASP A 122 15.34 2.43 -14.47
C ASP A 122 15.79 2.93 -13.12
N PHE A 123 17.06 2.73 -12.82
CA PHE A 123 17.64 3.25 -11.59
C PHE A 123 17.70 4.76 -11.65
N GLU A 124 17.76 5.27 -12.85
CA GLU A 124 17.67 6.70 -13.08
C GLU A 124 16.28 7.21 -12.66
N GLU A 125 15.25 6.39 -12.94
CA GLU A 125 13.88 6.74 -12.57
C GLU A 125 13.71 6.58 -11.06
N TRP A 126 14.43 5.59 -10.51
CA TRP A 126 14.48 5.34 -9.06
C TRP A 126 14.82 6.65 -8.34
N ARG A 127 15.82 7.35 -8.84
CA ARG A 127 16.31 8.58 -8.24
C ARG A 127 15.24 9.69 -8.25
N VAL A 128 14.62 9.91 -9.41
CA VAL A 128 13.65 10.99 -9.52
C VAL A 128 12.36 10.70 -8.77
N VAL A 129 11.93 9.46 -8.81
CA VAL A 129 10.73 9.05 -8.11
C VAL A 129 10.96 9.09 -6.60
N HIS A 130 12.11 8.59 -6.16
CA HIS A 130 12.47 8.60 -4.74
C HIS A 130 12.45 10.03 -4.21
N ALA A 131 12.90 10.97 -5.02
CA ALA A 131 12.89 12.36 -4.62
C ALA A 131 11.47 12.90 -4.52
N GLU A 132 10.64 12.62 -5.52
CA GLU A 132 9.28 13.15 -5.57
C GLU A 132 8.41 12.58 -4.49
N LYS A 133 8.56 11.30 -4.26
CA LYS A 133 7.74 10.57 -3.31
C LYS A 133 7.95 11.02 -1.88
N PHE A 134 9.14 11.45 -1.55
CA PHE A 134 9.37 11.94 -0.23
C PHE A 134 8.98 13.39 -0.11
N VAL A 135 9.35 14.21 -1.09
CA VAL A 135 8.99 15.62 -1.05
C VAL A 135 7.46 15.83 -1.09
N GLU A 136 6.74 14.98 -1.86
CA GLU A 136 5.29 15.09 -1.91
C GLU A 136 4.71 14.82 -0.55
N THR A 137 5.29 13.90 0.18
CA THR A 137 4.82 13.56 1.50
C THR A 137 4.93 14.78 2.43
N PHE A 138 6.08 15.45 2.40
CA PHE A 138 6.29 16.65 3.22
C PHE A 138 5.32 17.75 2.83
N ARG A 139 5.06 17.88 1.55
CA ARG A 139 4.12 18.87 1.05
C ARG A 139 2.69 18.53 1.44
N LYS A 140 2.32 17.26 1.27
CA LYS A 140 0.98 16.80 1.65
C LYS A 140 0.72 16.96 3.12
N MET A 141 1.69 16.60 3.93
CA MET A 141 1.53 16.73 5.37
C MET A 141 1.46 18.19 5.78
N LEU A 142 2.16 19.04 5.04
CA LEU A 142 2.16 20.46 5.29
C LEU A 142 0.77 21.04 5.01
N GLU A 143 0.22 20.73 3.83
CA GLU A 143 -1.09 21.23 3.47
C GLU A 143 -2.17 20.71 4.42
N TRP A 144 -2.10 19.41 4.75
CA TRP A 144 -3.08 18.79 5.66
C TRP A 144 -2.97 19.36 7.08
N ASN A 145 -1.77 19.56 7.54
CA ASN A 145 -1.57 20.01 8.92
C ASN A 145 -1.86 21.50 9.08
N LYS A 146 -1.51 22.27 8.09
CA LYS A 146 -1.64 23.70 8.18
C LYS A 146 -3.08 24.18 7.94
N ASN A 147 -3.89 23.38 7.29
CA ASN A 147 -5.26 23.80 7.00
C ASN A 147 -6.22 22.71 7.40
N PRO A 148 -7.40 23.07 7.94
CA PRO A 148 -8.43 22.09 8.36
C PRO A 148 -8.88 21.18 7.19
N ASN A 149 -8.98 21.77 6.01
CA ASN A 149 -9.36 21.02 4.81
C ASN A 149 -8.14 20.43 4.17
N GLY A 150 -7.01 20.85 4.66
CA GLY A 150 -5.78 20.49 4.07
C GLY A 150 -5.59 21.30 2.85
N LYS A 151 -5.86 20.71 1.75
CA LYS A 151 -5.83 21.42 0.54
C LYS A 151 -7.25 21.80 0.16
N SER A 152 -7.46 23.06 -0.18
CA SER A 152 -8.78 23.57 -0.47
C SER A 152 -9.36 22.96 -1.77
N MET A 153 -10.68 23.04 -1.95
CA MET A 153 -11.38 22.33 -3.05
C MET A 153 -10.88 22.67 -4.46
N GLU A 154 -10.67 23.95 -4.74
CA GLU A 154 -10.22 24.38 -6.07
C GLU A 154 -8.73 24.17 -6.17
N GLU A 155 -8.08 24.38 -5.05
CA GLU A 155 -6.65 24.26 -4.92
C GLU A 155 -6.21 22.81 -5.17
N ALA A 156 -7.03 21.87 -4.70
CA ALA A 156 -6.80 20.45 -4.90
C ALA A 156 -7.00 20.06 -6.35
N VAL A 157 -7.82 20.84 -7.05
CA VAL A 157 -8.05 20.63 -8.45
C VAL A 157 -6.90 21.26 -9.21
N GLY A 158 -6.04 20.43 -9.68
CA GLY A 158 -4.88 20.88 -10.36
C GLY A 158 -3.67 20.24 -9.77
N SER A 159 -3.64 18.94 -9.86
CA SER A 159 -2.52 18.18 -9.38
C SER A 159 -1.47 18.11 -10.47
N LEU A 160 -1.95 18.23 -11.73
CA LEU A 160 -1.15 18.19 -12.95
C LEU A 160 -0.51 16.84 -13.19
N LEU A 161 -0.86 16.27 -14.30
CA LEU A 161 -0.26 15.03 -14.74
C LEU A 161 1.05 15.41 -15.41
N SER A 162 0.99 16.50 -16.19
CA SER A 162 2.11 17.11 -16.90
C SER A 162 2.76 16.09 -17.85
N SER A 163 1.96 15.10 -18.24
CA SER A 163 2.43 14.03 -19.06
C SER A 163 1.57 13.92 -20.32
N GLY A 164 1.93 14.68 -21.33
CA GLY A 164 1.20 14.63 -22.60
C GLY A 164 2.14 14.44 -23.76
N ASP A 165 3.37 14.09 -23.44
CA ASP A 165 4.38 13.88 -24.45
C ASP A 165 5.08 12.58 -24.15
N SER A 1 -21.83 5.48 22.70
CA SER A 1 -21.14 4.56 21.82
C SER A 1 -22.02 3.34 21.55
N THR A 2 -22.68 3.34 20.42
CA THR A 2 -23.50 2.23 20.04
C THR A 2 -22.65 1.20 19.29
N SER A 3 -22.20 0.18 20.04
CA SER A 3 -21.25 -0.81 19.55
C SER A 3 -19.90 -0.15 19.24
N SER A 4 -18.98 -0.21 20.20
CA SER A 4 -17.67 0.40 20.03
C SER A 4 -16.90 -0.31 18.92
N ASP A 5 -16.80 0.37 17.78
CA ASP A 5 -16.21 -0.14 16.55
C ASP A 5 -17.09 -1.24 15.97
N PRO A 6 -17.86 -0.91 14.92
CA PRO A 6 -18.84 -1.82 14.31
C PRO A 6 -18.20 -2.82 13.35
N GLN A 7 -17.00 -3.28 13.72
CA GLN A 7 -16.20 -4.21 12.94
C GLN A 7 -15.79 -3.58 11.63
N SER A 8 -14.68 -2.94 11.64
CA SER A 8 -14.20 -2.29 10.47
C SER A 8 -12.97 -3.00 9.92
N HIS A 9 -12.58 -2.58 8.75
CA HIS A 9 -11.44 -3.11 8.06
C HIS A 9 -10.56 -1.99 7.62
N ASN A 10 -9.32 -2.31 7.40
CA ASN A 10 -8.31 -1.36 6.96
C ASN A 10 -7.65 -1.90 5.73
N VAL A 11 -7.65 -1.16 4.65
CA VAL A 11 -7.10 -1.65 3.40
C VAL A 11 -5.97 -0.76 2.89
N PHE A 12 -4.79 -1.34 2.73
CA PHE A 12 -3.65 -0.66 2.16
C PHE A 12 -3.77 -0.76 0.67
N VAL A 13 -4.02 0.33 0.03
CA VAL A 13 -4.18 0.29 -1.38
C VAL A 13 -3.20 1.22 -2.07
N TYR A 14 -2.64 0.74 -3.15
CA TYR A 14 -1.73 1.53 -3.91
C TYR A 14 -2.48 2.09 -5.11
N GLY A 15 -2.92 3.31 -4.99
CA GLY A 15 -3.69 3.95 -6.02
C GLY A 15 -5.14 3.54 -5.95
N SER A 16 -5.76 3.36 -7.11
CA SER A 16 -7.14 2.88 -7.25
C SER A 16 -8.19 3.87 -6.69
N ILE A 17 -8.37 3.88 -5.37
CA ILE A 17 -9.39 4.69 -4.77
C ILE A 17 -8.79 5.73 -3.83
N LEU A 18 -7.47 5.92 -3.90
CA LEU A 18 -6.80 6.98 -3.15
C LEU A 18 -7.22 8.34 -3.70
N GLU A 19 -7.74 8.31 -4.90
CA GLU A 19 -8.34 9.46 -5.52
C GLU A 19 -9.75 9.63 -4.93
N PRO A 20 -9.99 10.75 -4.23
CA PRO A 20 -11.26 11.01 -3.50
C PRO A 20 -12.53 10.70 -4.30
N ALA A 21 -12.52 11.02 -5.59
CA ALA A 21 -13.68 10.80 -6.45
C ALA A 21 -14.03 9.32 -6.55
N VAL A 22 -13.03 8.50 -6.75
CA VAL A 22 -13.21 7.08 -6.93
C VAL A 22 -13.59 6.43 -5.60
N ALA A 23 -13.00 6.94 -4.53
CA ALA A 23 -13.33 6.47 -3.19
C ALA A 23 -14.79 6.74 -2.88
N ALA A 24 -15.27 7.87 -3.34
CA ALA A 24 -16.64 8.27 -3.10
C ALA A 24 -17.64 7.43 -3.89
N VAL A 25 -17.18 6.74 -4.92
CA VAL A 25 -18.09 5.91 -5.68
C VAL A 25 -18.12 4.48 -5.12
N ILE A 26 -17.00 4.03 -4.56
CA ILE A 26 -16.93 2.71 -3.99
C ILE A 26 -17.60 2.69 -2.60
N LEU A 27 -17.28 3.66 -1.77
CA LEU A 27 -17.78 3.66 -0.40
C LEU A 27 -19.05 4.46 -0.27
N ASP A 28 -19.41 5.21 -1.34
CA ASP A 28 -20.56 6.17 -1.32
C ASP A 28 -20.19 7.45 -0.57
N ARG A 29 -19.11 7.36 0.14
CA ARG A 29 -18.60 8.39 0.95
C ARG A 29 -17.12 8.51 0.69
N THR A 30 -16.51 9.56 1.16
CA THR A 30 -15.10 9.76 0.94
C THR A 30 -14.33 8.83 1.88
N ALA A 31 -13.31 8.18 1.34
CA ALA A 31 -12.54 7.22 2.10
C ALA A 31 -11.63 7.91 3.07
N ASP A 32 -11.58 7.40 4.27
CA ASP A 32 -10.66 7.90 5.23
C ASP A 32 -9.39 7.14 5.07
N THR A 33 -8.42 7.80 4.56
CA THR A 33 -7.16 7.19 4.35
C THR A 33 -6.11 7.86 5.16
N VAL A 34 -5.20 7.09 5.64
CA VAL A 34 -4.07 7.58 6.35
C VAL A 34 -2.84 6.95 5.74
N PRO A 35 -1.71 7.67 5.71
CA PRO A 35 -0.51 7.15 5.11
C PRO A 35 0.08 6.06 5.96
N ALA A 36 0.51 5.02 5.32
CA ALA A 36 1.09 3.90 5.97
C ALA A 36 2.11 3.28 5.05
N VAL A 37 3.04 2.58 5.61
CA VAL A 37 4.03 1.96 4.81
C VAL A 37 4.02 0.45 5.01
N LEU A 38 3.91 -0.26 3.92
CA LEU A 38 3.89 -1.67 3.93
C LEU A 38 5.26 -2.23 3.74
N HIS A 39 5.92 -2.41 4.83
CA HIS A 39 7.18 -3.12 4.82
C HIS A 39 6.92 -4.57 4.44
N GLY A 40 7.68 -5.09 3.54
CA GLY A 40 7.51 -6.46 3.18
C GLY A 40 7.13 -6.65 1.74
N TYR A 41 6.74 -5.58 1.08
CA TYR A 41 6.35 -5.63 -0.30
C TYR A 41 7.08 -4.64 -1.15
N HIS A 42 7.13 -4.91 -2.43
CA HIS A 42 7.77 -4.06 -3.41
C HIS A 42 6.69 -3.58 -4.37
N ARG A 43 6.73 -2.31 -4.74
CA ARG A 43 5.74 -1.74 -5.64
C ARG A 43 6.18 -1.98 -7.09
N TYR A 44 5.32 -2.55 -7.86
CA TYR A 44 5.61 -2.83 -9.24
C TYR A 44 4.84 -1.94 -10.16
N LYS A 45 5.57 -1.08 -10.83
CA LYS A 45 5.00 -0.24 -11.84
C LYS A 45 4.97 -0.92 -13.18
N LEU A 46 3.78 -1.12 -13.65
CA LEU A 46 3.53 -1.64 -14.95
C LEU A 46 2.45 -0.81 -15.63
N LYS A 47 2.52 -0.69 -16.92
CA LYS A 47 1.54 0.10 -17.66
C LYS A 47 0.76 -0.77 -18.57
N GLY A 48 1.24 -1.98 -18.73
CA GLY A 48 0.56 -2.90 -19.55
C GLY A 48 -0.69 -3.40 -18.87
N LEU A 49 -0.67 -3.37 -17.57
CA LEU A 49 -1.79 -3.70 -16.73
C LEU A 49 -2.17 -2.41 -16.00
N PRO A 50 -3.35 -2.32 -15.34
CA PRO A 50 -3.75 -1.10 -14.59
C PRO A 50 -2.87 -0.79 -13.32
N TYR A 51 -3.47 -0.08 -12.37
CA TYR A 51 -2.82 0.38 -11.11
C TYR A 51 -2.01 -0.66 -10.23
N PRO A 52 -2.29 -2.02 -10.26
CA PRO A 52 -1.40 -3.01 -9.57
C PRO A 52 0.12 -2.80 -9.94
N CYS A 53 1.07 -3.41 -9.19
CA CYS A 53 0.82 -4.37 -8.12
C CYS A 53 1.95 -4.34 -7.09
N ILE A 54 1.85 -5.18 -6.07
CA ILE A 54 2.93 -5.40 -5.11
C ILE A 54 3.06 -6.90 -4.87
N VAL A 55 4.28 -7.39 -4.93
CA VAL A 55 4.58 -8.81 -4.71
C VAL A 55 6.01 -8.93 -4.22
N SER A 56 6.45 -10.17 -4.06
CA SER A 56 7.83 -10.54 -3.73
C SER A 56 8.17 -10.45 -2.23
N SER A 57 9.41 -10.72 -1.90
CA SER A 57 9.89 -10.85 -0.53
C SER A 57 9.96 -9.47 0.20
N ASP A 58 10.39 -9.53 1.44
CA ASP A 58 10.45 -8.38 2.37
C ASP A 58 11.68 -7.50 2.15
N SER A 59 12.19 -7.47 0.94
CA SER A 59 13.39 -6.70 0.64
C SER A 59 13.10 -5.19 0.54
N GLY A 60 11.83 -4.82 0.56
CA GLY A 60 11.49 -3.44 0.46
C GLY A 60 10.22 -3.12 1.18
N LYS A 61 9.76 -1.91 1.01
CA LYS A 61 8.54 -1.46 1.63
C LYS A 61 7.79 -0.52 0.67
N VAL A 62 6.49 -0.55 0.72
CA VAL A 62 5.66 0.30 -0.13
C VAL A 62 4.97 1.33 0.72
N ASN A 63 5.14 2.59 0.39
CA ASN A 63 4.51 3.64 1.17
C ASN A 63 3.25 4.10 0.45
N GLY A 64 2.14 4.05 1.14
CA GLY A 64 0.90 4.43 0.53
C GLY A 64 -0.12 4.86 1.56
N LYS A 65 -1.34 4.44 1.37
CA LYS A 65 -2.44 4.81 2.24
C LYS A 65 -3.34 3.65 2.55
N VAL A 66 -3.77 3.59 3.78
CA VAL A 66 -4.71 2.60 4.21
C VAL A 66 -6.07 3.24 4.43
N ILE A 67 -7.08 2.61 3.93
CA ILE A 67 -8.43 3.07 4.11
C ILE A 67 -8.94 2.48 5.39
N THR A 68 -9.37 3.30 6.30
CA THR A 68 -9.81 2.80 7.58
C THR A 68 -11.33 2.79 7.66
N GLY A 69 -11.88 2.02 8.59
CA GLY A 69 -13.30 2.01 8.81
C GLY A 69 -14.08 1.38 7.67
N VAL A 70 -13.46 0.45 6.96
CA VAL A 70 -14.12 -0.18 5.83
C VAL A 70 -15.00 -1.32 6.34
N SER A 71 -16.26 -1.27 6.07
CA SER A 71 -17.16 -2.32 6.49
C SER A 71 -17.00 -3.53 5.55
N ASP A 72 -17.49 -4.70 5.94
CA ASP A 72 -17.33 -5.92 5.11
C ASP A 72 -18.00 -5.77 3.77
N ALA A 73 -19.09 -5.02 3.74
CA ALA A 73 -19.81 -4.76 2.50
C ALA A 73 -19.03 -3.78 1.63
N GLU A 74 -18.32 -2.88 2.29
CA GLU A 74 -17.52 -1.89 1.59
C GLU A 74 -16.23 -2.52 1.05
N LEU A 75 -15.57 -3.35 1.88
CA LEU A 75 -14.31 -4.02 1.50
C LEU A 75 -14.61 -4.94 0.34
N ASN A 76 -15.78 -5.55 0.41
CA ASN A 76 -16.26 -6.48 -0.59
C ASN A 76 -16.26 -5.87 -1.98
N ASN A 77 -16.47 -4.55 -2.06
CA ASN A 77 -16.58 -3.92 -3.35
C ASN A 77 -15.20 -3.81 -3.98
N PHE A 78 -14.16 -3.66 -3.13
CA PHE A 78 -12.77 -3.59 -3.60
C PHE A 78 -12.38 -4.92 -4.19
N ASP A 79 -12.90 -5.98 -3.60
CA ASP A 79 -12.64 -7.34 -4.07
C ASP A 79 -13.33 -7.57 -5.42
N VAL A 80 -14.48 -6.95 -5.59
CA VAL A 80 -15.27 -7.04 -6.83
C VAL A 80 -14.65 -6.21 -7.96
N ILE A 81 -13.88 -5.16 -7.59
CA ILE A 81 -13.19 -4.32 -8.58
C ILE A 81 -12.36 -5.19 -9.52
N GLU A 82 -12.38 -4.86 -10.81
CA GLU A 82 -11.71 -5.63 -11.84
C GLU A 82 -10.24 -5.84 -11.53
N GLY A 83 -9.93 -7.05 -11.23
CA GLY A 83 -8.62 -7.44 -10.89
C GLY A 83 -8.61 -8.89 -10.57
N ASN A 84 -9.07 -9.68 -11.52
CA ASN A 84 -9.16 -11.12 -11.34
C ASN A 84 -7.77 -11.73 -11.17
N ASP A 85 -6.75 -11.01 -11.58
CA ASP A 85 -5.38 -11.48 -11.48
C ASP A 85 -4.76 -11.06 -10.15
N TYR A 86 -5.54 -10.53 -9.24
CA TYR A 86 -5.01 -10.17 -7.95
C TYR A 86 -5.80 -10.90 -6.83
N GLU A 87 -5.21 -11.01 -5.66
CA GLU A 87 -5.88 -11.62 -4.52
C GLU A 87 -5.76 -10.71 -3.30
N ARG A 88 -6.80 -10.65 -2.50
CA ARG A 88 -6.82 -9.83 -1.30
C ARG A 88 -6.15 -10.59 -0.17
N VAL A 89 -5.10 -10.00 0.37
CA VAL A 89 -4.32 -10.64 1.44
C VAL A 89 -4.12 -9.69 2.59
N THR A 90 -3.81 -10.25 3.74
CA THR A 90 -3.57 -9.49 4.90
C THR A 90 -2.04 -9.24 5.05
N VAL A 91 -1.69 -8.00 5.20
CA VAL A 91 -0.31 -7.57 5.34
C VAL A 91 -0.22 -6.67 6.54
N GLU A 92 0.95 -6.35 6.99
CA GLU A 92 1.05 -5.53 8.17
C GLU A 92 1.87 -4.29 7.83
N VAL A 93 1.33 -3.13 8.13
CA VAL A 93 1.93 -1.89 7.73
C VAL A 93 2.14 -0.99 8.93
N VAL A 94 2.86 0.07 8.73
CA VAL A 94 3.09 1.06 9.76
C VAL A 94 2.24 2.28 9.49
N ARG A 95 1.50 2.70 10.50
CA ARG A 95 0.53 3.82 10.50
C ARG A 95 1.21 5.22 10.26
N MET A 96 2.52 5.19 10.01
CA MET A 96 3.39 6.35 9.69
C MET A 96 3.38 7.43 10.78
N ASP A 97 2.28 8.16 10.87
CA ASP A 97 2.13 9.33 11.76
C ASP A 97 2.35 9.00 13.25
N ASN A 98 2.04 7.78 13.63
CA ASN A 98 2.21 7.37 15.03
C ASN A 98 3.34 6.38 15.16
N SER A 99 3.90 5.97 14.01
CA SER A 99 4.97 4.96 13.94
C SER A 99 4.51 3.56 14.45
N GLU A 100 3.23 3.45 14.80
CA GLU A 100 2.68 2.20 15.27
C GLU A 100 2.41 1.31 14.08
N LYS A 101 2.29 0.07 14.33
CA LYS A 101 2.09 -0.90 13.31
C LYS A 101 0.66 -1.36 13.34
N VAL A 102 0.11 -1.67 12.20
CA VAL A 102 -1.26 -2.09 12.10
C VAL A 102 -1.42 -3.13 10.98
N LYS A 103 -2.20 -4.13 11.23
CA LYS A 103 -2.44 -5.19 10.28
C LYS A 103 -3.60 -4.78 9.37
N VAL A 104 -3.40 -4.87 8.07
CA VAL A 104 -4.40 -4.40 7.09
C VAL A 104 -4.53 -5.39 5.91
N GLU A 105 -5.48 -5.14 5.04
CA GLU A 105 -5.68 -5.95 3.84
C GLU A 105 -5.07 -5.18 2.66
N THR A 106 -4.65 -5.87 1.64
CA THR A 106 -4.05 -5.21 0.48
C THR A 106 -4.27 -6.03 -0.80
N TYR A 107 -3.81 -5.48 -1.91
CA TYR A 107 -3.95 -6.08 -3.22
C TYR A 107 -2.61 -6.65 -3.66
N VAL A 108 -2.54 -7.95 -3.86
CA VAL A 108 -1.34 -8.56 -4.40
C VAL A 108 -1.68 -9.28 -5.69
N TRP A 109 -0.72 -9.47 -6.52
CA TRP A 109 -0.92 -9.98 -7.86
C TRP A 109 -0.63 -11.49 -7.92
N VAL A 110 -1.64 -12.29 -8.30
CA VAL A 110 -1.52 -13.74 -8.34
C VAL A 110 -0.65 -14.22 -9.52
N ASN A 111 -0.55 -13.40 -10.55
CA ASN A 111 0.15 -13.75 -11.81
C ASN A 111 1.68 -13.56 -11.65
N LYS A 112 2.11 -13.42 -10.42
CA LYS A 112 3.49 -13.21 -10.03
C LYS A 112 4.43 -14.38 -10.37
N ASP A 113 3.87 -15.56 -10.65
CA ASP A 113 4.70 -16.78 -10.85
C ASP A 113 5.60 -16.66 -12.06
N ASP A 114 5.05 -16.17 -13.13
CA ASP A 114 5.82 -15.96 -14.35
C ASP A 114 6.51 -14.60 -14.26
N PRO A 115 7.80 -14.50 -14.69
CA PRO A 115 8.62 -13.26 -14.57
C PRO A 115 7.86 -11.97 -14.88
N ARG A 116 7.75 -11.12 -13.89
CA ARG A 116 7.06 -9.86 -14.03
C ARG A 116 8.07 -8.73 -14.08
N MET A 117 7.61 -7.58 -14.51
CA MET A 117 8.42 -6.36 -14.57
C MET A 117 8.94 -6.05 -13.18
N TYR A 118 10.25 -5.80 -13.05
CA TYR A 118 10.88 -5.48 -11.74
C TYR A 118 10.26 -4.22 -11.10
N GLY A 119 9.69 -3.39 -11.94
CA GLY A 119 9.02 -2.21 -11.49
C GLY A 119 9.97 -1.06 -11.31
N GLU A 120 9.89 -0.11 -12.20
CA GLU A 120 10.70 1.07 -12.09
C GLU A 120 9.88 2.19 -11.47
N TRP A 121 10.44 2.84 -10.50
CA TRP A 121 9.80 3.95 -9.85
C TRP A 121 10.92 4.91 -9.53
N ASP A 122 10.62 6.18 -9.38
CA ASP A 122 11.70 7.15 -9.23
C ASP A 122 12.22 7.22 -7.81
N PHE A 123 13.51 6.96 -7.69
CA PHE A 123 14.22 7.00 -6.43
C PHE A 123 14.33 8.42 -5.89
N GLU A 124 14.30 9.40 -6.79
CA GLU A 124 14.36 10.77 -6.41
C GLU A 124 13.01 11.20 -5.82
N GLU A 125 11.98 10.46 -6.14
CA GLU A 125 10.67 10.66 -5.56
C GLU A 125 10.70 10.09 -4.14
N TRP A 126 11.36 8.93 -3.99
CA TRP A 126 11.48 8.23 -2.70
C TRP A 126 12.12 9.14 -1.64
N ARG A 127 13.08 9.96 -2.05
CA ARG A 127 13.77 10.82 -1.12
C ARG A 127 12.85 11.86 -0.46
N VAL A 128 11.83 12.36 -1.17
CA VAL A 128 10.93 13.33 -0.56
C VAL A 128 9.96 12.62 0.36
N VAL A 129 9.71 11.34 0.08
CA VAL A 129 8.78 10.56 0.87
C VAL A 129 9.34 10.36 2.27
N HIS A 130 10.62 10.01 2.35
CA HIS A 130 11.22 9.86 3.67
C HIS A 130 11.49 11.22 4.30
N ALA A 131 11.72 12.21 3.47
CA ALA A 131 11.97 13.56 3.95
C ALA A 131 10.78 14.12 4.70
N GLU A 132 9.60 14.11 4.04
CA GLU A 132 8.36 14.63 4.64
C GLU A 132 7.99 13.86 5.91
N LYS A 133 8.43 12.61 5.97
CA LYS A 133 8.17 11.73 7.10
C LYS A 133 9.10 12.15 8.25
N PHE A 134 10.40 12.11 8.01
CA PHE A 134 11.37 12.41 9.04
C PHE A 134 11.40 13.85 9.46
N VAL A 135 11.12 14.79 8.55
CA VAL A 135 11.12 16.21 8.90
C VAL A 135 10.12 16.48 10.04
N GLU A 136 8.98 15.80 10.00
CA GLU A 136 7.98 15.88 11.05
C GLU A 136 8.55 15.29 12.32
N THR A 137 9.17 14.14 12.20
CA THR A 137 9.79 13.46 13.32
C THR A 137 10.84 14.38 14.00
N PHE A 138 11.70 15.01 13.20
CA PHE A 138 12.68 15.94 13.74
C PHE A 138 12.00 17.08 14.47
N ARG A 139 11.01 17.70 13.83
CA ARG A 139 10.27 18.82 14.44
C ARG A 139 9.65 18.40 15.77
N LYS A 140 9.02 17.23 15.79
CA LYS A 140 8.41 16.69 17.02
C LYS A 140 9.48 16.49 18.11
N MET A 141 10.54 15.79 17.79
CA MET A 141 11.62 15.54 18.75
C MET A 141 12.31 16.82 19.21
N LEU A 142 12.37 17.82 18.34
CA LEU A 142 12.97 19.11 18.69
C LEU A 142 12.10 19.91 19.64
N GLU A 143 10.80 19.94 19.40
CA GLU A 143 9.92 20.68 20.31
C GLU A 143 9.84 19.97 21.64
N TRP A 144 9.87 18.64 21.62
CA TRP A 144 9.96 17.84 22.83
C TRP A 144 11.30 18.10 23.55
N ASN A 145 12.31 18.44 22.79
CA ASN A 145 13.63 18.73 23.36
C ASN A 145 13.66 20.12 23.97
N LYS A 146 13.12 21.08 23.25
CA LYS A 146 13.13 22.48 23.67
C LYS A 146 12.07 22.81 24.73
N ASN A 147 10.95 22.13 24.69
CA ASN A 147 9.85 22.42 25.61
C ASN A 147 9.88 21.54 26.84
N PRO A 148 9.51 22.09 28.02
CA PRO A 148 9.45 21.32 29.30
C PRO A 148 8.37 20.22 29.25
N ASN A 149 7.48 20.32 28.29
CA ASN A 149 6.43 19.32 28.04
C ASN A 149 7.06 18.12 27.37
N GLY A 150 8.27 18.32 26.92
CA GLY A 150 8.99 17.31 26.27
C GLY A 150 9.41 16.22 27.22
N LYS A 151 8.82 15.09 27.02
CA LYS A 151 9.13 13.90 27.78
C LYS A 151 10.55 13.43 27.44
N SER A 152 11.26 12.99 28.45
CA SER A 152 12.63 12.56 28.30
C SER A 152 12.73 11.27 27.47
N MET A 153 13.90 11.04 26.89
CA MET A 153 14.14 9.91 26.00
C MET A 153 13.94 8.56 26.69
N GLU A 154 14.44 8.43 27.90
CA GLU A 154 14.32 7.19 28.67
C GLU A 154 12.89 6.99 29.16
N GLU A 155 12.19 8.08 29.30
CA GLU A 155 10.80 8.07 29.73
C GLU A 155 9.89 7.62 28.61
N ALA A 156 10.26 7.99 27.39
CA ALA A 156 9.51 7.64 26.20
C ALA A 156 9.66 6.17 25.85
N VAL A 157 10.80 5.61 26.19
CA VAL A 157 11.04 4.22 25.90
C VAL A 157 10.61 3.35 27.07
N GLY A 158 10.11 2.19 26.75
CA GLY A 158 9.70 1.26 27.77
C GLY A 158 10.56 0.03 27.76
N SER A 159 11.44 -0.04 26.77
CA SER A 159 12.34 -1.13 26.65
C SER A 159 13.76 -0.64 26.87
N LEU A 160 14.33 -1.00 27.99
CA LEU A 160 15.68 -0.64 28.31
C LEU A 160 16.53 -1.87 28.08
N LEU A 161 17.78 -1.68 27.73
CA LEU A 161 18.65 -2.81 27.47
C LEU A 161 19.30 -3.25 28.76
N SER A 162 19.06 -4.49 29.15
CA SER A 162 19.67 -5.04 30.32
C SER A 162 21.14 -5.33 30.04
N SER A 163 21.98 -4.43 30.44
CA SER A 163 23.38 -4.52 30.24
C SER A 163 24.09 -3.89 31.42
N GLY A 164 25.05 -4.60 31.95
CA GLY A 164 25.71 -4.19 33.15
C GLY A 164 25.32 -5.14 34.25
N ASP A 165 24.19 -4.88 34.87
CA ASP A 165 23.61 -5.74 35.88
C ASP A 165 22.24 -5.22 36.27
N SER A 1 -20.09 14.39 8.06
CA SER A 1 -19.97 13.70 9.32
C SER A 1 -19.45 12.29 9.08
N THR A 2 -18.44 11.92 9.83
CA THR A 2 -17.84 10.63 9.67
C THR A 2 -18.64 9.57 10.45
N SER A 3 -18.93 8.48 9.82
CA SER A 3 -19.69 7.42 10.43
C SER A 3 -19.12 6.08 10.02
N SER A 4 -18.56 5.38 10.96
CA SER A 4 -17.93 4.13 10.69
C SER A 4 -18.10 3.20 11.89
N ASP A 5 -18.20 1.93 11.63
CA ASP A 5 -18.33 0.93 12.67
C ASP A 5 -16.95 0.51 13.15
N PRO A 6 -16.80 0.11 14.44
CA PRO A 6 -15.52 -0.39 14.97
C PRO A 6 -15.06 -1.58 14.15
N GLN A 7 -16.03 -2.39 13.75
CA GLN A 7 -15.84 -3.50 12.86
C GLN A 7 -15.60 -2.93 11.48
N SER A 8 -14.37 -2.74 11.15
CA SER A 8 -14.04 -2.10 9.92
C SER A 8 -12.90 -2.78 9.19
N HIS A 9 -12.82 -2.52 7.94
CA HIS A 9 -11.79 -3.01 7.09
C HIS A 9 -10.89 -1.90 6.69
N ASN A 10 -9.64 -2.23 6.52
CA ASN A 10 -8.61 -1.27 6.17
C ASN A 10 -7.82 -1.86 5.03
N VAL A 11 -7.76 -1.16 3.94
CA VAL A 11 -7.11 -1.69 2.75
C VAL A 11 -5.95 -0.81 2.31
N PHE A 12 -4.78 -1.39 2.18
CA PHE A 12 -3.63 -0.68 1.67
C PHE A 12 -3.72 -0.63 0.16
N VAL A 13 -3.91 0.54 -0.37
CA VAL A 13 -4.05 0.72 -1.79
C VAL A 13 -2.97 1.66 -2.30
N TYR A 14 -2.58 1.50 -3.55
CA TYR A 14 -1.59 2.38 -4.13
C TYR A 14 -2.05 2.91 -5.50
N GLY A 15 -2.96 2.21 -6.15
CA GLY A 15 -3.43 2.64 -7.44
C GLY A 15 -4.88 3.03 -7.42
N SER A 16 -5.12 4.34 -7.56
CA SER A 16 -6.45 4.94 -7.55
C SER A 16 -7.08 4.86 -6.13
N ILE A 17 -8.34 5.34 -6.01
CA ILE A 17 -9.17 5.39 -4.75
C ILE A 17 -8.41 5.95 -3.51
N LEU A 18 -7.31 6.66 -3.74
CA LEU A 18 -6.50 7.22 -2.67
C LEU A 18 -6.92 8.64 -2.36
N GLU A 19 -7.89 9.11 -3.10
CA GLU A 19 -8.50 10.38 -2.87
C GLU A 19 -9.84 10.19 -2.20
N PRO A 20 -10.12 10.95 -1.11
CA PRO A 20 -11.38 10.87 -0.36
C PRO A 20 -12.63 10.78 -1.23
N ALA A 21 -12.70 11.60 -2.28
CA ALA A 21 -13.83 11.62 -3.19
C ALA A 21 -13.94 10.32 -3.97
N VAL A 22 -12.81 9.78 -4.35
CA VAL A 22 -12.78 8.56 -5.14
C VAL A 22 -13.10 7.36 -4.24
N ALA A 23 -12.57 7.37 -3.04
CA ALA A 23 -12.89 6.33 -2.06
C ALA A 23 -14.36 6.45 -1.66
N ALA A 24 -14.90 7.65 -1.80
CA ALA A 24 -16.29 7.90 -1.53
C ALA A 24 -17.18 7.41 -2.65
N VAL A 25 -16.69 7.42 -3.89
CA VAL A 25 -17.52 6.92 -5.00
C VAL A 25 -17.55 5.39 -5.03
N ILE A 26 -16.48 4.76 -4.58
CA ILE A 26 -16.44 3.31 -4.53
C ILE A 26 -17.28 2.75 -3.40
N LEU A 27 -17.21 3.37 -2.27
CA LEU A 27 -17.89 2.87 -1.11
C LEU A 27 -19.26 3.50 -0.93
N ASP A 28 -19.45 4.67 -1.52
CA ASP A 28 -20.67 5.48 -1.35
C ASP A 28 -20.70 6.09 0.04
N ARG A 29 -19.53 6.09 0.66
CA ARG A 29 -19.29 6.64 1.97
C ARG A 29 -17.94 7.29 1.90
N THR A 30 -17.73 8.36 2.62
CA THR A 30 -16.45 9.00 2.60
C THR A 30 -15.48 8.18 3.45
N ALA A 31 -14.52 7.57 2.79
CA ALA A 31 -13.54 6.78 3.46
C ALA A 31 -12.32 7.60 3.72
N ASP A 32 -11.69 7.32 4.81
CA ASP A 32 -10.51 8.04 5.18
C ASP A 32 -9.26 7.29 4.88
N THR A 33 -8.45 7.85 4.04
CA THR A 33 -7.16 7.29 3.75
C THR A 33 -6.13 7.95 4.61
N VAL A 34 -5.18 7.20 5.05
CA VAL A 34 -4.07 7.72 5.80
C VAL A 34 -2.79 7.11 5.28
N PRO A 35 -1.75 7.92 5.12
CA PRO A 35 -0.46 7.45 4.62
C PRO A 35 0.15 6.36 5.50
N ALA A 36 0.50 5.28 4.89
CA ALA A 36 1.07 4.16 5.57
C ALA A 36 1.99 3.44 4.64
N VAL A 37 2.96 2.77 5.18
CA VAL A 37 3.89 2.05 4.35
C VAL A 37 3.85 0.56 4.62
N LEU A 38 3.73 -0.18 3.57
CA LEU A 38 3.75 -1.60 3.64
C LEU A 38 5.17 -2.08 3.56
N HIS A 39 5.65 -2.51 4.64
CA HIS A 39 6.98 -3.01 4.78
C HIS A 39 7.00 -4.51 4.57
N GLY A 40 7.86 -4.97 3.69
CA GLY A 40 7.95 -6.40 3.44
C GLY A 40 7.44 -6.76 2.07
N TYR A 41 6.88 -5.80 1.39
CA TYR A 41 6.41 -5.97 0.05
C TYR A 41 7.16 -5.09 -0.90
N HIS A 42 7.38 -5.58 -2.08
CA HIS A 42 8.14 -4.87 -3.07
C HIS A 42 7.24 -4.53 -4.23
N ARG A 43 7.32 -3.31 -4.72
CA ARG A 43 6.59 -2.93 -5.92
C ARG A 43 7.42 -3.26 -7.10
N TYR A 44 6.95 -4.18 -7.86
CA TYR A 44 7.64 -4.54 -9.05
C TYR A 44 7.29 -3.57 -10.13
N LYS A 45 8.27 -3.16 -10.87
CA LYS A 45 8.08 -2.20 -11.89
C LYS A 45 7.87 -2.94 -13.19
N LEU A 46 6.68 -2.87 -13.66
CA LEU A 46 6.27 -3.49 -14.90
C LEU A 46 5.68 -2.53 -15.83
N LYS A 47 5.66 -2.95 -17.03
CA LYS A 47 5.35 -2.13 -18.12
C LYS A 47 3.89 -2.32 -18.54
N GLY A 48 3.32 -3.46 -18.21
CA GLY A 48 1.97 -3.77 -18.61
C GLY A 48 0.93 -3.07 -17.76
N LEU A 49 1.30 -2.75 -16.54
CA LEU A 49 0.37 -2.11 -15.62
C LEU A 49 0.97 -0.77 -15.15
N PRO A 50 0.11 0.25 -14.90
CA PRO A 50 0.59 1.56 -14.39
C PRO A 50 0.84 1.52 -12.89
N TYR A 51 0.02 0.77 -12.20
CA TYR A 51 0.07 0.62 -10.77
C TYR A 51 0.22 -0.89 -10.48
N PRO A 52 0.35 -1.39 -9.18
CA PRO A 52 0.83 -2.71 -8.88
C PRO A 52 1.95 -3.36 -9.81
N CYS A 53 2.53 -4.49 -9.39
CA CYS A 53 2.08 -5.27 -8.28
C CYS A 53 3.14 -5.47 -7.22
N ILE A 54 2.70 -6.07 -6.10
CA ILE A 54 3.57 -6.36 -5.01
C ILE A 54 3.39 -7.79 -4.58
N VAL A 55 4.45 -8.34 -4.08
CA VAL A 55 4.49 -9.63 -3.42
C VAL A 55 5.57 -9.53 -2.36
N SER A 56 5.61 -10.45 -1.43
CA SER A 56 6.47 -10.30 -0.29
C SER A 56 7.93 -10.67 -0.56
N SER A 57 8.77 -9.71 -0.31
CA SER A 57 10.20 -9.83 -0.31
C SER A 57 10.72 -8.87 0.75
N ASP A 58 11.42 -9.41 1.72
CA ASP A 58 11.74 -8.73 2.99
C ASP A 58 12.60 -7.48 2.92
N SER A 59 13.22 -7.19 1.80
CA SER A 59 14.03 -5.99 1.72
C SER A 59 13.26 -4.84 1.06
N GLY A 60 12.02 -5.07 0.71
CA GLY A 60 11.24 -4.07 0.02
C GLY A 60 10.19 -3.40 0.89
N LYS A 61 9.78 -2.22 0.45
CA LYS A 61 8.72 -1.46 1.08
C LYS A 61 7.86 -0.79 0.01
N VAL A 62 6.59 -0.66 0.31
CA VAL A 62 5.63 0.00 -0.57
C VAL A 62 4.98 1.12 0.23
N ASN A 63 5.07 2.33 -0.23
CA ASN A 63 4.57 3.46 0.54
C ASN A 63 3.36 4.08 -0.12
N GLY A 64 2.22 4.02 0.56
CA GLY A 64 0.98 4.53 0.01
C GLY A 64 0.03 4.98 1.10
N LYS A 65 -1.21 4.55 1.01
CA LYS A 65 -2.22 4.91 2.00
C LYS A 65 -3.10 3.74 2.27
N VAL A 66 -3.68 3.71 3.43
CA VAL A 66 -4.65 2.71 3.74
C VAL A 66 -6.02 3.33 3.83
N ILE A 67 -6.97 2.71 3.20
CA ILE A 67 -8.34 3.16 3.22
C ILE A 67 -8.98 2.54 4.43
N THR A 68 -9.31 3.36 5.39
CA THR A 68 -9.83 2.86 6.63
C THR A 68 -11.32 3.11 6.78
N GLY A 69 -11.96 2.36 7.67
CA GLY A 69 -13.36 2.55 7.97
C GLY A 69 -14.29 1.91 6.95
N VAL A 70 -13.82 0.90 6.27
CA VAL A 70 -14.61 0.25 5.24
C VAL A 70 -15.47 -0.87 5.86
N SER A 71 -16.77 -0.86 5.61
CA SER A 71 -17.63 -1.92 6.13
C SER A 71 -17.47 -3.16 5.24
N ASP A 72 -17.84 -4.34 5.73
CA ASP A 72 -17.64 -5.60 4.96
C ASP A 72 -18.35 -5.56 3.61
N ALA A 73 -19.52 -4.95 3.60
CA ALA A 73 -20.33 -4.85 2.38
C ALA A 73 -19.68 -3.91 1.38
N GLU A 74 -19.08 -2.87 1.88
CA GLU A 74 -18.43 -1.87 1.06
C GLU A 74 -17.09 -2.40 0.56
N LEU A 75 -16.46 -3.22 1.40
CA LEU A 75 -15.18 -3.86 1.10
C LEU A 75 -15.32 -4.74 -0.14
N ASN A 76 -16.51 -5.30 -0.32
CA ASN A 76 -16.83 -6.13 -1.48
C ASN A 76 -16.60 -5.39 -2.79
N ASN A 77 -16.73 -4.07 -2.80
CA ASN A 77 -16.53 -3.34 -4.04
C ASN A 77 -15.03 -3.25 -4.33
N PHE A 78 -14.20 -3.20 -3.28
CA PHE A 78 -12.74 -3.22 -3.46
C PHE A 78 -12.32 -4.60 -3.91
N ASP A 79 -13.09 -5.58 -3.51
CA ASP A 79 -12.86 -6.98 -3.85
C ASP A 79 -13.05 -7.24 -5.34
N VAL A 80 -14.11 -6.67 -5.90
CA VAL A 80 -14.44 -6.87 -7.31
C VAL A 80 -13.49 -6.07 -8.26
N ILE A 81 -12.99 -4.92 -7.81
CA ILE A 81 -12.17 -4.06 -8.67
C ILE A 81 -10.69 -4.50 -8.72
N GLU A 82 -10.29 -4.99 -9.92
CA GLU A 82 -8.90 -5.41 -10.20
C GLU A 82 -8.44 -6.52 -9.20
N GLY A 83 -9.37 -7.38 -8.83
CA GLY A 83 -9.05 -8.46 -7.92
C GLY A 83 -9.22 -9.81 -8.59
N ASN A 84 -9.10 -9.82 -9.89
CA ASN A 84 -9.30 -11.02 -10.69
C ASN A 84 -8.05 -11.88 -10.74
N ASP A 85 -6.89 -11.23 -10.78
CA ASP A 85 -5.60 -11.92 -10.84
C ASP A 85 -4.81 -11.59 -9.62
N TYR A 86 -5.51 -11.12 -8.63
CA TYR A 86 -4.92 -10.77 -7.38
C TYR A 86 -5.72 -11.42 -6.27
N GLU A 87 -5.13 -11.52 -5.11
CA GLU A 87 -5.80 -12.03 -3.94
C GLU A 87 -5.60 -11.06 -2.78
N ARG A 88 -6.58 -10.96 -1.92
CA ARG A 88 -6.50 -10.04 -0.83
C ARG A 88 -5.94 -10.70 0.41
N VAL A 89 -4.75 -10.34 0.74
CA VAL A 89 -4.08 -10.87 1.90
C VAL A 89 -3.93 -9.81 2.95
N THR A 90 -3.73 -10.24 4.16
CA THR A 90 -3.48 -9.33 5.23
C THR A 90 -1.97 -9.13 5.36
N VAL A 91 -1.58 -7.90 5.48
CA VAL A 91 -0.21 -7.49 5.53
C VAL A 91 -0.05 -6.50 6.67
N GLU A 92 1.15 -6.17 7.02
CA GLU A 92 1.33 -5.22 8.08
C GLU A 92 1.97 -3.97 7.55
N VAL A 93 1.39 -2.86 7.87
CA VAL A 93 1.88 -1.62 7.39
C VAL A 93 2.11 -0.70 8.55
N VAL A 94 2.86 0.32 8.32
CA VAL A 94 3.08 1.30 9.33
C VAL A 94 2.23 2.49 9.04
N ARG A 95 1.29 2.72 9.92
CA ARG A 95 0.41 3.85 9.91
C ARG A 95 1.31 5.04 10.24
N MET A 96 1.85 5.62 9.20
CA MET A 96 3.01 6.52 9.24
C MET A 96 2.83 7.70 10.17
N ASP A 97 1.69 8.36 10.11
CA ASP A 97 1.49 9.59 10.89
C ASP A 97 1.50 9.31 12.40
N ASN A 98 1.12 8.10 12.77
CA ASN A 98 1.14 7.67 14.18
C ASN A 98 2.36 6.80 14.45
N SER A 99 3.06 6.43 13.38
CA SER A 99 4.27 5.61 13.43
C SER A 99 3.99 4.16 13.98
N GLU A 100 2.72 3.78 14.02
CA GLU A 100 2.31 2.48 14.57
C GLU A 100 2.17 1.45 13.47
N LYS A 101 2.17 0.23 13.83
CA LYS A 101 2.13 -0.84 12.85
C LYS A 101 0.76 -1.51 12.91
N VAL A 102 0.10 -1.65 11.78
CA VAL A 102 -1.24 -2.23 11.73
C VAL A 102 -1.39 -3.22 10.58
N LYS A 103 -2.22 -4.21 10.79
CA LYS A 103 -2.53 -5.22 9.80
C LYS A 103 -3.72 -4.83 8.98
N VAL A 104 -3.49 -4.68 7.73
CA VAL A 104 -4.52 -4.28 6.79
C VAL A 104 -4.56 -5.26 5.65
N GLU A 105 -5.54 -5.16 4.81
CA GLU A 105 -5.64 -6.04 3.68
C GLU A 105 -5.17 -5.34 2.44
N THR A 106 -4.64 -6.09 1.51
CA THR A 106 -4.18 -5.54 0.26
C THR A 106 -4.18 -6.64 -0.79
N TYR A 107 -3.91 -6.28 -2.01
CA TYR A 107 -3.95 -7.23 -3.11
C TYR A 107 -2.57 -7.53 -3.64
N VAL A 108 -2.24 -8.79 -3.62
CA VAL A 108 -0.95 -9.23 -4.08
C VAL A 108 -1.11 -9.98 -5.38
N TRP A 109 -0.03 -10.08 -6.11
CA TRP A 109 -0.05 -10.65 -7.42
C TRP A 109 -0.06 -12.16 -7.38
N VAL A 110 -1.16 -12.69 -7.81
CA VAL A 110 -1.44 -14.11 -7.85
C VAL A 110 -0.64 -14.84 -8.93
N ASN A 111 -0.38 -14.15 -10.02
CA ASN A 111 0.31 -14.72 -11.16
C ASN A 111 1.84 -14.57 -11.05
N LYS A 112 2.30 -14.24 -9.83
CA LYS A 112 3.69 -14.01 -9.50
C LYS A 112 4.58 -15.12 -9.99
N ASP A 113 4.10 -16.34 -9.94
CA ASP A 113 4.95 -17.48 -10.21
C ASP A 113 5.29 -17.70 -11.66
N ASP A 114 6.13 -16.82 -12.11
CA ASP A 114 6.81 -16.83 -13.36
C ASP A 114 8.27 -16.61 -13.00
N PRO A 115 9.22 -17.27 -13.68
CA PRO A 115 10.67 -17.17 -13.36
C PRO A 115 11.22 -15.74 -13.36
N ARG A 116 10.62 -14.84 -14.11
CA ARG A 116 11.15 -13.51 -14.17
C ARG A 116 10.16 -12.50 -13.62
N MET A 117 10.54 -11.90 -12.50
CA MET A 117 9.79 -10.81 -11.87
C MET A 117 10.66 -10.05 -10.91
N TYR A 118 11.13 -8.94 -11.35
CA TYR A 118 11.87 -8.03 -10.50
C TYR A 118 11.60 -6.65 -11.01
N GLY A 119 11.70 -6.52 -12.30
CA GLY A 119 11.42 -5.31 -12.96
C GLY A 119 12.59 -4.42 -13.00
N GLU A 120 12.41 -3.24 -12.54
CA GLU A 120 13.43 -2.24 -12.54
C GLU A 120 13.27 -1.39 -11.32
N TRP A 121 14.34 -1.00 -10.70
CA TRP A 121 14.22 0.01 -9.72
C TRP A 121 14.21 1.34 -10.37
N ASP A 122 13.03 1.87 -10.51
CA ASP A 122 12.81 3.13 -11.15
C ASP A 122 13.11 4.20 -10.16
N PHE A 123 13.59 5.32 -10.63
CA PHE A 123 13.92 6.43 -9.77
C PHE A 123 12.73 6.82 -8.90
N GLU A 124 11.52 6.78 -9.43
CA GLU A 124 10.37 7.17 -8.67
C GLU A 124 10.02 6.10 -7.62
N GLU A 125 10.20 4.83 -7.99
CA GLU A 125 9.99 3.72 -7.06
C GLU A 125 10.94 3.80 -5.87
N TRP A 126 12.12 4.36 -6.11
CA TRP A 126 13.10 4.53 -5.06
C TRP A 126 12.84 5.86 -4.32
N ARG A 127 12.44 6.85 -5.09
CA ARG A 127 12.12 8.21 -4.61
C ARG A 127 11.15 8.18 -3.44
N VAL A 128 10.08 7.41 -3.58
CA VAL A 128 9.07 7.35 -2.53
C VAL A 128 9.62 6.80 -1.21
N VAL A 129 10.58 5.88 -1.31
CA VAL A 129 11.19 5.26 -0.13
C VAL A 129 12.24 6.20 0.46
N HIS A 130 12.95 6.89 -0.42
CA HIS A 130 13.96 7.85 -0.02
C HIS A 130 13.31 9.03 0.67
N ALA A 131 12.13 9.38 0.21
CA ALA A 131 11.36 10.45 0.81
C ALA A 131 10.93 10.06 2.22
N GLU A 132 10.65 8.76 2.43
CA GLU A 132 10.25 8.26 3.76
C GLU A 132 11.34 8.52 4.77
N LYS A 133 12.58 8.35 4.32
CA LYS A 133 13.74 8.59 5.15
C LYS A 133 13.71 10.03 5.65
N PHE A 134 13.42 10.94 4.72
CA PHE A 134 13.28 12.35 5.07
C PHE A 134 12.13 12.56 6.03
N VAL A 135 11.00 11.93 5.74
CA VAL A 135 9.81 12.02 6.59
C VAL A 135 10.15 11.63 8.02
N GLU A 136 10.81 10.49 8.18
CA GLU A 136 11.22 10.02 9.51
C GLU A 136 12.15 11.02 10.17
N THR A 137 13.05 11.58 9.37
CA THR A 137 13.98 12.60 9.86
C THR A 137 13.21 13.80 10.40
N PHE A 138 12.22 14.26 9.64
CA PHE A 138 11.41 15.37 10.06
C PHE A 138 10.62 15.03 11.30
N ARG A 139 10.04 13.82 11.34
CA ARG A 139 9.28 13.39 12.50
C ARG A 139 10.14 13.45 13.74
N LYS A 140 11.34 12.87 13.66
CA LYS A 140 12.24 12.84 14.79
C LYS A 140 12.66 14.24 15.22
N MET A 141 12.99 15.08 14.26
CA MET A 141 13.37 16.46 14.58
C MET A 141 12.21 17.22 15.20
N LEU A 142 11.00 16.92 14.76
CA LEU A 142 9.83 17.47 15.41
C LEU A 142 9.59 16.85 16.76
N GLU A 143 9.94 15.58 16.94
CA GLU A 143 9.84 14.91 18.24
C GLU A 143 10.69 15.65 19.26
N TRP A 144 11.81 16.17 18.80
CA TRP A 144 12.65 17.03 19.63
C TRP A 144 12.01 18.40 19.85
N ASN A 145 11.50 18.99 18.79
CA ASN A 145 10.99 20.35 18.85
C ASN A 145 9.63 20.45 19.59
N LYS A 146 8.76 19.45 19.44
CA LYS A 146 7.47 19.47 20.13
C LYS A 146 7.57 18.93 21.55
N ASN A 147 8.74 18.42 21.89
CA ASN A 147 9.02 17.94 23.23
C ASN A 147 9.20 19.14 24.15
N PRO A 148 8.76 19.04 25.42
CA PRO A 148 8.92 20.11 26.44
C PRO A 148 10.31 20.79 26.46
N ASN A 149 11.36 20.04 26.13
CA ASN A 149 12.72 20.60 26.14
C ASN A 149 12.91 21.57 24.97
N GLY A 150 12.06 21.43 23.96
CA GLY A 150 12.01 22.32 22.82
C GLY A 150 13.30 22.45 22.06
N LYS A 151 13.98 21.35 21.84
CA LYS A 151 15.20 21.39 21.08
C LYS A 151 14.88 21.42 19.60
N SER A 152 15.32 22.44 18.94
CA SER A 152 15.05 22.62 17.53
C SER A 152 16.22 22.06 16.71
N MET A 153 16.07 22.01 15.39
CA MET A 153 17.12 21.45 14.54
C MET A 153 18.39 22.29 14.56
N GLU A 154 18.26 23.61 14.65
CA GLU A 154 19.43 24.47 14.72
C GLU A 154 20.16 24.24 16.04
N GLU A 155 19.40 23.85 17.03
CA GLU A 155 19.89 23.60 18.36
C GLU A 155 20.63 22.27 18.42
N ALA A 156 20.04 21.27 17.82
CA ALA A 156 20.58 19.92 17.82
C ALA A 156 21.84 19.81 16.97
N VAL A 157 21.93 20.64 15.94
CA VAL A 157 23.06 20.55 15.03
C VAL A 157 23.56 21.92 14.57
N GLY A 158 22.69 22.72 14.02
CA GLY A 158 23.07 24.02 13.56
C GLY A 158 22.08 24.55 12.57
N SER A 159 21.99 25.85 12.46
CA SER A 159 21.09 26.48 11.53
C SER A 159 21.56 26.24 10.09
N LEU A 160 20.75 25.53 9.32
CA LEU A 160 21.11 25.15 7.97
C LEU A 160 21.03 26.39 7.08
N LEU A 161 19.90 27.06 7.10
CA LEU A 161 19.71 28.26 6.29
C LEU A 161 20.29 29.48 6.99
N SER A 162 20.25 29.47 8.32
CA SER A 162 20.69 30.57 9.18
C SER A 162 19.66 31.71 9.11
N SER A 163 19.59 32.36 7.94
CA SER A 163 18.65 33.41 7.63
C SER A 163 18.60 34.57 8.64
N GLY A 164 19.44 35.54 8.41
CA GLY A 164 19.44 36.72 9.23
C GLY A 164 18.86 37.87 8.45
N ASP A 165 19.66 38.43 7.57
CA ASP A 165 19.24 39.49 6.67
C ASP A 165 20.17 39.52 5.48
N SER A 1 -18.28 -13.35 23.14
CA SER A 1 -17.87 -14.44 22.30
C SER A 1 -16.40 -14.28 21.95
N THR A 2 -15.72 -15.37 21.71
CA THR A 2 -14.34 -15.30 21.33
C THR A 2 -14.25 -14.84 19.87
N SER A 3 -13.34 -13.94 19.61
CA SER A 3 -13.20 -13.36 18.31
C SER A 3 -11.78 -12.92 18.10
N SER A 4 -11.39 -12.75 16.87
CA SER A 4 -10.06 -12.28 16.56
C SER A 4 -10.09 -10.76 16.38
N ASP A 5 -11.29 -10.25 16.06
CA ASP A 5 -11.57 -8.82 15.83
C ASP A 5 -10.73 -8.21 14.74
N PRO A 6 -11.28 -8.09 13.52
CA PRO A 6 -10.59 -7.44 12.42
C PRO A 6 -10.46 -5.96 12.70
N GLN A 7 -11.41 -5.43 13.51
CA GLN A 7 -11.47 -4.03 13.88
C GLN A 7 -11.57 -3.19 12.61
N SER A 8 -12.74 -3.27 11.96
CA SER A 8 -12.96 -2.66 10.66
C SER A 8 -12.02 -3.27 9.64
N HIS A 9 -12.01 -2.75 8.47
CA HIS A 9 -11.08 -3.16 7.48
C HIS A 9 -10.32 -1.99 6.98
N ASN A 10 -9.09 -2.21 6.72
CA ASN A 10 -8.17 -1.22 6.22
C ASN A 10 -7.52 -1.82 5.02
N VAL A 11 -7.59 -1.16 3.92
CA VAL A 11 -7.03 -1.71 2.72
C VAL A 11 -5.83 -0.86 2.30
N PHE A 12 -4.66 -1.47 2.23
CA PHE A 12 -3.46 -0.79 1.78
C PHE A 12 -3.45 -0.78 0.27
N VAL A 13 -3.56 0.38 -0.30
CA VAL A 13 -3.54 0.52 -1.73
C VAL A 13 -2.66 1.67 -2.13
N TYR A 14 -2.22 1.65 -3.35
CA TYR A 14 -1.44 2.71 -3.88
C TYR A 14 -1.77 2.75 -5.35
N GLY A 15 -2.47 3.77 -5.74
CA GLY A 15 -2.95 3.87 -7.07
C GLY A 15 -4.03 4.90 -7.17
N SER A 16 -5.28 4.49 -7.04
CA SER A 16 -6.37 5.45 -7.11
C SER A 16 -7.60 5.09 -6.24
N ILE A 17 -7.47 5.35 -4.94
CA ILE A 17 -8.56 5.33 -3.91
C ILE A 17 -8.06 6.27 -2.79
N LEU A 18 -6.97 6.95 -3.09
CA LEU A 18 -6.26 7.79 -2.14
C LEU A 18 -6.78 9.19 -2.23
N GLU A 19 -7.44 9.46 -3.31
CA GLU A 19 -8.12 10.67 -3.49
C GLU A 19 -9.57 10.49 -3.06
N PRO A 20 -10.07 11.41 -2.21
CA PRO A 20 -11.45 11.40 -1.70
C PRO A 20 -12.48 11.12 -2.79
N ALA A 21 -12.24 11.65 -3.98
CA ALA A 21 -13.13 11.49 -5.12
C ALA A 21 -13.42 10.02 -5.43
N VAL A 22 -12.38 9.21 -5.44
CA VAL A 22 -12.52 7.79 -5.75
C VAL A 22 -13.09 7.01 -4.57
N ALA A 23 -12.57 7.28 -3.38
CA ALA A 23 -13.04 6.56 -2.19
C ALA A 23 -14.52 6.86 -1.94
N ALA A 24 -14.96 8.04 -2.31
CA ALA A 24 -16.35 8.42 -2.17
C ALA A 24 -17.23 7.66 -3.14
N VAL A 25 -16.76 7.48 -4.36
CA VAL A 25 -17.59 6.82 -5.37
C VAL A 25 -17.75 5.32 -5.08
N ILE A 26 -16.74 4.72 -4.48
CA ILE A 26 -16.79 3.31 -4.20
C ILE A 26 -17.65 3.00 -2.96
N LEU A 27 -17.57 3.84 -1.97
CA LEU A 27 -18.28 3.58 -0.74
C LEU A 27 -19.57 4.35 -0.60
N ASP A 28 -19.80 5.32 -1.49
CA ASP A 28 -20.97 6.25 -1.42
C ASP A 28 -20.82 7.14 -0.21
N ARG A 29 -19.60 7.22 0.25
CA ARG A 29 -19.20 7.98 1.39
C ARG A 29 -17.70 8.12 1.26
N THR A 30 -17.17 9.25 1.61
CA THR A 30 -15.76 9.45 1.51
C THR A 30 -15.03 8.73 2.67
N ALA A 31 -14.17 7.79 2.32
CA ALA A 31 -13.36 7.09 3.30
C ALA A 31 -12.06 7.82 3.50
N ASP A 32 -11.50 7.67 4.66
CA ASP A 32 -10.27 8.33 5.00
C ASP A 32 -9.11 7.41 4.79
N THR A 33 -8.17 7.84 4.02
CA THR A 33 -6.97 7.09 3.83
C THR A 33 -5.88 7.68 4.69
N VAL A 34 -5.06 6.84 5.22
CA VAL A 34 -3.97 7.30 6.05
C VAL A 34 -2.70 6.76 5.47
N PRO A 35 -1.65 7.59 5.34
CA PRO A 35 -0.37 7.15 4.83
C PRO A 35 0.23 6.09 5.72
N ALA A 36 0.64 5.03 5.10
CA ALA A 36 1.21 3.90 5.76
C ALA A 36 2.20 3.23 4.86
N VAL A 37 3.11 2.52 5.44
CA VAL A 37 4.11 1.86 4.66
C VAL A 37 4.09 0.35 4.90
N LEU A 38 4.00 -0.39 3.82
CA LEU A 38 4.00 -1.81 3.85
C LEU A 38 5.39 -2.35 3.71
N HIS A 39 5.99 -2.61 4.81
CA HIS A 39 7.27 -3.25 4.86
C HIS A 39 7.15 -4.72 4.44
N GLY A 40 7.89 -5.12 3.43
CA GLY A 40 7.84 -6.48 3.00
C GLY A 40 7.42 -6.65 1.56
N TYR A 41 6.88 -5.62 0.95
CA TYR A 41 6.49 -5.71 -0.42
C TYR A 41 7.13 -4.69 -1.31
N HIS A 42 7.03 -4.91 -2.60
CA HIS A 42 7.52 -4.00 -3.61
C HIS A 42 6.42 -3.86 -4.66
N ARG A 43 6.06 -2.65 -4.98
CA ARG A 43 5.01 -2.40 -5.94
C ARG A 43 5.51 -2.36 -7.37
N TYR A 44 4.78 -3.02 -8.21
CA TYR A 44 4.94 -2.97 -9.63
C TYR A 44 3.77 -2.18 -10.17
N LYS A 45 4.05 -0.96 -10.59
CA LYS A 45 3.06 0.03 -11.03
C LYS A 45 1.98 -0.47 -12.03
N LEU A 46 2.38 -1.09 -13.13
CA LEU A 46 1.43 -1.65 -14.13
C LEU A 46 0.38 -0.64 -14.66
N LYS A 47 0.64 -0.02 -15.79
CA LYS A 47 -0.34 0.85 -16.40
C LYS A 47 -1.39 0.11 -17.24
N GLY A 48 -1.12 -1.16 -17.51
CA GLY A 48 -2.06 -1.97 -18.27
C GLY A 48 -3.22 -2.44 -17.43
N LEU A 49 -2.92 -2.89 -16.23
CA LEU A 49 -3.93 -3.37 -15.30
C LEU A 49 -4.32 -2.22 -14.36
N PRO A 50 -5.57 -2.23 -13.83
CA PRO A 50 -6.07 -1.13 -12.97
C PRO A 50 -5.45 -1.10 -11.54
N TYR A 51 -4.66 -0.05 -11.30
CA TYR A 51 -3.93 0.21 -10.02
C TYR A 51 -3.35 -1.00 -9.22
N PRO A 52 -2.45 -1.75 -9.86
CA PRO A 52 -1.71 -2.88 -9.31
C PRO A 52 -0.24 -2.48 -9.06
N CYS A 53 0.59 -3.29 -8.41
CA CYS A 53 0.29 -4.50 -7.66
C CYS A 53 1.49 -4.66 -6.74
N ILE A 54 1.50 -5.62 -5.84
CA ILE A 54 2.68 -5.85 -5.02
C ILE A 54 2.99 -7.33 -4.92
N VAL A 55 4.26 -7.65 -5.00
CA VAL A 55 4.80 -9.00 -4.90
C VAL A 55 6.23 -8.92 -4.41
N SER A 56 6.99 -9.99 -4.65
CA SER A 56 8.40 -10.10 -4.36
C SER A 56 8.68 -10.52 -2.92
N SER A 57 7.90 -9.96 -1.96
CA SER A 57 8.08 -10.26 -0.53
C SER A 57 9.52 -9.91 -0.11
N ASP A 58 10.06 -8.92 -0.79
CA ASP A 58 11.43 -8.47 -0.63
C ASP A 58 11.58 -7.68 0.68
N SER A 59 12.79 -7.28 1.01
CA SER A 59 13.06 -6.55 2.22
C SER A 59 12.69 -5.06 2.07
N GLY A 60 12.21 -4.70 0.89
CA GLY A 60 11.77 -3.35 0.62
C GLY A 60 10.46 -3.03 1.30
N LYS A 61 9.91 -1.88 1.00
CA LYS A 61 8.69 -1.46 1.62
C LYS A 61 7.95 -0.49 0.69
N VAL A 62 6.65 -0.58 0.67
CA VAL A 62 5.81 0.26 -0.19
C VAL A 62 5.14 1.32 0.65
N ASN A 63 5.33 2.57 0.33
CA ASN A 63 4.74 3.63 1.13
C ASN A 63 3.52 4.18 0.40
N GLY A 64 2.37 4.01 0.99
CA GLY A 64 1.13 4.43 0.37
C GLY A 64 0.10 4.80 1.39
N LYS A 65 -1.14 4.38 1.17
CA LYS A 65 -2.21 4.69 2.09
C LYS A 65 -3.13 3.54 2.32
N VAL A 66 -3.65 3.48 3.50
CA VAL A 66 -4.61 2.50 3.86
C VAL A 66 -5.97 3.15 3.91
N ILE A 67 -6.94 2.52 3.30
CA ILE A 67 -8.29 3.03 3.28
C ILE A 67 -8.94 2.49 4.54
N THR A 68 -9.22 3.34 5.46
CA THR A 68 -9.70 2.90 6.75
C THR A 68 -11.22 2.98 6.85
N GLY A 69 -11.77 2.35 7.88
CA GLY A 69 -13.20 2.38 8.13
C GLY A 69 -13.99 1.66 7.08
N VAL A 70 -13.49 0.55 6.62
CA VAL A 70 -14.21 -0.20 5.63
C VAL A 70 -14.84 -1.40 6.30
N SER A 71 -16.12 -1.51 6.21
CA SER A 71 -16.77 -2.67 6.77
C SER A 71 -16.58 -3.83 5.80
N ASP A 72 -16.71 -5.08 6.28
CA ASP A 72 -16.49 -6.27 5.39
C ASP A 72 -17.42 -6.21 4.18
N ALA A 73 -18.63 -5.71 4.41
CA ALA A 73 -19.62 -5.53 3.34
C ALA A 73 -19.13 -4.52 2.30
N GLU A 74 -18.59 -3.42 2.78
CA GLU A 74 -18.07 -2.33 1.95
C GLU A 74 -16.81 -2.78 1.22
N LEU A 75 -16.04 -3.64 1.87
CA LEU A 75 -14.80 -4.11 1.30
C LEU A 75 -15.11 -4.92 0.02
N ASN A 76 -16.32 -5.52 -0.02
CA ASN A 76 -16.76 -6.28 -1.19
C ASN A 76 -16.73 -5.47 -2.47
N ASN A 77 -16.90 -4.15 -2.38
CA ASN A 77 -16.90 -3.33 -3.59
C ASN A 77 -15.47 -3.25 -4.14
N PHE A 78 -14.49 -3.15 -3.25
CA PHE A 78 -13.09 -3.14 -3.66
C PHE A 78 -12.72 -4.54 -4.18
N ASP A 79 -13.38 -5.52 -3.60
CA ASP A 79 -13.19 -6.94 -3.94
C ASP A 79 -13.81 -7.31 -5.29
N VAL A 80 -15.00 -6.77 -5.56
CA VAL A 80 -15.73 -7.07 -6.80
C VAL A 80 -15.00 -6.51 -8.01
N ILE A 81 -14.13 -5.52 -7.74
CA ILE A 81 -13.25 -5.01 -8.75
C ILE A 81 -12.41 -6.18 -9.26
N GLU A 82 -12.58 -6.49 -10.51
CA GLU A 82 -12.02 -7.65 -11.10
C GLU A 82 -10.51 -7.59 -11.30
N GLY A 83 -9.87 -8.53 -10.65
CA GLY A 83 -8.46 -8.71 -10.71
C GLY A 83 -8.17 -10.16 -10.51
N ASN A 84 -8.22 -10.88 -11.58
CA ASN A 84 -8.20 -12.35 -11.58
C ASN A 84 -6.89 -12.86 -11.08
N ASP A 85 -5.84 -12.18 -11.46
CA ASP A 85 -4.51 -12.61 -11.16
C ASP A 85 -4.00 -12.05 -9.85
N TYR A 86 -4.85 -11.41 -9.09
CA TYR A 86 -4.45 -10.99 -7.77
C TYR A 86 -5.39 -11.51 -6.69
N GLU A 87 -4.91 -11.60 -5.45
CA GLU A 87 -5.73 -12.09 -4.34
C GLU A 87 -5.71 -11.10 -3.18
N ARG A 88 -6.71 -11.17 -2.32
CA ARG A 88 -6.84 -10.29 -1.19
C ARG A 88 -6.21 -10.91 0.06
N VAL A 89 -5.12 -10.34 0.49
CA VAL A 89 -4.39 -10.85 1.65
C VAL A 89 -4.23 -9.78 2.71
N THR A 90 -3.97 -10.20 3.90
CA THR A 90 -3.72 -9.31 4.98
C THR A 90 -2.18 -9.20 5.21
N VAL A 91 -1.68 -8.00 5.16
CA VAL A 91 -0.27 -7.68 5.31
C VAL A 91 -0.14 -6.66 6.43
N GLU A 92 0.99 -6.59 7.05
CA GLU A 92 1.14 -5.68 8.16
C GLU A 92 1.95 -4.46 7.75
N VAL A 93 1.39 -3.30 8.01
CA VAL A 93 1.98 -2.06 7.60
C VAL A 93 2.10 -1.17 8.81
N VAL A 94 2.82 -0.11 8.67
CA VAL A 94 2.88 0.87 9.69
C VAL A 94 2.12 2.05 9.24
N ARG A 95 1.15 2.44 10.03
CA ARG A 95 0.35 3.58 9.77
C ARG A 95 1.19 4.83 10.04
N MET A 96 1.95 5.18 9.03
CA MET A 96 2.98 6.23 9.00
C MET A 96 2.60 7.49 9.75
N ASP A 97 1.44 8.04 9.47
CA ASP A 97 0.99 9.29 10.10
C ASP A 97 0.89 9.18 11.62
N ASN A 98 0.47 8.02 12.10
CA ASN A 98 0.29 7.80 13.54
C ASN A 98 1.49 7.05 14.14
N SER A 99 2.36 6.57 13.25
CA SER A 99 3.58 5.83 13.57
C SER A 99 3.26 4.48 14.29
N GLU A 100 2.05 3.98 14.13
CA GLU A 100 1.63 2.75 14.76
C GLU A 100 1.59 1.63 13.74
N LYS A 101 1.60 0.43 14.21
CA LYS A 101 1.62 -0.72 13.34
C LYS A 101 0.21 -1.29 13.24
N VAL A 102 -0.24 -1.55 12.04
CA VAL A 102 -1.56 -2.08 11.81
C VAL A 102 -1.51 -3.15 10.72
N LYS A 103 -2.25 -4.19 10.88
CA LYS A 103 -2.24 -5.21 9.88
C LYS A 103 -3.53 -5.13 9.04
N VAL A 104 -3.33 -4.88 7.76
CA VAL A 104 -4.40 -4.49 6.83
C VAL A 104 -4.50 -5.43 5.62
N GLU A 105 -5.48 -5.20 4.77
CA GLU A 105 -5.70 -6.01 3.58
C GLU A 105 -5.12 -5.31 2.35
N THR A 106 -4.70 -6.09 1.37
CA THR A 106 -4.16 -5.57 0.13
C THR A 106 -4.25 -6.66 -0.95
N TYR A 107 -3.89 -6.33 -2.18
CA TYR A 107 -3.98 -7.29 -3.27
C TYR A 107 -2.60 -7.64 -3.82
N VAL A 108 -2.26 -8.92 -3.74
CA VAL A 108 -0.99 -9.42 -4.22
C VAL A 108 -1.21 -10.28 -5.48
N TRP A 109 -0.30 -10.19 -6.42
CA TRP A 109 -0.40 -10.89 -7.72
C TRP A 109 -0.15 -12.40 -7.51
N VAL A 110 -1.18 -13.22 -7.74
CA VAL A 110 -1.10 -14.66 -7.57
C VAL A 110 -0.26 -15.27 -8.69
N ASN A 111 -0.19 -14.55 -9.77
CA ASN A 111 0.41 -15.00 -11.02
C ASN A 111 1.94 -14.81 -11.02
N LYS A 112 2.48 -14.39 -9.88
CA LYS A 112 3.91 -14.14 -9.66
C LYS A 112 4.80 -15.37 -9.89
N ASP A 113 4.21 -16.56 -9.93
CA ASP A 113 4.98 -17.82 -10.04
C ASP A 113 5.84 -17.92 -11.28
N ASP A 114 5.45 -17.26 -12.33
CA ASP A 114 6.24 -17.23 -13.55
C ASP A 114 6.87 -15.87 -13.65
N PRO A 115 7.86 -15.66 -14.55
CA PRO A 115 8.37 -14.33 -14.80
C PRO A 115 7.27 -13.51 -15.49
N ARG A 116 6.57 -12.74 -14.70
CA ARG A 116 5.42 -12.00 -15.16
C ARG A 116 5.49 -10.57 -14.69
N MET A 117 5.33 -9.65 -15.64
CA MET A 117 5.18 -8.21 -15.37
C MET A 117 6.45 -7.53 -14.92
N TYR A 118 6.77 -6.44 -15.56
CA TYR A 118 7.89 -5.63 -15.17
C TYR A 118 7.37 -4.40 -14.45
N GLY A 119 6.32 -3.79 -15.03
CA GLY A 119 5.68 -2.63 -14.43
C GLY A 119 6.52 -1.37 -14.51
N GLU A 120 5.97 -0.26 -14.05
CA GLU A 120 6.73 0.94 -14.03
C GLU A 120 7.38 1.10 -12.66
N TRP A 121 8.63 1.37 -12.68
CA TRP A 121 9.44 1.68 -11.51
C TRP A 121 10.75 2.29 -11.93
N ASP A 122 10.83 2.49 -13.23
CA ASP A 122 11.92 3.18 -13.86
C ASP A 122 11.62 4.66 -13.74
N PHE A 123 12.64 5.46 -13.51
CA PHE A 123 12.44 6.89 -13.25
C PHE A 123 11.83 7.60 -14.46
N GLU A 124 12.25 7.22 -15.65
CA GLU A 124 11.75 7.79 -16.86
C GLU A 124 10.27 7.45 -17.02
N GLU A 125 9.94 6.18 -16.81
CA GLU A 125 8.55 5.72 -16.87
C GLU A 125 7.72 6.34 -15.74
N TRP A 126 8.33 6.51 -14.57
CA TRP A 126 7.64 7.15 -13.46
C TRP A 126 7.37 8.62 -13.74
N ARG A 127 8.29 9.26 -14.47
CA ARG A 127 8.10 10.65 -14.92
C ARG A 127 6.82 10.72 -15.75
N VAL A 128 6.63 9.69 -16.56
CA VAL A 128 5.47 9.53 -17.40
C VAL A 128 4.21 9.30 -16.55
N VAL A 129 4.35 8.54 -15.48
CA VAL A 129 3.23 8.26 -14.56
C VAL A 129 2.83 9.53 -13.83
N HIS A 130 3.83 10.25 -13.35
CA HIS A 130 3.62 11.51 -12.65
C HIS A 130 2.94 12.52 -13.57
N ALA A 131 3.26 12.44 -14.85
CA ALA A 131 2.66 13.30 -15.84
C ALA A 131 1.17 12.97 -16.00
N GLU A 132 0.88 11.70 -16.24
CA GLU A 132 -0.49 11.26 -16.45
C GLU A 132 -1.36 11.46 -15.21
N LYS A 133 -0.79 11.17 -14.06
CA LYS A 133 -1.49 11.25 -12.80
C LYS A 133 -2.00 12.67 -12.53
N PHE A 134 -1.15 13.65 -12.71
CA PHE A 134 -1.53 15.02 -12.46
C PHE A 134 -2.38 15.60 -13.57
N VAL A 135 -2.13 15.21 -14.83
CA VAL A 135 -2.92 15.75 -15.92
C VAL A 135 -4.38 15.26 -15.84
N GLU A 136 -4.60 13.97 -15.50
CA GLU A 136 -5.97 13.47 -15.38
C GLU A 136 -6.69 14.16 -14.24
N THR A 137 -5.96 14.47 -13.19
CA THR A 137 -6.51 15.16 -12.04
C THR A 137 -6.94 16.58 -12.46
N PHE A 138 -6.13 17.19 -13.32
CA PHE A 138 -6.41 18.50 -13.86
C PHE A 138 -7.64 18.43 -14.75
N ARG A 139 -7.68 17.40 -15.60
CA ARG A 139 -8.80 17.18 -16.51
C ARG A 139 -10.11 17.11 -15.72
N LYS A 140 -10.08 16.35 -14.64
CA LYS A 140 -11.24 16.20 -13.75
C LYS A 140 -11.63 17.53 -13.11
N MET A 141 -10.64 18.30 -12.63
CA MET A 141 -10.93 19.54 -11.94
C MET A 141 -11.46 20.57 -12.93
N LEU A 142 -10.95 20.51 -14.16
CA LEU A 142 -11.38 21.39 -15.21
C LEU A 142 -12.84 21.16 -15.52
N GLU A 143 -13.23 19.90 -15.54
CA GLU A 143 -14.63 19.53 -15.75
C GLU A 143 -15.49 20.08 -14.64
N TRP A 144 -14.98 20.05 -13.43
CA TRP A 144 -15.75 20.49 -12.29
C TRP A 144 -15.83 22.02 -12.25
N ASN A 145 -14.81 22.68 -12.75
CA ASN A 145 -14.80 24.14 -12.79
C ASN A 145 -15.63 24.66 -13.97
N LYS A 146 -15.64 23.89 -15.04
CA LYS A 146 -16.38 24.24 -16.25
C LYS A 146 -17.86 23.93 -16.08
N ASN A 147 -18.16 22.88 -15.32
CA ASN A 147 -19.54 22.43 -15.06
C ASN A 147 -20.33 22.17 -16.36
N PRO A 148 -19.94 21.12 -17.14
CA PRO A 148 -20.58 20.80 -18.42
C PRO A 148 -21.52 19.54 -18.38
N ASN A 149 -21.39 18.74 -17.36
CA ASN A 149 -22.06 17.44 -17.28
C ASN A 149 -23.39 17.49 -16.56
N GLY A 150 -23.90 18.68 -16.34
CA GLY A 150 -25.18 18.81 -15.66
C GLY A 150 -25.04 19.49 -14.33
N LYS A 151 -23.83 19.47 -13.80
CA LYS A 151 -23.57 20.10 -12.53
C LYS A 151 -23.44 21.59 -12.73
N SER A 152 -23.91 22.34 -11.78
CA SER A 152 -23.71 23.76 -11.77
C SER A 152 -22.91 24.08 -10.53
N MET A 153 -22.20 25.21 -10.50
CA MET A 153 -21.29 25.51 -9.37
C MET A 153 -21.97 25.50 -8.00
N GLU A 154 -23.15 26.09 -7.91
CA GLU A 154 -23.89 26.17 -6.66
C GLU A 154 -24.33 24.76 -6.23
N GLU A 155 -24.66 23.97 -7.21
CA GLU A 155 -25.17 22.65 -7.02
C GLU A 155 -24.04 21.68 -6.64
N ALA A 156 -22.92 21.88 -7.28
CA ALA A 156 -21.76 21.03 -7.16
C ALA A 156 -21.03 21.21 -5.86
N VAL A 157 -21.16 22.37 -5.24
CA VAL A 157 -20.48 22.59 -3.98
C VAL A 157 -21.16 21.83 -2.85
N GLY A 158 -20.34 21.22 -1.99
CA GLY A 158 -20.83 20.43 -0.89
C GLY A 158 -21.64 21.24 0.09
N SER A 159 -22.93 21.16 -0.04
CA SER A 159 -23.82 21.90 0.77
C SER A 159 -24.65 20.96 1.64
N LEU A 160 -25.39 21.53 2.54
CA LEU A 160 -26.28 20.78 3.37
C LEU A 160 -27.67 21.35 3.16
N LEU A 161 -28.69 20.46 3.15
CA LEU A 161 -30.09 20.82 2.85
C LEU A 161 -30.29 20.99 1.35
N SER A 162 -30.98 20.05 0.77
CA SER A 162 -31.25 20.04 -0.65
C SER A 162 -32.31 21.09 -1.01
N SER A 163 -33.04 21.52 0.01
CA SER A 163 -34.09 22.52 -0.09
C SER A 163 -35.14 22.20 -1.15
N GLY A 164 -36.05 21.33 -0.80
CA GLY A 164 -37.10 20.94 -1.71
C GLY A 164 -38.42 21.40 -1.18
N ASP A 165 -39.00 20.62 -0.33
CA ASP A 165 -40.27 20.96 0.28
C ASP A 165 -39.98 21.45 1.66
N SER A 1 -27.94 -0.21 7.61
CA SER A 1 -27.13 0.87 7.09
C SER A 1 -25.69 0.72 7.58
N THR A 2 -24.75 1.12 6.77
CA THR A 2 -23.36 1.05 7.13
C THR A 2 -22.92 2.41 7.68
N SER A 3 -22.68 2.46 8.96
CA SER A 3 -22.21 3.66 9.60
C SER A 3 -21.22 3.27 10.69
N SER A 4 -21.59 2.26 11.44
CA SER A 4 -20.79 1.68 12.47
C SER A 4 -20.29 0.32 11.93
N ASP A 5 -19.21 -0.18 12.45
CA ASP A 5 -18.66 -1.44 11.96
C ASP A 5 -18.80 -2.54 12.99
N PRO A 6 -19.07 -3.78 12.55
CA PRO A 6 -18.98 -4.96 13.42
C PRO A 6 -17.49 -5.29 13.63
N GLN A 7 -16.72 -5.03 12.60
CA GLN A 7 -15.28 -5.19 12.56
C GLN A 7 -14.79 -4.43 11.35
N SER A 8 -13.93 -3.49 11.54
CA SER A 8 -13.51 -2.66 10.45
C SER A 8 -12.37 -3.28 9.65
N HIS A 9 -12.43 -3.07 8.38
CA HIS A 9 -11.44 -3.54 7.45
C HIS A 9 -10.64 -2.36 7.00
N ASN A 10 -9.44 -2.62 6.59
CA ASN A 10 -8.55 -1.58 6.11
C ASN A 10 -7.90 -2.11 4.87
N VAL A 11 -7.84 -1.33 3.84
CA VAL A 11 -7.32 -1.79 2.57
C VAL A 11 -6.09 -0.97 2.17
N PHE A 12 -4.96 -1.62 1.99
CA PHE A 12 -3.78 -0.95 1.49
C PHE A 12 -3.83 -0.95 -0.03
N VAL A 13 -3.98 0.21 -0.59
CA VAL A 13 -4.04 0.37 -2.02
C VAL A 13 -2.96 1.28 -2.51
N TYR A 14 -2.67 1.17 -3.77
CA TYR A 14 -1.67 1.96 -4.37
C TYR A 14 -2.22 2.55 -5.67
N GLY A 15 -2.26 3.86 -5.73
CA GLY A 15 -2.72 4.54 -6.90
C GLY A 15 -4.14 5.05 -6.78
N SER A 16 -5.07 4.15 -6.80
CA SER A 16 -6.47 4.49 -6.78
C SER A 16 -7.03 4.55 -5.35
N ILE A 17 -8.12 5.32 -5.16
CA ILE A 17 -8.86 5.47 -3.88
C ILE A 17 -8.05 6.31 -2.86
N LEU A 18 -6.86 6.75 -3.26
CA LEU A 18 -6.00 7.52 -2.40
C LEU A 18 -6.63 8.86 -2.10
N GLU A 19 -7.44 9.32 -3.02
CA GLU A 19 -8.18 10.53 -2.84
C GLU A 19 -9.54 10.18 -2.24
N PRO A 20 -9.93 10.87 -1.14
CA PRO A 20 -11.23 10.67 -0.46
C PRO A 20 -12.41 10.70 -1.42
N ALA A 21 -12.31 11.52 -2.47
CA ALA A 21 -13.36 11.62 -3.48
C ALA A 21 -13.58 10.28 -4.20
N VAL A 22 -12.51 9.55 -4.41
CA VAL A 22 -12.60 8.26 -5.08
C VAL A 22 -13.21 7.23 -4.13
N ALA A 23 -12.88 7.33 -2.86
CA ALA A 23 -13.47 6.45 -1.86
C ALA A 23 -14.96 6.78 -1.75
N ALA A 24 -15.28 8.04 -1.96
CA ALA A 24 -16.62 8.53 -1.91
C ALA A 24 -17.43 8.16 -3.14
N VAL A 25 -16.80 7.53 -4.12
CA VAL A 25 -17.55 7.06 -5.26
C VAL A 25 -17.72 5.53 -5.20
N ILE A 26 -16.71 4.84 -4.67
CA ILE A 26 -16.81 3.40 -4.51
C ILE A 26 -17.81 3.04 -3.42
N LEU A 27 -17.79 3.77 -2.35
CA LEU A 27 -18.70 3.52 -1.26
C LEU A 27 -19.87 4.47 -1.30
N ASP A 28 -19.67 5.56 -2.04
CA ASP A 28 -20.61 6.72 -2.13
C ASP A 28 -20.54 7.54 -0.82
N ARG A 29 -19.75 7.04 0.08
CA ARG A 29 -19.52 7.61 1.37
C ARG A 29 -18.03 7.87 1.44
N THR A 30 -17.62 8.93 2.07
CA THR A 30 -16.22 9.24 2.11
C THR A 30 -15.48 8.36 3.14
N ALA A 31 -14.64 7.48 2.62
CA ALA A 31 -13.79 6.67 3.46
C ALA A 31 -12.48 7.37 3.60
N ASP A 32 -11.89 7.27 4.73
CA ASP A 32 -10.65 7.97 4.98
C ASP A 32 -9.44 7.09 4.82
N THR A 33 -8.55 7.53 3.98
CA THR A 33 -7.29 6.89 3.83
C THR A 33 -6.27 7.54 4.71
N VAL A 34 -5.37 6.77 5.22
CA VAL A 34 -4.27 7.30 5.97
C VAL A 34 -2.98 6.80 5.35
N PRO A 35 -1.97 7.66 5.20
CA PRO A 35 -0.68 7.25 4.62
C PRO A 35 -0.02 6.16 5.44
N ALA A 36 0.34 5.09 4.80
CA ALA A 36 0.93 3.98 5.46
C ALA A 36 1.87 3.27 4.54
N VAL A 37 2.82 2.60 5.10
CA VAL A 37 3.78 1.89 4.33
C VAL A 37 3.74 0.39 4.63
N LEU A 38 3.62 -0.38 3.58
CA LEU A 38 3.62 -1.80 3.70
C LEU A 38 5.02 -2.32 3.64
N HIS A 39 5.40 -2.97 4.69
CA HIS A 39 6.73 -3.51 4.80
C HIS A 39 6.79 -4.92 4.20
N GLY A 40 7.81 -5.20 3.42
CA GLY A 40 8.01 -6.55 2.97
C GLY A 40 7.46 -6.81 1.60
N TYR A 41 6.85 -5.82 1.00
CA TYR A 41 6.37 -5.96 -0.33
C TYR A 41 6.98 -4.94 -1.22
N HIS A 42 7.08 -5.26 -2.48
CA HIS A 42 7.59 -4.35 -3.45
C HIS A 42 6.57 -4.15 -4.54
N ARG A 43 6.45 -2.90 -4.95
CA ARG A 43 5.59 -2.50 -6.04
C ARG A 43 6.36 -2.64 -7.36
N TYR A 44 5.93 -3.61 -8.13
CA TYR A 44 6.56 -3.94 -9.39
C TYR A 44 6.24 -2.93 -10.48
N LYS A 45 7.12 -2.86 -11.45
CA LYS A 45 7.08 -1.85 -12.51
C LYS A 45 6.24 -2.25 -13.73
N LEU A 46 5.77 -3.50 -13.79
CA LEU A 46 5.06 -3.98 -15.00
C LEU A 46 3.65 -3.38 -15.17
N LYS A 47 3.60 -2.13 -15.55
CA LYS A 47 2.35 -1.38 -15.67
C LYS A 47 1.50 -1.77 -16.85
N GLY A 48 1.96 -2.75 -17.61
CA GLY A 48 1.15 -3.31 -18.67
C GLY A 48 0.06 -4.17 -18.06
N LEU A 49 0.30 -4.58 -16.83
CA LEU A 49 -0.65 -5.33 -16.05
C LEU A 49 -1.57 -4.37 -15.30
N PRO A 50 -2.77 -4.79 -14.91
CA PRO A 50 -3.76 -3.92 -14.26
C PRO A 50 -3.38 -3.49 -12.82
N TYR A 51 -2.98 -2.20 -12.70
CA TYR A 51 -2.58 -1.57 -11.40
C TYR A 51 -1.65 -2.47 -10.59
N PRO A 52 -0.43 -2.63 -11.09
CA PRO A 52 0.51 -3.65 -10.64
C PRO A 52 1.73 -3.17 -9.90
N CYS A 53 2.32 -4.00 -9.04
CA CYS A 53 1.80 -5.25 -8.40
C CYS A 53 2.64 -5.35 -7.14
N ILE A 54 2.26 -6.11 -6.15
CA ILE A 54 3.20 -6.32 -5.07
C ILE A 54 3.50 -7.78 -4.84
N VAL A 55 4.76 -8.04 -4.60
CA VAL A 55 5.29 -9.35 -4.28
C VAL A 55 6.25 -9.15 -3.13
N SER A 56 6.45 -10.17 -2.32
CA SER A 56 7.29 -10.06 -1.16
C SER A 56 8.75 -9.82 -1.52
N SER A 57 9.33 -8.92 -0.80
CA SER A 57 10.70 -8.55 -0.87
C SER A 57 10.98 -7.96 0.49
N ASP A 58 11.67 -8.71 1.34
CA ASP A 58 11.81 -8.35 2.76
C ASP A 58 12.45 -6.97 3.00
N SER A 59 13.41 -6.59 2.19
CA SER A 59 14.04 -5.29 2.36
C SER A 59 13.27 -4.19 1.61
N GLY A 60 12.20 -4.56 0.94
CA GLY A 60 11.44 -3.61 0.19
C GLY A 60 10.17 -3.24 0.89
N LYS A 61 9.73 -2.02 0.73
CA LYS A 61 8.49 -1.60 1.33
C LYS A 61 7.75 -0.70 0.35
N VAL A 62 6.45 -0.68 0.45
CA VAL A 62 5.62 0.11 -0.43
C VAL A 62 4.92 1.19 0.36
N ASN A 63 5.11 2.43 -0.04
CA ASN A 63 4.48 3.55 0.66
C ASN A 63 3.21 3.95 -0.07
N GLY A 64 2.09 3.89 0.62
CA GLY A 64 0.83 4.23 0.02
C GLY A 64 -0.14 4.74 1.06
N LYS A 65 -1.40 4.40 0.91
CA LYS A 65 -2.41 4.83 1.86
C LYS A 65 -3.37 3.69 2.09
N VAL A 66 -3.82 3.56 3.31
CA VAL A 66 -4.78 2.54 3.62
C VAL A 66 -6.15 3.13 3.78
N ILE A 67 -7.10 2.49 3.19
CA ILE A 67 -8.47 2.91 3.23
C ILE A 67 -9.02 2.29 4.49
N THR A 68 -9.30 3.10 5.47
CA THR A 68 -9.69 2.60 6.76
C THR A 68 -11.18 2.67 6.98
N GLY A 69 -11.65 1.91 7.96
CA GLY A 69 -13.05 1.93 8.31
C GLY A 69 -13.93 1.40 7.22
N VAL A 70 -13.56 0.28 6.69
CA VAL A 70 -14.34 -0.35 5.65
C VAL A 70 -15.08 -1.55 6.24
N SER A 71 -16.38 -1.57 6.14
CA SER A 71 -17.09 -2.74 6.58
C SER A 71 -16.96 -3.86 5.52
N ASP A 72 -17.16 -5.12 5.91
CA ASP A 72 -17.05 -6.27 4.94
C ASP A 72 -17.92 -6.09 3.72
N ALA A 73 -19.07 -5.51 3.93
CA ALA A 73 -20.01 -5.25 2.85
C ALA A 73 -19.44 -4.21 1.88
N GLU A 74 -18.73 -3.27 2.44
CA GLU A 74 -18.09 -2.21 1.68
C GLU A 74 -16.85 -2.74 0.99
N LEU A 75 -16.15 -3.63 1.70
CA LEU A 75 -14.91 -4.25 1.24
C LEU A 75 -15.18 -5.01 -0.06
N ASN A 76 -16.38 -5.55 -0.15
CA ASN A 76 -16.85 -6.27 -1.32
C ASN A 76 -16.76 -5.42 -2.59
N ASN A 77 -16.98 -4.09 -2.48
CA ASN A 77 -17.00 -3.28 -3.70
C ASN A 77 -15.60 -3.05 -4.20
N PHE A 78 -14.66 -3.03 -3.25
CA PHE A 78 -13.24 -2.90 -3.58
C PHE A 78 -12.74 -4.12 -4.35
N ASP A 79 -13.35 -5.26 -4.12
CA ASP A 79 -13.01 -6.47 -4.86
C ASP A 79 -13.45 -6.30 -6.33
N VAL A 80 -14.53 -5.54 -6.49
CA VAL A 80 -15.14 -5.25 -7.79
C VAL A 80 -14.30 -4.21 -8.60
N ILE A 81 -13.47 -3.39 -7.90
CA ILE A 81 -12.65 -2.38 -8.60
C ILE A 81 -11.46 -3.06 -9.35
N GLU A 82 -11.45 -4.39 -9.26
CA GLU A 82 -10.54 -5.28 -9.97
C GLU A 82 -9.23 -5.60 -9.32
N GLY A 83 -9.01 -6.88 -9.23
CA GLY A 83 -7.81 -7.46 -8.73
C GLY A 83 -7.78 -8.87 -9.23
N ASN A 84 -7.92 -9.01 -10.54
CA ASN A 84 -8.10 -10.29 -11.22
C ASN A 84 -6.91 -11.23 -11.04
N ASP A 85 -5.72 -10.70 -11.16
CA ASP A 85 -4.51 -11.51 -11.02
C ASP A 85 -3.93 -11.34 -9.63
N TYR A 86 -4.73 -10.83 -8.76
CA TYR A 86 -4.31 -10.54 -7.43
C TYR A 86 -5.18 -11.32 -6.46
N GLU A 87 -4.71 -11.52 -5.26
CA GLU A 87 -5.48 -12.22 -4.25
C GLU A 87 -5.55 -11.40 -2.97
N ARG A 88 -6.54 -11.68 -2.16
CA ARG A 88 -6.77 -10.94 -0.93
C ARG A 88 -5.94 -11.52 0.19
N VAL A 89 -4.98 -10.76 0.66
CA VAL A 89 -4.15 -11.18 1.77
C VAL A 89 -4.12 -10.11 2.83
N THR A 90 -3.76 -10.49 4.01
CA THR A 90 -3.67 -9.59 5.10
C THR A 90 -2.18 -9.32 5.41
N VAL A 91 -1.80 -8.07 5.37
CA VAL A 91 -0.41 -7.63 5.54
C VAL A 91 -0.40 -6.55 6.60
N GLU A 92 0.74 -6.25 7.18
CA GLU A 92 0.74 -5.21 8.17
C GLU A 92 1.44 -4.01 7.58
N VAL A 93 0.92 -2.86 7.84
CA VAL A 93 1.49 -1.67 7.33
C VAL A 93 1.71 -0.72 8.48
N VAL A 94 2.54 0.23 8.26
CA VAL A 94 2.83 1.20 9.24
C VAL A 94 2.16 2.50 8.88
N ARG A 95 1.23 2.94 9.72
CA ARG A 95 0.57 4.20 9.54
C ARG A 95 1.64 5.28 9.75
N MET A 96 1.99 5.92 8.67
CA MET A 96 3.18 6.74 8.53
C MET A 96 3.31 7.88 9.55
N ASP A 97 2.29 8.72 9.67
CA ASP A 97 2.39 9.93 10.51
C ASP A 97 2.50 9.65 12.01
N ASN A 98 2.23 8.42 12.42
CA ASN A 98 2.34 8.07 13.84
C ASN A 98 3.37 6.93 14.03
N SER A 99 3.86 6.39 12.91
CA SER A 99 4.86 5.31 12.92
C SER A 99 4.31 4.03 13.60
N GLU A 100 2.98 3.88 13.59
CA GLU A 100 2.34 2.77 14.25
C GLU A 100 2.13 1.66 13.27
N LYS A 101 1.96 0.49 13.75
CA LYS A 101 1.82 -0.67 12.93
C LYS A 101 0.39 -1.18 13.02
N VAL A 102 -0.20 -1.46 11.88
CA VAL A 102 -1.57 -1.91 11.81
C VAL A 102 -1.69 -3.02 10.78
N LYS A 103 -2.55 -3.95 11.02
CA LYS A 103 -2.77 -5.03 10.09
C LYS A 103 -3.91 -4.64 9.12
N VAL A 104 -3.69 -4.83 7.84
CA VAL A 104 -4.67 -4.44 6.81
C VAL A 104 -4.78 -5.51 5.71
N GLU A 105 -5.71 -5.33 4.80
CA GLU A 105 -5.89 -6.22 3.67
C GLU A 105 -5.30 -5.56 2.45
N THR A 106 -4.79 -6.34 1.52
CA THR A 106 -4.25 -5.78 0.32
C THR A 106 -4.34 -6.82 -0.80
N TYR A 107 -3.97 -6.41 -1.98
CA TYR A 107 -4.02 -7.26 -3.14
C TYR A 107 -2.59 -7.62 -3.48
N VAL A 108 -2.29 -8.89 -3.45
CA VAL A 108 -0.95 -9.36 -3.76
C VAL A 108 -1.04 -10.16 -5.06
N TRP A 109 0.07 -10.38 -5.68
CA TRP A 109 0.13 -11.02 -6.96
C TRP A 109 -0.04 -12.52 -6.76
N VAL A 110 -0.99 -13.15 -7.47
CA VAL A 110 -1.20 -14.58 -7.31
C VAL A 110 -0.04 -15.39 -7.86
N ASN A 111 0.67 -14.80 -8.78
CA ASN A 111 1.81 -15.43 -9.43
C ASN A 111 3.11 -15.09 -8.65
N LYS A 112 2.92 -14.57 -7.42
CA LYS A 112 4.00 -14.07 -6.52
C LYS A 112 5.17 -15.06 -6.35
N ASP A 113 4.95 -16.35 -6.66
CA ASP A 113 5.99 -17.37 -6.56
C ASP A 113 7.17 -16.99 -7.39
N ASP A 114 6.92 -16.44 -8.56
CA ASP A 114 7.97 -15.97 -9.40
C ASP A 114 7.89 -14.47 -9.52
N PRO A 115 8.97 -13.77 -9.19
CA PRO A 115 9.04 -12.34 -9.38
C PRO A 115 9.24 -12.04 -10.84
N ARG A 116 8.29 -11.37 -11.44
CA ARG A 116 8.41 -11.02 -12.82
C ARG A 116 9.14 -9.70 -12.91
N MET A 117 10.35 -9.74 -13.49
CA MET A 117 11.24 -8.56 -13.66
C MET A 117 11.81 -8.06 -12.34
N TYR A 118 10.94 -7.91 -11.35
CA TYR A 118 11.22 -7.31 -10.05
C TYR A 118 11.26 -5.81 -10.23
N GLY A 119 12.21 -5.38 -11.07
CA GLY A 119 12.39 -4.00 -11.51
C GLY A 119 12.11 -2.91 -10.51
N GLU A 120 13.15 -2.34 -9.96
CA GLU A 120 12.98 -1.21 -9.09
C GLU A 120 12.95 0.01 -9.98
N TRP A 121 12.00 0.86 -9.76
CA TRP A 121 11.80 1.95 -10.70
C TRP A 121 11.89 3.32 -10.06
N ASP A 122 11.55 3.41 -8.81
CA ASP A 122 11.55 4.69 -8.16
C ASP A 122 12.84 4.90 -7.38
N PHE A 123 13.47 6.04 -7.59
CA PHE A 123 14.74 6.34 -6.94
C PHE A 123 14.58 6.55 -5.43
N GLU A 124 13.42 7.04 -5.01
CA GLU A 124 13.15 7.23 -3.60
C GLU A 124 12.99 5.86 -2.98
N GLU A 125 12.34 4.99 -3.72
CA GLU A 125 12.20 3.60 -3.36
C GLU A 125 13.59 2.98 -3.21
N TRP A 126 14.43 3.17 -4.23
CA TRP A 126 15.80 2.66 -4.23
C TRP A 126 16.50 3.12 -2.95
N ARG A 127 16.34 4.39 -2.65
CA ARG A 127 16.92 5.02 -1.47
C ARG A 127 16.43 4.36 -0.17
N VAL A 128 15.11 4.18 -0.05
CA VAL A 128 14.53 3.65 1.17
C VAL A 128 14.78 2.15 1.32
N VAL A 129 14.84 1.42 0.21
CA VAL A 129 15.11 -0.02 0.26
C VAL A 129 16.53 -0.23 0.76
N HIS A 130 17.43 0.59 0.28
CA HIS A 130 18.81 0.54 0.70
C HIS A 130 18.90 0.91 2.18
N ALA A 131 18.16 1.94 2.57
CA ALA A 131 18.17 2.39 3.96
C ALA A 131 17.62 1.31 4.89
N GLU A 132 16.44 0.80 4.56
CA GLU A 132 15.79 -0.21 5.38
C GLU A 132 16.61 -1.48 5.46
N LYS A 133 17.35 -1.78 4.39
CA LYS A 133 18.21 -2.97 4.32
C LYS A 133 19.26 -2.92 5.44
N PHE A 134 19.80 -1.77 5.69
CA PHE A 134 20.78 -1.64 6.75
C PHE A 134 20.09 -1.49 8.09
N VAL A 135 18.96 -0.79 8.12
CA VAL A 135 18.18 -0.61 9.35
C VAL A 135 17.68 -1.96 9.89
N GLU A 136 17.14 -2.81 9.01
CA GLU A 136 16.66 -4.14 9.40
C GLU A 136 17.79 -4.95 9.99
N THR A 137 18.98 -4.80 9.43
CA THR A 137 20.12 -5.54 9.89
C THR A 137 20.46 -5.13 11.32
N PHE A 138 20.43 -3.82 11.59
CA PHE A 138 20.66 -3.31 12.92
C PHE A 138 19.61 -3.86 13.87
N ARG A 139 18.36 -3.81 13.44
CA ARG A 139 17.24 -4.29 14.22
C ARG A 139 17.30 -5.78 14.49
N LYS A 140 17.52 -6.57 13.47
CA LYS A 140 17.62 -8.04 13.63
C LYS A 140 18.77 -8.40 14.56
N MET A 141 19.94 -7.79 14.35
CA MET A 141 21.10 -8.05 15.20
C MET A 141 20.83 -7.60 16.62
N LEU A 142 20.03 -6.54 16.74
CA LEU A 142 19.62 -6.04 18.03
C LEU A 142 18.81 -7.10 18.74
N GLU A 143 17.86 -7.68 18.03
CA GLU A 143 17.00 -8.72 18.59
C GLU A 143 17.83 -9.90 19.03
N TRP A 144 18.74 -10.34 18.18
CA TRP A 144 19.56 -11.50 18.48
C TRP A 144 20.52 -11.26 19.65
N ASN A 145 21.05 -10.05 19.73
CA ASN A 145 22.02 -9.72 20.78
C ASN A 145 21.31 -9.35 22.10
N LYS A 146 20.11 -8.83 21.99
CA LYS A 146 19.32 -8.45 23.16
C LYS A 146 18.67 -9.68 23.80
N ASN A 147 18.33 -10.64 22.96
CA ASN A 147 17.70 -11.87 23.42
C ASN A 147 18.69 -12.74 24.21
N PRO A 148 18.38 -13.01 25.50
CA PRO A 148 19.25 -13.79 26.40
C PRO A 148 19.38 -15.26 25.98
N ASN A 149 18.50 -15.71 25.09
CA ASN A 149 18.51 -17.09 24.64
C ASN A 149 19.73 -17.39 23.76
N GLY A 150 20.26 -16.37 23.12
CA GLY A 150 21.50 -16.51 22.39
C GLY A 150 21.38 -17.13 21.02
N LYS A 151 20.28 -16.91 20.33
CA LYS A 151 20.17 -17.39 18.95
C LYS A 151 20.90 -16.43 18.01
N SER A 152 21.78 -16.97 17.20
CA SER A 152 22.54 -16.18 16.25
C SER A 152 21.76 -16.06 14.92
N MET A 153 22.32 -15.32 13.96
CA MET A 153 21.69 -15.11 12.65
C MET A 153 21.56 -16.42 11.89
N GLU A 154 22.61 -17.21 11.93
CA GLU A 154 22.65 -18.52 11.26
C GLU A 154 21.61 -19.48 11.84
N GLU A 155 21.23 -19.23 13.07
CA GLU A 155 20.20 -19.99 13.73
C GLU A 155 18.82 -19.58 13.20
N ALA A 156 18.63 -18.28 13.08
CA ALA A 156 17.36 -17.69 12.66
C ALA A 156 17.05 -17.92 11.18
N VAL A 157 18.09 -18.11 10.39
CA VAL A 157 17.88 -18.33 8.97
C VAL A 157 18.61 -19.59 8.52
N GLY A 158 18.01 -20.34 7.63
CA GLY A 158 18.62 -21.56 7.16
C GLY A 158 19.71 -21.26 6.16
N SER A 159 20.92 -21.17 6.65
CA SER A 159 22.05 -20.88 5.82
C SER A 159 22.69 -22.19 5.38
N LEU A 160 23.22 -22.20 4.18
CA LEU A 160 23.84 -23.42 3.66
C LEU A 160 25.24 -23.55 4.19
N LEU A 161 25.43 -24.50 5.07
CA LEU A 161 26.71 -24.76 5.71
C LEU A 161 26.58 -26.04 6.53
N SER A 162 25.49 -26.12 7.28
CA SER A 162 25.20 -27.24 8.18
C SER A 162 26.20 -27.23 9.33
N SER A 163 25.94 -26.37 10.28
CA SER A 163 26.77 -26.22 11.42
C SER A 163 26.30 -27.09 12.56
N GLY A 164 27.22 -27.80 13.15
CA GLY A 164 26.95 -28.61 14.27
C GLY A 164 28.21 -28.75 15.08
N ASP A 165 28.49 -29.95 15.50
CA ASP A 165 29.69 -30.25 16.24
C ASP A 165 30.19 -31.60 15.81
N SER A 1 -8.58 -10.07 18.63
CA SER A 1 -8.40 -8.64 18.68
C SER A 1 -7.17 -8.27 17.87
N THR A 2 -7.31 -7.26 17.05
CA THR A 2 -6.22 -6.75 16.26
C THR A 2 -6.12 -5.26 16.49
N SER A 3 -4.94 -4.70 16.42
CA SER A 3 -4.80 -3.28 16.58
C SER A 3 -5.04 -2.65 15.20
N SER A 4 -6.32 -2.49 14.90
CA SER A 4 -6.81 -2.02 13.64
C SER A 4 -8.34 -1.99 13.84
N ASP A 5 -9.10 -1.90 12.78
CA ASP A 5 -10.55 -1.92 12.95
C ASP A 5 -11.07 -3.35 13.01
N PRO A 6 -11.74 -3.73 14.12
CA PRO A 6 -12.29 -5.08 14.29
C PRO A 6 -13.55 -5.31 13.46
N GLN A 7 -14.42 -4.31 13.41
CA GLN A 7 -15.69 -4.45 12.71
C GLN A 7 -15.52 -4.10 11.24
N SER A 8 -14.45 -3.45 10.92
CA SER A 8 -14.23 -2.96 9.61
C SER A 8 -12.96 -3.55 9.02
N HIS A 9 -12.75 -3.26 7.77
CA HIS A 9 -11.59 -3.63 7.03
C HIS A 9 -10.73 -2.43 6.83
N ASN A 10 -9.48 -2.67 6.61
CA ASN A 10 -8.51 -1.62 6.35
C ASN A 10 -7.69 -2.10 5.19
N VAL A 11 -7.65 -1.34 4.13
CA VAL A 11 -7.04 -1.83 2.91
C VAL A 11 -5.87 -0.94 2.47
N PHE A 12 -4.70 -1.52 2.33
CA PHE A 12 -3.52 -0.83 1.81
C PHE A 12 -3.59 -0.88 0.31
N VAL A 13 -3.88 0.23 -0.32
CA VAL A 13 -3.99 0.24 -1.75
C VAL A 13 -3.01 1.23 -2.37
N TYR A 14 -2.55 0.90 -3.54
CA TYR A 14 -1.80 1.80 -4.35
C TYR A 14 -2.49 1.81 -5.70
N GLY A 15 -3.35 2.79 -5.92
CA GLY A 15 -4.06 2.82 -7.16
C GLY A 15 -5.28 3.73 -7.16
N SER A 16 -6.28 3.28 -7.89
CA SER A 16 -7.51 3.99 -8.26
C SER A 16 -8.21 4.80 -7.13
N ILE A 17 -8.64 4.13 -6.09
CA ILE A 17 -9.54 4.76 -5.11
C ILE A 17 -8.83 5.48 -3.97
N LEU A 18 -7.55 5.78 -4.15
CA LEU A 18 -6.82 6.52 -3.12
C LEU A 18 -7.22 7.96 -3.08
N GLU A 19 -7.84 8.40 -4.15
CA GLU A 19 -8.34 9.73 -4.21
C GLU A 19 -9.67 9.82 -3.46
N PRO A 20 -9.77 10.77 -2.50
CA PRO A 20 -10.93 10.93 -1.60
C PRO A 20 -12.29 10.88 -2.30
N ALA A 21 -12.38 11.48 -3.48
CA ALA A 21 -13.63 11.46 -4.24
C ALA A 21 -14.05 10.04 -4.55
N VAL A 22 -13.24 9.34 -5.34
CA VAL A 22 -13.47 7.97 -5.72
C VAL A 22 -13.62 7.06 -4.48
N ALA A 23 -12.93 7.40 -3.41
CA ALA A 23 -13.04 6.65 -2.16
C ALA A 23 -14.46 6.79 -1.55
N ALA A 24 -15.07 7.95 -1.73
CA ALA A 24 -16.44 8.16 -1.25
C ALA A 24 -17.40 7.56 -2.24
N VAL A 25 -16.98 7.58 -3.46
CA VAL A 25 -17.67 6.99 -4.59
C VAL A 25 -17.75 5.44 -4.47
N ILE A 26 -16.73 4.84 -3.90
CA ILE A 26 -16.70 3.40 -3.75
C ILE A 26 -17.39 2.92 -2.45
N LEU A 27 -17.13 3.62 -1.36
CA LEU A 27 -17.66 3.24 -0.04
C LEU A 27 -19.05 3.79 0.18
N ASP A 28 -19.31 4.95 -0.44
CA ASP A 28 -20.53 5.75 -0.25
C ASP A 28 -20.40 6.60 1.01
N ARG A 29 -19.23 6.48 1.65
CA ARG A 29 -18.93 7.21 2.85
C ARG A 29 -17.64 7.93 2.61
N THR A 30 -17.32 8.90 3.43
CA THR A 30 -16.06 9.58 3.30
C THR A 30 -14.96 8.70 3.87
N ALA A 31 -14.08 8.26 3.01
CA ALA A 31 -13.04 7.34 3.37
C ALA A 31 -11.90 8.01 4.06
N ASP A 32 -11.42 7.42 5.11
CA ASP A 32 -10.27 7.94 5.75
C ASP A 32 -9.04 7.17 5.33
N THR A 33 -8.21 7.82 4.57
CA THR A 33 -6.98 7.25 4.19
C THR A 33 -5.86 7.95 4.88
N VAL A 34 -4.88 7.20 5.22
CA VAL A 34 -3.67 7.73 5.78
C VAL A 34 -2.52 7.07 5.06
N PRO A 35 -1.45 7.81 4.76
CA PRO A 35 -0.28 7.24 4.15
C PRO A 35 0.30 6.19 5.07
N ALA A 36 0.70 5.09 4.51
CA ALA A 36 1.22 4.00 5.27
C ALA A 36 2.25 3.29 4.45
N VAL A 37 3.12 2.62 5.11
CA VAL A 37 4.14 1.91 4.42
C VAL A 37 4.17 0.44 4.81
N LEU A 38 4.09 -0.39 3.82
CA LEU A 38 4.10 -1.79 3.98
C LEU A 38 5.53 -2.29 3.93
N HIS A 39 6.00 -2.79 5.03
CA HIS A 39 7.33 -3.34 5.08
C HIS A 39 7.28 -4.80 4.62
N GLY A 40 8.20 -5.22 3.81
CA GLY A 40 8.24 -6.61 3.47
C GLY A 40 7.77 -6.88 2.08
N TYR A 41 6.98 -6.01 1.55
CA TYR A 41 6.53 -6.20 0.23
C TYR A 41 7.27 -5.36 -0.70
N HIS A 42 7.51 -5.89 -1.85
CA HIS A 42 8.31 -5.22 -2.78
C HIS A 42 7.46 -4.80 -3.96
N ARG A 43 7.64 -3.60 -4.38
CA ARG A 43 6.94 -3.05 -5.52
C ARG A 43 7.70 -3.37 -6.79
N TYR A 44 7.11 -4.20 -7.59
CA TYR A 44 7.66 -4.57 -8.89
C TYR A 44 6.84 -3.86 -9.91
N LYS A 45 7.48 -3.13 -10.79
CA LYS A 45 6.79 -2.39 -11.83
C LYS A 45 6.53 -3.30 -13.04
N LEU A 46 7.17 -4.45 -13.01
CA LEU A 46 7.13 -5.46 -14.06
C LEU A 46 7.89 -5.06 -15.29
N LYS A 47 7.19 -4.58 -16.29
CA LYS A 47 7.78 -4.15 -17.57
C LYS A 47 6.70 -3.84 -18.57
N GLY A 48 5.65 -4.63 -18.55
CA GLY A 48 4.56 -4.40 -19.44
C GLY A 48 3.21 -4.53 -18.77
N LEU A 49 3.20 -4.75 -17.46
CA LEU A 49 1.92 -4.93 -16.79
C LEU A 49 1.37 -3.60 -16.25
N PRO A 50 0.05 -3.33 -16.48
CA PRO A 50 -0.59 -2.05 -16.11
C PRO A 50 -0.87 -1.89 -14.59
N TYR A 51 -0.02 -1.09 -13.93
CA TYR A 51 -0.09 -0.70 -12.46
C TYR A 51 0.25 -1.76 -11.31
N PRO A 52 0.64 -3.06 -11.57
CA PRO A 52 1.02 -3.99 -10.53
C PRO A 52 2.53 -3.84 -10.25
N CYS A 53 3.08 -4.43 -9.20
CA CYS A 53 2.43 -5.21 -8.18
C CYS A 53 3.28 -5.19 -6.94
N ILE A 54 2.86 -5.91 -5.92
CA ILE A 54 3.68 -6.19 -4.79
C ILE A 54 3.54 -7.66 -4.47
N VAL A 55 4.66 -8.31 -4.31
CA VAL A 55 4.72 -9.72 -3.94
C VAL A 55 5.99 -9.91 -3.13
N SER A 56 6.28 -11.16 -2.76
CA SER A 56 7.48 -11.51 -1.99
C SER A 56 7.39 -11.00 -0.54
N SER A 57 8.47 -11.14 0.17
CA SER A 57 8.55 -10.70 1.54
C SER A 57 9.98 -10.28 1.86
N ASP A 58 10.64 -9.70 0.86
CA ASP A 58 12.04 -9.28 0.98
C ASP A 58 12.16 -8.00 1.81
N SER A 59 13.34 -7.38 1.77
CA SER A 59 13.63 -6.21 2.57
C SER A 59 12.96 -4.93 2.04
N GLY A 60 12.39 -5.01 0.86
CA GLY A 60 11.73 -3.85 0.29
C GLY A 60 10.50 -3.44 1.06
N LYS A 61 10.09 -2.21 0.86
CA LYS A 61 8.89 -1.72 1.47
C LYS A 61 8.10 -0.92 0.44
N VAL A 62 6.82 -0.77 0.67
CA VAL A 62 5.95 -0.08 -0.26
C VAL A 62 5.21 1.04 0.45
N ASN A 63 5.26 2.23 -0.09
CA ASN A 63 4.60 3.37 0.51
C ASN A 63 3.28 3.64 -0.21
N GLY A 64 2.20 3.61 0.52
CA GLY A 64 0.90 3.83 -0.05
C GLY A 64 -0.04 4.46 0.94
N LYS A 65 -1.31 4.12 0.85
CA LYS A 65 -2.32 4.65 1.74
C LYS A 65 -3.26 3.54 2.13
N VAL A 66 -3.67 3.50 3.37
CA VAL A 66 -4.64 2.51 3.78
C VAL A 66 -6.00 3.14 3.94
N ILE A 67 -6.98 2.53 3.37
CA ILE A 67 -8.33 2.99 3.49
C ILE A 67 -8.92 2.34 4.71
N THR A 68 -9.29 3.12 5.67
CA THR A 68 -9.76 2.60 6.91
C THR A 68 -11.29 2.69 7.04
N GLY A 69 -11.85 1.90 7.97
CA GLY A 69 -13.26 1.91 8.23
C GLY A 69 -14.10 1.34 7.11
N VAL A 70 -13.58 0.37 6.42
CA VAL A 70 -14.30 -0.23 5.32
C VAL A 70 -15.21 -1.35 5.82
N SER A 71 -16.50 -1.26 5.57
CA SER A 71 -17.40 -2.33 6.00
C SER A 71 -17.22 -3.52 5.08
N ASP A 72 -17.60 -4.70 5.53
CA ASP A 72 -17.37 -5.94 4.75
C ASP A 72 -18.01 -5.87 3.37
N ALA A 73 -19.20 -5.35 3.32
CA ALA A 73 -19.95 -5.22 2.07
C ALA A 73 -19.33 -4.17 1.17
N GLU A 74 -18.78 -3.15 1.79
CA GLU A 74 -18.15 -2.06 1.07
C GLU A 74 -16.79 -2.52 0.54
N LEU A 75 -16.15 -3.38 1.31
CA LEU A 75 -14.85 -3.97 1.00
C LEU A 75 -14.96 -4.77 -0.27
N ASN A 76 -16.05 -5.48 -0.40
CA ASN A 76 -16.33 -6.29 -1.56
C ASN A 76 -16.29 -5.47 -2.85
N ASN A 77 -16.63 -4.19 -2.75
CA ASN A 77 -16.72 -3.36 -3.95
C ASN A 77 -15.33 -3.11 -4.54
N PHE A 78 -14.31 -3.06 -3.67
CA PHE A 78 -12.93 -2.84 -4.14
C PHE A 78 -12.46 -4.10 -4.83
N ASP A 79 -12.79 -5.21 -4.21
CA ASP A 79 -12.39 -6.55 -4.64
C ASP A 79 -12.96 -6.84 -6.04
N VAL A 80 -14.16 -6.34 -6.29
CA VAL A 80 -14.84 -6.52 -7.57
C VAL A 80 -14.24 -5.62 -8.69
N ILE A 81 -13.59 -4.51 -8.35
CA ILE A 81 -13.11 -3.60 -9.41
C ILE A 81 -11.85 -4.14 -10.11
N GLU A 82 -10.68 -3.91 -9.55
CA GLU A 82 -9.46 -4.42 -10.17
C GLU A 82 -8.87 -5.61 -9.43
N GLY A 83 -9.62 -6.15 -8.49
CA GLY A 83 -9.14 -7.28 -7.72
C GLY A 83 -9.32 -8.60 -8.46
N ASN A 84 -9.23 -8.58 -9.78
CA ASN A 84 -9.40 -9.76 -10.60
C ASN A 84 -8.13 -10.57 -10.68
N ASP A 85 -7.00 -9.88 -10.80
CA ASP A 85 -5.71 -10.54 -10.92
C ASP A 85 -4.91 -10.26 -9.69
N TYR A 86 -5.59 -9.79 -8.71
CA TYR A 86 -5.00 -9.55 -7.43
C TYR A 86 -5.77 -10.32 -6.42
N GLU A 87 -5.15 -10.61 -5.33
CA GLU A 87 -5.80 -11.28 -4.25
C GLU A 87 -5.60 -10.45 -2.98
N ARG A 88 -6.50 -10.60 -2.03
CA ARG A 88 -6.42 -9.88 -0.78
C ARG A 88 -5.73 -10.67 0.29
N VAL A 89 -4.54 -10.27 0.61
CA VAL A 89 -3.79 -10.89 1.67
C VAL A 89 -3.65 -9.92 2.81
N THR A 90 -3.41 -10.42 3.98
CA THR A 90 -3.27 -9.58 5.12
C THR A 90 -1.78 -9.29 5.34
N VAL A 91 -1.46 -8.02 5.42
CA VAL A 91 -0.12 -7.54 5.57
C VAL A 91 -0.10 -6.52 6.68
N GLU A 92 1.01 -6.26 7.27
CA GLU A 92 1.02 -5.30 8.33
C GLU A 92 1.85 -4.10 7.89
N VAL A 93 1.29 -2.93 8.04
CA VAL A 93 1.92 -1.74 7.54
C VAL A 93 2.04 -0.73 8.66
N VAL A 94 2.82 0.27 8.45
CA VAL A 94 2.92 1.32 9.41
C VAL A 94 2.08 2.47 8.93
N ARG A 95 1.18 2.90 9.79
CA ARG A 95 0.16 3.90 9.51
C ARG A 95 0.77 5.32 9.30
N MET A 96 2.11 5.40 9.30
CA MET A 96 2.95 6.61 9.02
C MET A 96 2.59 7.84 9.83
N ASP A 97 1.44 8.42 9.55
CA ASP A 97 0.97 9.64 10.20
C ASP A 97 0.91 9.47 11.70
N ASN A 98 0.42 8.33 12.13
CA ASN A 98 0.26 8.07 13.56
C ASN A 98 1.45 7.21 14.00
N SER A 99 2.22 6.76 12.99
CA SER A 99 3.45 5.99 13.16
C SER A 99 3.24 4.61 13.85
N GLU A 100 2.00 4.20 13.97
CA GLU A 100 1.68 2.93 14.58
C GLU A 100 1.63 1.87 13.51
N LYS A 101 1.70 0.65 13.91
CA LYS A 101 1.66 -0.44 12.96
C LYS A 101 0.24 -0.97 12.90
N VAL A 102 -0.28 -1.10 11.73
CA VAL A 102 -1.62 -1.54 11.54
C VAL A 102 -1.69 -2.71 10.56
N LYS A 103 -2.39 -3.74 10.96
CA LYS A 103 -2.54 -4.93 10.15
C LYS A 103 -3.75 -4.72 9.23
N VAL A 104 -3.50 -4.77 7.94
CA VAL A 104 -4.51 -4.44 6.94
C VAL A 104 -4.49 -5.48 5.80
N GLU A 105 -5.43 -5.37 4.89
CA GLU A 105 -5.43 -6.22 3.71
C GLU A 105 -4.87 -5.43 2.55
N THR A 106 -4.31 -6.10 1.60
CA THR A 106 -3.79 -5.43 0.46
C THR A 106 -3.97 -6.34 -0.76
N TYR A 107 -3.66 -5.82 -1.92
CA TYR A 107 -3.76 -6.55 -3.13
C TYR A 107 -2.40 -6.90 -3.65
N VAL A 108 -2.14 -8.16 -3.73
CA VAL A 108 -0.91 -8.64 -4.25
C VAL A 108 -1.19 -9.30 -5.58
N TRP A 109 -0.15 -9.61 -6.32
CA TRP A 109 -0.36 -10.12 -7.64
C TRP A 109 -0.61 -11.60 -7.56
N VAL A 110 -1.77 -12.00 -8.03
CA VAL A 110 -2.27 -13.36 -7.86
C VAL A 110 -1.45 -14.37 -8.68
N ASN A 111 -0.75 -13.85 -9.69
CA ASN A 111 0.06 -14.62 -10.62
C ASN A 111 1.45 -14.87 -10.07
N LYS A 112 1.62 -14.62 -8.79
CA LYS A 112 2.88 -14.72 -8.09
C LYS A 112 3.60 -16.08 -8.31
N ASP A 113 2.84 -17.14 -8.58
CA ASP A 113 3.42 -18.50 -8.77
C ASP A 113 4.03 -18.64 -10.14
N ASP A 114 3.71 -17.74 -11.03
CA ASP A 114 4.28 -17.74 -12.34
C ASP A 114 5.51 -16.87 -12.29
N PRO A 115 6.63 -17.27 -12.95
CA PRO A 115 7.88 -16.51 -12.97
C PRO A 115 7.66 -15.00 -13.10
N ARG A 116 7.91 -14.28 -12.03
CA ARG A 116 7.69 -12.86 -12.01
C ARG A 116 8.96 -12.13 -12.32
N MET A 117 8.82 -10.87 -12.69
CA MET A 117 9.94 -9.99 -12.86
C MET A 117 10.41 -9.67 -11.46
N TYR A 118 11.39 -10.38 -11.02
CA TYR A 118 11.80 -10.30 -9.65
C TYR A 118 12.92 -9.28 -9.48
N GLY A 119 13.74 -9.15 -10.49
CA GLY A 119 14.81 -8.22 -10.40
C GLY A 119 15.19 -7.61 -11.70
N GLU A 120 14.21 -7.22 -12.47
CA GLU A 120 14.50 -6.54 -13.70
C GLU A 120 14.59 -5.06 -13.45
N TRP A 121 15.14 -4.34 -14.42
CA TRP A 121 15.33 -2.88 -14.39
C TRP A 121 16.48 -2.45 -13.47
N ASP A 122 16.64 -3.10 -12.33
CA ASP A 122 17.74 -2.78 -11.44
C ASP A 122 18.52 -4.04 -11.14
N PHE A 123 19.74 -4.09 -11.64
CA PHE A 123 20.58 -5.26 -11.52
C PHE A 123 21.07 -5.51 -10.07
N GLU A 124 21.43 -4.44 -9.37
CA GLU A 124 22.02 -4.61 -8.04
C GLU A 124 20.98 -5.04 -7.03
N GLU A 125 19.76 -4.56 -7.22
CA GLU A 125 18.66 -4.95 -6.38
C GLU A 125 18.36 -6.42 -6.59
N TRP A 126 18.44 -6.85 -7.82
CA TRP A 126 18.23 -8.23 -8.17
C TRP A 126 19.28 -9.11 -7.51
N ARG A 127 20.53 -8.70 -7.64
CA ARG A 127 21.65 -9.43 -7.07
C ARG A 127 21.53 -9.58 -5.54
N VAL A 128 21.24 -8.49 -4.85
CA VAL A 128 21.16 -8.53 -3.39
C VAL A 128 19.96 -9.34 -2.90
N VAL A 129 18.82 -9.18 -3.56
CA VAL A 129 17.62 -9.88 -3.13
C VAL A 129 17.65 -11.34 -3.58
N HIS A 130 18.35 -11.63 -4.69
CA HIS A 130 18.56 -13.01 -5.16
C HIS A 130 19.19 -13.82 -4.04
N ALA A 131 20.22 -13.27 -3.44
CA ALA A 131 20.92 -13.90 -2.34
C ALA A 131 19.98 -14.11 -1.15
N GLU A 132 19.17 -13.10 -0.86
CA GLU A 132 18.22 -13.16 0.26
C GLU A 132 17.13 -14.20 0.01
N LYS A 133 16.64 -14.26 -1.22
CA LYS A 133 15.56 -15.17 -1.57
C LYS A 133 16.08 -16.59 -1.47
N PHE A 134 17.17 -16.89 -2.13
CA PHE A 134 17.69 -18.25 -2.14
C PHE A 134 18.12 -18.79 -0.79
N VAL A 135 18.60 -17.94 0.12
CA VAL A 135 18.92 -18.41 1.45
C VAL A 135 17.60 -18.72 2.21
N GLU A 136 16.58 -17.92 1.95
CA GLU A 136 15.28 -18.08 2.52
C GLU A 136 14.62 -19.35 1.94
N THR A 137 14.90 -19.63 0.68
CA THR A 137 14.48 -20.87 0.03
C THR A 137 15.04 -22.07 0.83
N PHE A 138 16.30 -21.98 1.22
CA PHE A 138 16.94 -23.00 2.00
C PHE A 138 16.30 -23.07 3.38
N ARG A 139 15.91 -21.91 3.89
CA ARG A 139 15.21 -21.88 5.15
C ARG A 139 13.90 -22.65 5.02
N LYS A 140 13.10 -22.30 4.01
CA LYS A 140 11.83 -22.99 3.77
C LYS A 140 11.97 -24.49 3.60
N MET A 141 13.02 -24.94 2.92
CA MET A 141 13.20 -26.37 2.72
C MET A 141 13.50 -27.05 4.07
N LEU A 142 14.17 -26.31 4.95
CA LEU A 142 14.49 -26.78 6.27
C LEU A 142 13.25 -26.72 7.15
N GLU A 143 12.49 -25.64 7.03
CA GLU A 143 11.23 -25.46 7.77
C GLU A 143 10.27 -26.58 7.44
N TRP A 144 10.15 -26.85 6.15
CA TRP A 144 9.25 -27.86 5.63
C TRP A 144 9.67 -29.27 6.07
N ASN A 145 10.95 -29.52 6.15
CA ASN A 145 11.45 -30.84 6.51
C ASN A 145 11.44 -31.03 8.04
N LYS A 146 11.80 -29.99 8.76
CA LYS A 146 11.85 -30.08 10.20
C LYS A 146 10.45 -29.96 10.81
N ASN A 147 9.58 -29.22 10.15
CA ASN A 147 8.21 -29.06 10.62
C ASN A 147 7.23 -29.45 9.51
N PRO A 148 6.95 -30.76 9.37
CA PRO A 148 6.05 -31.26 8.32
C PRO A 148 4.60 -30.95 8.59
N ASN A 149 4.26 -30.74 9.83
CA ASN A 149 2.88 -30.45 10.20
C ASN A 149 2.69 -28.94 10.34
N GLY A 150 3.80 -28.23 10.44
CA GLY A 150 3.77 -26.80 10.61
C GLY A 150 3.75 -26.04 9.30
N LYS A 151 3.82 -26.75 8.19
CA LYS A 151 3.76 -26.11 6.90
C LYS A 151 2.34 -25.68 6.54
N SER A 152 2.21 -24.46 6.09
CA SER A 152 0.91 -23.90 5.77
C SER A 152 0.64 -23.92 4.25
N MET A 153 -0.56 -23.46 3.87
CA MET A 153 -1.04 -23.47 2.47
C MET A 153 -0.12 -22.74 1.49
N GLU A 154 0.48 -21.65 1.94
CA GLU A 154 1.29 -20.82 1.06
C GLU A 154 2.77 -21.17 1.32
N GLU A 155 3.04 -21.80 2.45
CA GLU A 155 4.40 -22.22 2.77
C GLU A 155 4.78 -23.41 1.92
N ALA A 156 3.93 -24.42 1.95
CA ALA A 156 4.12 -25.64 1.17
C ALA A 156 3.67 -25.41 -0.24
N VAL A 157 2.75 -24.46 -0.36
CA VAL A 157 2.09 -24.12 -1.62
C VAL A 157 1.21 -25.26 -2.11
N GLY A 158 -0.02 -25.21 -1.73
CA GLY A 158 -0.98 -26.20 -2.13
C GLY A 158 -2.20 -25.55 -2.70
N SER A 159 -3.19 -25.33 -1.87
CA SER A 159 -4.39 -24.65 -2.29
C SER A 159 -4.10 -23.15 -2.35
N LEU A 160 -3.80 -22.69 -3.53
CA LEU A 160 -3.46 -21.32 -3.75
C LEU A 160 -3.79 -21.02 -5.21
N LEU A 161 -3.96 -19.78 -5.56
CA LEU A 161 -4.36 -19.45 -6.92
C LEU A 161 -3.17 -19.37 -7.84
N SER A 162 -2.84 -20.49 -8.44
CA SER A 162 -1.81 -20.55 -9.44
C SER A 162 -2.38 -19.99 -10.74
N SER A 163 -1.75 -19.00 -11.28
CA SER A 163 -2.26 -18.37 -12.45
C SER A 163 -1.14 -17.83 -13.35
N GLY A 164 -1.50 -17.45 -14.55
CA GLY A 164 -0.58 -16.88 -15.49
C GLY A 164 -1.30 -15.93 -16.39
N ASP A 165 -0.62 -15.43 -17.38
CA ASP A 165 -1.24 -14.53 -18.32
C ASP A 165 -1.90 -15.31 -19.43
N SER A 1 -0.55 4.36 18.99
CA SER A 1 -1.74 3.83 19.60
C SER A 1 -2.96 4.40 18.91
N THR A 2 -3.05 5.75 18.85
CA THR A 2 -4.15 6.48 18.19
C THR A 2 -5.55 5.94 18.51
N SER A 3 -6.00 5.04 17.71
CA SER A 3 -7.25 4.42 17.89
C SER A 3 -7.13 2.93 17.60
N SER A 4 -7.38 2.13 18.58
CA SER A 4 -7.38 0.71 18.41
C SER A 4 -8.68 0.32 17.73
N ASP A 5 -8.62 0.08 16.44
CA ASP A 5 -9.80 -0.29 15.64
C ASP A 5 -10.43 -1.55 16.23
N PRO A 6 -11.61 -1.43 16.86
CA PRO A 6 -12.28 -2.55 17.52
C PRO A 6 -13.19 -3.30 16.58
N GLN A 7 -13.31 -2.79 15.38
CA GLN A 7 -14.13 -3.33 14.37
C GLN A 7 -13.67 -2.74 13.09
N SER A 8 -14.40 -3.02 12.03
CA SER A 8 -14.11 -2.51 10.71
C SER A 8 -12.83 -3.10 10.13
N HIS A 9 -12.52 -2.69 8.95
CA HIS A 9 -11.38 -3.15 8.25
C HIS A 9 -10.56 -2.00 7.80
N ASN A 10 -9.31 -2.28 7.60
CA ASN A 10 -8.36 -1.32 7.13
C ASN A 10 -7.68 -1.93 5.94
N VAL A 11 -7.61 -1.22 4.87
CA VAL A 11 -7.06 -1.77 3.65
C VAL A 11 -6.03 -0.83 3.00
N PHE A 12 -4.88 -1.39 2.71
CA PHE A 12 -3.79 -0.68 2.05
C PHE A 12 -4.08 -0.71 0.57
N VAL A 13 -4.44 0.43 0.03
CA VAL A 13 -4.83 0.50 -1.35
C VAL A 13 -3.83 1.31 -2.13
N TYR A 14 -3.28 0.70 -3.15
CA TYR A 14 -2.33 1.35 -3.99
C TYR A 14 -3.08 1.87 -5.20
N GLY A 15 -3.26 3.17 -5.25
CA GLY A 15 -4.02 3.78 -6.33
C GLY A 15 -5.50 3.56 -6.14
N SER A 16 -6.19 3.24 -7.22
CA SER A 16 -7.62 2.94 -7.23
C SER A 16 -8.51 4.09 -6.73
N ILE A 17 -8.64 4.25 -5.41
CA ILE A 17 -9.53 5.26 -4.88
C ILE A 17 -8.81 6.28 -4.02
N LEU A 18 -7.49 6.37 -4.16
CA LEU A 18 -6.71 7.39 -3.43
C LEU A 18 -7.19 8.79 -3.81
N GLU A 19 -7.81 8.87 -4.97
CA GLU A 19 -8.51 10.05 -5.41
C GLU A 19 -9.89 10.04 -4.74
N PRO A 20 -10.19 11.06 -3.90
CA PRO A 20 -11.44 11.15 -3.12
C PRO A 20 -12.71 10.90 -3.95
N ALA A 21 -12.69 11.36 -5.19
CA ALA A 21 -13.82 11.21 -6.09
C ALA A 21 -14.20 9.75 -6.30
N VAL A 22 -13.21 8.89 -6.48
CA VAL A 22 -13.45 7.48 -6.71
C VAL A 22 -13.78 6.78 -5.39
N ALA A 23 -13.19 7.26 -4.32
CA ALA A 23 -13.49 6.74 -2.98
C ALA A 23 -14.97 6.98 -2.67
N ALA A 24 -15.48 8.08 -3.18
CA ALA A 24 -16.86 8.44 -3.00
C ALA A 24 -17.79 7.60 -3.89
N VAL A 25 -17.24 6.93 -4.90
CA VAL A 25 -18.09 6.09 -5.71
C VAL A 25 -18.16 4.68 -5.13
N ILE A 26 -17.09 4.25 -4.46
CA ILE A 26 -17.08 2.94 -3.84
C ILE A 26 -17.80 2.96 -2.48
N LEU A 27 -17.47 3.92 -1.63
CA LEU A 27 -18.02 3.97 -0.27
C LEU A 27 -19.25 4.84 -0.23
N ASP A 28 -19.42 5.65 -1.27
CA ASP A 28 -20.52 6.64 -1.39
C ASP A 28 -20.28 7.82 -0.42
N ARG A 29 -19.13 7.79 0.20
CA ARG A 29 -18.67 8.78 1.13
C ARG A 29 -17.19 8.97 0.90
N THR A 30 -16.62 9.97 1.48
CA THR A 30 -15.21 10.22 1.32
C THR A 30 -14.43 9.22 2.18
N ALA A 31 -13.47 8.53 1.59
CA ALA A 31 -12.68 7.56 2.32
C ALA A 31 -11.69 8.24 3.19
N ASP A 32 -11.55 7.75 4.38
CA ASP A 32 -10.59 8.31 5.29
C ASP A 32 -9.35 7.47 5.24
N THR A 33 -8.32 8.01 4.68
CA THR A 33 -7.09 7.33 4.54
C THR A 33 -6.00 7.98 5.35
N VAL A 34 -5.12 7.19 5.84
CA VAL A 34 -3.94 7.66 6.50
C VAL A 34 -2.76 7.02 5.79
N PRO A 35 -1.63 7.72 5.68
CA PRO A 35 -0.49 7.15 5.00
C PRO A 35 0.08 6.00 5.79
N ALA A 36 0.49 4.99 5.12
CA ALA A 36 1.04 3.84 5.74
C ALA A 36 2.04 3.20 4.85
N VAL A 37 2.95 2.47 5.40
CA VAL A 37 3.95 1.82 4.63
C VAL A 37 3.94 0.31 4.85
N LEU A 38 3.79 -0.40 3.78
CA LEU A 38 3.78 -1.81 3.81
C LEU A 38 5.18 -2.35 3.69
N HIS A 39 5.76 -2.57 4.81
CA HIS A 39 7.05 -3.18 4.88
C HIS A 39 6.91 -4.63 4.42
N GLY A 40 7.79 -5.08 3.59
CA GLY A 40 7.72 -6.46 3.22
C GLY A 40 7.42 -6.65 1.76
N TYR A 41 6.72 -5.71 1.21
CA TYR A 41 6.35 -5.80 -0.16
C TYR A 41 7.07 -4.79 -1.00
N HIS A 42 7.01 -4.97 -2.29
CA HIS A 42 7.69 -4.11 -3.24
C HIS A 42 7.03 -4.13 -4.57
N ARG A 43 6.94 -2.96 -5.16
CA ARG A 43 6.30 -2.78 -6.44
C ARG A 43 7.24 -3.01 -7.61
N TYR A 44 6.71 -3.67 -8.63
CA TYR A 44 7.40 -3.92 -9.87
C TYR A 44 6.86 -3.00 -10.95
N LYS A 45 7.63 -2.78 -12.00
CA LYS A 45 7.24 -1.81 -13.04
C LYS A 45 6.24 -2.37 -14.06
N LEU A 46 6.49 -3.61 -14.55
CA LEU A 46 5.68 -4.24 -15.62
C LEU A 46 5.71 -3.41 -16.91
N LYS A 47 5.01 -3.88 -17.91
CA LYS A 47 4.89 -3.13 -19.15
C LYS A 47 3.44 -2.96 -19.51
N GLY A 48 2.84 -4.05 -19.92
CA GLY A 48 1.49 -3.99 -20.38
C GLY A 48 0.45 -4.29 -19.34
N LEU A 49 0.82 -4.18 -18.08
CA LEU A 49 -0.15 -4.37 -17.03
C LEU A 49 -0.59 -3.00 -16.50
N PRO A 50 -1.85 -2.86 -15.98
CA PRO A 50 -2.44 -1.56 -15.60
C PRO A 50 -1.72 -0.83 -14.45
N TYR A 51 -1.99 -1.23 -13.20
CA TYR A 51 -1.29 -0.63 -12.07
C TYR A 51 -0.81 -1.69 -11.06
N PRO A 52 0.24 -2.41 -11.45
CA PRO A 52 0.88 -3.44 -10.65
C PRO A 52 2.26 -3.01 -10.13
N CYS A 53 2.84 -3.74 -9.19
CA CYS A 53 2.27 -4.86 -8.43
C CYS A 53 3.06 -4.95 -7.15
N ILE A 54 2.57 -5.61 -6.13
CA ILE A 54 3.41 -5.87 -4.99
C ILE A 54 3.48 -7.34 -4.72
N VAL A 55 4.69 -7.86 -4.75
CA VAL A 55 4.91 -9.29 -4.64
C VAL A 55 6.25 -9.57 -3.98
N SER A 56 6.62 -10.86 -3.96
CA SER A 56 7.90 -11.34 -3.47
C SER A 56 8.02 -11.19 -1.95
N SER A 57 9.23 -11.21 -1.42
CA SER A 57 9.45 -11.21 0.00
C SER A 57 9.95 -9.82 0.48
N ASP A 58 10.32 -9.76 1.76
CA ASP A 58 10.64 -8.54 2.54
C ASP A 58 11.91 -7.79 2.12
N SER A 59 12.23 -7.74 0.87
CA SER A 59 13.39 -6.98 0.43
C SER A 59 13.11 -5.48 0.35
N GLY A 60 11.85 -5.10 0.43
CA GLY A 60 11.50 -3.70 0.32
C GLY A 60 10.32 -3.33 1.13
N LYS A 61 9.82 -2.13 0.93
CA LYS A 61 8.62 -1.65 1.59
C LYS A 61 7.88 -0.75 0.61
N VAL A 62 6.57 -0.66 0.74
CA VAL A 62 5.77 0.18 -0.14
C VAL A 62 5.00 1.21 0.66
N ASN A 63 5.17 2.47 0.36
CA ASN A 63 4.42 3.47 1.07
C ASN A 63 3.17 3.85 0.29
N GLY A 64 2.07 3.82 0.97
CA GLY A 64 0.80 4.11 0.36
C GLY A 64 -0.17 4.67 1.37
N LYS A 65 -1.41 4.30 1.24
CA LYS A 65 -2.47 4.76 2.14
C LYS A 65 -3.41 3.64 2.49
N VAL A 66 -3.77 3.58 3.75
CA VAL A 66 -4.72 2.62 4.21
C VAL A 66 -6.04 3.29 4.49
N ILE A 67 -7.08 2.69 4.02
CA ILE A 67 -8.40 3.19 4.24
C ILE A 67 -8.87 2.57 5.52
N THR A 68 -9.39 3.38 6.40
CA THR A 68 -9.84 2.87 7.65
C THR A 68 -11.36 2.93 7.73
N GLY A 69 -11.94 2.16 8.64
CA GLY A 69 -13.38 2.17 8.83
C GLY A 69 -14.14 1.53 7.67
N VAL A 70 -13.58 0.47 7.11
CA VAL A 70 -14.21 -0.23 6.02
C VAL A 70 -15.00 -1.43 6.55
N SER A 71 -16.28 -1.50 6.28
CA SER A 71 -17.06 -2.62 6.75
C SER A 71 -16.78 -3.83 5.85
N ASP A 72 -17.31 -4.98 6.23
CA ASP A 72 -17.12 -6.20 5.42
C ASP A 72 -17.80 -6.06 4.07
N ALA A 73 -18.87 -5.28 4.04
CA ALA A 73 -19.61 -5.04 2.82
C ALA A 73 -18.89 -4.06 1.92
N GLU A 74 -18.34 -3.01 2.52
CA GLU A 74 -17.59 -2.01 1.74
C GLU A 74 -16.29 -2.61 1.23
N LEU A 75 -15.68 -3.47 2.06
CA LEU A 75 -14.41 -4.11 1.71
C LEU A 75 -14.62 -4.98 0.48
N ASN A 76 -15.77 -5.60 0.45
CA ASN A 76 -16.15 -6.51 -0.63
C ASN A 76 -16.05 -5.83 -1.99
N ASN A 77 -16.28 -4.52 -2.05
CA ASN A 77 -16.29 -3.85 -3.34
C ASN A 77 -14.87 -3.69 -3.84
N PHE A 78 -13.93 -3.52 -2.91
CA PHE A 78 -12.52 -3.39 -3.25
C PHE A 78 -12.02 -4.66 -3.88
N ASP A 79 -12.52 -5.77 -3.38
CA ASP A 79 -12.14 -7.09 -3.89
C ASP A 79 -12.71 -7.27 -5.30
N VAL A 80 -13.86 -6.68 -5.54
CA VAL A 80 -14.50 -6.74 -6.87
C VAL A 80 -13.68 -5.91 -7.88
N ILE A 81 -13.15 -4.77 -7.43
CA ILE A 81 -12.35 -3.87 -8.27
C ILE A 81 -11.14 -4.61 -8.87
N GLU A 82 -10.19 -4.98 -8.04
CA GLU A 82 -9.01 -5.68 -8.51
C GLU A 82 -8.97 -7.10 -8.05
N GLY A 83 -9.28 -7.98 -8.96
CA GLY A 83 -9.21 -9.38 -8.68
C GLY A 83 -8.91 -10.18 -9.91
N ASN A 84 -8.52 -9.50 -10.99
CA ASN A 84 -8.21 -10.19 -12.24
C ASN A 84 -6.87 -10.89 -12.13
N ASP A 85 -5.90 -10.19 -11.57
CA ASP A 85 -4.61 -10.81 -11.33
C ASP A 85 -4.15 -10.39 -9.95
N TYR A 86 -5.08 -9.85 -9.20
CA TYR A 86 -4.85 -9.46 -7.86
C TYR A 86 -5.66 -10.32 -6.93
N GLU A 87 -5.11 -10.59 -5.80
CA GLU A 87 -5.74 -11.38 -4.80
C GLU A 87 -5.74 -10.59 -3.49
N ARG A 88 -6.71 -10.84 -2.65
CA ARG A 88 -6.80 -10.16 -1.39
C ARG A 88 -6.08 -10.92 -0.31
N VAL A 89 -5.17 -10.24 0.35
CA VAL A 89 -4.41 -10.83 1.45
C VAL A 89 -4.29 -9.85 2.58
N THR A 90 -4.02 -10.37 3.74
CA THR A 90 -3.78 -9.57 4.89
C THR A 90 -2.25 -9.34 4.98
N VAL A 91 -1.85 -8.10 5.14
CA VAL A 91 -0.46 -7.71 5.24
C VAL A 91 -0.28 -6.85 6.47
N GLU A 92 0.93 -6.57 6.85
CA GLU A 92 1.15 -5.80 8.04
C GLU A 92 1.88 -4.54 7.63
N VAL A 93 1.34 -3.40 7.97
CA VAL A 93 1.91 -2.14 7.54
C VAL A 93 2.14 -1.22 8.72
N VAL A 94 2.85 -0.18 8.48
CA VAL A 94 3.06 0.82 9.47
C VAL A 94 2.18 2.00 9.19
N ARG A 95 1.31 2.26 10.11
CA ARG A 95 0.39 3.35 10.06
C ARG A 95 1.19 4.61 10.35
N MET A 96 1.73 5.17 9.27
CA MET A 96 2.70 6.28 9.26
C MET A 96 2.28 7.44 10.11
N ASP A 97 0.97 7.71 10.12
CA ASP A 97 0.40 8.83 10.87
C ASP A 97 0.84 8.82 12.35
N ASN A 98 1.06 7.64 12.90
CA ASN A 98 1.51 7.53 14.28
C ASN A 98 2.78 6.65 14.38
N SER A 99 3.22 6.11 13.24
CA SER A 99 4.39 5.23 13.15
C SER A 99 4.13 3.85 13.82
N GLU A 100 2.87 3.53 14.05
CA GLU A 100 2.53 2.29 14.68
C GLU A 100 2.30 1.24 13.64
N LYS A 101 2.38 0.03 14.01
CA LYS A 101 2.27 -1.05 13.09
C LYS A 101 0.86 -1.63 13.19
N VAL A 102 0.23 -1.87 12.06
CA VAL A 102 -1.13 -2.38 12.00
C VAL A 102 -1.27 -3.44 10.91
N LYS A 103 -2.04 -4.45 11.20
CA LYS A 103 -2.30 -5.51 10.26
C LYS A 103 -3.51 -5.09 9.41
N VAL A 104 -3.38 -5.07 8.09
CA VAL A 104 -4.43 -4.59 7.18
C VAL A 104 -4.60 -5.53 5.99
N GLU A 105 -5.57 -5.23 5.15
CA GLU A 105 -5.83 -6.00 3.94
C GLU A 105 -5.21 -5.26 2.75
N THR A 106 -4.86 -5.96 1.71
CA THR A 106 -4.31 -5.31 0.54
C THR A 106 -4.45 -6.24 -0.69
N TYR A 107 -4.04 -5.74 -1.83
CA TYR A 107 -4.09 -6.45 -3.08
C TYR A 107 -2.68 -6.89 -3.44
N VAL A 108 -2.46 -8.16 -3.59
CA VAL A 108 -1.20 -8.61 -4.08
C VAL A 108 -1.42 -9.29 -5.42
N TRP A 109 -0.38 -9.49 -6.13
CA TRP A 109 -0.45 -9.92 -7.49
C TRP A 109 -0.27 -11.43 -7.51
N VAL A 110 -1.16 -12.16 -8.18
CA VAL A 110 -1.12 -13.63 -8.19
C VAL A 110 0.11 -14.16 -8.93
N ASN A 111 0.69 -13.32 -9.77
CA ASN A 111 1.96 -13.58 -10.42
C ASN A 111 3.12 -13.35 -9.48
N LYS A 112 2.82 -13.28 -8.17
CA LYS A 112 3.79 -13.01 -7.08
C LYS A 112 5.03 -13.89 -7.16
N ASP A 113 4.93 -14.98 -7.84
CA ASP A 113 6.02 -15.82 -8.07
C ASP A 113 6.07 -15.94 -9.56
N ASP A 114 6.86 -15.11 -10.13
CA ASP A 114 6.94 -14.93 -11.56
C ASP A 114 8.34 -15.20 -12.08
N PRO A 115 8.45 -15.50 -13.37
CA PRO A 115 9.72 -15.58 -14.04
C PRO A 115 9.97 -14.36 -14.98
N ARG A 116 9.15 -13.30 -14.86
CA ARG A 116 9.19 -12.17 -15.79
C ARG A 116 9.15 -10.81 -15.09
N MET A 117 10.05 -9.90 -15.50
CA MET A 117 10.09 -8.49 -15.01
C MET A 117 10.32 -8.43 -13.52
N TYR A 118 10.99 -9.43 -13.01
CA TYR A 118 11.22 -9.64 -11.59
C TYR A 118 12.19 -8.64 -10.91
N GLY A 119 12.27 -7.48 -11.43
CA GLY A 119 13.11 -6.47 -10.87
C GLY A 119 12.47 -5.11 -10.84
N GLU A 120 12.65 -4.42 -9.76
CA GLU A 120 12.17 -3.06 -9.60
C GLU A 120 13.21 -2.06 -10.11
N TRP A 121 12.90 -0.79 -10.00
CA TRP A 121 13.77 0.26 -10.52
C TRP A 121 15.08 0.35 -9.74
N ASP A 122 15.03 0.10 -8.46
CA ASP A 122 16.21 0.22 -7.62
C ASP A 122 17.07 -1.03 -7.69
N PHE A 123 18.24 -0.87 -8.27
CA PHE A 123 19.18 -1.94 -8.53
C PHE A 123 19.77 -2.50 -7.22
N GLU A 124 19.92 -1.62 -6.23
CA GLU A 124 20.48 -1.99 -4.93
C GLU A 124 19.57 -3.01 -4.26
N GLU A 125 18.28 -2.77 -4.38
CA GLU A 125 17.27 -3.61 -3.81
C GLU A 125 17.10 -4.86 -4.67
N TRP A 126 17.11 -4.66 -6.00
CA TRP A 126 16.95 -5.75 -6.96
C TRP A 126 18.03 -6.84 -6.72
N ARG A 127 19.17 -6.41 -6.19
CA ARG A 127 20.26 -7.32 -5.87
C ARG A 127 19.79 -8.39 -4.89
N VAL A 128 19.11 -7.98 -3.84
CA VAL A 128 18.65 -8.92 -2.83
C VAL A 128 17.36 -9.60 -3.28
N VAL A 129 16.66 -8.94 -4.20
CA VAL A 129 15.44 -9.47 -4.76
C VAL A 129 15.75 -10.68 -5.63
N HIS A 130 16.92 -10.65 -6.29
CA HIS A 130 17.37 -11.79 -7.09
C HIS A 130 17.44 -13.06 -6.27
N ALA A 131 17.79 -12.94 -5.02
CA ALA A 131 17.86 -14.09 -4.16
C ALA A 131 16.48 -14.64 -3.84
N GLU A 132 15.61 -13.78 -3.33
CA GLU A 132 14.29 -14.21 -2.89
C GLU A 132 13.40 -14.65 -4.04
N LYS A 133 13.50 -13.97 -5.16
CA LYS A 133 12.64 -14.23 -6.30
C LYS A 133 12.77 -15.65 -6.79
N PHE A 134 13.99 -16.10 -6.92
CA PHE A 134 14.25 -17.42 -7.43
C PHE A 134 14.12 -18.49 -6.37
N VAL A 135 14.55 -18.20 -5.14
CA VAL A 135 14.46 -19.20 -4.09
C VAL A 135 13.00 -19.58 -3.79
N GLU A 136 12.12 -18.58 -3.76
CA GLU A 136 10.70 -18.83 -3.51
C GLU A 136 10.13 -19.76 -4.55
N THR A 137 10.47 -19.52 -5.80
CA THR A 137 10.05 -20.38 -6.90
C THR A 137 10.45 -21.85 -6.62
N PHE A 138 11.72 -22.08 -6.23
CA PHE A 138 12.19 -23.44 -5.96
C PHE A 138 11.47 -24.05 -4.75
N ARG A 139 11.20 -23.22 -3.76
CA ARG A 139 10.51 -23.65 -2.54
C ARG A 139 9.07 -24.06 -2.86
N LYS A 140 8.42 -23.25 -3.68
CA LYS A 140 7.04 -23.50 -4.05
C LYS A 140 6.90 -24.68 -4.98
N MET A 141 7.82 -24.81 -5.92
CA MET A 141 7.79 -25.94 -6.84
C MET A 141 8.09 -27.24 -6.09
N LEU A 142 8.89 -27.16 -5.04
CA LEU A 142 9.18 -28.31 -4.21
C LEU A 142 7.88 -28.79 -3.57
N GLU A 143 7.09 -27.85 -3.08
CA GLU A 143 5.80 -28.15 -2.48
C GLU A 143 4.86 -28.78 -3.48
N TRP A 144 5.03 -28.43 -4.73
CA TRP A 144 4.24 -28.99 -5.79
C TRP A 144 4.63 -30.41 -6.13
N ASN A 145 5.92 -30.69 -6.13
CA ASN A 145 6.42 -32.03 -6.45
C ASN A 145 6.24 -33.00 -5.28
N LYS A 146 6.56 -32.53 -4.09
CA LYS A 146 6.52 -33.37 -2.89
C LYS A 146 5.09 -33.55 -2.36
N ASN A 147 4.18 -32.66 -2.82
CA ASN A 147 2.73 -32.70 -2.50
C ASN A 147 2.34 -32.19 -1.03
N PRO A 148 3.20 -31.43 -0.23
CA PRO A 148 2.80 -30.99 1.11
C PRO A 148 1.80 -29.84 1.03
N ASN A 149 1.73 -29.23 -0.15
CA ASN A 149 0.81 -28.13 -0.41
C ASN A 149 -0.62 -28.65 -0.53
N GLY A 150 -0.75 -29.91 -0.85
CA GLY A 150 -2.05 -30.52 -0.97
C GLY A 150 -2.39 -30.86 -2.39
N LYS A 151 -2.15 -29.92 -3.29
CA LYS A 151 -2.42 -30.12 -4.71
C LYS A 151 -1.42 -31.12 -5.28
N SER A 152 -1.90 -32.07 -6.07
CA SER A 152 -1.02 -33.04 -6.71
C SER A 152 -0.19 -32.32 -7.77
N MET A 153 0.84 -32.98 -8.27
CA MET A 153 1.80 -32.34 -9.17
C MET A 153 1.17 -31.68 -10.40
N GLU A 154 0.22 -32.32 -11.06
CA GLU A 154 -0.36 -31.74 -12.28
C GLU A 154 -1.34 -30.64 -11.94
N GLU A 155 -1.98 -30.78 -10.80
CA GLU A 155 -2.91 -29.79 -10.29
C GLU A 155 -2.14 -28.56 -9.86
N ALA A 156 -0.96 -28.81 -9.39
CA ALA A 156 -0.07 -27.84 -8.87
C ALA A 156 0.64 -27.07 -9.98
N VAL A 157 0.76 -27.67 -11.15
CA VAL A 157 1.44 -27.03 -12.30
C VAL A 157 0.87 -25.64 -12.60
N GLY A 158 1.66 -24.64 -12.31
CA GLY A 158 1.33 -23.28 -12.59
C GLY A 158 2.34 -22.73 -13.55
N SER A 159 2.31 -21.45 -13.80
CA SER A 159 3.23 -20.86 -14.74
C SER A 159 4.57 -20.49 -14.06
N LEU A 160 5.51 -21.44 -14.04
CA LEU A 160 6.84 -21.26 -13.44
C LEU A 160 7.86 -22.18 -14.08
N LEU A 161 7.60 -23.48 -14.01
CA LEU A 161 8.54 -24.49 -14.50
C LEU A 161 8.53 -24.55 -16.05
N SER A 162 7.61 -23.83 -16.65
CA SER A 162 7.42 -23.79 -18.09
C SER A 162 6.88 -25.12 -18.59
N SER A 163 5.62 -25.31 -18.37
CA SER A 163 4.89 -26.49 -18.75
C SER A 163 3.42 -26.19 -18.49
N GLY A 164 2.59 -27.16 -18.67
CA GLY A 164 1.19 -26.98 -18.47
C GLY A 164 0.46 -28.26 -18.67
N ASP A 165 0.78 -28.92 -19.75
CA ASP A 165 0.20 -30.20 -20.08
C ASP A 165 1.20 -31.03 -20.85
N SER A 1 -25.12 -7.85 19.91
CA SER A 1 -24.12 -8.89 20.04
C SER A 1 -22.84 -8.45 19.31
N THR A 2 -21.80 -9.21 19.47
CA THR A 2 -20.56 -9.00 18.78
C THR A 2 -20.08 -10.38 18.34
N SER A 3 -20.38 -10.73 17.11
CA SER A 3 -20.07 -12.04 16.62
C SER A 3 -19.43 -12.00 15.24
N SER A 4 -18.60 -13.02 14.95
CA SER A 4 -17.90 -13.18 13.67
C SER A 4 -16.83 -12.06 13.51
N ASP A 5 -16.55 -11.41 14.63
CA ASP A 5 -15.60 -10.31 14.73
C ASP A 5 -15.90 -9.18 13.76
N PRO A 6 -16.80 -8.27 14.14
CA PRO A 6 -17.08 -7.09 13.34
C PRO A 6 -15.90 -6.15 13.45
N GLN A 7 -15.28 -5.86 12.34
CA GLN A 7 -14.08 -5.09 12.37
C GLN A 7 -14.07 -4.08 11.27
N SER A 8 -13.82 -2.86 11.64
CA SER A 8 -13.63 -1.81 10.70
C SER A 8 -12.34 -2.10 9.93
N HIS A 9 -12.48 -2.24 8.65
CA HIS A 9 -11.41 -2.68 7.81
C HIS A 9 -10.57 -1.54 7.31
N ASN A 10 -9.36 -1.89 6.97
CA ASN A 10 -8.34 -0.98 6.54
C ASN A 10 -7.70 -1.57 5.31
N VAL A 11 -7.67 -0.84 4.25
CA VAL A 11 -7.12 -1.36 3.02
C VAL A 11 -5.94 -0.51 2.57
N PHE A 12 -4.78 -1.12 2.44
CA PHE A 12 -3.62 -0.43 1.93
C PHE A 12 -3.80 -0.37 0.43
N VAL A 13 -3.82 0.79 -0.12
CA VAL A 13 -4.10 0.90 -1.50
C VAL A 13 -2.90 1.38 -2.30
N TYR A 14 -2.73 0.75 -3.44
CA TYR A 14 -1.64 1.00 -4.35
C TYR A 14 -1.81 2.35 -5.05
N GLY A 15 -3.05 2.69 -5.37
CA GLY A 15 -3.34 3.93 -6.04
C GLY A 15 -4.82 4.06 -6.29
N SER A 16 -5.21 5.12 -7.00
CA SER A 16 -6.61 5.40 -7.38
C SER A 16 -7.49 5.79 -6.18
N ILE A 17 -7.72 4.88 -5.22
CA ILE A 17 -8.60 5.15 -4.07
C ILE A 17 -7.95 6.20 -3.13
N LEU A 18 -6.68 6.52 -3.41
CA LEU A 18 -5.95 7.57 -2.71
C LEU A 18 -6.67 8.89 -2.93
N GLU A 19 -7.33 8.98 -4.06
CA GLU A 19 -8.08 10.12 -4.44
C GLU A 19 -9.51 9.94 -3.88
N PRO A 20 -9.92 10.81 -2.91
CA PRO A 20 -11.21 10.72 -2.18
C PRO A 20 -12.45 10.50 -3.04
N ALA A 21 -12.43 10.96 -4.28
CA ALA A 21 -13.58 10.77 -5.16
C ALA A 21 -13.72 9.32 -5.58
N VAL A 22 -12.61 8.62 -5.64
CA VAL A 22 -12.58 7.22 -6.01
C VAL A 22 -13.06 6.37 -4.83
N ALA A 23 -12.70 6.79 -3.63
CA ALA A 23 -13.19 6.10 -2.44
C ALA A 23 -14.70 6.30 -2.33
N ALA A 24 -15.14 7.46 -2.78
CA ALA A 24 -16.55 7.81 -2.77
C ALA A 24 -17.35 7.03 -3.82
N VAL A 25 -16.67 6.45 -4.81
CA VAL A 25 -17.38 5.65 -5.79
C VAL A 25 -17.43 4.20 -5.36
N ILE A 26 -16.46 3.79 -4.56
CA ILE A 26 -16.43 2.43 -4.12
C ILE A 26 -17.26 2.21 -2.85
N LEU A 27 -17.11 3.09 -1.89
CA LEU A 27 -17.88 2.98 -0.65
C LEU A 27 -19.18 3.70 -0.76
N ASP A 28 -19.24 4.59 -1.75
CA ASP A 28 -20.36 5.54 -1.94
C ASP A 28 -20.29 6.61 -0.83
N ARG A 29 -19.18 6.57 -0.13
CA ARG A 29 -18.87 7.42 0.98
C ARG A 29 -17.40 7.73 0.90
N THR A 30 -17.02 8.91 1.28
CA THR A 30 -15.64 9.30 1.23
C THR A 30 -14.89 8.73 2.44
N ALA A 31 -13.92 7.87 2.18
CA ALA A 31 -13.10 7.31 3.24
C ALA A 31 -11.85 8.10 3.37
N ASP A 32 -11.25 8.04 4.52
CA ASP A 32 -10.03 8.74 4.77
C ASP A 32 -8.86 7.82 4.64
N THR A 33 -7.94 8.19 3.81
CA THR A 33 -6.73 7.47 3.70
C THR A 33 -5.70 8.11 4.60
N VAL A 34 -4.87 7.30 5.21
CA VAL A 34 -3.80 7.80 6.03
C VAL A 34 -2.50 7.13 5.61
N PRO A 35 -1.40 7.89 5.55
CA PRO A 35 -0.09 7.37 5.10
C PRO A 35 0.39 6.16 5.92
N ALA A 36 0.77 5.13 5.21
CA ALA A 36 1.27 3.92 5.81
C ALA A 36 2.26 3.25 4.89
N VAL A 37 3.12 2.44 5.43
CA VAL A 37 4.09 1.76 4.61
C VAL A 37 4.01 0.23 4.80
N LEU A 38 3.89 -0.46 3.69
CA LEU A 38 3.78 -1.89 3.66
C LEU A 38 5.12 -2.56 3.55
N HIS A 39 5.64 -2.93 4.68
CA HIS A 39 6.87 -3.69 4.75
C HIS A 39 6.67 -5.11 4.26
N GLY A 40 7.53 -5.53 3.35
CA GLY A 40 7.45 -6.88 2.86
C GLY A 40 7.15 -6.94 1.39
N TYR A 41 6.61 -5.87 0.86
CA TYR A 41 6.27 -5.83 -0.54
C TYR A 41 7.08 -4.83 -1.30
N HIS A 42 7.14 -5.04 -2.59
CA HIS A 42 7.83 -4.18 -3.50
C HIS A 42 6.85 -3.82 -4.62
N ARG A 43 6.65 -2.55 -4.84
CA ARG A 43 5.80 -2.08 -5.93
C ARG A 43 6.62 -1.85 -7.17
N TYR A 44 6.05 -2.15 -8.30
CA TYR A 44 6.75 -1.96 -9.55
C TYR A 44 6.14 -0.79 -10.34
N LYS A 45 6.73 -0.47 -11.47
CA LYS A 45 6.19 0.56 -12.31
C LYS A 45 5.24 -0.04 -13.32
N LEU A 46 4.00 0.07 -13.03
CA LEU A 46 2.98 -0.41 -13.92
C LEU A 46 2.49 0.67 -14.81
N LYS A 47 2.69 0.47 -16.07
CA LYS A 47 2.33 1.45 -17.06
C LYS A 47 0.95 1.15 -17.56
N GLY A 48 0.72 -0.12 -17.81
CA GLY A 48 -0.53 -0.56 -18.34
C GLY A 48 -1.57 -0.83 -17.26
N LEU A 49 -1.12 -1.16 -16.06
CA LEU A 49 -2.03 -1.43 -14.96
C LEU A 49 -2.29 -0.16 -14.15
N PRO A 50 -3.58 0.12 -13.85
CA PRO A 50 -3.99 1.33 -13.10
C PRO A 50 -3.92 1.14 -11.58
N TYR A 51 -3.93 -0.10 -11.16
CA TYR A 51 -3.81 -0.48 -9.78
C TYR A 51 -2.89 -1.71 -9.80
N PRO A 52 -2.46 -2.34 -8.63
CA PRO A 52 -1.33 -3.24 -8.57
C PRO A 52 -0.10 -3.04 -9.56
N CYS A 53 1.01 -3.76 -9.31
CA CYS A 53 1.07 -4.81 -8.35
C CYS A 53 2.26 -4.70 -7.45
N ILE A 54 2.15 -5.37 -6.34
CA ILE A 54 3.19 -5.50 -5.41
C ILE A 54 3.46 -6.95 -5.21
N VAL A 55 4.69 -7.28 -5.16
CA VAL A 55 5.11 -8.63 -4.97
C VAL A 55 6.07 -8.62 -3.79
N SER A 56 6.16 -9.71 -3.05
CA SER A 56 6.97 -9.73 -1.86
C SER A 56 8.46 -9.58 -2.11
N SER A 57 9.06 -8.84 -1.23
CA SER A 57 10.46 -8.59 -1.16
C SER A 57 10.73 -8.22 0.29
N ASP A 58 11.29 -9.16 1.04
CA ASP A 58 11.46 -9.03 2.50
C ASP A 58 12.27 -7.81 2.90
N SER A 59 13.21 -7.42 2.07
CA SER A 59 14.05 -6.28 2.36
C SER A 59 13.41 -4.96 1.86
N GLY A 60 12.23 -5.04 1.25
CA GLY A 60 11.60 -3.85 0.71
C GLY A 60 10.28 -3.51 1.35
N LYS A 61 9.78 -2.33 1.08
CA LYS A 61 8.50 -1.90 1.60
C LYS A 61 7.83 -0.92 0.62
N VAL A 62 6.53 -0.83 0.66
CA VAL A 62 5.77 0.05 -0.22
C VAL A 62 5.10 1.14 0.59
N ASN A 63 5.36 2.37 0.28
CA ASN A 63 4.72 3.44 1.02
C ASN A 63 3.50 3.93 0.27
N GLY A 64 2.40 3.99 0.95
CA GLY A 64 1.17 4.43 0.38
C GLY A 64 0.24 4.93 1.45
N LYS A 65 -1.02 4.64 1.33
CA LYS A 65 -1.98 5.07 2.33
C LYS A 65 -2.99 3.96 2.54
N VAL A 66 -3.52 3.89 3.72
CA VAL A 66 -4.55 2.92 4.01
C VAL A 66 -5.91 3.59 4.07
N ILE A 67 -6.85 2.97 3.43
CA ILE A 67 -8.20 3.46 3.34
C ILE A 67 -8.88 2.91 4.58
N THR A 68 -9.31 3.77 5.45
CA THR A 68 -9.83 3.30 6.71
C THR A 68 -11.34 3.52 6.81
N GLY A 69 -11.96 2.77 7.73
CA GLY A 69 -13.39 2.91 7.97
C GLY A 69 -14.22 2.16 6.96
N VAL A 70 -13.79 0.97 6.61
CA VAL A 70 -14.52 0.14 5.69
C VAL A 70 -15.19 -0.99 6.46
N SER A 71 -16.49 -1.12 6.40
CA SER A 71 -17.12 -2.22 7.12
C SER A 71 -16.96 -3.51 6.31
N ASP A 72 -17.38 -4.63 6.88
CA ASP A 72 -17.29 -5.93 6.19
C ASP A 72 -18.19 -5.93 4.98
N ALA A 73 -19.22 -5.11 5.03
CA ALA A 73 -20.13 -4.97 3.92
C ALA A 73 -19.44 -4.26 2.75
N GLU A 74 -18.86 -3.09 3.02
CA GLU A 74 -18.19 -2.31 1.97
C GLU A 74 -16.92 -3.00 1.48
N LEU A 75 -16.25 -3.75 2.36
CA LEU A 75 -14.97 -4.42 2.03
C LEU A 75 -15.15 -5.34 0.81
N ASN A 76 -16.33 -5.89 0.69
CA ASN A 76 -16.68 -6.79 -0.40
C ASN A 76 -16.55 -6.11 -1.76
N ASN A 77 -16.72 -4.79 -1.81
CA ASN A 77 -16.66 -4.07 -3.08
C ASN A 77 -15.21 -4.02 -3.54
N PHE A 78 -14.31 -3.85 -2.57
CA PHE A 78 -12.87 -3.81 -2.84
C PHE A 78 -12.42 -5.18 -3.29
N ASP A 79 -13.06 -6.19 -2.75
CA ASP A 79 -12.77 -7.57 -3.07
C ASP A 79 -13.18 -7.88 -4.51
N VAL A 80 -14.21 -7.20 -5.00
CA VAL A 80 -14.66 -7.38 -6.39
C VAL A 80 -13.67 -6.72 -7.39
N ILE A 81 -12.89 -5.76 -6.89
CA ILE A 81 -11.91 -5.05 -7.72
C ILE A 81 -10.74 -5.97 -8.13
N GLU A 82 -10.50 -6.99 -7.33
CA GLU A 82 -9.47 -7.97 -7.65
C GLU A 82 -10.12 -9.14 -8.38
N GLY A 83 -9.39 -10.21 -8.61
CA GLY A 83 -10.02 -11.34 -9.24
C GLY A 83 -9.32 -11.85 -10.44
N ASN A 84 -9.23 -11.04 -11.51
CA ASN A 84 -8.67 -11.53 -12.80
C ASN A 84 -7.26 -12.07 -12.64
N ASP A 85 -6.42 -11.33 -11.94
CA ASP A 85 -5.04 -11.77 -11.64
C ASP A 85 -4.57 -11.08 -10.39
N TYR A 86 -5.47 -10.47 -9.70
CA TYR A 86 -5.15 -9.74 -8.51
C TYR A 86 -5.84 -10.44 -7.38
N GLU A 87 -5.25 -10.43 -6.22
CA GLU A 87 -5.88 -11.04 -5.07
C GLU A 87 -5.82 -10.13 -3.84
N ARG A 88 -6.92 -10.08 -3.11
CA ARG A 88 -7.04 -9.27 -1.90
C ARG A 88 -6.57 -10.10 -0.69
N VAL A 89 -5.48 -9.65 -0.10
CA VAL A 89 -4.83 -10.37 0.99
C VAL A 89 -4.55 -9.46 2.16
N THR A 90 -4.35 -10.05 3.30
CA THR A 90 -3.99 -9.32 4.48
C THR A 90 -2.46 -9.23 4.57
N VAL A 91 -1.99 -8.03 4.77
CA VAL A 91 -0.58 -7.71 4.83
C VAL A 91 -0.35 -6.83 6.05
N GLU A 92 0.86 -6.54 6.39
CA GLU A 92 1.08 -5.79 7.58
C GLU A 92 1.82 -4.50 7.25
N VAL A 93 1.29 -3.39 7.69
CA VAL A 93 1.87 -2.11 7.35
C VAL A 93 2.14 -1.29 8.59
N VAL A 94 2.89 -0.27 8.43
CA VAL A 94 3.08 0.68 9.47
C VAL A 94 2.31 1.89 9.14
N ARG A 95 1.32 2.15 9.93
CA ARG A 95 0.48 3.28 9.74
C ARG A 95 1.20 4.51 10.24
N MET A 96 1.94 5.09 9.30
CA MET A 96 2.85 6.21 9.48
C MET A 96 2.21 7.35 10.26
N ASP A 97 0.93 7.57 10.01
CA ASP A 97 0.11 8.60 10.70
C ASP A 97 0.38 8.59 12.23
N ASN A 98 0.34 7.42 12.85
CA ASN A 98 0.67 7.30 14.28
C ASN A 98 2.00 6.60 14.46
N SER A 99 2.59 6.15 13.35
CA SER A 99 3.87 5.45 13.33
C SER A 99 3.75 4.07 14.04
N GLU A 100 2.55 3.51 13.99
CA GLU A 100 2.24 2.24 14.61
C GLU A 100 2.17 1.16 13.56
N LYS A 101 2.28 -0.05 13.98
CA LYS A 101 2.22 -1.17 13.08
C LYS A 101 0.79 -1.72 13.11
N VAL A 102 0.23 -1.97 11.96
CA VAL A 102 -1.12 -2.47 11.88
C VAL A 102 -1.27 -3.45 10.70
N LYS A 103 -2.00 -4.48 10.93
CA LYS A 103 -2.25 -5.47 9.92
C LYS A 103 -3.50 -5.02 9.12
N VAL A 104 -3.37 -4.96 7.80
CA VAL A 104 -4.45 -4.43 6.93
C VAL A 104 -4.60 -5.31 5.68
N GLU A 105 -5.57 -5.02 4.86
CA GLU A 105 -5.79 -5.77 3.63
C GLU A 105 -5.33 -4.95 2.43
N THR A 106 -4.94 -5.60 1.36
CA THR A 106 -4.42 -4.92 0.19
C THR A 106 -4.61 -5.79 -1.06
N TYR A 107 -4.25 -5.24 -2.21
CA TYR A 107 -4.35 -5.92 -3.48
C TYR A 107 -2.96 -6.34 -3.94
N VAL A 108 -2.77 -7.62 -4.11
CA VAL A 108 -1.54 -8.11 -4.62
C VAL A 108 -1.81 -8.87 -5.92
N TRP A 109 -0.78 -9.40 -6.50
CA TRP A 109 -0.88 -10.10 -7.75
C TRP A 109 -0.88 -11.60 -7.44
N VAL A 110 -1.73 -12.37 -8.09
CA VAL A 110 -1.86 -13.80 -7.79
C VAL A 110 -0.62 -14.62 -8.16
N ASN A 111 0.21 -14.08 -9.03
CA ASN A 111 1.43 -14.78 -9.50
C ASN A 111 2.60 -14.41 -8.57
N LYS A 112 2.25 -13.82 -7.42
CA LYS A 112 3.15 -13.29 -6.39
C LYS A 112 4.27 -14.24 -5.93
N ASP A 113 4.13 -15.52 -6.22
CA ASP A 113 5.17 -16.49 -5.85
C ASP A 113 6.45 -16.24 -6.65
N ASP A 114 6.31 -15.58 -7.79
CA ASP A 114 7.46 -15.17 -8.61
C ASP A 114 7.49 -13.66 -8.70
N PRO A 115 8.68 -13.04 -8.65
CA PRO A 115 8.82 -11.60 -8.80
C PRO A 115 8.44 -11.18 -10.22
N ARG A 116 7.28 -10.60 -10.37
CA ARG A 116 6.82 -10.17 -11.67
C ARG A 116 7.06 -8.70 -11.87
N MET A 117 7.41 -8.34 -13.10
CA MET A 117 7.73 -6.96 -13.53
C MET A 117 9.02 -6.52 -12.85
N TYR A 118 9.77 -7.50 -12.36
CA TYR A 118 11.00 -7.21 -11.71
C TYR A 118 12.06 -7.08 -12.78
N GLY A 119 12.07 -5.93 -13.34
CA GLY A 119 13.03 -5.55 -14.34
C GLY A 119 12.96 -4.08 -14.60
N GLU A 120 11.76 -3.55 -14.49
CA GLU A 120 11.54 -2.13 -14.62
C GLU A 120 11.60 -1.52 -13.23
N TRP A 121 12.21 -0.37 -13.10
CA TRP A 121 12.35 0.26 -11.80
C TRP A 121 11.04 0.89 -11.35
N ASP A 122 10.87 1.01 -10.06
CA ASP A 122 9.67 1.59 -9.48
C ASP A 122 9.72 3.11 -9.44
N PHE A 123 8.55 3.73 -9.56
CA PHE A 123 8.38 5.17 -9.55
C PHE A 123 8.98 5.81 -8.29
N GLU A 124 8.79 5.16 -7.14
CA GLU A 124 9.33 5.67 -5.90
C GLU A 124 10.82 5.46 -5.88
N GLU A 125 11.25 4.28 -6.31
CA GLU A 125 12.66 3.93 -6.32
C GLU A 125 13.46 4.78 -7.27
N TRP A 126 12.78 5.58 -8.10
CA TRP A 126 13.45 6.51 -8.98
C TRP A 126 14.29 7.49 -8.17
N ARG A 127 13.95 7.68 -6.91
CA ARG A 127 14.74 8.51 -6.02
C ARG A 127 16.15 7.91 -5.85
N VAL A 128 16.20 6.61 -5.61
CA VAL A 128 17.48 5.93 -5.41
C VAL A 128 18.16 5.50 -6.73
N VAL A 129 17.38 4.96 -7.66
CA VAL A 129 17.93 4.39 -8.88
C VAL A 129 18.34 5.49 -9.86
N HIS A 130 17.82 6.69 -9.68
CA HIS A 130 18.18 7.87 -10.53
C HIS A 130 19.70 7.99 -10.67
N ALA A 131 20.41 7.85 -9.56
CA ALA A 131 21.86 7.95 -9.57
C ALA A 131 22.48 6.76 -10.30
N GLU A 132 21.97 5.57 -10.02
CA GLU A 132 22.43 4.33 -10.64
C GLU A 132 22.18 4.35 -12.14
N LYS A 133 21.02 4.80 -12.52
CA LYS A 133 20.62 4.86 -13.89
C LYS A 133 21.53 5.75 -14.68
N PHE A 134 21.67 6.99 -14.24
CA PHE A 134 22.47 7.95 -14.99
C PHE A 134 23.94 7.64 -15.06
N VAL A 135 24.51 7.03 -14.03
CA VAL A 135 25.92 6.63 -14.12
C VAL A 135 26.08 5.60 -15.24
N GLU A 136 25.15 4.66 -15.31
CA GLU A 136 25.18 3.66 -16.34
C GLU A 136 24.80 4.25 -17.67
N THR A 137 23.84 5.19 -17.67
CA THR A 137 23.40 5.87 -18.90
C THR A 137 24.61 6.40 -19.66
N PHE A 138 25.47 7.13 -18.98
CA PHE A 138 26.63 7.69 -19.63
C PHE A 138 27.65 6.64 -20.00
N ARG A 139 27.85 5.66 -19.14
CA ARG A 139 28.80 4.59 -19.43
C ARG A 139 28.36 3.78 -20.65
N LYS A 140 27.10 3.37 -20.66
CA LYS A 140 26.55 2.61 -21.77
C LYS A 140 26.52 3.45 -23.02
N MET A 141 26.25 4.74 -22.84
CA MET A 141 26.17 5.70 -23.94
C MET A 141 27.53 5.81 -24.60
N LEU A 142 28.59 5.80 -23.81
CA LEU A 142 29.95 5.86 -24.33
C LEU A 142 30.26 4.59 -25.10
N GLU A 143 29.82 3.44 -24.55
CA GLU A 143 30.04 2.15 -25.21
C GLU A 143 29.25 2.09 -26.50
N TRP A 144 28.11 2.70 -26.48
CA TRP A 144 27.21 2.72 -27.60
C TRP A 144 27.71 3.69 -28.68
N ASN A 145 28.36 4.76 -28.24
CA ASN A 145 28.89 5.76 -29.14
C ASN A 145 30.22 5.35 -29.76
N LYS A 146 31.14 4.85 -28.95
CA LYS A 146 32.44 4.42 -29.47
C LYS A 146 32.30 3.05 -30.12
N ASN A 147 31.42 2.26 -29.56
CA ASN A 147 31.07 0.91 -30.03
C ASN A 147 32.25 -0.07 -30.07
N PRO A 148 32.59 -0.71 -28.93
CA PRO A 148 33.61 -1.74 -28.88
C PRO A 148 33.02 -3.16 -29.06
N ASN A 149 31.72 -3.28 -28.89
CA ASN A 149 31.07 -4.60 -28.90
C ASN A 149 30.58 -4.99 -30.31
N GLY A 150 30.42 -4.01 -31.17
CA GLY A 150 29.96 -4.30 -32.51
C GLY A 150 28.46 -4.21 -32.63
N LYS A 151 27.88 -3.34 -31.84
CA LYS A 151 26.45 -3.14 -31.85
C LYS A 151 26.09 -2.07 -32.85
N SER A 152 24.97 -2.22 -33.49
CA SER A 152 24.47 -1.15 -34.27
C SER A 152 23.67 -0.26 -33.33
N MET A 153 23.52 0.99 -33.65
CA MET A 153 22.90 1.91 -32.74
C MET A 153 21.43 1.63 -32.52
N GLU A 154 20.72 1.38 -33.60
CA GLU A 154 19.31 1.09 -33.51
C GLU A 154 19.06 -0.31 -32.93
N GLU A 155 20.04 -1.18 -33.10
CA GLU A 155 19.96 -2.56 -32.63
C GLU A 155 20.04 -2.61 -31.12
N ALA A 156 21.00 -1.90 -30.58
CA ALA A 156 21.25 -1.88 -29.15
C ALA A 156 20.08 -1.27 -28.39
N VAL A 157 19.36 -0.37 -29.02
CA VAL A 157 18.28 0.29 -28.35
C VAL A 157 16.93 -0.38 -28.60
N GLY A 158 16.76 -0.95 -29.77
CA GLY A 158 15.52 -1.62 -30.09
C GLY A 158 14.68 -0.79 -31.03
N SER A 159 13.60 -0.24 -30.52
CA SER A 159 12.71 0.60 -31.30
C SER A 159 12.73 2.04 -30.75
N LEU A 160 13.79 2.34 -30.02
CA LEU A 160 13.95 3.63 -29.37
C LEU A 160 14.72 4.62 -30.25
N LEU A 161 15.47 4.09 -31.25
CA LEU A 161 16.36 4.86 -32.15
C LEU A 161 17.55 5.47 -31.40
N SER A 162 17.23 6.38 -30.54
CA SER A 162 18.14 7.10 -29.71
C SER A 162 17.26 7.91 -28.79
N SER A 163 16.31 8.60 -29.40
CA SER A 163 15.29 9.36 -28.72
C SER A 163 15.88 10.39 -27.75
N GLY A 164 16.20 11.54 -28.28
CA GLY A 164 16.80 12.60 -27.49
C GLY A 164 17.49 13.58 -28.39
N ASP A 165 16.80 13.96 -29.43
CA ASP A 165 17.30 14.86 -30.43
C ASP A 165 16.13 15.49 -31.13
N SER A 1 -11.91 14.10 10.71
CA SER A 1 -10.54 14.59 10.53
C SER A 1 -9.55 13.44 10.79
N THR A 2 -9.36 13.11 12.06
CA THR A 2 -8.52 12.01 12.44
C THR A 2 -9.32 10.74 12.24
N SER A 3 -8.80 9.83 11.45
CA SER A 3 -9.51 8.63 11.12
C SER A 3 -9.66 7.71 12.33
N SER A 4 -10.86 7.59 12.80
CA SER A 4 -11.18 6.71 13.86
C SER A 4 -11.44 5.32 13.28
N ASP A 5 -10.72 4.35 13.77
CA ASP A 5 -10.80 2.99 13.25
C ASP A 5 -10.91 2.02 14.41
N PRO A 6 -12.12 1.49 14.68
CA PRO A 6 -12.33 0.56 15.79
C PRO A 6 -11.76 -0.81 15.48
N GLN A 7 -12.44 -1.55 14.64
CA GLN A 7 -11.98 -2.81 14.17
C GLN A 7 -11.90 -2.71 12.68
N SER A 8 -13.07 -2.80 12.06
CA SER A 8 -13.28 -2.56 10.65
C SER A 8 -12.28 -3.29 9.72
N HIS A 9 -12.33 -2.94 8.49
CA HIS A 9 -11.42 -3.41 7.51
C HIS A 9 -10.47 -2.32 7.15
N ASN A 10 -9.25 -2.68 6.95
CA ASN A 10 -8.19 -1.75 6.54
C ASN A 10 -7.59 -2.27 5.26
N VAL A 11 -7.46 -1.42 4.28
CA VAL A 11 -6.92 -1.84 2.99
C VAL A 11 -5.72 -0.98 2.62
N PHE A 12 -4.58 -1.59 2.43
CA PHE A 12 -3.42 -0.84 1.96
C PHE A 12 -3.49 -0.74 0.46
N VAL A 13 -3.59 0.46 -0.02
CA VAL A 13 -3.74 0.73 -1.41
C VAL A 13 -2.82 1.89 -1.81
N TYR A 14 -2.39 1.88 -3.05
CA TYR A 14 -1.61 3.00 -3.58
C TYR A 14 -2.24 3.49 -4.89
N GLY A 15 -3.20 2.73 -5.39
CA GLY A 15 -3.80 3.03 -6.65
C GLY A 15 -4.91 4.09 -6.62
N SER A 16 -6.03 3.73 -7.19
CA SER A 16 -7.13 4.63 -7.47
C SER A 16 -7.78 5.25 -6.22
N ILE A 17 -7.99 4.43 -5.18
CA ILE A 17 -8.78 4.83 -3.99
C ILE A 17 -8.18 6.06 -3.24
N LEU A 18 -6.90 6.33 -3.44
CA LEU A 18 -6.25 7.50 -2.81
C LEU A 18 -6.81 8.79 -3.34
N GLU A 19 -7.41 8.72 -4.50
CA GLU A 19 -8.07 9.84 -5.08
C GLU A 19 -9.53 9.84 -4.61
N PRO A 20 -9.93 10.88 -3.84
CA PRO A 20 -11.26 11.04 -3.22
C PRO A 20 -12.43 10.60 -4.09
N ALA A 21 -12.38 10.87 -5.38
CA ALA A 21 -13.46 10.53 -6.31
C ALA A 21 -13.74 9.02 -6.29
N VAL A 22 -12.67 8.25 -6.38
CA VAL A 22 -12.76 6.80 -6.39
C VAL A 22 -13.25 6.28 -5.05
N ALA A 23 -12.72 6.83 -3.99
CA ALA A 23 -13.11 6.46 -2.65
C ALA A 23 -14.59 6.76 -2.42
N ALA A 24 -15.04 7.87 -2.99
CA ALA A 24 -16.41 8.29 -2.86
C ALA A 24 -17.36 7.43 -3.67
N VAL A 25 -16.88 6.87 -4.78
CA VAL A 25 -17.75 6.03 -5.59
C VAL A 25 -17.83 4.61 -5.01
N ILE A 26 -16.81 4.20 -4.28
CA ILE A 26 -16.84 2.90 -3.69
C ILE A 26 -17.63 2.90 -2.36
N LEU A 27 -17.35 3.86 -1.50
CA LEU A 27 -17.96 3.87 -0.17
C LEU A 27 -19.23 4.70 -0.14
N ASP A 28 -19.45 5.49 -1.20
CA ASP A 28 -20.60 6.46 -1.29
C ASP A 28 -20.28 7.70 -0.43
N ARG A 29 -19.20 7.59 0.28
CA ARG A 29 -18.68 8.60 1.17
C ARG A 29 -17.20 8.71 0.89
N THR A 30 -16.58 9.76 1.33
CA THR A 30 -15.15 9.92 1.14
C THR A 30 -14.40 9.02 2.12
N ALA A 31 -13.49 8.22 1.61
CA ALA A 31 -12.75 7.27 2.42
C ALA A 31 -11.70 7.96 3.23
N ASP A 32 -11.48 7.47 4.41
CA ASP A 32 -10.45 7.98 5.23
C ASP A 32 -9.22 7.14 5.05
N THR A 33 -8.26 7.72 4.40
CA THR A 33 -7.02 7.09 4.19
C THR A 33 -5.95 7.78 4.98
N VAL A 34 -5.05 7.01 5.47
CA VAL A 34 -3.93 7.51 6.20
C VAL A 34 -2.67 6.88 5.64
N PRO A 35 -1.59 7.66 5.49
CA PRO A 35 -0.32 7.14 4.97
C PRO A 35 0.22 6.01 5.82
N ALA A 36 0.66 4.97 5.16
CA ALA A 36 1.22 3.83 5.81
C ALA A 36 2.23 3.19 4.91
N VAL A 37 3.14 2.46 5.48
CA VAL A 37 4.15 1.81 4.71
C VAL A 37 4.13 0.29 4.91
N LEU A 38 4.05 -0.42 3.82
CA LEU A 38 4.08 -1.83 3.81
C LEU A 38 5.49 -2.31 3.60
N HIS A 39 6.14 -2.61 4.67
CA HIS A 39 7.46 -3.20 4.65
C HIS A 39 7.33 -4.65 4.16
N GLY A 40 8.14 -5.09 3.21
CA GLY A 40 8.06 -6.48 2.83
C GLY A 40 7.61 -6.69 1.41
N TYR A 41 6.94 -5.72 0.87
CA TYR A 41 6.52 -5.77 -0.49
C TYR A 41 7.20 -4.74 -1.31
N HIS A 42 7.27 -4.98 -2.57
CA HIS A 42 7.89 -4.09 -3.49
C HIS A 42 6.93 -3.78 -4.62
N ARG A 43 6.92 -2.54 -5.04
CA ARG A 43 6.11 -2.08 -6.14
C ARG A 43 6.84 -2.31 -7.46
N TYR A 44 6.11 -2.78 -8.43
CA TYR A 44 6.59 -2.95 -9.78
C TYR A 44 5.66 -2.18 -10.68
N LYS A 45 6.17 -1.59 -11.75
CA LYS A 45 5.32 -0.71 -12.57
C LYS A 45 4.61 -1.47 -13.71
N LEU A 46 5.36 -2.30 -14.43
CA LEU A 46 4.90 -3.01 -15.63
C LEU A 46 4.48 -2.02 -16.74
N LYS A 47 4.05 -2.56 -17.85
CA LYS A 47 3.60 -1.75 -19.00
C LYS A 47 2.30 -2.29 -19.53
N GLY A 48 2.24 -3.59 -19.62
CA GLY A 48 1.10 -4.22 -20.18
C GLY A 48 -0.03 -4.41 -19.18
N LEU A 49 0.27 -4.24 -17.92
CA LEU A 49 -0.73 -4.38 -16.86
C LEU A 49 -1.42 -3.01 -16.59
N PRO A 50 -2.61 -3.01 -15.88
CA PRO A 50 -3.43 -1.79 -15.68
C PRO A 50 -2.83 -0.78 -14.68
N TYR A 51 -3.03 -1.04 -13.40
CA TYR A 51 -2.43 -0.25 -12.33
C TYR A 51 -1.79 -1.19 -11.31
N PRO A 52 -0.63 -1.72 -11.70
CA PRO A 52 0.08 -2.79 -10.98
C PRO A 52 1.41 -2.36 -10.38
N CYS A 53 2.03 -3.15 -9.46
CA CYS A 53 1.53 -4.27 -8.60
C CYS A 53 2.50 -4.32 -7.41
N ILE A 54 2.26 -5.16 -6.43
CA ILE A 54 3.27 -5.43 -5.42
C ILE A 54 3.58 -6.90 -5.34
N VAL A 55 4.83 -7.20 -5.13
CA VAL A 55 5.31 -8.55 -5.01
C VAL A 55 6.17 -8.65 -3.76
N SER A 56 6.13 -9.81 -3.12
CA SER A 56 6.89 -10.09 -1.92
C SER A 56 8.40 -9.93 -2.16
N SER A 57 8.98 -8.94 -1.53
CA SER A 57 10.40 -8.66 -1.58
C SER A 57 10.77 -7.85 -0.34
N ASP A 58 11.29 -8.54 0.65
CA ASP A 58 11.58 -7.95 1.98
C ASP A 58 12.60 -6.86 1.96
N SER A 59 13.35 -6.76 0.91
CA SER A 59 14.32 -5.70 0.78
C SER A 59 13.62 -4.38 0.46
N GLY A 60 12.38 -4.47 0.00
CA GLY A 60 11.65 -3.31 -0.37
C GLY A 60 10.47 -3.09 0.51
N LYS A 61 9.94 -1.90 0.44
CA LYS A 61 8.78 -1.54 1.17
C LYS A 61 7.97 -0.61 0.30
N VAL A 62 6.69 -0.60 0.49
CA VAL A 62 5.81 0.23 -0.29
C VAL A 62 5.12 1.21 0.61
N ASN A 63 5.25 2.46 0.33
CA ASN A 63 4.58 3.47 1.10
C ASN A 63 3.35 3.94 0.35
N GLY A 64 2.22 3.90 1.01
CA GLY A 64 0.98 4.28 0.41
C GLY A 64 0.00 4.70 1.46
N LYS A 65 -1.24 4.30 1.32
CA LYS A 65 -2.25 4.65 2.28
C LYS A 65 -3.14 3.50 2.58
N VAL A 66 -3.60 3.43 3.77
CA VAL A 66 -4.56 2.43 4.14
C VAL A 66 -5.93 3.05 4.27
N ILE A 67 -6.90 2.40 3.70
CA ILE A 67 -8.26 2.85 3.79
C ILE A 67 -8.77 2.22 5.05
N THR A 68 -9.01 3.02 6.03
CA THR A 68 -9.41 2.52 7.31
C THR A 68 -10.89 2.75 7.54
N GLY A 69 -11.44 2.10 8.57
CA GLY A 69 -12.83 2.24 8.89
C GLY A 69 -13.73 1.75 7.78
N VAL A 70 -13.34 0.67 7.13
CA VAL A 70 -14.16 0.12 6.10
C VAL A 70 -15.03 -0.97 6.70
N SER A 71 -16.33 -0.83 6.57
CA SER A 71 -17.26 -1.83 7.05
C SER A 71 -17.21 -3.04 6.15
N ASP A 72 -17.72 -4.14 6.61
CA ASP A 72 -17.79 -5.37 5.82
C ASP A 72 -18.59 -5.11 4.54
N ALA A 73 -19.64 -4.31 4.66
CA ALA A 73 -20.50 -3.98 3.50
C ALA A 73 -19.75 -3.10 2.52
N GLU A 74 -18.88 -2.28 3.06
CA GLU A 74 -18.06 -1.39 2.29
C GLU A 74 -16.91 -2.16 1.63
N LEU A 75 -16.38 -3.13 2.37
CA LEU A 75 -15.24 -3.92 1.93
C LEU A 75 -15.64 -4.75 0.72
N ASN A 76 -16.86 -5.24 0.76
CA ASN A 76 -17.43 -6.04 -0.31
C ASN A 76 -17.43 -5.30 -1.64
N ASN A 77 -17.49 -3.96 -1.62
CA ASN A 77 -17.57 -3.24 -2.88
C ASN A 77 -16.21 -3.24 -3.56
N PHE A 78 -15.13 -3.26 -2.75
CA PHE A 78 -13.78 -3.38 -3.31
C PHE A 78 -13.62 -4.75 -3.93
N ASP A 79 -14.34 -5.71 -3.37
CA ASP A 79 -14.31 -7.08 -3.85
C ASP A 79 -15.03 -7.17 -5.19
N VAL A 80 -16.02 -6.33 -5.38
CA VAL A 80 -16.75 -6.22 -6.65
C VAL A 80 -15.78 -5.69 -7.73
N ILE A 81 -14.88 -4.79 -7.32
CA ILE A 81 -13.87 -4.22 -8.23
C ILE A 81 -13.02 -5.35 -8.81
N GLU A 82 -12.43 -6.17 -7.92
CA GLU A 82 -11.67 -7.38 -8.29
C GLU A 82 -10.34 -7.04 -9.06
N GLY A 83 -9.47 -8.02 -9.18
CA GLY A 83 -8.25 -7.86 -9.91
C GLY A 83 -8.09 -9.00 -10.92
N ASN A 84 -7.33 -8.75 -11.97
CA ASN A 84 -7.14 -9.77 -13.03
C ASN A 84 -6.28 -10.94 -12.55
N ASP A 85 -5.22 -10.64 -11.86
CA ASP A 85 -4.29 -11.67 -11.42
C ASP A 85 -3.81 -11.26 -10.05
N TYR A 86 -4.71 -10.64 -9.33
CA TYR A 86 -4.43 -10.12 -8.02
C TYR A 86 -5.29 -10.88 -7.01
N GLU A 87 -4.81 -11.02 -5.79
CA GLU A 87 -5.62 -11.64 -4.74
C GLU A 87 -5.46 -10.84 -3.44
N ARG A 88 -6.42 -10.97 -2.55
CA ARG A 88 -6.32 -10.32 -1.26
C ARG A 88 -5.54 -11.11 -0.28
N VAL A 89 -4.53 -10.47 0.27
CA VAL A 89 -3.71 -11.06 1.30
C VAL A 89 -3.56 -10.08 2.41
N THR A 90 -3.42 -10.57 3.60
CA THR A 90 -3.28 -9.73 4.72
C THR A 90 -1.78 -9.53 4.99
N VAL A 91 -1.38 -8.29 5.00
CA VAL A 91 -0.01 -7.88 5.16
C VAL A 91 0.03 -6.94 6.35
N GLU A 92 1.17 -6.69 6.91
CA GLU A 92 1.17 -5.79 8.02
C GLU A 92 1.96 -4.55 7.65
N VAL A 93 1.40 -3.42 7.93
CA VAL A 93 1.98 -2.17 7.58
C VAL A 93 2.08 -1.30 8.81
N VAL A 94 2.77 -0.23 8.68
CA VAL A 94 2.82 0.74 9.71
C VAL A 94 2.00 1.93 9.33
N ARG A 95 0.96 2.19 10.10
CA ARG A 95 0.09 3.32 9.90
C ARG A 95 0.88 4.56 10.32
N MET A 96 1.58 5.13 9.36
CA MET A 96 2.51 6.25 9.54
C MET A 96 1.85 7.40 10.27
N ASP A 97 0.58 7.63 9.98
CA ASP A 97 -0.21 8.72 10.60
C ASP A 97 -0.13 8.71 12.13
N ASN A 98 0.10 7.55 12.72
CA ASN A 98 0.23 7.45 14.17
C ASN A 98 1.45 6.58 14.52
N SER A 99 2.24 6.25 13.49
CA SER A 99 3.44 5.40 13.60
C SER A 99 3.16 4.01 14.23
N GLU A 100 1.91 3.62 14.24
CA GLU A 100 1.51 2.38 14.83
C GLU A 100 1.51 1.31 13.80
N LYS A 101 1.55 0.12 14.23
CA LYS A 101 1.62 -1.00 13.35
C LYS A 101 0.22 -1.59 13.23
N VAL A 102 -0.21 -1.87 12.02
CA VAL A 102 -1.54 -2.39 11.81
C VAL A 102 -1.54 -3.43 10.70
N LYS A 103 -2.27 -4.49 10.91
CA LYS A 103 -2.38 -5.56 9.95
C LYS A 103 -3.55 -5.26 9.01
N VAL A 104 -3.28 -5.20 7.72
CA VAL A 104 -4.27 -4.76 6.73
C VAL A 104 -4.34 -5.74 5.55
N GLU A 105 -5.35 -5.58 4.70
CA GLU A 105 -5.49 -6.44 3.54
C GLU A 105 -5.08 -5.69 2.29
N THR A 106 -4.56 -6.42 1.31
CA THR A 106 -4.06 -5.81 0.09
C THR A 106 -4.39 -6.64 -1.10
N TYR A 107 -4.09 -6.10 -2.26
CA TYR A 107 -4.16 -6.82 -3.48
C TYR A 107 -2.75 -7.09 -3.91
N VAL A 108 -2.42 -8.34 -4.00
CA VAL A 108 -1.08 -8.76 -4.36
C VAL A 108 -1.14 -9.45 -5.70
N TRP A 109 -0.02 -9.53 -6.36
CA TRP A 109 0.07 -10.17 -7.61
C TRP A 109 0.23 -11.67 -7.33
N VAL A 110 -0.72 -12.49 -7.77
CA VAL A 110 -0.72 -13.92 -7.46
C VAL A 110 0.50 -14.65 -8.03
N ASN A 111 1.14 -14.03 -9.00
CA ASN A 111 2.32 -14.57 -9.67
C ASN A 111 3.59 -14.17 -8.86
N LYS A 112 3.40 -13.68 -7.63
CA LYS A 112 4.48 -13.18 -6.76
C LYS A 112 5.69 -14.13 -6.55
N ASP A 113 5.54 -15.38 -6.90
CA ASP A 113 6.66 -16.32 -6.77
C ASP A 113 7.60 -16.22 -7.95
N ASP A 114 7.12 -15.56 -8.99
CA ASP A 114 7.88 -15.32 -10.20
C ASP A 114 8.09 -13.81 -10.35
N PRO A 115 9.35 -13.37 -10.48
CA PRO A 115 9.69 -11.97 -10.59
C PRO A 115 9.73 -11.46 -12.04
N ARG A 116 9.01 -10.38 -12.29
CA ARG A 116 8.92 -9.77 -13.61
C ARG A 116 9.19 -8.29 -13.52
N MET A 117 10.27 -7.83 -14.20
CA MET A 117 10.65 -6.40 -14.25
C MET A 117 11.19 -5.91 -12.89
N TYR A 118 12.07 -4.90 -12.91
CA TYR A 118 12.57 -4.31 -11.67
C TYR A 118 11.51 -3.40 -11.10
N GLY A 119 10.79 -2.78 -12.00
CA GLY A 119 9.66 -1.99 -11.66
C GLY A 119 9.95 -0.74 -10.87
N GLU A 120 10.78 0.11 -11.40
CA GLU A 120 11.07 1.36 -10.74
C GLU A 120 10.04 2.40 -11.18
N TRP A 121 9.46 3.09 -10.21
CA TRP A 121 8.41 4.08 -10.46
C TRP A 121 8.17 4.93 -9.23
N ASP A 122 8.33 4.34 -8.06
CA ASP A 122 8.13 5.09 -6.82
C ASP A 122 9.36 5.91 -6.55
N PHE A 123 9.16 7.11 -6.04
CA PHE A 123 10.23 8.07 -5.85
C PHE A 123 11.35 7.55 -4.94
N GLU A 124 10.99 6.80 -3.91
CA GLU A 124 11.95 6.28 -2.96
C GLU A 124 12.84 5.24 -3.66
N GLU A 125 12.24 4.52 -4.58
CA GLU A 125 12.94 3.52 -5.37
C GLU A 125 13.78 4.22 -6.44
N TRP A 126 13.20 5.24 -7.05
CA TRP A 126 13.84 5.99 -8.14
C TRP A 126 15.17 6.61 -7.69
N ARG A 127 15.23 7.00 -6.42
CA ARG A 127 16.44 7.61 -5.83
C ARG A 127 17.67 6.71 -5.96
N VAL A 128 17.48 5.39 -5.84
CA VAL A 128 18.61 4.49 -5.92
C VAL A 128 18.94 4.17 -7.38
N VAL A 129 17.91 4.18 -8.21
CA VAL A 129 18.07 3.87 -9.62
C VAL A 129 18.86 4.97 -10.30
N HIS A 130 18.55 6.21 -9.93
CA HIS A 130 19.22 7.39 -10.47
C HIS A 130 20.74 7.29 -10.27
N ALA A 131 21.15 6.76 -9.13
CA ALA A 131 22.56 6.63 -8.84
C ALA A 131 23.21 5.56 -9.70
N GLU A 132 22.60 4.39 -9.78
CA GLU A 132 23.16 3.31 -10.56
C GLU A 132 23.10 3.59 -12.05
N LYS A 133 22.10 4.32 -12.46
CA LYS A 133 21.88 4.64 -13.84
C LYS A 133 23.00 5.60 -14.31
N PHE A 134 23.21 6.66 -13.55
CA PHE A 134 24.22 7.63 -13.92
C PHE A 134 25.65 7.12 -13.85
N VAL A 135 25.94 6.19 -12.93
CA VAL A 135 27.30 5.65 -12.88
C VAL A 135 27.62 4.81 -14.15
N GLU A 136 26.65 3.99 -14.61
CA GLU A 136 26.85 3.20 -15.82
C GLU A 136 26.87 4.08 -17.04
N THR A 137 25.95 5.05 -17.09
CA THR A 137 25.89 5.98 -18.19
C THR A 137 27.19 6.78 -18.28
N PHE A 138 27.72 7.22 -17.14
CA PHE A 138 28.98 7.97 -17.11
C PHE A 138 30.08 7.15 -17.77
N ARG A 139 30.22 5.92 -17.33
CA ARG A 139 31.23 5.02 -17.87
C ARG A 139 31.03 4.81 -19.37
N LYS A 140 29.79 4.55 -19.77
CA LYS A 140 29.48 4.33 -21.18
C LYS A 140 29.68 5.58 -22.04
N MET A 141 29.44 6.75 -21.46
CA MET A 141 29.66 7.99 -22.18
C MET A 141 31.13 8.18 -22.49
N LEU A 142 32.00 7.75 -21.58
CA LEU A 142 33.43 7.77 -21.83
C LEU A 142 33.83 6.74 -22.85
N GLU A 143 33.17 5.59 -22.83
CA GLU A 143 33.43 4.55 -23.81
C GLU A 143 33.08 5.06 -25.20
N TRP A 144 31.93 5.70 -25.29
CA TRP A 144 31.43 6.25 -26.53
C TRP A 144 32.26 7.48 -26.96
N ASN A 145 32.80 8.18 -25.99
CA ASN A 145 33.65 9.34 -26.28
C ASN A 145 35.00 8.87 -26.84
N LYS A 146 35.46 7.73 -26.36
CA LYS A 146 36.70 7.13 -26.85
C LYS A 146 36.47 6.42 -28.18
N ASN A 147 35.30 5.88 -28.35
CA ASN A 147 34.93 5.19 -29.57
C ASN A 147 33.44 5.32 -29.83
N PRO A 148 33.05 6.06 -30.90
CA PRO A 148 31.63 6.26 -31.26
C PRO A 148 30.94 4.94 -31.57
N ASN A 149 31.72 3.95 -31.97
CA ASN A 149 31.20 2.64 -32.30
C ASN A 149 31.25 1.72 -31.09
N GLY A 150 31.56 2.31 -29.93
CA GLY A 150 31.65 1.56 -28.70
C GLY A 150 30.32 1.03 -28.24
N LYS A 151 29.26 1.75 -28.54
CA LYS A 151 27.94 1.32 -28.15
C LYS A 151 27.28 0.50 -29.25
N SER A 152 26.92 -0.72 -28.94
CA SER A 152 26.18 -1.53 -29.86
C SER A 152 24.70 -1.28 -29.58
N MET A 153 23.84 -1.55 -30.54
CA MET A 153 22.42 -1.23 -30.38
C MET A 153 21.78 -2.09 -29.29
N GLU A 154 22.10 -3.38 -29.29
CA GLU A 154 21.63 -4.29 -28.25
C GLU A 154 22.28 -3.97 -26.90
N GLU A 155 23.49 -3.52 -26.95
CA GLU A 155 24.21 -3.21 -25.74
C GLU A 155 23.79 -1.93 -25.08
N ALA A 156 23.49 -0.94 -25.88
CA ALA A 156 23.07 0.31 -25.34
C ALA A 156 21.64 0.23 -24.89
N VAL A 157 20.79 -0.36 -25.76
CA VAL A 157 19.31 -0.35 -25.63
C VAL A 157 18.79 0.82 -24.82
N GLY A 158 18.70 1.95 -25.44
CA GLY A 158 18.22 3.12 -24.78
C GLY A 158 16.78 3.31 -25.08
N SER A 159 16.49 4.26 -25.91
CA SER A 159 15.14 4.49 -26.32
C SER A 159 14.79 3.54 -27.44
N LEU A 160 14.21 2.42 -27.09
CA LEU A 160 13.79 1.45 -28.05
C LEU A 160 12.32 1.63 -28.25
N LEU A 161 11.97 2.09 -29.39
CA LEU A 161 10.59 2.42 -29.68
C LEU A 161 9.88 1.28 -30.35
N SER A 162 10.60 0.64 -31.26
CA SER A 162 10.02 -0.31 -32.16
C SER A 162 9.06 0.43 -33.07
N SER A 163 9.63 1.02 -34.10
CA SER A 163 8.91 1.87 -34.98
C SER A 163 7.86 1.10 -35.77
N GLY A 164 6.62 1.41 -35.47
CA GLY A 164 5.52 0.83 -36.14
C GLY A 164 4.67 1.92 -36.70
N ASP A 165 5.33 2.82 -37.40
CA ASP A 165 4.70 3.99 -37.98
C ASP A 165 4.24 3.66 -39.36
N SER A 1 -24.22 -14.67 17.25
CA SER A 1 -23.44 -15.49 16.35
C SER A 1 -22.43 -14.63 15.60
N THR A 2 -21.29 -15.21 15.22
CA THR A 2 -20.20 -14.50 14.51
C THR A 2 -19.69 -13.30 15.32
N SER A 3 -18.83 -12.51 14.73
CA SER A 3 -18.33 -11.35 15.42
C SER A 3 -19.37 -10.24 15.31
N SER A 4 -20.08 -9.99 16.39
CA SER A 4 -21.12 -9.00 16.42
C SER A 4 -20.53 -7.60 16.43
N ASP A 5 -19.40 -7.46 17.08
CA ASP A 5 -18.69 -6.20 17.09
C ASP A 5 -18.08 -5.97 15.71
N PRO A 6 -18.38 -4.79 15.11
CA PRO A 6 -17.98 -4.47 13.73
C PRO A 6 -16.48 -4.63 13.47
N GLN A 7 -16.16 -5.46 12.52
CA GLN A 7 -14.80 -5.68 12.13
C GLN A 7 -14.42 -4.69 11.06
N SER A 8 -13.89 -3.58 11.46
CA SER A 8 -13.52 -2.57 10.53
C SER A 8 -12.29 -2.97 9.75
N HIS A 9 -12.43 -2.96 8.48
CA HIS A 9 -11.38 -3.32 7.59
C HIS A 9 -10.56 -2.16 7.23
N ASN A 10 -9.34 -2.44 6.90
CA ASN A 10 -8.38 -1.46 6.52
C ASN A 10 -7.69 -2.03 5.29
N VAL A 11 -7.72 -1.30 4.21
CA VAL A 11 -7.20 -1.80 2.95
C VAL A 11 -6.01 -0.98 2.48
N PHE A 12 -4.88 -1.64 2.28
CA PHE A 12 -3.70 -0.98 1.76
C PHE A 12 -3.77 -1.03 0.24
N VAL A 13 -4.03 0.08 -0.36
CA VAL A 13 -4.15 0.12 -1.79
C VAL A 13 -3.26 1.23 -2.36
N TYR A 14 -2.77 1.02 -3.55
CA TYR A 14 -1.94 1.97 -4.21
C TYR A 14 -2.61 2.36 -5.51
N GLY A 15 -3.17 3.55 -5.54
CA GLY A 15 -3.88 4.03 -6.70
C GLY A 15 -5.34 3.61 -6.66
N SER A 16 -6.00 3.70 -7.82
CA SER A 16 -7.37 3.26 -8.02
C SER A 16 -8.43 4.15 -7.31
N ILE A 17 -8.38 4.24 -5.99
CA ILE A 17 -9.39 4.96 -5.22
C ILE A 17 -8.80 5.95 -4.22
N LEU A 18 -7.49 6.17 -4.28
CA LEU A 18 -6.79 7.02 -3.30
C LEU A 18 -7.22 8.47 -3.34
N GLU A 19 -7.92 8.82 -4.37
CA GLU A 19 -8.44 10.15 -4.49
C GLU A 19 -9.70 10.24 -3.64
N PRO A 20 -9.75 11.20 -2.69
CA PRO A 20 -10.88 11.36 -1.75
C PRO A 20 -12.26 11.32 -2.41
N ALA A 21 -12.40 11.96 -3.57
CA ALA A 21 -13.67 11.98 -4.28
C ALA A 21 -14.04 10.58 -4.77
N VAL A 22 -13.04 9.80 -5.11
CA VAL A 22 -13.22 8.46 -5.60
C VAL A 22 -13.55 7.51 -4.44
N ALA A 23 -12.82 7.65 -3.32
CA ALA A 23 -13.10 6.85 -2.11
C ALA A 23 -14.52 7.13 -1.64
N ALA A 24 -14.97 8.36 -1.86
CA ALA A 24 -16.31 8.76 -1.51
C ALA A 24 -17.35 8.08 -2.40
N VAL A 25 -17.10 8.00 -3.70
CA VAL A 25 -18.08 7.41 -4.61
C VAL A 25 -18.15 5.90 -4.47
N ILE A 26 -17.05 5.26 -4.12
CA ILE A 26 -17.02 3.82 -3.96
C ILE A 26 -17.73 3.38 -2.68
N LEU A 27 -17.59 4.15 -1.64
CA LEU A 27 -18.16 3.78 -0.36
C LEU A 27 -19.45 4.49 -0.05
N ASP A 28 -19.79 5.51 -0.86
CA ASP A 28 -20.99 6.36 -0.66
C ASP A 28 -20.78 7.19 0.63
N ARG A 29 -19.54 7.26 1.02
CA ARG A 29 -19.09 7.94 2.18
C ARG A 29 -17.62 8.17 1.99
N THR A 30 -17.12 9.30 2.38
CA THR A 30 -15.72 9.53 2.24
C THR A 30 -14.97 8.75 3.32
N ALA A 31 -14.14 7.85 2.92
CA ALA A 31 -13.37 7.08 3.85
C ALA A 31 -12.06 7.72 4.09
N ASP A 32 -11.58 7.56 5.26
CA ASP A 32 -10.35 8.16 5.65
C ASP A 32 -9.18 7.24 5.34
N THR A 33 -8.36 7.69 4.42
CA THR A 33 -7.16 7.00 4.11
C THR A 33 -6.00 7.65 4.78
N VAL A 34 -5.08 6.87 5.21
CA VAL A 34 -3.89 7.37 5.83
C VAL A 34 -2.71 6.71 5.19
N PRO A 35 -1.64 7.46 4.96
CA PRO A 35 -0.45 6.93 4.35
C PRO A 35 0.22 5.93 5.28
N ALA A 36 0.56 4.82 4.74
CA ALA A 36 1.15 3.74 5.46
C ALA A 36 2.12 3.05 4.60
N VAL A 37 3.05 2.40 5.18
CA VAL A 37 4.02 1.71 4.43
C VAL A 37 4.01 0.23 4.75
N LEU A 38 3.93 -0.55 3.72
CA LEU A 38 3.94 -1.96 3.83
C LEU A 38 5.35 -2.44 3.82
N HIS A 39 5.78 -2.88 4.94
CA HIS A 39 7.08 -3.42 5.07
C HIS A 39 7.05 -4.88 4.67
N GLY A 40 7.89 -5.26 3.75
CA GLY A 40 7.95 -6.65 3.41
C GLY A 40 7.57 -6.93 1.98
N TYR A 41 6.98 -5.96 1.31
CA TYR A 41 6.63 -6.09 -0.07
C TYR A 41 7.23 -4.98 -0.85
N HIS A 42 7.35 -5.17 -2.15
CA HIS A 42 7.84 -4.11 -2.98
C HIS A 42 6.90 -3.93 -4.16
N ARG A 43 6.61 -2.68 -4.49
CA ARG A 43 5.75 -2.36 -5.60
C ARG A 43 6.60 -2.24 -6.85
N TYR A 44 6.18 -2.93 -7.88
CA TYR A 44 6.89 -2.98 -9.13
C TYR A 44 6.36 -1.95 -10.10
N LYS A 45 7.20 -1.52 -11.00
CA LYS A 45 6.83 -0.53 -11.98
C LYS A 45 6.16 -1.24 -13.17
N LEU A 46 6.60 -2.51 -13.42
CA LEU A 46 6.10 -3.33 -14.54
C LEU A 46 6.33 -2.63 -15.88
N LYS A 47 5.69 -3.13 -16.90
CA LYS A 47 5.74 -2.52 -18.20
C LYS A 47 4.33 -2.22 -18.65
N GLY A 48 3.46 -3.18 -18.41
CA GLY A 48 2.11 -3.05 -18.83
C GLY A 48 1.16 -2.59 -17.73
N LEU A 49 1.64 -2.55 -16.50
CA LEU A 49 0.81 -2.17 -15.37
C LEU A 49 1.23 -0.80 -14.83
N PRO A 50 0.29 0.16 -14.72
CA PRO A 50 0.57 1.50 -14.23
C PRO A 50 0.57 1.58 -12.68
N TYR A 51 -0.42 0.97 -12.09
CA TYR A 51 -0.54 0.85 -10.65
C TYR A 51 -0.38 -0.64 -10.34
N PRO A 52 -0.26 -1.12 -9.03
CA PRO A 52 0.27 -2.43 -8.67
C PRO A 52 1.38 -3.09 -9.61
N CYS A 53 2.02 -4.15 -9.17
CA CYS A 53 1.71 -4.90 -7.99
C CYS A 53 2.87 -4.97 -7.02
N ILE A 54 2.66 -5.74 -5.95
CA ILE A 54 3.66 -6.01 -4.96
C ILE A 54 3.83 -7.51 -4.83
N VAL A 55 5.06 -7.97 -4.84
CA VAL A 55 5.36 -9.40 -4.70
C VAL A 55 6.70 -9.63 -4.04
N SER A 56 6.66 -10.26 -2.86
CA SER A 56 7.85 -10.62 -2.11
C SER A 56 8.74 -9.37 -1.84
N SER A 57 10.03 -9.64 -1.56
CA SER A 57 11.04 -8.65 -1.28
C SER A 57 10.84 -8.03 0.10
N ASP A 58 11.27 -8.76 1.13
CA ASP A 58 11.10 -8.31 2.52
C ASP A 58 12.07 -7.17 2.82
N SER A 59 12.98 -6.96 1.91
CA SER A 59 13.94 -5.88 1.98
C SER A 59 13.29 -4.60 1.44
N GLY A 60 12.09 -4.74 0.91
CA GLY A 60 11.39 -3.63 0.36
C GLY A 60 10.26 -3.17 1.24
N LYS A 61 9.79 -1.99 0.97
CA LYS A 61 8.67 -1.41 1.64
C LYS A 61 7.86 -0.64 0.61
N VAL A 62 6.58 -0.59 0.76
CA VAL A 62 5.72 0.10 -0.18
C VAL A 62 4.94 1.20 0.53
N ASN A 63 5.07 2.41 0.08
CA ASN A 63 4.36 3.52 0.68
C ASN A 63 3.05 3.72 -0.05
N GLY A 64 1.97 3.55 0.65
CA GLY A 64 0.67 3.70 0.08
C GLY A 64 -0.26 4.29 1.08
N LYS A 65 -1.52 4.00 0.95
CA LYS A 65 -2.51 4.51 1.86
C LYS A 65 -3.47 3.43 2.20
N VAL A 66 -3.84 3.37 3.44
CA VAL A 66 -4.78 2.40 3.88
C VAL A 66 -6.11 3.06 4.11
N ILE A 67 -7.14 2.43 3.61
CA ILE A 67 -8.49 2.93 3.73
C ILE A 67 -8.98 2.40 5.04
N THR A 68 -9.32 3.25 5.96
CA THR A 68 -9.73 2.77 7.23
C THR A 68 -11.24 2.92 7.42
N GLY A 69 -11.77 2.15 8.37
CA GLY A 69 -13.20 2.20 8.67
C GLY A 69 -14.04 1.62 7.55
N VAL A 70 -13.57 0.53 6.97
CA VAL A 70 -14.27 -0.11 5.87
C VAL A 70 -14.98 -1.36 6.36
N SER A 71 -16.28 -1.46 6.17
CA SER A 71 -16.97 -2.68 6.51
C SER A 71 -16.63 -3.73 5.47
N ASP A 72 -16.88 -4.97 5.79
CA ASP A 72 -16.66 -6.08 4.85
C ASP A 72 -17.49 -5.87 3.60
N ALA A 73 -18.71 -5.37 3.79
CA ALA A 73 -19.63 -5.12 2.69
C ALA A 73 -19.10 -3.99 1.83
N GLU A 74 -18.43 -3.07 2.48
CA GLU A 74 -17.84 -1.92 1.82
C GLU A 74 -16.55 -2.31 1.08
N LEU A 75 -15.75 -3.17 1.72
CA LEU A 75 -14.46 -3.60 1.15
C LEU A 75 -14.75 -4.33 -0.16
N ASN A 76 -15.86 -5.02 -0.15
CA ASN A 76 -16.36 -5.79 -1.27
C ASN A 76 -16.45 -4.92 -2.53
N ASN A 77 -16.72 -3.62 -2.37
CA ASN A 77 -16.89 -2.75 -3.53
C ASN A 77 -15.54 -2.52 -4.22
N PHE A 78 -14.46 -2.51 -3.44
CA PHE A 78 -13.11 -2.34 -4.01
C PHE A 78 -12.74 -3.62 -4.74
N ASP A 79 -13.10 -4.74 -4.12
CA ASP A 79 -12.81 -6.09 -4.63
C ASP A 79 -13.48 -6.35 -5.99
N VAL A 80 -14.63 -5.68 -6.21
CA VAL A 80 -15.42 -5.78 -7.47
C VAL A 80 -14.54 -5.51 -8.73
N ILE A 81 -13.41 -4.81 -8.58
CA ILE A 81 -12.50 -4.56 -9.70
C ILE A 81 -12.02 -5.91 -10.30
N GLU A 82 -11.94 -6.92 -9.42
CA GLU A 82 -11.60 -8.30 -9.74
C GLU A 82 -10.27 -8.45 -10.46
N GLY A 83 -9.26 -8.75 -9.70
CA GLY A 83 -7.99 -9.01 -10.28
C GLY A 83 -7.80 -10.49 -10.35
N ASN A 84 -7.87 -11.06 -11.55
CA ASN A 84 -7.78 -12.51 -11.72
C ASN A 84 -6.47 -13.08 -11.22
N ASP A 85 -5.41 -12.34 -11.39
CA ASP A 85 -4.10 -12.75 -10.89
C ASP A 85 -3.77 -12.01 -9.61
N TYR A 86 -4.78 -11.46 -8.98
CA TYR A 86 -4.61 -10.80 -7.72
C TYR A 86 -5.37 -11.55 -6.65
N GLU A 87 -4.81 -11.63 -5.47
CA GLU A 87 -5.49 -12.25 -4.37
C GLU A 87 -5.40 -11.33 -3.14
N ARG A 88 -6.44 -11.28 -2.33
CA ARG A 88 -6.41 -10.45 -1.14
C ARG A 88 -5.73 -11.15 0.00
N VAL A 89 -4.62 -10.63 0.39
CA VAL A 89 -3.87 -11.17 1.49
C VAL A 89 -3.78 -10.16 2.60
N THR A 90 -3.64 -10.64 3.79
CA THR A 90 -3.48 -9.80 4.91
C THR A 90 -1.99 -9.55 5.12
N VAL A 91 -1.63 -8.30 5.13
CA VAL A 91 -0.28 -7.84 5.30
C VAL A 91 -0.25 -6.90 6.48
N GLU A 92 0.89 -6.52 6.91
CA GLU A 92 0.97 -5.70 8.08
C GLU A 92 1.75 -4.46 7.69
N VAL A 93 1.16 -3.31 7.89
CA VAL A 93 1.76 -2.09 7.44
C VAL A 93 1.85 -1.12 8.59
N VAL A 94 2.65 -0.14 8.43
CA VAL A 94 2.78 0.87 9.40
C VAL A 94 2.14 2.13 8.91
N ARG A 95 1.13 2.59 9.63
CA ARG A 95 0.48 3.83 9.33
C ARG A 95 1.48 4.92 9.59
N MET A 96 2.09 5.38 8.54
CA MET A 96 3.23 6.28 8.56
C MET A 96 2.86 7.58 9.24
N ASP A 97 1.63 8.01 9.02
CA ASP A 97 1.09 9.25 9.61
C ASP A 97 1.24 9.28 11.15
N ASN A 98 0.96 8.15 11.79
CA ASN A 98 1.00 8.10 13.26
C ASN A 98 2.12 7.16 13.75
N SER A 99 2.82 6.54 12.80
CA SER A 99 3.92 5.60 13.08
C SER A 99 3.40 4.31 13.80
N GLU A 100 2.12 4.03 13.66
CA GLU A 100 1.51 2.89 14.32
C GLU A 100 1.46 1.71 13.37
N LYS A 101 1.29 0.55 13.90
CA LYS A 101 1.29 -0.64 13.09
C LYS A 101 -0.13 -1.15 12.94
N VAL A 102 -0.52 -1.44 11.74
CA VAL A 102 -1.86 -1.90 11.45
C VAL A 102 -1.84 -3.10 10.49
N LYS A 103 -2.56 -4.11 10.86
CA LYS A 103 -2.67 -5.29 10.04
C LYS A 103 -3.83 -5.04 9.07
N VAL A 104 -3.54 -5.09 7.79
CA VAL A 104 -4.51 -4.70 6.76
C VAL A 104 -4.55 -5.72 5.62
N GLU A 105 -5.50 -5.56 4.73
CA GLU A 105 -5.57 -6.43 3.56
C GLU A 105 -5.13 -5.66 2.34
N THR A 106 -4.61 -6.36 1.37
CA THR A 106 -4.14 -5.75 0.17
C THR A 106 -4.27 -6.75 -0.97
N TYR A 107 -3.99 -6.31 -2.18
CA TYR A 107 -4.08 -7.15 -3.33
C TYR A 107 -2.68 -7.47 -3.79
N VAL A 108 -2.35 -8.74 -3.78
CA VAL A 108 -1.04 -9.18 -4.17
C VAL A 108 -1.16 -9.97 -5.46
N TRP A 109 -0.10 -9.98 -6.21
CA TRP A 109 -0.06 -10.67 -7.47
C TRP A 109 0.23 -12.13 -7.17
N VAL A 110 -0.66 -13.03 -7.58
CA VAL A 110 -0.57 -14.47 -7.28
C VAL A 110 0.69 -15.13 -7.85
N ASN A 111 1.29 -14.49 -8.84
CA ASN A 111 2.52 -14.98 -9.47
C ASN A 111 3.75 -14.59 -8.61
N LYS A 112 3.47 -14.13 -7.39
CA LYS A 112 4.48 -13.75 -6.38
C LYS A 112 5.55 -14.80 -6.14
N ASP A 113 5.22 -16.04 -6.40
CA ASP A 113 6.13 -17.14 -6.15
C ASP A 113 7.02 -17.40 -7.34
N ASP A 114 6.75 -16.72 -8.41
CA ASP A 114 7.53 -16.83 -9.60
C ASP A 114 8.43 -15.59 -9.63
N PRO A 115 9.75 -15.75 -9.80
CA PRO A 115 10.72 -14.62 -9.80
C PRO A 115 10.64 -13.78 -11.10
N ARG A 116 9.44 -13.48 -11.48
CA ARG A 116 9.15 -12.84 -12.72
C ARG A 116 9.03 -11.34 -12.58
N MET A 117 9.95 -10.64 -13.23
CA MET A 117 10.00 -9.17 -13.32
C MET A 117 10.48 -8.47 -12.06
N TYR A 118 11.23 -7.42 -12.28
CA TYR A 118 11.68 -6.52 -11.25
C TYR A 118 11.81 -5.13 -11.83
N GLY A 119 12.37 -5.06 -13.04
CA GLY A 119 12.45 -3.84 -13.78
C GLY A 119 13.38 -2.81 -13.18
N GLU A 120 13.12 -1.58 -13.52
CA GLU A 120 13.87 -0.47 -13.06
C GLU A 120 12.91 0.66 -12.69
N TRP A 121 13.30 1.50 -11.76
CA TRP A 121 12.46 2.60 -11.31
C TRP A 121 13.33 3.68 -10.71
N ASP A 122 14.00 3.32 -9.66
CA ASP A 122 14.98 4.15 -9.00
C ASP A 122 16.30 3.39 -9.00
N PHE A 123 17.41 4.09 -9.15
CA PHE A 123 18.72 3.42 -9.25
C PHE A 123 19.10 2.71 -7.96
N GLU A 124 18.94 3.40 -6.84
CA GLU A 124 19.31 2.85 -5.55
C GLU A 124 18.36 1.70 -5.22
N GLU A 125 17.08 1.92 -5.53
CA GLU A 125 16.05 0.91 -5.38
C GLU A 125 16.42 -0.32 -6.17
N TRP A 126 16.85 -0.10 -7.42
CA TRP A 126 17.24 -1.18 -8.31
C TRP A 126 18.35 -2.02 -7.69
N ARG A 127 19.29 -1.35 -7.05
CA ARG A 127 20.43 -2.00 -6.43
C ARG A 127 19.99 -2.97 -5.34
N VAL A 128 18.99 -2.58 -4.55
CA VAL A 128 18.53 -3.42 -3.46
C VAL A 128 17.53 -4.48 -3.94
N VAL A 129 16.61 -4.10 -4.84
CA VAL A 129 15.54 -4.99 -5.26
C VAL A 129 16.05 -6.14 -6.10
N HIS A 130 17.01 -5.88 -7.00
CA HIS A 130 17.47 -6.96 -7.88
C HIS A 130 18.15 -8.05 -7.07
N ALA A 131 18.86 -7.64 -6.03
CA ALA A 131 19.59 -8.58 -5.20
C ALA A 131 18.64 -9.53 -4.50
N GLU A 132 17.68 -8.98 -3.77
CA GLU A 132 16.71 -9.79 -3.08
C GLU A 132 15.78 -10.53 -4.03
N LYS A 133 15.63 -9.99 -5.23
CA LYS A 133 14.85 -10.64 -6.24
C LYS A 133 15.55 -11.93 -6.65
N PHE A 134 16.86 -11.85 -6.87
CA PHE A 134 17.64 -13.04 -7.19
C PHE A 134 17.70 -13.99 -6.03
N VAL A 135 17.71 -13.44 -4.81
CA VAL A 135 17.63 -14.29 -3.61
C VAL A 135 16.41 -15.20 -3.72
N GLU A 136 15.25 -14.58 -3.96
CA GLU A 136 14.01 -15.33 -4.19
C GLU A 136 14.13 -16.26 -5.36
N THR A 137 14.73 -15.77 -6.42
CA THR A 137 14.94 -16.55 -7.62
C THR A 137 15.67 -17.85 -7.29
N PHE A 138 16.79 -17.77 -6.57
CA PHE A 138 17.55 -18.96 -6.21
C PHE A 138 16.79 -19.85 -5.22
N ARG A 139 15.95 -19.25 -4.38
CA ARG A 139 15.13 -20.03 -3.43
C ARG A 139 14.09 -20.84 -4.18
N LYS A 140 13.45 -20.20 -5.14
CA LYS A 140 12.44 -20.85 -5.95
C LYS A 140 13.08 -21.85 -6.90
N MET A 141 14.20 -21.47 -7.50
CA MET A 141 14.92 -22.35 -8.40
C MET A 141 15.42 -23.58 -7.67
N LEU A 142 15.72 -23.42 -6.38
CA LEU A 142 16.21 -24.52 -5.52
C LEU A 142 15.23 -25.67 -5.50
N GLU A 143 13.96 -25.39 -5.25
CA GLU A 143 12.97 -26.45 -5.17
C GLU A 143 12.73 -27.10 -6.53
N TRP A 144 12.80 -26.31 -7.58
CA TRP A 144 12.69 -26.82 -8.94
C TRP A 144 13.97 -27.54 -9.39
N ASN A 145 15.08 -27.14 -8.81
CA ASN A 145 16.38 -27.78 -9.04
C ASN A 145 16.41 -29.12 -8.34
N LYS A 146 15.80 -29.17 -7.17
CA LYS A 146 15.74 -30.41 -6.40
C LYS A 146 14.65 -31.32 -6.97
N ASN A 147 13.60 -30.74 -7.49
CA ASN A 147 12.53 -31.50 -8.10
C ASN A 147 12.06 -30.84 -9.38
N PRO A 148 12.60 -31.29 -10.53
CA PRO A 148 12.22 -30.75 -11.83
C PRO A 148 10.93 -31.38 -12.32
N ASN A 149 10.58 -32.49 -11.71
CA ASN A 149 9.39 -33.26 -12.10
C ASN A 149 8.11 -32.55 -11.70
N GLY A 150 8.20 -31.67 -10.72
CA GLY A 150 7.03 -30.94 -10.27
C GLY A 150 6.89 -29.58 -10.93
N LYS A 151 7.74 -29.34 -11.91
CA LYS A 151 7.72 -28.09 -12.63
C LYS A 151 6.86 -28.29 -13.87
N SER A 152 6.02 -27.34 -14.17
CA SER A 152 5.10 -27.47 -15.28
C SER A 152 5.77 -27.20 -16.64
N MET A 153 5.09 -27.59 -17.72
CA MET A 153 5.63 -27.51 -19.09
C MET A 153 5.95 -26.08 -19.51
N GLU A 154 5.08 -25.13 -19.20
CA GLU A 154 5.31 -23.75 -19.60
C GLU A 154 6.44 -23.14 -18.77
N GLU A 155 6.59 -23.63 -17.57
CA GLU A 155 7.66 -23.23 -16.72
C GLU A 155 8.96 -23.85 -17.16
N ALA A 156 8.87 -25.06 -17.70
CA ALA A 156 10.03 -25.80 -18.19
C ALA A 156 10.57 -25.19 -19.49
N VAL A 157 9.70 -24.55 -20.24
CA VAL A 157 10.15 -23.88 -21.43
C VAL A 157 10.55 -22.46 -21.08
N GLY A 158 11.70 -22.05 -21.55
CA GLY A 158 12.23 -20.76 -21.19
C GLY A 158 13.11 -20.92 -19.96
N SER A 159 12.53 -21.47 -18.92
CA SER A 159 13.24 -21.79 -17.73
C SER A 159 13.49 -23.30 -17.73
N LEU A 160 14.66 -23.69 -18.18
CA LEU A 160 15.01 -25.10 -18.34
C LEU A 160 14.95 -25.85 -17.01
N LEU A 161 14.99 -27.16 -17.09
CA LEU A 161 15.03 -27.98 -15.90
C LEU A 161 16.43 -28.02 -15.36
N SER A 162 16.84 -26.90 -14.84
CA SER A 162 18.15 -26.76 -14.31
C SER A 162 18.24 -27.44 -12.98
N SER A 163 18.74 -28.65 -13.01
CA SER A 163 18.85 -29.47 -11.86
C SER A 163 20.30 -29.95 -11.76
N GLY A 164 20.61 -30.67 -10.72
CA GLY A 164 21.94 -31.16 -10.57
C GLY A 164 22.31 -31.39 -9.13
N ASP A 165 22.31 -32.63 -8.73
CA ASP A 165 22.74 -33.01 -7.40
C ASP A 165 23.83 -34.03 -7.51
N SER A 1 -7.64 6.36 15.91
CA SER A 1 -8.55 5.24 15.92
C SER A 1 -7.95 4.11 15.13
N THR A 2 -7.76 2.99 15.77
CA THR A 2 -7.19 1.85 15.14
C THR A 2 -8.22 0.72 15.18
N SER A 3 -8.46 0.12 14.03
CA SER A 3 -9.40 -0.97 13.92
C SER A 3 -9.03 -2.15 14.83
N SER A 4 -9.86 -2.40 15.81
CA SER A 4 -9.65 -3.48 16.72
C SER A 4 -10.55 -4.66 16.35
N ASP A 5 -11.69 -4.37 15.74
CA ASP A 5 -12.62 -5.42 15.34
C ASP A 5 -12.31 -5.79 13.90
N PRO A 6 -12.60 -7.04 13.49
CA PRO A 6 -12.30 -7.53 12.15
C PRO A 6 -13.24 -6.99 11.08
N GLN A 7 -14.26 -6.26 11.48
CA GLN A 7 -15.20 -5.76 10.53
C GLN A 7 -14.89 -4.34 10.13
N SER A 8 -13.93 -3.75 10.79
CA SER A 8 -13.41 -2.48 10.35
C SER A 8 -12.16 -2.79 9.54
N HIS A 9 -12.25 -2.60 8.25
CA HIS A 9 -11.19 -3.00 7.34
C HIS A 9 -10.42 -1.80 6.87
N ASN A 10 -9.20 -2.04 6.48
CA ASN A 10 -8.31 -1.01 5.99
C ASN A 10 -7.65 -1.57 4.74
N VAL A 11 -7.61 -0.81 3.69
CA VAL A 11 -7.03 -1.31 2.44
C VAL A 11 -5.77 -0.56 2.07
N PHE A 12 -4.67 -1.26 1.95
CA PHE A 12 -3.42 -0.65 1.54
C PHE A 12 -3.30 -0.69 0.02
N VAL A 13 -3.62 0.41 -0.60
CA VAL A 13 -3.48 0.54 -2.02
C VAL A 13 -2.94 1.92 -2.33
N TYR A 14 -1.92 1.99 -3.11
CA TYR A 14 -1.35 3.27 -3.41
C TYR A 14 -1.71 3.67 -4.83
N GLY A 15 -2.87 4.28 -4.95
CA GLY A 15 -3.33 4.76 -6.21
C GLY A 15 -4.84 4.71 -6.33
N SER A 16 -5.38 5.65 -7.06
CA SER A 16 -6.80 5.75 -7.43
C SER A 16 -7.73 6.12 -6.23
N ILE A 17 -7.90 5.20 -5.27
CA ILE A 17 -8.85 5.40 -4.14
C ILE A 17 -8.25 6.39 -3.10
N LEU A 18 -7.07 6.91 -3.43
CA LEU A 18 -6.42 7.91 -2.60
C LEU A 18 -7.22 9.19 -2.64
N GLU A 19 -8.00 9.35 -3.69
CA GLU A 19 -8.88 10.46 -3.85
C GLU A 19 -10.17 10.18 -3.10
N PRO A 20 -10.52 11.02 -2.10
CA PRO A 20 -11.75 10.89 -1.32
C PRO A 20 -12.99 10.70 -2.19
N ALA A 21 -13.00 11.35 -3.35
CA ALA A 21 -14.10 11.23 -4.30
C ALA A 21 -14.27 9.80 -4.78
N VAL A 22 -13.16 9.12 -5.02
CA VAL A 22 -13.17 7.74 -5.49
C VAL A 22 -13.65 6.81 -4.38
N ALA A 23 -13.21 7.09 -3.18
CA ALA A 23 -13.65 6.31 -2.04
C ALA A 23 -15.14 6.54 -1.81
N ALA A 24 -15.57 7.75 -2.06
CA ALA A 24 -16.96 8.15 -1.89
C ALA A 24 -17.86 7.59 -2.98
N VAL A 25 -17.27 7.03 -4.03
CA VAL A 25 -18.09 6.38 -5.03
C VAL A 25 -18.09 4.88 -4.82
N ILE A 26 -16.99 4.33 -4.30
CA ILE A 26 -16.92 2.90 -4.05
C ILE A 26 -17.66 2.51 -2.75
N LEU A 27 -17.46 3.30 -1.72
CA LEU A 27 -18.13 3.05 -0.45
C LEU A 27 -19.40 3.86 -0.36
N ASP A 28 -19.45 4.93 -1.16
CA ASP A 28 -20.53 5.97 -1.07
C ASP A 28 -20.35 6.71 0.27
N ARG A 29 -19.18 6.52 0.80
CA ARG A 29 -18.76 7.04 2.06
C ARG A 29 -17.38 7.59 1.81
N THR A 30 -17.13 8.79 2.24
CA THR A 30 -15.82 9.33 2.03
C THR A 30 -14.84 8.70 3.03
N ALA A 31 -13.94 7.90 2.52
CA ALA A 31 -12.96 7.25 3.35
C ALA A 31 -11.69 8.03 3.33
N ASP A 32 -11.03 8.08 4.44
CA ASP A 32 -9.82 8.84 4.53
C ASP A 32 -8.65 7.89 4.41
N THR A 33 -7.74 8.21 3.55
CA THR A 33 -6.58 7.42 3.45
C THR A 33 -5.51 8.03 4.34
N VAL A 34 -4.74 7.20 4.98
CA VAL A 34 -3.67 7.67 5.81
C VAL A 34 -2.39 7.02 5.37
N PRO A 35 -1.28 7.77 5.35
CA PRO A 35 0.02 7.27 4.90
C PRO A 35 0.49 6.09 5.75
N ALA A 36 0.85 5.03 5.09
CA ALA A 36 1.34 3.87 5.75
C ALA A 36 2.31 3.15 4.85
N VAL A 37 3.19 2.43 5.43
CA VAL A 37 4.15 1.70 4.67
C VAL A 37 4.03 0.21 4.94
N LEU A 38 4.01 -0.57 3.89
CA LEU A 38 3.91 -2.00 3.98
C LEU A 38 5.29 -2.63 3.93
N HIS A 39 5.57 -3.50 4.86
CA HIS A 39 6.85 -4.19 4.89
C HIS A 39 6.75 -5.53 4.20
N GLY A 40 7.67 -5.78 3.31
CA GLY A 40 7.73 -7.09 2.70
C GLY A 40 7.23 -7.13 1.29
N TYR A 41 6.78 -6.02 0.79
CA TYR A 41 6.29 -5.98 -0.53
C TYR A 41 6.94 -4.91 -1.34
N HIS A 42 6.87 -5.04 -2.63
CA HIS A 42 7.37 -4.04 -3.55
C HIS A 42 6.31 -3.82 -4.60
N ARG A 43 5.99 -2.57 -4.86
CA ARG A 43 4.97 -2.25 -5.83
C ARG A 43 5.56 -2.11 -7.22
N TYR A 44 5.01 -2.86 -8.13
CA TYR A 44 5.38 -2.80 -9.51
C TYR A 44 4.28 -2.12 -10.26
N LYS A 45 4.60 -1.36 -11.26
CA LYS A 45 3.61 -0.66 -12.02
C LYS A 45 3.44 -1.20 -13.37
N LEU A 46 2.22 -1.54 -13.70
CA LEU A 46 1.90 -2.05 -15.00
C LEU A 46 0.70 -1.31 -15.51
N LYS A 47 0.68 -1.01 -16.79
CA LYS A 47 -0.48 -0.36 -17.41
C LYS A 47 -1.40 -1.42 -17.91
N GLY A 48 -0.80 -2.54 -18.29
CA GLY A 48 -1.54 -3.63 -18.85
C GLY A 48 -2.46 -4.27 -17.84
N LEU A 49 -2.03 -4.26 -16.60
CA LEU A 49 -2.80 -4.79 -15.51
C LEU A 49 -3.67 -3.65 -14.92
N PRO A 50 -4.77 -3.96 -14.21
CA PRO A 50 -5.73 -2.96 -13.75
C PRO A 50 -5.21 -2.05 -12.62
N TYR A 51 -5.16 -2.56 -11.40
CA TYR A 51 -4.62 -1.80 -10.27
C TYR A 51 -3.52 -2.62 -9.62
N PRO A 52 -2.36 -2.65 -10.27
CA PRO A 52 -1.26 -3.52 -9.90
C PRO A 52 0.00 -2.83 -9.41
N CYS A 53 0.90 -3.56 -8.74
CA CYS A 53 0.75 -4.86 -8.03
C CYS A 53 1.86 -4.95 -7.01
N ILE A 54 1.73 -5.75 -5.99
CA ILE A 54 2.83 -5.94 -5.08
C ILE A 54 3.21 -7.38 -4.94
N VAL A 55 4.49 -7.66 -5.12
CA VAL A 55 5.08 -8.98 -4.94
C VAL A 55 6.55 -8.81 -4.61
N SER A 56 7.08 -9.70 -3.78
CA SER A 56 8.52 -9.76 -3.46
C SER A 56 8.76 -10.68 -2.27
N SER A 57 8.09 -10.35 -1.13
CA SER A 57 8.26 -11.04 0.15
C SER A 57 9.66 -10.70 0.70
N ASP A 58 10.24 -9.69 0.09
CA ASP A 58 11.58 -9.21 0.38
C ASP A 58 11.53 -8.24 1.57
N SER A 59 12.65 -7.68 1.95
CA SER A 59 12.71 -6.72 3.02
C SER A 59 12.28 -5.33 2.55
N GLY A 60 12.07 -5.19 1.24
CA GLY A 60 11.59 -3.95 0.66
C GLY A 60 10.25 -3.55 1.22
N LYS A 61 9.96 -2.28 1.16
CA LYS A 61 8.73 -1.78 1.72
C LYS A 61 8.00 -0.93 0.68
N VAL A 62 6.70 -0.86 0.80
CA VAL A 62 5.90 -0.05 -0.09
C VAL A 62 5.30 1.09 0.71
N ASN A 63 5.56 2.31 0.33
CA ASN A 63 4.99 3.44 1.04
C ASN A 63 3.75 3.93 0.32
N GLY A 64 2.63 3.82 0.97
CA GLY A 64 1.39 4.19 0.37
C GLY A 64 0.42 4.76 1.36
N LYS A 65 -0.85 4.54 1.15
CA LYS A 65 -1.86 5.01 2.07
C LYS A 65 -2.89 3.93 2.20
N VAL A 66 -3.45 3.83 3.37
CA VAL A 66 -4.47 2.85 3.62
C VAL A 66 -5.83 3.50 3.68
N ILE A 67 -6.79 2.89 3.04
CA ILE A 67 -8.15 3.40 2.99
C ILE A 67 -8.80 2.84 4.23
N THR A 68 -9.11 3.69 5.16
CA THR A 68 -9.62 3.24 6.43
C THR A 68 -11.14 3.36 6.49
N GLY A 69 -11.74 2.63 7.43
CA GLY A 69 -13.17 2.69 7.64
C GLY A 69 -13.97 1.91 6.61
N VAL A 70 -13.42 0.80 6.17
CA VAL A 70 -14.09 0.01 5.19
C VAL A 70 -14.83 -1.12 5.89
N SER A 71 -16.11 -1.21 5.66
CA SER A 71 -16.91 -2.26 6.27
C SER A 71 -16.65 -3.57 5.52
N ASP A 72 -16.91 -4.72 6.16
CA ASP A 72 -16.64 -6.05 5.53
C ASP A 72 -17.35 -6.21 4.21
N ALA A 73 -18.57 -5.79 4.19
CA ALA A 73 -19.43 -5.89 3.02
C ALA A 73 -18.98 -4.91 1.95
N GLU A 74 -18.59 -3.74 2.38
CA GLU A 74 -18.15 -2.70 1.47
C GLU A 74 -16.79 -3.01 0.90
N LEU A 75 -16.00 -3.73 1.69
CA LEU A 75 -14.68 -4.20 1.30
C LEU A 75 -14.80 -5.05 0.04
N ASN A 76 -15.90 -5.79 -0.02
CA ASN A 76 -16.18 -6.65 -1.16
C ASN A 76 -16.25 -5.88 -2.46
N ASN A 77 -16.62 -4.59 -2.39
CA ASN A 77 -16.79 -3.81 -3.62
C ASN A 77 -15.43 -3.60 -4.28
N PHE A 78 -14.38 -3.53 -3.44
CA PHE A 78 -13.02 -3.36 -3.93
C PHE A 78 -12.54 -4.69 -4.51
N ASP A 79 -13.03 -5.76 -3.93
CA ASP A 79 -12.66 -7.11 -4.32
C ASP A 79 -13.32 -7.47 -5.65
N VAL A 80 -14.51 -6.91 -5.89
CA VAL A 80 -15.25 -7.07 -7.16
C VAL A 80 -14.50 -6.40 -8.34
N ILE A 81 -13.65 -5.44 -8.00
CA ILE A 81 -12.85 -4.70 -8.99
C ILE A 81 -11.96 -5.66 -9.81
N GLU A 82 -11.82 -5.35 -11.11
CA GLU A 82 -11.05 -6.13 -12.10
C GLU A 82 -9.73 -6.66 -11.57
N GLY A 83 -9.63 -7.96 -11.45
CA GLY A 83 -8.41 -8.57 -10.97
C GLY A 83 -8.53 -10.05 -10.75
N ASN A 84 -8.33 -10.83 -11.79
CA ASN A 84 -8.40 -12.29 -11.68
C ASN A 84 -7.10 -12.87 -11.16
N ASP A 85 -5.99 -12.25 -11.51
CA ASP A 85 -4.69 -12.78 -11.10
C ASP A 85 -4.13 -12.10 -9.88
N TYR A 86 -4.85 -11.20 -9.31
CA TYR A 86 -4.44 -10.67 -8.04
C TYR A 86 -5.51 -10.87 -6.99
N GLU A 87 -5.10 -11.16 -5.79
CA GLU A 87 -6.00 -11.59 -4.74
C GLU A 87 -5.84 -10.71 -3.52
N ARG A 88 -6.83 -10.69 -2.68
CA ARG A 88 -6.80 -9.88 -1.50
C ARG A 88 -6.16 -10.66 -0.36
N VAL A 89 -5.19 -10.08 0.29
CA VAL A 89 -4.52 -10.70 1.43
C VAL A 89 -4.34 -9.69 2.54
N THR A 90 -4.15 -10.19 3.72
CA THR A 90 -3.93 -9.37 4.86
C THR A 90 -2.42 -9.19 5.07
N VAL A 91 -2.01 -7.95 5.23
CA VAL A 91 -0.62 -7.58 5.40
C VAL A 91 -0.56 -6.53 6.51
N GLU A 92 0.58 -6.37 7.15
CA GLU A 92 0.66 -5.38 8.19
C GLU A 92 1.43 -4.21 7.68
N VAL A 93 0.95 -3.04 7.94
CA VAL A 93 1.62 -1.86 7.52
C VAL A 93 1.81 -0.96 8.70
N VAL A 94 2.70 -0.04 8.57
CA VAL A 94 2.90 0.91 9.60
C VAL A 94 2.26 2.19 9.22
N ARG A 95 1.34 2.62 10.03
CA ARG A 95 0.61 3.83 9.85
C ARG A 95 1.59 4.97 10.15
N MET A 96 2.19 5.42 9.08
CA MET A 96 3.35 6.33 9.03
C MET A 96 3.24 7.55 9.93
N ASP A 97 2.15 8.27 9.85
CA ASP A 97 2.04 9.51 10.61
C ASP A 97 1.80 9.23 12.10
N ASN A 98 1.29 8.06 12.41
CA ASN A 98 1.05 7.66 13.80
C ASN A 98 2.19 6.81 14.33
N SER A 99 3.05 6.38 13.41
CA SER A 99 4.20 5.51 13.69
C SER A 99 3.77 4.15 14.32
N GLU A 100 2.49 3.78 14.16
CA GLU A 100 1.98 2.58 14.76
C GLU A 100 1.81 1.50 13.70
N LYS A 101 1.72 0.29 14.12
CA LYS A 101 1.59 -0.83 13.19
C LYS A 101 0.12 -1.23 13.15
N VAL A 102 -0.35 -1.61 11.99
CA VAL A 102 -1.74 -1.97 11.81
C VAL A 102 -1.85 -3.11 10.83
N LYS A 103 -2.96 -3.77 10.82
CA LYS A 103 -3.15 -4.87 9.94
C LYS A 103 -4.17 -4.47 8.89
N VAL A 104 -3.80 -4.58 7.65
CA VAL A 104 -4.65 -4.12 6.58
C VAL A 104 -4.78 -5.19 5.51
N GLU A 105 -5.62 -4.94 4.54
CA GLU A 105 -5.78 -5.82 3.43
C GLU A 105 -5.26 -5.15 2.18
N THR A 106 -4.71 -5.91 1.29
CA THR A 106 -4.16 -5.40 0.07
C THR A 106 -4.33 -6.45 -1.02
N TYR A 107 -4.00 -6.11 -2.23
CA TYR A 107 -4.14 -7.03 -3.32
C TYR A 107 -2.78 -7.41 -3.86
N VAL A 108 -2.50 -8.68 -3.81
CA VAL A 108 -1.24 -9.22 -4.19
C VAL A 108 -1.40 -10.11 -5.42
N TRP A 109 -0.44 -10.08 -6.29
CA TRP A 109 -0.45 -10.87 -7.50
C TRP A 109 -0.25 -12.37 -7.11
N VAL A 110 -1.13 -13.25 -7.60
CA VAL A 110 -1.10 -14.68 -7.25
C VAL A 110 0.07 -15.42 -7.90
N ASN A 111 0.58 -14.83 -8.94
CA ASN A 111 1.71 -15.33 -9.73
C ASN A 111 3.04 -14.87 -9.09
N LYS A 112 2.93 -14.41 -7.82
CA LYS A 112 4.01 -13.86 -7.03
C LYS A 112 5.29 -14.71 -7.03
N ASP A 113 5.19 -15.97 -7.32
CA ASP A 113 6.37 -16.79 -7.38
C ASP A 113 6.79 -17.03 -8.81
N ASP A 114 7.23 -15.97 -9.44
CA ASP A 114 7.70 -16.00 -10.82
C ASP A 114 9.08 -15.36 -10.88
N PRO A 115 9.99 -15.86 -11.74
CA PRO A 115 11.33 -15.29 -11.91
C PRO A 115 11.33 -13.78 -12.25
N ARG A 116 10.33 -13.33 -12.99
CA ARG A 116 10.31 -11.93 -13.37
C ARG A 116 8.94 -11.25 -13.16
N MET A 117 8.91 -10.30 -12.25
CA MET A 117 7.67 -9.57 -11.95
C MET A 117 7.85 -8.11 -12.23
N TYR A 118 9.06 -7.72 -12.44
CA TYR A 118 9.32 -6.38 -12.81
C TYR A 118 9.20 -6.25 -14.29
N GLY A 119 8.00 -5.92 -14.70
CA GLY A 119 7.76 -5.54 -16.09
C GLY A 119 8.76 -4.47 -16.55
N GLU A 120 9.02 -4.42 -17.83
CA GLU A 120 10.08 -3.57 -18.33
C GLU A 120 9.60 -2.16 -18.57
N TRP A 121 10.38 -1.23 -18.06
CA TRP A 121 10.19 0.19 -18.24
C TRP A 121 11.56 0.80 -18.39
N ASP A 122 11.68 2.05 -18.04
CA ASP A 122 12.94 2.74 -18.08
C ASP A 122 13.16 3.37 -16.73
N PHE A 123 14.40 3.50 -16.29
CA PHE A 123 14.67 4.11 -15.01
C PHE A 123 14.12 5.55 -14.94
N GLU A 124 14.21 6.33 -16.03
CA GLU A 124 13.71 7.72 -16.02
C GLU A 124 12.18 7.72 -16.05
N GLU A 125 11.63 6.65 -16.60
CA GLU A 125 10.19 6.45 -16.69
C GLU A 125 9.65 6.12 -15.29
N TRP A 126 10.47 5.42 -14.52
CA TRP A 126 10.12 5.03 -13.17
C TRP A 126 10.52 6.15 -12.20
N ARG A 127 11.47 6.96 -12.62
CA ARG A 127 12.00 8.06 -11.81
C ARG A 127 10.89 9.03 -11.46
N VAL A 128 10.08 9.39 -12.45
CA VAL A 128 8.98 10.34 -12.26
C VAL A 128 7.92 9.81 -11.29
N VAL A 129 7.90 8.50 -11.09
CA VAL A 129 6.93 7.84 -10.24
C VAL A 129 7.34 7.95 -8.77
N HIS A 130 8.62 8.15 -8.53
CA HIS A 130 9.09 8.25 -7.15
C HIS A 130 9.66 9.63 -6.81
N ALA A 131 10.28 10.27 -7.79
CA ALA A 131 10.98 11.54 -7.56
C ALA A 131 10.06 12.62 -7.03
N GLU A 132 8.98 12.91 -7.75
CA GLU A 132 8.11 14.00 -7.36
C GLU A 132 7.45 13.76 -6.03
N LYS A 133 7.15 12.49 -5.75
CA LYS A 133 6.50 12.12 -4.52
C LYS A 133 7.40 12.50 -3.34
N PHE A 134 8.65 12.11 -3.42
CA PHE A 134 9.60 12.42 -2.36
C PHE A 134 9.93 13.90 -2.33
N VAL A 135 9.91 14.56 -3.49
CA VAL A 135 10.14 16.00 -3.55
C VAL A 135 9.06 16.72 -2.73
N GLU A 136 7.81 16.22 -2.80
CA GLU A 136 6.71 16.76 -1.98
C GLU A 136 7.07 16.66 -0.54
N THR A 137 7.54 15.49 -0.14
CA THR A 137 7.94 15.22 1.21
C THR A 137 9.03 16.22 1.65
N PHE A 138 10.05 16.43 0.80
CA PHE A 138 11.10 17.40 1.13
C PHE A 138 10.54 18.81 1.27
N ARG A 139 9.73 19.23 0.30
CA ARG A 139 9.10 20.56 0.33
C ARG A 139 8.33 20.77 1.63
N LYS A 140 7.53 19.77 1.98
CA LYS A 140 6.72 19.83 3.20
C LYS A 140 7.59 19.80 4.46
N MET A 141 8.59 18.96 4.48
CA MET A 141 9.47 18.86 5.65
C MET A 141 10.26 20.14 5.84
N LEU A 142 10.78 20.69 4.76
CA LEU A 142 11.53 21.94 4.83
C LEU A 142 10.69 23.09 5.38
N GLU A 143 9.49 23.30 4.85
CA GLU A 143 8.65 24.43 5.30
C GLU A 143 8.26 24.28 6.78
N TRP A 144 8.14 23.05 7.20
CA TRP A 144 7.76 22.70 8.56
C TRP A 144 8.94 22.91 9.52
N ASN A 145 10.15 22.62 9.06
CA ASN A 145 11.36 22.78 9.89
C ASN A 145 11.89 24.19 9.91
N LYS A 146 11.80 24.90 8.79
CA LYS A 146 12.35 26.25 8.74
C LYS A 146 11.44 27.27 9.38
N ASN A 147 10.26 26.84 9.75
CA ASN A 147 9.34 27.73 10.39
C ASN A 147 8.54 27.01 11.46
N PRO A 148 9.08 26.93 12.70
CA PRO A 148 8.40 26.30 13.83
C PRO A 148 7.23 27.16 14.28
N ASN A 149 7.28 28.43 13.96
CA ASN A 149 6.24 29.37 14.31
C ASN A 149 5.05 29.19 13.37
N GLY A 150 5.27 28.45 12.31
CA GLY A 150 4.24 28.16 11.36
C GLY A 150 3.60 26.84 11.65
N LYS A 151 4.03 26.20 12.72
CA LYS A 151 3.46 24.96 13.13
C LYS A 151 2.20 25.28 13.92
N SER A 152 1.15 24.54 13.66
CA SER A 152 -0.14 24.76 14.25
C SER A 152 -0.09 24.59 15.78
N MET A 153 -1.03 25.21 16.47
CA MET A 153 -0.99 25.29 17.93
C MET A 153 -1.16 23.96 18.62
N GLU A 154 -2.09 23.15 18.16
CA GLU A 154 -2.34 21.85 18.79
C GLU A 154 -1.26 20.87 18.46
N GLU A 155 -0.74 20.99 17.28
CA GLU A 155 0.30 20.11 16.80
C GLU A 155 1.63 20.42 17.47
N ALA A 156 1.90 21.71 17.65
CA ALA A 156 3.14 22.15 18.26
C ALA A 156 3.17 21.91 19.74
N VAL A 157 2.02 21.85 20.36
CA VAL A 157 1.99 21.64 21.77
C VAL A 157 2.15 20.18 22.19
N GLY A 158 3.37 19.72 22.11
CA GLY A 158 3.70 18.41 22.62
C GLY A 158 4.15 18.56 24.05
N SER A 159 4.61 19.75 24.34
CA SER A 159 5.04 20.15 25.63
C SER A 159 4.85 21.66 25.75
N LEU A 160 3.69 22.06 26.21
CA LEU A 160 3.38 23.45 26.34
C LEU A 160 3.76 23.97 27.70
N LEU A 161 3.20 23.34 28.73
CA LEU A 161 3.39 23.74 30.12
C LEU A 161 2.81 25.14 30.35
N SER A 162 2.78 25.56 31.57
CA SER A 162 2.40 26.88 31.85
C SER A 162 3.66 27.68 32.07
N SER A 163 4.26 28.10 30.98
CA SER A 163 5.50 28.80 31.04
C SER A 163 5.31 30.27 30.71
N GLY A 164 6.33 31.07 30.96
CA GLY A 164 6.21 32.50 30.77
C GLY A 164 5.60 33.12 32.00
N ASP A 165 4.38 32.74 32.28
CA ASP A 165 3.67 33.17 33.45
C ASP A 165 3.37 31.95 34.28
N SER A 1 -9.18 13.42 13.13
CA SER A 1 -7.78 13.13 12.92
C SER A 1 -7.64 11.90 12.03
N THR A 2 -6.42 11.46 11.83
CA THR A 2 -6.14 10.24 11.11
C THR A 2 -6.72 9.07 11.90
N SER A 3 -7.61 8.33 11.31
CA SER A 3 -8.32 7.35 12.05
C SER A 3 -8.04 5.92 11.60
N SER A 4 -8.12 5.04 12.54
CA SER A 4 -7.97 3.64 12.33
C SER A 4 -9.17 3.02 13.04
N ASP A 5 -10.16 2.60 12.29
CA ASP A 5 -11.41 2.14 12.88
C ASP A 5 -11.33 0.67 13.28
N PRO A 6 -11.53 0.36 14.58
CA PRO A 6 -11.42 -1.01 15.12
C PRO A 6 -12.36 -2.02 14.42
N GLN A 7 -13.63 -1.70 14.35
CA GLN A 7 -14.58 -2.59 13.72
C GLN A 7 -14.91 -2.19 12.31
N SER A 8 -13.92 -2.34 11.47
CA SER A 8 -14.01 -2.05 10.06
C SER A 8 -12.86 -2.72 9.35
N HIS A 9 -12.92 -2.75 8.06
CA HIS A 9 -11.88 -3.26 7.23
C HIS A 9 -10.94 -2.18 6.87
N ASN A 10 -9.69 -2.53 6.69
CA ASN A 10 -8.66 -1.58 6.34
C ASN A 10 -7.92 -2.11 5.15
N VAL A 11 -7.88 -1.36 4.09
CA VAL A 11 -7.29 -1.85 2.85
C VAL A 11 -6.08 -1.01 2.44
N PHE A 12 -4.94 -1.65 2.34
CA PHE A 12 -3.75 -0.99 1.80
C PHE A 12 -3.82 -1.08 0.30
N VAL A 13 -4.02 0.02 -0.35
CA VAL A 13 -4.08 0.01 -1.78
C VAL A 13 -3.28 1.19 -2.35
N TYR A 14 -2.87 1.08 -3.60
CA TYR A 14 -1.94 2.02 -4.20
C TYR A 14 -2.52 2.58 -5.53
N GLY A 15 -3.84 2.53 -5.71
CA GLY A 15 -4.37 2.93 -6.98
C GLY A 15 -5.62 3.82 -6.98
N SER A 16 -6.55 3.43 -7.82
CA SER A 16 -7.77 4.19 -8.19
C SER A 16 -8.49 4.95 -7.06
N ILE A 17 -8.73 4.32 -5.95
CA ILE A 17 -9.56 4.94 -4.93
C ILE A 17 -8.81 5.90 -3.98
N LEU A 18 -7.49 6.08 -4.21
CA LEU A 18 -6.70 7.01 -3.38
C LEU A 18 -7.07 8.46 -3.60
N GLU A 19 -7.86 8.71 -4.63
CA GLU A 19 -8.45 10.01 -4.83
C GLU A 19 -9.66 10.10 -3.89
N PRO A 20 -9.65 11.07 -2.94
CA PRO A 20 -10.73 11.23 -1.93
C PRO A 20 -12.15 11.19 -2.52
N ALA A 21 -12.30 11.77 -3.71
CA ALA A 21 -13.60 11.81 -4.37
C ALA A 21 -14.05 10.40 -4.79
N VAL A 22 -13.10 9.58 -5.18
CA VAL A 22 -13.37 8.22 -5.64
C VAL A 22 -13.68 7.31 -4.45
N ALA A 23 -12.93 7.47 -3.38
CA ALA A 23 -13.18 6.71 -2.15
C ALA A 23 -14.60 6.99 -1.65
N ALA A 24 -15.05 8.21 -1.89
CA ALA A 24 -16.37 8.63 -1.46
C ALA A 24 -17.48 8.08 -2.38
N VAL A 25 -17.11 7.53 -3.53
CA VAL A 25 -18.12 6.96 -4.42
C VAL A 25 -18.14 5.44 -4.29
N ILE A 26 -17.01 4.86 -3.92
CA ILE A 26 -16.94 3.42 -3.74
C ILE A 26 -17.58 3.01 -2.42
N LEU A 27 -17.42 3.83 -1.42
CA LEU A 27 -18.02 3.58 -0.13
C LEU A 27 -19.32 4.34 -0.01
N ASP A 28 -19.51 5.30 -0.94
CA ASP A 28 -20.70 6.22 -0.95
C ASP A 28 -20.64 7.17 0.27
N ARG A 29 -19.60 6.98 1.06
CA ARG A 29 -19.37 7.70 2.27
C ARG A 29 -17.92 8.11 2.24
N THR A 30 -17.49 8.83 3.23
CA THR A 30 -16.13 9.26 3.28
C THR A 30 -15.22 8.12 3.73
N ALA A 31 -14.03 8.10 3.18
CA ALA A 31 -13.05 7.10 3.52
C ALA A 31 -11.88 7.76 4.15
N ASP A 32 -11.39 7.22 5.21
CA ASP A 32 -10.23 7.81 5.78
C ASP A 32 -9.02 7.04 5.35
N THR A 33 -8.23 7.63 4.51
CA THR A 33 -7.02 7.00 4.12
C THR A 33 -5.85 7.68 4.77
N VAL A 34 -4.91 6.90 5.14
CA VAL A 34 -3.73 7.41 5.75
C VAL A 34 -2.52 6.86 5.03
N PRO A 35 -1.51 7.70 4.77
CA PRO A 35 -0.27 7.25 4.18
C PRO A 35 0.35 6.18 5.03
N ALA A 36 0.49 5.03 4.49
CA ALA A 36 1.03 3.93 5.21
C ALA A 36 2.00 3.21 4.35
N VAL A 37 2.92 2.55 4.96
CA VAL A 37 3.90 1.88 4.20
C VAL A 37 3.98 0.39 4.56
N LEU A 38 3.90 -0.43 3.56
CA LEU A 38 3.93 -1.84 3.70
C LEU A 38 5.33 -2.38 3.70
N HIS A 39 5.85 -2.59 4.87
CA HIS A 39 7.12 -3.24 5.04
C HIS A 39 7.00 -4.73 4.74
N GLY A 40 7.82 -5.22 3.85
CA GLY A 40 7.80 -6.63 3.57
C GLY A 40 7.42 -6.94 2.15
N TYR A 41 7.00 -5.94 1.41
CA TYR A 41 6.69 -6.14 0.03
C TYR A 41 7.41 -5.18 -0.86
N HIS A 42 7.76 -5.65 -2.02
CA HIS A 42 8.41 -4.85 -3.01
C HIS A 42 7.41 -4.53 -4.10
N ARG A 43 7.27 -3.26 -4.42
CA ARG A 43 6.40 -2.87 -5.51
C ARG A 43 7.18 -2.89 -6.78
N TYR A 44 6.59 -3.38 -7.79
CA TYR A 44 7.20 -3.41 -9.07
C TYR A 44 6.69 -2.28 -9.90
N LYS A 45 7.20 -2.16 -11.08
CA LYS A 45 6.81 -1.08 -11.94
C LYS A 45 6.11 -1.53 -13.21
N LEU A 46 6.45 -2.75 -13.69
CA LEU A 46 5.87 -3.28 -14.94
C LEU A 46 6.13 -2.35 -16.13
N LYS A 47 5.50 -2.60 -17.25
CA LYS A 47 5.76 -1.78 -18.42
C LYS A 47 4.49 -1.26 -19.09
N GLY A 48 3.43 -1.21 -18.32
CA GLY A 48 2.17 -0.75 -18.86
C GLY A 48 0.97 -1.28 -18.10
N LEU A 49 1.21 -1.96 -16.99
CA LEU A 49 0.11 -2.53 -16.22
C LEU A 49 -0.38 -1.51 -15.15
N PRO A 50 -1.60 -1.67 -14.59
CA PRO A 50 -2.20 -0.71 -13.64
C PRO A 50 -1.59 -0.75 -12.23
N TYR A 51 -0.62 0.16 -11.98
CA TYR A 51 0.10 0.35 -10.66
C TYR A 51 0.58 -0.97 -9.91
N PRO A 52 1.00 -2.06 -10.62
CA PRO A 52 1.32 -3.33 -10.01
C PRO A 52 2.83 -3.64 -10.01
N CYS A 53 3.27 -4.64 -9.26
CA CYS A 53 2.50 -5.47 -8.33
C CYS A 53 3.38 -5.53 -7.07
N ILE A 54 2.98 -6.23 -6.03
CA ILE A 54 3.86 -6.37 -4.88
C ILE A 54 4.12 -7.82 -4.53
N VAL A 55 5.39 -8.22 -4.57
CA VAL A 55 5.82 -9.59 -4.26
C VAL A 55 7.27 -9.62 -3.76
N SER A 56 7.47 -10.38 -2.67
CA SER A 56 8.79 -10.67 -2.10
C SER A 56 9.54 -9.40 -1.55
N SER A 57 10.79 -9.63 -1.10
CA SER A 57 11.73 -8.63 -0.60
C SER A 57 11.43 -8.21 0.85
N ASP A 58 12.32 -8.56 1.76
CA ASP A 58 12.21 -8.17 3.17
C ASP A 58 12.75 -6.77 3.36
N SER A 59 13.66 -6.39 2.50
CA SER A 59 14.25 -5.08 2.56
C SER A 59 13.36 -4.04 1.86
N GLY A 60 12.35 -4.54 1.19
CA GLY A 60 11.45 -3.69 0.47
C GLY A 60 10.26 -3.31 1.28
N LYS A 61 9.69 -2.18 0.95
CA LYS A 61 8.51 -1.70 1.59
C LYS A 61 7.78 -0.77 0.60
N VAL A 62 6.48 -0.78 0.65
CA VAL A 62 5.67 -0.06 -0.32
C VAL A 62 4.89 1.09 0.32
N ASN A 63 5.07 2.28 -0.19
CA ASN A 63 4.37 3.47 0.32
C ASN A 63 3.04 3.63 -0.38
N GLY A 64 1.96 3.61 0.38
CA GLY A 64 0.64 3.78 -0.18
C GLY A 64 -0.30 4.35 0.86
N LYS A 65 -1.56 3.98 0.82
CA LYS A 65 -2.53 4.45 1.79
C LYS A 65 -3.44 3.32 2.19
N VAL A 66 -3.81 3.28 3.45
CA VAL A 66 -4.77 2.32 3.89
C VAL A 66 -6.10 3.00 4.10
N ILE A 67 -7.14 2.38 3.61
CA ILE A 67 -8.47 2.89 3.75
C ILE A 67 -9.01 2.32 5.02
N THR A 68 -9.32 3.13 5.97
CA THR A 68 -9.89 2.60 7.16
C THR A 68 -11.38 2.89 7.15
N GLY A 69 -12.13 2.15 7.95
CA GLY A 69 -13.55 2.41 8.07
C GLY A 69 -14.37 1.80 6.93
N VAL A 70 -13.91 0.70 6.38
CA VAL A 70 -14.65 0.03 5.31
C VAL A 70 -15.52 -1.08 5.90
N SER A 71 -16.82 -1.04 5.64
CA SER A 71 -17.69 -2.08 6.14
C SER A 71 -17.49 -3.34 5.30
N ASP A 72 -17.84 -4.51 5.84
CA ASP A 72 -17.60 -5.79 5.13
C ASP A 72 -18.29 -5.84 3.77
N ALA A 73 -19.49 -5.31 3.70
CA ALA A 73 -20.25 -5.33 2.45
C ALA A 73 -19.67 -4.34 1.46
N GLU A 74 -19.16 -3.25 1.98
CA GLU A 74 -18.58 -2.20 1.17
C GLU A 74 -17.24 -2.63 0.61
N LEU A 75 -16.56 -3.47 1.37
CA LEU A 75 -15.25 -4.00 1.04
C LEU A 75 -15.26 -4.75 -0.31
N ASN A 76 -16.36 -5.45 -0.58
CA ASN A 76 -16.56 -6.22 -1.84
C ASN A 76 -16.44 -5.31 -3.07
N ASN A 77 -16.76 -4.04 -2.91
CA ASN A 77 -16.75 -3.11 -4.03
C ASN A 77 -15.29 -2.89 -4.49
N PHE A 78 -14.34 -2.95 -3.55
CA PHE A 78 -12.94 -2.79 -3.89
C PHE A 78 -12.45 -4.03 -4.67
N ASP A 79 -13.07 -5.17 -4.37
CA ASP A 79 -12.82 -6.43 -5.10
C ASP A 79 -13.17 -6.25 -6.56
N VAL A 80 -14.29 -5.57 -6.78
CA VAL A 80 -14.81 -5.31 -8.11
C VAL A 80 -13.85 -4.40 -8.88
N ILE A 81 -13.21 -3.48 -8.17
CA ILE A 81 -12.26 -2.54 -8.78
C ILE A 81 -11.08 -3.28 -9.40
N GLU A 82 -10.46 -4.15 -8.65
CA GLU A 82 -9.36 -4.93 -9.16
C GLU A 82 -9.13 -6.17 -8.31
N GLY A 83 -8.80 -7.25 -8.99
CA GLY A 83 -8.57 -8.49 -8.34
C GLY A 83 -8.59 -9.64 -9.33
N ASN A 84 -8.23 -9.36 -10.59
CA ASN A 84 -8.29 -10.41 -11.63
C ASN A 84 -7.12 -11.35 -11.48
N ASP A 85 -5.96 -10.80 -11.23
CA ASP A 85 -4.74 -11.59 -11.05
C ASP A 85 -4.11 -11.20 -9.75
N TYR A 86 -4.87 -10.49 -8.97
CA TYR A 86 -4.42 -10.01 -7.72
C TYR A 86 -5.26 -10.67 -6.64
N GLU A 87 -4.71 -10.87 -5.48
CA GLU A 87 -5.44 -11.51 -4.38
C GLU A 87 -5.31 -10.71 -3.12
N ARG A 88 -6.25 -10.86 -2.23
CA ARG A 88 -6.21 -10.19 -0.98
C ARG A 88 -5.51 -11.01 0.07
N VAL A 89 -4.55 -10.41 0.69
CA VAL A 89 -3.81 -11.01 1.79
C VAL A 89 -3.68 -9.98 2.89
N THR A 90 -3.43 -10.43 4.09
CA THR A 90 -3.27 -9.52 5.19
C THR A 90 -1.77 -9.26 5.41
N VAL A 91 -1.41 -8.00 5.35
CA VAL A 91 -0.03 -7.56 5.44
C VAL A 91 0.11 -6.53 6.54
N GLU A 92 1.30 -6.37 7.04
CA GLU A 92 1.49 -5.45 8.12
C GLU A 92 2.18 -4.19 7.60
N VAL A 93 1.57 -3.07 7.85
CA VAL A 93 2.06 -1.82 7.34
C VAL A 93 2.24 -0.85 8.49
N VAL A 94 2.88 0.23 8.25
CA VAL A 94 3.03 1.26 9.24
C VAL A 94 2.10 2.37 8.90
N ARG A 95 1.28 2.79 9.88
CA ARG A 95 0.23 3.78 9.66
C ARG A 95 0.85 5.16 9.37
N MET A 96 2.15 5.26 9.70
CA MET A 96 3.04 6.41 9.40
C MET A 96 2.74 7.65 10.21
N ASP A 97 1.50 8.11 10.16
CA ASP A 97 1.03 9.32 10.88
C ASP A 97 1.47 9.32 12.36
N ASN A 98 1.30 8.19 13.02
CA ASN A 98 1.69 8.00 14.43
C ASN A 98 2.78 6.99 14.54
N SER A 99 3.33 6.60 13.39
CA SER A 99 4.44 5.65 13.29
C SER A 99 4.10 4.23 13.81
N GLU A 100 2.84 3.97 14.09
CA GLU A 100 2.44 2.68 14.59
C GLU A 100 2.27 1.71 13.47
N LYS A 101 2.30 0.47 13.80
CA LYS A 101 2.17 -0.58 12.81
C LYS A 101 0.76 -1.12 12.86
N VAL A 102 0.17 -1.29 11.72
CA VAL A 102 -1.17 -1.81 11.62
C VAL A 102 -1.19 -2.91 10.57
N LYS A 103 -1.87 -3.96 10.83
CA LYS A 103 -1.92 -5.03 9.87
C LYS A 103 -3.29 -5.08 9.18
N VAL A 104 -3.23 -4.85 7.88
CA VAL A 104 -4.40 -4.59 7.02
C VAL A 104 -4.41 -5.54 5.83
N GLU A 105 -5.43 -5.45 5.01
CA GLU A 105 -5.54 -6.31 3.85
C GLU A 105 -5.07 -5.55 2.61
N THR A 106 -4.43 -6.24 1.69
CA THR A 106 -3.93 -5.63 0.47
C THR A 106 -4.05 -6.64 -0.68
N TYR A 107 -3.72 -6.20 -1.89
CA TYR A 107 -3.79 -7.04 -3.05
C TYR A 107 -2.39 -7.35 -3.56
N VAL A 108 -2.03 -8.61 -3.58
CA VAL A 108 -0.76 -9.06 -4.10
C VAL A 108 -1.00 -9.80 -5.41
N TRP A 109 0.02 -10.39 -5.97
CA TRP A 109 -0.10 -11.01 -7.26
C TRP A 109 -0.29 -12.52 -7.08
N VAL A 110 -1.38 -13.08 -7.61
CA VAL A 110 -1.65 -14.51 -7.43
C VAL A 110 -0.61 -15.36 -8.13
N ASN A 111 -0.18 -14.87 -9.25
CA ASN A 111 0.71 -15.56 -10.16
C ASN A 111 2.17 -15.28 -9.76
N LYS A 112 2.35 -14.78 -8.53
CA LYS A 112 3.63 -14.24 -7.94
C LYS A 112 4.84 -15.14 -8.14
N ASP A 113 4.62 -16.37 -8.52
CA ASP A 113 5.70 -17.31 -8.71
C ASP A 113 6.22 -17.29 -10.15
N ASP A 114 5.73 -16.35 -10.96
CA ASP A 114 6.25 -16.16 -12.33
C ASP A 114 7.46 -15.23 -12.24
N PRO A 115 8.34 -15.22 -13.25
CA PRO A 115 9.48 -14.31 -13.28
C PRO A 115 9.01 -12.86 -13.27
N ARG A 116 9.05 -12.26 -12.09
CA ARG A 116 8.57 -10.93 -11.92
C ARG A 116 9.55 -9.91 -12.47
N MET A 117 9.00 -8.95 -13.16
CA MET A 117 9.75 -7.94 -13.86
C MET A 117 10.37 -6.95 -12.92
N TYR A 118 11.62 -7.13 -12.62
CA TYR A 118 12.30 -6.19 -11.82
C TYR A 118 13.17 -5.30 -12.69
N GLY A 119 13.94 -5.94 -13.59
CA GLY A 119 14.89 -5.21 -14.42
C GLY A 119 15.79 -4.38 -13.56
N GLU A 120 15.67 -3.10 -13.66
CA GLU A 120 16.29 -2.21 -12.73
C GLU A 120 15.17 -1.41 -12.13
N TRP A 121 15.23 -1.20 -10.85
CA TRP A 121 14.20 -0.46 -10.19
C TRP A 121 14.74 0.95 -10.00
N ASP A 122 13.94 1.88 -9.53
CA ASP A 122 14.44 3.23 -9.38
C ASP A 122 15.19 3.37 -8.10
N PHE A 123 16.46 3.56 -8.23
CA PHE A 123 17.37 3.67 -7.12
C PHE A 123 17.10 4.96 -6.36
N GLU A 124 16.69 5.98 -7.09
CA GLU A 124 16.37 7.28 -6.51
C GLU A 124 15.07 7.19 -5.73
N GLU A 125 14.19 6.29 -6.14
CA GLU A 125 12.94 6.09 -5.49
C GLU A 125 13.22 5.30 -4.21
N TRP A 126 14.16 4.38 -4.31
CA TRP A 126 14.62 3.57 -3.20
C TRP A 126 15.13 4.43 -2.04
N ARG A 127 15.65 5.62 -2.35
CA ARG A 127 16.09 6.55 -1.33
C ARG A 127 14.98 6.91 -0.36
N VAL A 128 13.81 7.28 -0.87
CA VAL A 128 12.71 7.67 0.02
C VAL A 128 12.14 6.45 0.72
N VAL A 129 12.27 5.30 0.05
CA VAL A 129 11.78 4.04 0.58
C VAL A 129 12.59 3.59 1.80
N HIS A 130 13.84 4.00 1.88
CA HIS A 130 14.60 3.66 3.07
C HIS A 130 14.65 4.84 4.03
N ALA A 131 14.57 6.04 3.47
CA ALA A 131 14.64 7.27 4.24
C ALA A 131 13.57 7.36 5.29
N GLU A 132 12.35 7.04 4.92
CA GLU A 132 11.24 7.15 5.84
C GLU A 132 11.31 6.16 6.98
N LYS A 133 12.01 5.08 6.76
CA LYS A 133 12.13 4.06 7.76
C LYS A 133 13.10 4.51 8.84
N PHE A 134 14.30 4.85 8.42
CA PHE A 134 15.32 5.22 9.36
C PHE A 134 15.00 6.47 10.14
N VAL A 135 14.27 7.41 9.52
CA VAL A 135 13.88 8.61 10.23
C VAL A 135 12.91 8.25 11.38
N GLU A 136 12.02 7.28 11.13
CA GLU A 136 11.09 6.80 12.17
C GLU A 136 11.87 6.20 13.31
N THR A 137 12.91 5.47 12.96
CA THR A 137 13.75 4.84 13.94
C THR A 137 14.42 5.88 14.85
N PHE A 138 14.93 6.96 14.26
CA PHE A 138 15.59 7.99 15.04
C PHE A 138 14.57 8.71 15.91
N ARG A 139 13.37 8.90 15.37
CA ARG A 139 12.29 9.49 16.11
C ARG A 139 11.88 8.61 17.27
N LYS A 140 11.63 7.34 16.99
CA LYS A 140 11.22 6.38 18.00
C LYS A 140 12.28 6.16 19.06
N MET A 141 13.54 6.21 18.69
CA MET A 141 14.58 6.03 19.68
C MET A 141 14.63 7.25 20.60
N LEU A 142 14.29 8.41 20.06
CA LEU A 142 14.28 9.65 20.79
C LEU A 142 13.06 9.76 21.69
N GLU A 143 11.89 9.53 21.14
CA GLU A 143 10.65 9.63 21.88
C GLU A 143 10.52 8.55 22.95
N TRP A 144 11.20 7.44 22.71
CA TRP A 144 11.30 6.38 23.69
C TRP A 144 12.27 6.76 24.81
N ASN A 145 13.41 7.33 24.46
CA ASN A 145 14.39 7.72 25.48
C ASN A 145 13.84 8.90 26.30
N LYS A 146 13.11 9.76 25.63
CA LYS A 146 12.50 10.93 26.26
C LYS A 146 11.05 10.60 26.75
N ASN A 147 10.67 9.33 26.66
CA ASN A 147 9.30 8.84 27.01
C ASN A 147 8.78 9.41 28.35
N PRO A 148 7.66 10.17 28.31
CA PRO A 148 7.09 10.84 29.49
C PRO A 148 6.62 9.86 30.57
N ASN A 149 6.30 8.65 30.17
CA ASN A 149 5.82 7.63 31.10
C ASN A 149 7.00 7.02 31.88
N GLY A 150 8.20 7.28 31.40
CA GLY A 150 9.40 6.84 32.09
C GLY A 150 9.75 5.40 31.80
N LYS A 151 9.32 4.89 30.67
CA LYS A 151 9.63 3.52 30.32
C LYS A 151 10.96 3.37 29.64
N SER A 152 11.80 2.57 30.23
CA SER A 152 13.08 2.24 29.70
C SER A 152 13.10 0.76 29.40
N MET A 153 14.10 0.27 28.68
CA MET A 153 14.16 -1.15 28.36
C MET A 153 14.53 -1.94 29.60
N GLU A 154 15.23 -1.28 30.50
CA GLU A 154 15.69 -1.87 31.73
C GLU A 154 14.50 -2.08 32.66
N GLU A 155 13.59 -1.12 32.64
CA GLU A 155 12.40 -1.17 33.45
C GLU A 155 11.42 -2.17 32.86
N ALA A 156 11.46 -2.30 31.54
CA ALA A 156 10.62 -3.23 30.82
C ALA A 156 11.02 -4.66 31.17
N VAL A 157 12.30 -4.87 31.37
CA VAL A 157 12.79 -6.17 31.75
C VAL A 157 12.92 -6.24 33.27
N GLY A 158 13.49 -7.31 33.77
CA GLY A 158 13.70 -7.42 35.19
C GLY A 158 14.71 -6.42 35.67
N SER A 159 14.24 -5.37 36.29
CA SER A 159 15.06 -4.30 36.78
C SER A 159 15.79 -4.73 38.05
N LEU A 160 16.89 -4.10 38.33
CA LEU A 160 17.65 -4.42 39.51
C LEU A 160 17.15 -3.59 40.66
N LEU A 161 16.86 -4.24 41.74
CA LEU A 161 16.42 -3.57 42.94
C LEU A 161 17.61 -3.41 43.84
N SER A 162 17.85 -2.20 44.27
CA SER A 162 18.95 -1.91 45.15
C SER A 162 18.73 -2.56 46.53
N SER A 163 19.27 -3.75 46.68
CA SER A 163 19.10 -4.55 47.85
C SER A 163 20.19 -5.61 47.94
N GLY A 164 21.00 -5.50 48.96
CA GLY A 164 22.07 -6.47 49.13
C GLY A 164 21.65 -7.59 50.04
N ASP A 165 20.92 -7.26 51.06
CA ASP A 165 20.44 -8.24 52.03
C ASP A 165 19.00 -7.96 52.32
N SER A 1 -1.51 -12.10 20.04
CA SER A 1 -1.15 -11.93 18.65
C SER A 1 -1.62 -10.56 18.20
N THR A 2 -1.41 -10.25 16.93
CA THR A 2 -1.81 -8.98 16.39
C THR A 2 -3.28 -9.01 15.97
N SER A 3 -4.13 -8.55 16.84
CA SER A 3 -5.52 -8.56 16.58
C SER A 3 -6.01 -7.19 16.17
N SER A 4 -6.03 -6.94 14.89
CA SER A 4 -6.54 -5.71 14.39
C SER A 4 -8.05 -5.85 14.28
N ASP A 5 -8.49 -7.09 14.01
CA ASP A 5 -9.89 -7.52 13.95
C ASP A 5 -10.65 -6.90 12.77
N PRO A 6 -11.35 -7.74 11.98
CA PRO A 6 -12.07 -7.30 10.77
C PRO A 6 -13.40 -6.57 11.04
N GLN A 7 -13.63 -6.09 12.28
CA GLN A 7 -14.84 -5.32 12.63
C GLN A 7 -14.96 -4.12 11.72
N SER A 8 -13.83 -3.58 11.42
CA SER A 8 -13.71 -2.54 10.48
C SER A 8 -12.52 -2.88 9.61
N HIS A 9 -12.72 -2.81 8.34
CA HIS A 9 -11.70 -3.19 7.41
C HIS A 9 -10.82 -2.04 7.05
N ASN A 10 -9.57 -2.34 6.88
CA ASN A 10 -8.55 -1.36 6.53
C ASN A 10 -7.82 -1.90 5.33
N VAL A 11 -7.81 -1.16 4.27
CA VAL A 11 -7.20 -1.62 3.03
C VAL A 11 -6.02 -0.74 2.66
N PHE A 12 -4.85 -1.33 2.54
CA PHE A 12 -3.67 -0.62 2.07
C PHE A 12 -3.72 -0.57 0.57
N VAL A 13 -3.90 0.61 0.04
CA VAL A 13 -4.00 0.76 -1.38
C VAL A 13 -2.84 1.54 -1.95
N TYR A 14 -2.37 1.09 -3.09
CA TYR A 14 -1.37 1.77 -3.84
C TYR A 14 -1.85 1.85 -5.28
N GLY A 15 -1.95 3.04 -5.79
CA GLY A 15 -2.41 3.22 -7.15
C GLY A 15 -3.91 3.34 -7.20
N SER A 16 -4.58 2.31 -6.74
CA SER A 16 -6.01 2.29 -6.69
C SER A 16 -6.51 3.12 -5.49
N ILE A 17 -7.65 3.75 -5.68
CA ILE A 17 -8.29 4.61 -4.71
C ILE A 17 -7.45 5.88 -4.56
N LEU A 18 -6.69 5.97 -3.44
CA LEU A 18 -5.82 7.11 -3.01
C LEU A 18 -6.44 8.51 -3.06
N GLU A 19 -7.26 8.77 -4.01
CA GLU A 19 -7.91 10.03 -4.16
C GLU A 19 -9.27 9.98 -3.49
N PRO A 20 -9.58 11.01 -2.67
CA PRO A 20 -10.87 11.12 -1.96
C PRO A 20 -12.08 10.85 -2.84
N ALA A 21 -12.06 11.36 -4.07
CA ALA A 21 -13.17 11.16 -5.00
C ALA A 21 -13.41 9.67 -5.27
N VAL A 22 -12.33 8.96 -5.56
CA VAL A 22 -12.40 7.54 -5.85
C VAL A 22 -12.85 6.75 -4.61
N ALA A 23 -12.35 7.16 -3.47
CA ALA A 23 -12.69 6.52 -2.21
C ALA A 23 -14.16 6.75 -1.88
N ALA A 24 -14.67 7.91 -2.23
CA ALA A 24 -16.03 8.25 -1.93
C ALA A 24 -17.00 7.54 -2.86
N VAL A 25 -16.54 7.20 -4.05
CA VAL A 25 -17.39 6.52 -5.00
C VAL A 25 -17.39 5.01 -4.77
N ILE A 26 -16.34 4.49 -4.15
CA ILE A 26 -16.29 3.07 -3.86
C ILE A 26 -17.07 2.74 -2.58
N LEU A 27 -16.92 3.59 -1.59
CA LEU A 27 -17.61 3.39 -0.33
C LEU A 27 -19.00 3.92 -0.38
N ASP A 28 -19.27 4.80 -1.36
CA ASP A 28 -20.56 5.50 -1.51
C ASP A 28 -20.72 6.40 -0.27
N ARG A 29 -19.55 6.77 0.28
CA ARG A 29 -19.42 7.51 1.51
C ARG A 29 -17.99 8.07 1.53
N THR A 30 -17.70 9.00 2.42
CA THR A 30 -16.37 9.55 2.53
C THR A 30 -15.44 8.58 3.23
N ALA A 31 -14.24 8.44 2.69
CA ALA A 31 -13.28 7.51 3.21
C ALA A 31 -12.24 8.18 4.04
N ASP A 32 -11.85 7.53 5.09
CA ASP A 32 -10.77 8.02 5.90
C ASP A 32 -9.51 7.24 5.56
N THR A 33 -8.57 7.91 4.93
CA THR A 33 -7.29 7.33 4.59
C THR A 33 -6.18 8.03 5.32
N VAL A 34 -5.20 7.28 5.72
CA VAL A 34 -4.01 7.82 6.34
C VAL A 34 -2.79 7.17 5.71
N PRO A 35 -1.73 7.97 5.46
CA PRO A 35 -0.51 7.46 4.86
C PRO A 35 0.10 6.34 5.67
N ALA A 36 0.49 5.30 4.99
CA ALA A 36 1.06 4.14 5.61
C ALA A 36 2.02 3.49 4.67
N VAL A 37 2.92 2.74 5.21
CA VAL A 37 3.90 2.08 4.41
C VAL A 37 3.91 0.56 4.69
N LEU A 38 3.81 -0.20 3.64
CA LEU A 38 3.82 -1.62 3.70
C LEU A 38 5.21 -2.18 3.56
N HIS A 39 5.81 -2.45 4.68
CA HIS A 39 7.06 -3.16 4.71
C HIS A 39 6.81 -4.62 4.37
N GLY A 40 7.52 -5.12 3.42
CA GLY A 40 7.35 -6.50 3.06
C GLY A 40 7.03 -6.68 1.61
N TYR A 41 6.60 -5.64 0.96
CA TYR A 41 6.27 -5.72 -0.44
C TYR A 41 7.01 -4.72 -1.27
N HIS A 42 7.06 -5.01 -2.55
CA HIS A 42 7.63 -4.13 -3.54
C HIS A 42 6.70 -4.03 -4.73
N ARG A 43 6.47 -2.82 -5.18
CA ARG A 43 5.54 -2.58 -6.28
C ARG A 43 6.21 -2.55 -7.63
N TYR A 44 5.46 -2.91 -8.63
CA TYR A 44 5.87 -2.95 -10.01
C TYR A 44 4.86 -2.24 -10.85
N LYS A 45 5.22 -2.00 -12.10
CA LYS A 45 4.32 -1.45 -13.07
C LYS A 45 4.47 -2.13 -14.38
N LEU A 46 3.76 -3.19 -14.55
CA LEU A 46 3.76 -3.83 -15.83
C LEU A 46 2.67 -3.28 -16.70
N LYS A 47 3.07 -2.35 -17.56
CA LYS A 47 2.19 -1.56 -18.44
C LYS A 47 1.55 -2.44 -19.47
N GLY A 48 2.19 -3.56 -19.73
CA GLY A 48 1.65 -4.50 -20.67
C GLY A 48 0.37 -5.15 -20.17
N LEU A 49 0.10 -4.95 -18.89
CA LEU A 49 -1.07 -5.42 -18.21
C LEU A 49 -1.71 -4.20 -17.52
N PRO A 50 -2.96 -4.30 -16.96
CA PRO A 50 -3.68 -3.18 -16.25
C PRO A 50 -2.92 -2.60 -14.99
N TYR A 51 -1.65 -2.26 -15.18
CA TYR A 51 -0.75 -1.67 -14.18
C TYR A 51 -0.65 -2.31 -12.78
N PRO A 52 -0.19 -3.57 -12.74
CA PRO A 52 0.14 -4.33 -11.51
C PRO A 52 1.65 -4.19 -11.22
N CYS A 53 2.16 -4.61 -10.03
CA CYS A 53 1.45 -5.15 -8.87
C CYS A 53 2.32 -4.94 -7.62
N ILE A 54 1.98 -5.60 -6.50
CA ILE A 54 2.91 -5.79 -5.39
C ILE A 54 3.01 -7.28 -5.15
N VAL A 55 4.20 -7.77 -5.06
CA VAL A 55 4.41 -9.21 -4.85
C VAL A 55 5.62 -9.46 -3.99
N SER A 56 5.74 -10.71 -3.52
CA SER A 56 6.87 -11.24 -2.77
C SER A 56 7.09 -10.56 -1.40
N SER A 57 7.41 -11.36 -0.40
CA SER A 57 7.73 -10.84 0.89
C SER A 57 9.19 -10.36 0.94
N ASP A 58 9.39 -9.22 0.33
CA ASP A 58 10.69 -8.58 0.21
C ASP A 58 11.01 -7.78 1.48
N SER A 59 12.23 -7.34 1.64
CA SER A 59 12.62 -6.57 2.79
C SER A 59 12.46 -5.07 2.53
N GLY A 60 11.92 -4.75 1.38
CA GLY A 60 11.63 -3.38 1.05
C GLY A 60 10.26 -2.98 1.51
N LYS A 61 9.78 -1.85 1.06
CA LYS A 61 8.50 -1.36 1.50
C LYS A 61 7.84 -0.44 0.46
N VAL A 62 6.52 -0.43 0.48
CA VAL A 62 5.69 0.37 -0.41
C VAL A 62 4.94 1.41 0.39
N ASN A 63 5.01 2.66 0.01
CA ASN A 63 4.27 3.68 0.74
C ASN A 63 2.99 4.05 0.02
N GLY A 64 1.91 4.09 0.76
CA GLY A 64 0.63 4.45 0.22
C GLY A 64 -0.29 4.96 1.31
N LYS A 65 -1.54 4.55 1.26
CA LYS A 65 -2.55 4.94 2.23
C LYS A 65 -3.46 3.79 2.53
N VAL A 66 -3.90 3.71 3.76
CA VAL A 66 -4.84 2.70 4.15
C VAL A 66 -6.21 3.30 4.30
N ILE A 67 -7.17 2.69 3.67
CA ILE A 67 -8.53 3.14 3.74
C ILE A 67 -9.15 2.45 4.94
N THR A 68 -9.45 3.21 5.95
CA THR A 68 -9.96 2.67 7.20
C THR A 68 -11.46 2.82 7.28
N GLY A 69 -12.08 2.05 8.16
CA GLY A 69 -13.51 2.17 8.40
C GLY A 69 -14.34 1.57 7.30
N VAL A 70 -13.77 0.64 6.57
CA VAL A 70 -14.48 -0.01 5.50
C VAL A 70 -15.31 -1.15 6.09
N SER A 71 -16.56 -1.21 5.78
CA SER A 71 -17.38 -2.25 6.33
C SER A 71 -17.26 -3.49 5.45
N ASP A 72 -17.62 -4.63 6.00
CA ASP A 72 -17.52 -5.94 5.29
C ASP A 72 -18.20 -5.89 3.92
N ALA A 73 -19.31 -5.20 3.85
CA ALA A 73 -20.07 -5.07 2.63
C ALA A 73 -19.32 -4.21 1.59
N GLU A 74 -18.81 -3.05 2.04
CA GLU A 74 -18.06 -2.17 1.13
C GLU A 74 -16.74 -2.81 0.73
N LEU A 75 -16.18 -3.59 1.64
CA LEU A 75 -14.89 -4.26 1.45
C LEU A 75 -14.94 -5.15 0.22
N ASN A 76 -16.09 -5.73 -0.02
CA ASN A 76 -16.29 -6.63 -1.13
C ASN A 76 -16.10 -5.88 -2.48
N ASN A 77 -16.37 -4.55 -2.50
CA ASN A 77 -16.30 -3.81 -3.76
C ASN A 77 -14.85 -3.59 -4.10
N PHE A 78 -14.03 -3.46 -3.07
CA PHE A 78 -12.59 -3.26 -3.24
C PHE A 78 -11.98 -4.47 -3.88
N ASP A 79 -12.47 -5.63 -3.52
CA ASP A 79 -11.97 -6.88 -4.06
C ASP A 79 -12.32 -6.99 -5.55
N VAL A 80 -13.45 -6.41 -5.92
CA VAL A 80 -13.91 -6.41 -7.31
C VAL A 80 -13.12 -5.41 -8.19
N ILE A 81 -12.90 -4.21 -7.68
CA ILE A 81 -12.25 -3.14 -8.47
C ILE A 81 -10.76 -3.41 -8.68
N GLU A 82 -10.38 -3.57 -9.95
CA GLU A 82 -9.00 -3.81 -10.39
C GLU A 82 -8.37 -5.09 -9.82
N GLY A 83 -9.14 -5.84 -9.07
CA GLY A 83 -8.64 -7.05 -8.51
C GLY A 83 -9.00 -8.25 -9.34
N ASN A 84 -8.66 -8.19 -10.61
CA ASN A 84 -9.01 -9.26 -11.53
C ASN A 84 -8.01 -10.40 -11.44
N ASP A 85 -6.74 -10.07 -11.32
CA ASP A 85 -5.71 -11.09 -11.19
C ASP A 85 -5.00 -10.87 -9.87
N TYR A 86 -5.73 -10.33 -8.95
CA TYR A 86 -5.24 -10.09 -7.63
C TYR A 86 -5.96 -10.96 -6.64
N GLU A 87 -5.37 -11.12 -5.50
CA GLU A 87 -5.98 -11.83 -4.41
C GLU A 87 -5.85 -10.97 -3.16
N ARG A 88 -6.86 -10.98 -2.35
CA ARG A 88 -6.86 -10.23 -1.14
C ARG A 88 -6.13 -10.97 -0.05
N VAL A 89 -5.11 -10.33 0.48
CA VAL A 89 -4.32 -10.88 1.56
C VAL A 89 -4.16 -9.87 2.66
N THR A 90 -3.85 -10.35 3.82
CA THR A 90 -3.63 -9.49 4.94
C THR A 90 -2.12 -9.25 5.10
N VAL A 91 -1.74 -8.00 5.10
CA VAL A 91 -0.36 -7.59 5.18
C VAL A 91 -0.21 -6.68 6.39
N GLU A 92 0.98 -6.36 6.74
CA GLU A 92 1.20 -5.62 7.95
C GLU A 92 2.00 -4.36 7.61
N VAL A 93 1.42 -3.20 7.91
CA VAL A 93 1.95 -1.92 7.48
C VAL A 93 2.14 -0.99 8.66
N VAL A 94 2.81 0.09 8.42
CA VAL A 94 3.00 1.10 9.40
C VAL A 94 2.22 2.32 9.00
N ARG A 95 1.27 2.73 9.84
CA ARG A 95 0.56 3.94 9.59
C ARG A 95 1.43 5.09 9.90
N MET A 96 2.07 5.58 8.85
CA MET A 96 3.02 6.70 8.86
C MET A 96 2.47 7.88 9.64
N ASP A 97 1.16 8.03 9.56
CA ASP A 97 0.43 9.10 10.27
C ASP A 97 0.70 9.07 11.79
N ASN A 98 0.78 7.86 12.37
CA ASN A 98 0.99 7.70 13.83
C ASN A 98 2.35 7.01 14.09
N SER A 99 2.97 6.51 13.02
CA SER A 99 4.23 5.74 13.08
C SER A 99 3.98 4.38 13.78
N GLU A 100 2.74 3.94 13.78
CA GLU A 100 2.35 2.70 14.43
C GLU A 100 2.30 1.58 13.41
N LYS A 101 2.36 0.38 13.87
CA LYS A 101 2.25 -0.76 13.03
C LYS A 101 0.84 -1.33 13.15
N VAL A 102 0.26 -1.68 12.03
CA VAL A 102 -1.09 -2.21 12.00
C VAL A 102 -1.23 -3.25 10.88
N LYS A 103 -2.03 -4.26 11.11
CA LYS A 103 -2.26 -5.31 10.17
C LYS A 103 -3.50 -4.92 9.31
N VAL A 104 -3.34 -4.88 7.99
CA VAL A 104 -4.41 -4.45 7.07
C VAL A 104 -4.49 -5.38 5.84
N GLU A 105 -5.45 -5.17 4.97
CA GLU A 105 -5.59 -6.01 3.78
C GLU A 105 -5.16 -5.25 2.53
N THR A 106 -4.74 -5.98 1.52
CA THR A 106 -4.26 -5.37 0.30
C THR A 106 -4.41 -6.36 -0.88
N TYR A 107 -4.04 -5.89 -2.07
CA TYR A 107 -4.17 -6.64 -3.30
C TYR A 107 -2.78 -7.14 -3.72
N VAL A 108 -2.62 -8.43 -3.83
CA VAL A 108 -1.39 -8.98 -4.35
C VAL A 108 -1.66 -9.77 -5.62
N TRP A 109 -0.69 -9.83 -6.49
CA TRP A 109 -0.85 -10.44 -7.80
C TRP A 109 -0.76 -11.96 -7.66
N VAL A 110 -1.74 -12.66 -8.17
CA VAL A 110 -1.78 -14.12 -8.04
C VAL A 110 -0.75 -14.81 -8.94
N ASN A 111 -0.41 -14.15 -10.04
CA ASN A 111 0.50 -14.68 -11.06
C ASN A 111 1.98 -14.51 -10.62
N LYS A 112 2.18 -14.18 -9.34
CA LYS A 112 3.51 -14.01 -8.71
C LYS A 112 4.50 -15.15 -8.92
N ASP A 113 4.02 -16.31 -9.35
CA ASP A 113 4.87 -17.51 -9.54
C ASP A 113 5.79 -17.37 -10.77
N ASP A 114 5.83 -16.18 -11.33
CA ASP A 114 6.70 -15.88 -12.45
C ASP A 114 8.07 -15.50 -11.89
N PRO A 115 9.14 -16.08 -12.45
CA PRO A 115 10.50 -15.94 -11.92
C PRO A 115 11.17 -14.57 -12.12
N ARG A 116 10.67 -13.73 -13.00
CA ARG A 116 11.36 -12.47 -13.22
C ARG A 116 10.48 -11.25 -13.16
N MET A 117 10.71 -10.45 -12.16
CA MET A 117 10.02 -9.20 -11.96
C MET A 117 11.01 -8.16 -11.46
N TYR A 118 11.29 -7.18 -12.31
CA TYR A 118 12.25 -6.10 -12.06
C TYR A 118 12.37 -5.22 -13.29
N GLY A 119 12.15 -5.81 -14.45
CA GLY A 119 12.25 -5.11 -15.71
C GLY A 119 10.93 -4.50 -16.12
N GLU A 120 10.20 -4.06 -15.15
CA GLU A 120 8.90 -3.46 -15.33
C GLU A 120 9.01 -1.97 -15.58
N TRP A 121 7.87 -1.31 -15.75
CA TRP A 121 7.76 0.11 -16.08
C TRP A 121 8.14 0.36 -17.53
N ASP A 122 7.83 1.52 -17.98
CA ASP A 122 8.20 1.93 -19.30
C ASP A 122 9.63 2.43 -19.24
N PHE A 123 10.38 2.25 -20.30
CA PHE A 123 11.78 2.66 -20.33
C PHE A 123 11.93 4.16 -20.04
N GLU A 124 11.04 4.95 -20.60
CA GLU A 124 11.08 6.37 -20.45
C GLU A 124 10.60 6.75 -19.04
N GLU A 125 9.54 6.09 -18.59
CA GLU A 125 9.00 6.33 -17.25
C GLU A 125 9.97 5.89 -16.17
N TRP A 126 10.60 4.73 -16.35
CA TRP A 126 11.52 4.21 -15.33
C TRP A 126 12.68 5.17 -15.09
N ARG A 127 12.97 5.98 -16.08
CA ARG A 127 14.00 6.98 -15.98
C ARG A 127 13.67 7.92 -14.81
N VAL A 128 12.41 8.31 -14.69
CA VAL A 128 12.02 9.19 -13.60
C VAL A 128 11.72 8.38 -12.34
N VAL A 129 11.22 7.15 -12.51
CA VAL A 129 10.86 6.32 -11.37
C VAL A 129 12.08 5.89 -10.57
N HIS A 130 13.18 5.56 -11.27
CA HIS A 130 14.41 5.19 -10.55
C HIS A 130 14.97 6.40 -9.81
N ALA A 131 14.76 7.57 -10.39
CA ALA A 131 15.24 8.82 -9.81
C ALA A 131 14.47 9.12 -8.53
N GLU A 132 13.17 8.89 -8.58
CA GLU A 132 12.28 9.06 -7.43
C GLU A 132 12.63 8.11 -6.29
N LYS A 133 13.24 7.01 -6.62
CA LYS A 133 13.64 6.04 -5.63
C LYS A 133 14.90 6.59 -4.94
N PHE A 134 15.93 6.86 -5.74
CA PHE A 134 17.21 7.30 -5.21
C PHE A 134 17.16 8.62 -4.46
N VAL A 135 16.29 9.56 -4.88
CA VAL A 135 16.18 10.83 -4.17
C VAL A 135 15.81 10.61 -2.68
N GLU A 136 14.90 9.67 -2.45
CA GLU A 136 14.50 9.31 -1.11
C GLU A 136 15.64 8.66 -0.38
N THR A 137 16.37 7.84 -1.10
CA THR A 137 17.53 7.18 -0.53
C THR A 137 18.55 8.21 -0.05
N PHE A 138 18.89 9.20 -0.89
CA PHE A 138 19.80 10.26 -0.49
C PHE A 138 19.29 11.00 0.74
N ARG A 139 17.99 11.27 0.77
CA ARG A 139 17.35 11.94 1.89
C ARG A 139 17.46 11.11 3.17
N LYS A 140 17.13 9.83 3.07
CA LYS A 140 17.20 8.93 4.23
C LYS A 140 18.63 8.76 4.70
N MET A 141 19.54 8.59 3.75
CA MET A 141 20.96 8.46 4.06
C MET A 141 21.44 9.74 4.73
N LEU A 142 20.89 10.87 4.29
CA LEU A 142 21.23 12.19 4.82
C LEU A 142 20.75 12.25 6.28
N GLU A 143 19.59 11.68 6.55
CA GLU A 143 19.06 11.61 7.90
C GLU A 143 19.96 10.78 8.78
N TRP A 144 20.32 9.62 8.30
CA TRP A 144 21.16 8.72 9.03
C TRP A 144 22.62 9.22 9.18
N ASN A 145 23.10 10.00 8.22
CA ASN A 145 24.47 10.56 8.29
C ASN A 145 24.53 11.79 9.16
N LYS A 146 23.60 12.71 8.94
CA LYS A 146 23.64 13.98 9.66
C LYS A 146 23.01 13.88 11.03
N ASN A 147 22.08 12.97 11.20
CA ASN A 147 21.42 12.81 12.47
C ASN A 147 21.30 11.34 12.87
N PRO A 148 22.38 10.72 13.36
CA PRO A 148 22.34 9.33 13.81
C PRO A 148 21.48 9.23 15.07
N ASN A 149 21.47 10.31 15.84
CA ASN A 149 20.69 10.38 17.07
C ASN A 149 19.28 10.86 16.76
N GLY A 150 19.02 11.11 15.49
CA GLY A 150 17.71 11.49 15.05
C GLY A 150 16.83 10.28 14.93
N LYS A 151 17.47 9.15 14.75
CA LYS A 151 16.80 7.88 14.67
C LYS A 151 16.51 7.44 16.11
N SER A 152 15.46 6.66 16.31
CA SER A 152 15.06 6.29 17.67
C SER A 152 16.15 5.46 18.39
N MET A 153 16.11 5.47 19.72
CA MET A 153 17.20 4.93 20.55
C MET A 153 17.44 3.44 20.38
N GLU A 154 16.40 2.62 20.35
CA GLU A 154 16.60 1.17 20.24
C GLU A 154 17.22 0.83 18.91
N GLU A 155 16.81 1.56 17.92
CA GLU A 155 17.25 1.36 16.58
C GLU A 155 18.70 1.82 16.42
N ALA A 156 19.03 2.89 17.10
CA ALA A 156 20.35 3.46 17.05
C ALA A 156 21.35 2.70 17.92
N VAL A 157 20.88 2.02 18.95
CA VAL A 157 21.80 1.35 19.87
C VAL A 157 22.08 -0.09 19.48
N GLY A 158 21.31 -0.62 18.58
CA GLY A 158 21.51 -1.98 18.19
C GLY A 158 21.34 -2.16 16.72
N SER A 159 20.67 -3.25 16.35
CA SER A 159 20.38 -3.63 14.97
C SER A 159 21.63 -4.12 14.24
N LEU A 160 21.43 -4.77 13.12
CA LEU A 160 22.52 -5.32 12.36
C LEU A 160 22.95 -4.33 11.31
N LEU A 161 24.16 -3.89 11.45
CA LEU A 161 24.81 -2.98 10.54
C LEU A 161 26.24 -2.82 10.99
N SER A 162 27.15 -2.79 10.05
CA SER A 162 28.53 -2.63 10.38
C SER A 162 28.83 -1.14 10.60
N SER A 163 28.47 -0.68 11.77
CA SER A 163 28.62 0.69 12.17
C SER A 163 28.73 0.73 13.68
N GLY A 164 29.84 1.24 14.16
CA GLY A 164 30.08 1.31 15.57
C GLY A 164 31.54 1.14 15.85
N ASP A 165 32.06 0.01 15.47
CA ASP A 165 33.46 -0.27 15.60
C ASP A 165 34.18 0.10 14.31
N SER A 1 -25.99 1.04 9.42
CA SER A 1 -25.82 2.35 8.85
C SER A 1 -24.40 2.85 9.11
N THR A 2 -24.03 3.97 8.49
CA THR A 2 -22.70 4.57 8.58
C THR A 2 -21.69 3.78 7.72
N SER A 3 -20.72 4.48 7.16
CA SER A 3 -19.70 3.91 6.30
C SER A 3 -18.93 2.79 7.02
N SER A 4 -18.83 2.93 8.32
CA SER A 4 -18.13 2.00 9.14
C SER A 4 -19.10 1.15 9.98
N ASP A 5 -19.31 -0.07 9.57
CA ASP A 5 -20.08 -1.07 10.32
C ASP A 5 -19.12 -1.67 11.36
N PRO A 6 -19.62 -2.12 12.55
CA PRO A 6 -18.80 -2.75 13.65
C PRO A 6 -17.97 -4.03 13.25
N GLN A 7 -17.48 -4.04 12.04
CA GLN A 7 -16.61 -5.07 11.51
C GLN A 7 -15.80 -4.30 10.45
N SER A 8 -15.17 -3.24 10.92
CA SER A 8 -14.47 -2.32 10.07
C SER A 8 -13.14 -2.89 9.60
N HIS A 9 -12.91 -2.71 8.33
CA HIS A 9 -11.72 -3.18 7.68
C HIS A 9 -10.79 -2.04 7.34
N ASN A 10 -9.54 -2.37 7.19
CA ASN A 10 -8.50 -1.42 6.85
C ASN A 10 -7.80 -1.94 5.61
N VAL A 11 -7.77 -1.17 4.56
CA VAL A 11 -7.21 -1.64 3.30
C VAL A 11 -6.03 -0.79 2.87
N PHE A 12 -4.90 -1.41 2.63
CA PHE A 12 -3.72 -0.70 2.13
C PHE A 12 -3.84 -0.58 0.62
N VAL A 13 -3.98 0.63 0.15
CA VAL A 13 -4.11 0.86 -1.25
C VAL A 13 -3.09 1.84 -1.77
N TYR A 14 -2.88 1.80 -3.05
CA TYR A 14 -2.02 2.71 -3.74
C TYR A 14 -2.63 2.94 -5.10
N GLY A 15 -2.86 1.86 -5.81
CA GLY A 15 -3.49 1.96 -7.10
C GLY A 15 -4.95 1.61 -7.00
N SER A 16 -5.70 2.40 -6.24
CA SER A 16 -7.13 2.16 -6.06
C SER A 16 -7.86 3.47 -5.72
N ILE A 17 -7.77 3.92 -4.45
CA ILE A 17 -8.43 5.10 -4.00
C ILE A 17 -7.60 5.84 -2.94
N LEU A 18 -6.72 6.66 -3.37
CA LEU A 18 -5.94 7.47 -2.47
C LEU A 18 -6.52 8.83 -2.39
N GLU A 19 -7.51 9.06 -3.22
CA GLU A 19 -8.14 10.34 -3.27
C GLU A 19 -9.61 10.24 -2.90
N PRO A 20 -10.08 11.12 -1.98
CA PRO A 20 -11.47 11.13 -1.48
C PRO A 20 -12.54 11.02 -2.57
N ALA A 21 -12.35 11.73 -3.69
CA ALA A 21 -13.31 11.72 -4.78
C ALA A 21 -13.54 10.32 -5.32
N VAL A 22 -12.45 9.59 -5.57
CA VAL A 22 -12.55 8.24 -6.10
C VAL A 22 -12.95 7.24 -4.99
N ALA A 23 -12.55 7.52 -3.76
CA ALA A 23 -12.94 6.67 -2.63
C ALA A 23 -14.46 6.75 -2.44
N ALA A 24 -14.99 7.93 -2.66
CA ALA A 24 -16.41 8.18 -2.51
C ALA A 24 -17.22 7.60 -3.67
N VAL A 25 -16.56 7.06 -4.68
CA VAL A 25 -17.29 6.44 -5.77
C VAL A 25 -17.19 4.92 -5.70
N ILE A 26 -16.24 4.42 -4.93
CA ILE A 26 -16.12 3.00 -4.71
C ILE A 26 -16.90 2.59 -3.46
N LEU A 27 -16.78 3.39 -2.42
CA LEU A 27 -17.50 3.13 -1.20
C LEU A 27 -18.85 3.76 -1.26
N ASP A 28 -18.95 4.83 -2.07
CA ASP A 28 -20.13 5.72 -2.15
C ASP A 28 -20.16 6.58 -0.88
N ARG A 29 -19.14 6.40 -0.05
CA ARG A 29 -19.01 7.06 1.22
C ARG A 29 -17.65 7.73 1.19
N THR A 30 -17.45 8.76 1.94
CA THR A 30 -16.15 9.34 1.96
C THR A 30 -15.38 8.79 3.19
N ALA A 31 -14.38 7.98 2.93
CA ALA A 31 -13.63 7.37 3.99
C ALA A 31 -12.32 8.06 4.16
N ASP A 32 -11.76 7.95 5.33
CA ASP A 32 -10.50 8.56 5.61
C ASP A 32 -9.35 7.62 5.45
N THR A 33 -8.41 8.04 4.65
CA THR A 33 -7.19 7.33 4.46
C THR A 33 -6.10 7.98 5.28
N VAL A 34 -5.23 7.17 5.81
CA VAL A 34 -4.08 7.65 6.53
C VAL A 34 -2.83 7.06 5.91
N PRO A 35 -1.74 7.85 5.82
CA PRO A 35 -0.53 7.39 5.18
C PRO A 35 0.11 6.26 5.95
N ALA A 36 0.47 5.22 5.24
CA ALA A 36 1.07 4.07 5.81
C ALA A 36 2.00 3.41 4.85
N VAL A 37 2.93 2.68 5.35
CA VAL A 37 3.87 2.01 4.52
C VAL A 37 3.85 0.51 4.77
N LEU A 38 3.72 -0.23 3.72
CA LEU A 38 3.74 -1.65 3.77
C LEU A 38 5.15 -2.13 3.58
N HIS A 39 5.78 -2.41 4.67
CA HIS A 39 7.12 -2.93 4.67
C HIS A 39 7.12 -4.37 4.14
N GLY A 40 8.01 -4.68 3.21
CA GLY A 40 8.11 -6.06 2.79
C GLY A 40 7.56 -6.32 1.41
N TYR A 41 6.76 -5.41 0.89
CA TYR A 41 6.22 -5.62 -0.41
C TYR A 41 6.92 -4.84 -1.48
N HIS A 42 7.03 -5.47 -2.62
CA HIS A 42 7.67 -4.89 -3.77
C HIS A 42 6.60 -4.47 -4.75
N ARG A 43 6.60 -3.21 -5.10
CA ARG A 43 5.67 -2.71 -6.07
C ARG A 43 6.30 -2.85 -7.45
N TYR A 44 5.70 -3.66 -8.27
CA TYR A 44 6.18 -3.89 -9.62
C TYR A 44 5.71 -2.79 -10.51
N LYS A 45 6.55 -2.38 -11.44
CA LYS A 45 6.21 -1.30 -12.31
C LYS A 45 5.70 -1.83 -13.65
N LEU A 46 4.53 -1.39 -14.01
CA LEU A 46 3.91 -1.80 -15.26
C LEU A 46 3.39 -0.59 -16.00
N LYS A 47 3.69 -0.53 -17.27
CA LYS A 47 3.18 0.52 -18.14
C LYS A 47 2.03 -0.03 -18.90
N GLY A 48 2.20 -1.27 -19.33
CA GLY A 48 1.21 -1.95 -20.10
C GLY A 48 0.00 -2.30 -19.28
N LEU A 49 0.19 -2.36 -17.99
CA LEU A 49 -0.88 -2.63 -17.06
C LEU A 49 -1.24 -1.34 -16.31
N PRO A 50 -2.50 -1.19 -15.87
CA PRO A 50 -3.00 0.07 -15.29
C PRO A 50 -2.44 0.43 -13.89
N TYR A 51 -2.69 -0.41 -12.90
CA TYR A 51 -2.30 -0.12 -11.52
C TYR A 51 -1.57 -1.28 -10.71
N PRO A 52 -1.03 -2.37 -11.34
CA PRO A 52 -0.37 -3.44 -10.58
C PRO A 52 1.12 -3.17 -10.39
N CYS A 53 1.79 -3.87 -9.46
CA CYS A 53 1.22 -4.82 -8.48
C CYS A 53 2.16 -4.90 -7.28
N ILE A 54 1.73 -5.48 -6.18
CA ILE A 54 2.67 -5.75 -5.10
C ILE A 54 2.64 -7.20 -4.76
N VAL A 55 3.79 -7.77 -4.68
CA VAL A 55 3.89 -9.13 -4.27
C VAL A 55 5.29 -9.36 -3.73
N SER A 56 5.51 -10.53 -3.11
CA SER A 56 6.82 -10.99 -2.64
C SER A 56 7.23 -10.34 -1.35
N SER A 57 7.93 -11.09 -0.52
CA SER A 57 8.50 -10.55 0.67
C SER A 57 9.88 -10.01 0.32
N ASP A 58 9.84 -8.88 -0.31
CA ASP A 58 11.01 -8.19 -0.83
C ASP A 58 11.63 -7.35 0.29
N SER A 59 12.74 -6.73 0.01
CA SER A 59 13.38 -5.87 0.98
C SER A 59 12.75 -4.47 0.94
N GLY A 60 12.03 -4.20 -0.13
CA GLY A 60 11.38 -2.95 -0.34
C GLY A 60 10.15 -2.77 0.50
N LYS A 61 9.63 -1.57 0.49
CA LYS A 61 8.44 -1.24 1.22
C LYS A 61 7.59 -0.36 0.33
N VAL A 62 6.30 -0.47 0.43
CA VAL A 62 5.40 0.29 -0.40
C VAL A 62 4.75 1.38 0.43
N ASN A 63 4.89 2.59 0.02
CA ASN A 63 4.29 3.71 0.72
C ASN A 63 2.97 4.07 0.07
N GLY A 64 1.93 4.09 0.87
CA GLY A 64 0.63 4.43 0.38
C GLY A 64 -0.28 4.88 1.50
N LYS A 65 -1.52 4.50 1.42
CA LYS A 65 -2.49 4.85 2.43
C LYS A 65 -3.41 3.71 2.72
N VAL A 66 -3.83 3.63 3.95
CA VAL A 66 -4.78 2.64 4.34
C VAL A 66 -6.13 3.29 4.53
N ILE A 67 -7.11 2.67 3.97
CA ILE A 67 -8.45 3.13 4.06
C ILE A 67 -9.02 2.53 5.32
N THR A 68 -9.63 3.31 6.14
CA THR A 68 -10.14 2.79 7.37
C THR A 68 -11.66 2.87 7.42
N GLY A 69 -12.24 2.09 8.31
CA GLY A 69 -13.67 2.09 8.51
C GLY A 69 -14.43 1.48 7.36
N VAL A 70 -13.86 0.48 6.72
CA VAL A 70 -14.50 -0.14 5.58
C VAL A 70 -15.38 -1.31 6.03
N SER A 71 -16.64 -1.26 5.71
CA SER A 71 -17.56 -2.32 6.07
C SER A 71 -17.35 -3.52 5.15
N ASP A 72 -17.77 -4.71 5.58
CA ASP A 72 -17.57 -5.96 4.79
C ASP A 72 -18.11 -5.83 3.37
N ALA A 73 -19.26 -5.24 3.22
CA ALA A 73 -19.90 -5.11 1.91
C ALA A 73 -19.13 -4.14 1.05
N GLU A 74 -18.69 -3.08 1.67
CA GLU A 74 -17.94 -2.03 1.03
C GLU A 74 -16.56 -2.57 0.63
N LEU A 75 -16.01 -3.42 1.49
CA LEU A 75 -14.70 -4.06 1.31
C LEU A 75 -14.71 -4.93 0.07
N ASN A 76 -15.85 -5.51 -0.19
CA ASN A 76 -16.02 -6.35 -1.35
C ASN A 76 -15.84 -5.62 -2.66
N ASN A 77 -16.09 -4.30 -2.69
CA ASN A 77 -15.95 -3.57 -3.95
C ASN A 77 -14.47 -3.50 -4.29
N PHE A 78 -13.63 -3.43 -3.27
CA PHE A 78 -12.20 -3.37 -3.47
C PHE A 78 -11.71 -4.72 -3.96
N ASP A 79 -12.41 -5.76 -3.57
CA ASP A 79 -12.09 -7.11 -4.02
C ASP A 79 -12.44 -7.25 -5.48
N VAL A 80 -13.53 -6.61 -5.87
CA VAL A 80 -14.01 -6.62 -7.26
C VAL A 80 -13.03 -5.89 -8.21
N ILE A 81 -12.19 -4.99 -7.64
CA ILE A 81 -11.17 -4.25 -8.43
C ILE A 81 -10.33 -5.23 -9.25
N GLU A 82 -10.66 -5.25 -10.54
CA GLU A 82 -10.15 -6.14 -11.58
C GLU A 82 -10.51 -7.61 -11.33
N GLY A 83 -10.10 -8.15 -10.18
CA GLY A 83 -10.44 -9.51 -9.78
C GLY A 83 -9.81 -10.58 -10.64
N ASN A 84 -9.03 -10.17 -11.60
CA ASN A 84 -8.43 -11.06 -12.54
C ASN A 84 -7.15 -11.67 -12.00
N ASP A 85 -6.31 -10.87 -11.39
CA ASP A 85 -5.04 -11.40 -10.96
C ASP A 85 -4.67 -10.92 -9.56
N TYR A 86 -5.63 -10.41 -8.85
CA TYR A 86 -5.39 -10.02 -7.48
C TYR A 86 -6.16 -10.91 -6.54
N GLU A 87 -5.62 -11.06 -5.36
CA GLU A 87 -6.25 -11.82 -4.30
C GLU A 87 -6.25 -11.01 -3.00
N ARG A 88 -7.11 -11.36 -2.09
CA ARG A 88 -7.24 -10.66 -0.84
C ARG A 88 -6.32 -11.27 0.21
N VAL A 89 -5.33 -10.52 0.64
CA VAL A 89 -4.42 -10.98 1.68
C VAL A 89 -4.29 -9.96 2.77
N THR A 90 -3.86 -10.40 3.92
CA THR A 90 -3.62 -9.53 5.02
C THR A 90 -2.11 -9.29 5.16
N VAL A 91 -1.75 -8.05 5.27
CA VAL A 91 -0.36 -7.62 5.37
C VAL A 91 -0.27 -6.67 6.55
N GLU A 92 0.90 -6.33 6.99
CA GLU A 92 0.97 -5.42 8.10
C GLU A 92 1.74 -4.20 7.67
N VAL A 93 1.21 -3.05 7.96
CA VAL A 93 1.80 -1.83 7.53
C VAL A 93 2.02 -0.93 8.70
N VAL A 94 2.75 0.10 8.49
CA VAL A 94 3.01 1.07 9.50
C VAL A 94 2.30 2.34 9.17
N ARG A 95 1.41 2.76 10.06
CA ARG A 95 0.72 4.01 9.94
C ARG A 95 1.75 5.10 10.11
N MET A 96 2.19 5.58 8.99
CA MET A 96 3.31 6.48 8.81
C MET A 96 3.29 7.68 9.72
N ASP A 97 2.14 8.30 9.85
CA ASP A 97 2.03 9.53 10.64
C ASP A 97 2.21 9.28 12.14
N ASN A 98 1.75 8.13 12.61
CA ASN A 98 1.79 7.85 14.05
C ASN A 98 2.94 6.88 14.40
N SER A 99 3.56 6.32 13.36
CA SER A 99 4.68 5.37 13.49
C SER A 99 4.24 4.06 14.18
N GLU A 100 2.96 3.75 14.08
CA GLU A 100 2.43 2.55 14.69
C GLU A 100 2.24 1.50 13.63
N LYS A 101 2.13 0.28 14.01
CA LYS A 101 1.95 -0.78 13.06
C LYS A 101 0.49 -1.22 13.09
N VAL A 102 -0.07 -1.42 11.95
CA VAL A 102 -1.44 -1.83 11.85
C VAL A 102 -1.57 -2.92 10.78
N LYS A 103 -2.31 -3.95 11.09
CA LYS A 103 -2.49 -5.07 10.21
C LYS A 103 -3.66 -4.72 9.29
N VAL A 104 -3.46 -4.81 8.00
CA VAL A 104 -4.47 -4.40 7.04
C VAL A 104 -4.57 -5.39 5.89
N GLU A 105 -5.58 -5.23 5.09
CA GLU A 105 -5.77 -6.08 3.94
C GLU A 105 -5.32 -5.36 2.69
N THR A 106 -4.86 -6.11 1.73
CA THR A 106 -4.38 -5.54 0.50
C THR A 106 -4.54 -6.56 -0.63
N TYR A 107 -4.20 -6.13 -1.81
CA TYR A 107 -4.29 -6.90 -3.03
C TYR A 107 -2.88 -7.32 -3.51
N VAL A 108 -2.65 -8.62 -3.62
CA VAL A 108 -1.39 -9.11 -4.15
C VAL A 108 -1.63 -9.84 -5.46
N TRP A 109 -0.57 -10.19 -6.16
CA TRP A 109 -0.67 -10.66 -7.52
C TRP A 109 -0.64 -12.20 -7.53
N VAL A 110 -1.67 -12.81 -8.07
CA VAL A 110 -1.77 -14.25 -8.10
C VAL A 110 -0.82 -14.89 -9.11
N ASN A 111 -0.41 -14.12 -10.11
CA ASN A 111 0.54 -14.57 -11.15
C ASN A 111 1.98 -14.60 -10.59
N LYS A 112 2.09 -14.47 -9.27
CA LYS A 112 3.36 -14.43 -8.54
C LYS A 112 4.19 -15.71 -8.74
N ASP A 113 3.54 -16.78 -9.15
CA ASP A 113 4.22 -18.07 -9.37
C ASP A 113 4.97 -18.05 -10.67
N ASP A 114 4.53 -17.22 -11.56
CA ASP A 114 5.18 -17.02 -12.82
C ASP A 114 6.25 -15.98 -12.60
N PRO A 115 7.42 -16.08 -13.31
CA PRO A 115 8.53 -15.13 -13.19
C PRO A 115 8.08 -13.71 -12.85
N ARG A 116 8.62 -13.16 -11.79
CA ARG A 116 8.16 -11.90 -11.27
C ARG A 116 8.65 -10.77 -12.15
N MET A 117 7.71 -10.11 -12.78
CA MET A 117 7.99 -9.14 -13.79
C MET A 117 8.28 -7.76 -13.26
N TYR A 118 9.52 -7.50 -13.05
CA TYR A 118 9.97 -6.15 -12.81
C TYR A 118 10.83 -5.77 -13.99
N GLY A 119 11.24 -6.83 -14.73
CA GLY A 119 12.05 -6.72 -15.91
C GLY A 119 13.33 -6.03 -15.63
N GLU A 120 13.38 -4.81 -16.03
CA GLU A 120 14.49 -3.99 -15.76
C GLU A 120 14.00 -2.59 -15.52
N TRP A 121 14.47 -2.01 -14.48
CA TRP A 121 14.13 -0.70 -14.11
C TRP A 121 15.44 -0.03 -13.83
N ASP A 122 15.47 1.26 -13.69
CA ASP A 122 16.73 1.93 -13.54
C ASP A 122 17.24 1.86 -12.15
N PHE A 123 18.52 1.52 -12.05
CA PHE A 123 19.19 1.37 -10.78
C PHE A 123 19.19 2.68 -10.02
N GLU A 124 19.18 3.80 -10.76
CA GLU A 124 19.12 5.12 -10.15
C GLU A 124 17.83 5.27 -9.33
N GLU A 125 16.76 4.72 -9.85
CA GLU A 125 15.47 4.73 -9.19
C GLU A 125 15.48 3.68 -8.09
N TRP A 126 16.00 2.51 -8.42
CA TRP A 126 16.06 1.37 -7.50
C TRP A 126 16.78 1.76 -6.20
N ARG A 127 17.94 2.37 -6.35
CA ARG A 127 18.75 2.75 -5.22
C ARG A 127 18.08 3.81 -4.37
N VAL A 128 17.42 4.80 -4.98
CA VAL A 128 16.79 5.85 -4.19
C VAL A 128 15.58 5.35 -3.43
N VAL A 129 14.87 4.38 -4.01
CA VAL A 129 13.73 3.80 -3.33
C VAL A 129 14.20 3.03 -2.12
N HIS A 130 15.24 2.24 -2.29
CA HIS A 130 15.77 1.47 -1.19
C HIS A 130 16.45 2.36 -0.17
N ALA A 131 17.18 3.36 -0.64
CA ALA A 131 17.87 4.28 0.25
C ALA A 131 16.91 5.02 1.17
N GLU A 132 15.90 5.68 0.59
CA GLU A 132 14.96 6.45 1.38
C GLU A 132 14.18 5.59 2.35
N LYS A 133 13.84 4.40 1.91
CA LYS A 133 13.09 3.45 2.71
C LYS A 133 13.92 2.89 3.86
N PHE A 134 15.17 2.56 3.58
CA PHE A 134 16.04 2.05 4.60
C PHE A 134 16.48 3.10 5.59
N VAL A 135 16.80 4.31 5.11
CA VAL A 135 17.23 5.35 5.99
C VAL A 135 16.19 5.68 7.04
N GLU A 136 14.88 5.61 6.69
CA GLU A 136 13.81 5.88 7.68
C GLU A 136 14.02 4.97 8.85
N THR A 137 14.14 3.70 8.52
CA THR A 137 14.32 2.66 9.48
C THR A 137 15.58 2.90 10.33
N PHE A 138 16.71 3.15 9.67
CA PHE A 138 17.95 3.43 10.39
C PHE A 138 17.83 4.65 11.29
N ARG A 139 17.35 5.75 10.73
CA ARG A 139 17.24 7.02 11.45
C ARG A 139 16.29 6.94 12.63
N LYS A 140 15.06 6.49 12.38
CA LYS A 140 14.05 6.48 13.42
C LYS A 140 14.38 5.53 14.54
N MET A 141 15.06 4.44 14.20
CA MET A 141 15.49 3.52 15.22
C MET A 141 16.69 4.09 15.97
N LEU A 142 17.55 4.80 15.23
CA LEU A 142 18.75 5.45 15.80
C LEU A 142 18.33 6.52 16.80
N GLU A 143 17.26 7.22 16.50
CA GLU A 143 16.73 8.25 17.39
C GLU A 143 16.36 7.68 18.74
N TRP A 144 15.71 6.53 18.72
CA TRP A 144 15.29 5.84 19.93
C TRP A 144 16.48 5.16 20.62
N ASN A 145 17.40 4.64 19.83
CA ASN A 145 18.56 3.93 20.34
C ASN A 145 19.61 4.87 20.94
N LYS A 146 19.81 6.00 20.31
CA LYS A 146 20.81 6.96 20.74
C LYS A 146 20.13 8.10 21.54
N ASN A 147 18.85 7.87 21.83
CA ASN A 147 17.97 8.81 22.57
C ASN A 147 18.69 9.52 23.73
N PRO A 148 18.79 10.88 23.64
CA PRO A 148 19.52 11.72 24.62
C PRO A 148 18.98 11.60 26.04
N ASN A 149 17.76 11.12 26.15
CA ASN A 149 17.13 10.95 27.45
C ASN A 149 17.69 9.76 28.19
N GLY A 150 18.53 8.97 27.52
CA GLY A 150 19.20 7.86 28.16
C GLY A 150 18.44 6.56 28.05
N LYS A 151 17.24 6.63 27.54
CA LYS A 151 16.42 5.45 27.39
C LYS A 151 16.85 4.62 26.21
N SER A 152 17.17 3.39 26.48
CA SER A 152 17.55 2.43 25.48
C SER A 152 16.33 1.57 25.12
N MET A 153 16.46 0.74 24.08
CA MET A 153 15.35 -0.07 23.58
C MET A 153 14.72 -0.98 24.64
N GLU A 154 15.54 -1.62 25.44
CA GLU A 154 15.03 -2.56 26.42
C GLU A 154 14.54 -1.87 27.68
N GLU A 155 14.83 -0.58 27.80
CA GLU A 155 14.36 0.16 28.94
C GLU A 155 12.87 0.41 28.79
N ALA A 156 12.43 0.57 27.54
CA ALA A 156 11.03 0.76 27.22
C ALA A 156 10.28 -0.57 27.34
N VAL A 157 11.02 -1.64 27.19
CA VAL A 157 10.49 -2.98 27.31
C VAL A 157 10.41 -3.33 28.81
N GLY A 158 9.52 -4.24 29.17
CA GLY A 158 9.38 -4.67 30.54
C GLY A 158 10.55 -5.55 30.95
N SER A 159 11.65 -4.94 31.25
CA SER A 159 12.85 -5.61 31.63
C SER A 159 13.03 -5.57 33.14
N LEU A 160 13.57 -6.62 33.68
CA LEU A 160 13.82 -6.69 35.09
C LEU A 160 15.30 -6.52 35.32
N LEU A 161 15.63 -5.56 36.13
CA LEU A 161 17.00 -5.25 36.42
C LEU A 161 17.18 -5.22 37.91
N SER A 162 18.41 -5.26 38.37
CA SER A 162 18.67 -5.20 39.77
C SER A 162 18.65 -3.70 40.18
N SER A 163 19.64 -2.95 39.66
CA SER A 163 19.77 -1.49 39.84
C SER A 163 19.69 -1.01 41.31
N GLY A 164 19.96 -1.89 42.24
CA GLY A 164 19.92 -1.54 43.63
C GLY A 164 21.15 -2.04 44.33
N ASP A 165 20.95 -2.81 45.36
CA ASP A 165 22.05 -3.42 46.08
C ASP A 165 22.06 -4.90 45.79
N SER A 1 -23.78 -6.75 11.78
CA SER A 1 -23.96 -6.96 10.35
C SER A 1 -22.66 -6.62 9.64
N THR A 2 -22.69 -6.39 8.34
CA THR A 2 -21.48 -6.09 7.61
C THR A 2 -21.48 -4.66 7.01
N SER A 3 -22.66 -4.15 6.64
CA SER A 3 -22.77 -2.87 5.95
C SER A 3 -22.75 -1.69 6.92
N SER A 4 -21.71 -0.86 6.82
CA SER A 4 -21.55 0.35 7.64
C SER A 4 -21.40 0.06 9.14
N ASP A 5 -21.20 -1.19 9.48
CA ASP A 5 -21.01 -1.59 10.86
C ASP A 5 -19.69 -1.10 11.40
N PRO A 6 -19.59 -0.92 12.75
CA PRO A 6 -18.37 -0.42 13.41
C PRO A 6 -17.14 -1.35 13.27
N GLN A 7 -17.30 -2.44 12.55
CA GLN A 7 -16.19 -3.33 12.27
C GLN A 7 -15.37 -2.71 11.14
N SER A 8 -14.43 -1.89 11.52
CA SER A 8 -13.64 -1.16 10.59
C SER A 8 -12.41 -1.95 10.14
N HIS A 9 -12.06 -1.75 8.91
CA HIS A 9 -10.99 -2.45 8.25
C HIS A 9 -10.09 -1.46 7.56
N ASN A 10 -8.88 -1.86 7.32
CA ASN A 10 -7.89 -1.01 6.69
C ASN A 10 -7.39 -1.71 5.42
N VAL A 11 -7.41 -1.02 4.31
CA VAL A 11 -6.93 -1.59 3.05
C VAL A 11 -5.78 -0.74 2.49
N PHE A 12 -4.63 -1.36 2.31
CA PHE A 12 -3.45 -0.67 1.78
C PHE A 12 -3.50 -0.63 0.26
N VAL A 13 -3.52 0.57 -0.29
CA VAL A 13 -3.52 0.79 -1.71
C VAL A 13 -2.56 1.91 -2.06
N TYR A 14 -2.14 1.99 -3.31
CA TYR A 14 -1.25 3.04 -3.72
C TYR A 14 -1.76 3.70 -5.00
N GLY A 15 -3.02 3.48 -5.30
CA GLY A 15 -3.62 4.09 -6.46
C GLY A 15 -5.11 4.17 -6.37
N SER A 16 -5.68 5.07 -7.17
CA SER A 16 -7.11 5.26 -7.34
C SER A 16 -7.83 5.80 -6.07
N ILE A 17 -8.01 4.95 -5.07
CA ILE A 17 -8.82 5.25 -3.88
C ILE A 17 -8.14 6.30 -2.97
N LEU A 18 -6.92 6.67 -3.33
CA LEU A 18 -6.19 7.67 -2.58
C LEU A 18 -6.89 9.01 -2.70
N GLU A 19 -7.55 9.19 -3.83
CA GLU A 19 -8.26 10.39 -4.11
C GLU A 19 -9.75 10.22 -3.79
N PRO A 20 -10.33 11.21 -3.07
CA PRO A 20 -11.72 11.20 -2.56
C PRO A 20 -12.76 10.68 -3.54
N ALA A 21 -12.68 11.09 -4.80
CA ALA A 21 -13.66 10.71 -5.82
C ALA A 21 -13.80 9.20 -5.98
N VAL A 22 -12.68 8.49 -5.97
CA VAL A 22 -12.71 7.05 -6.15
C VAL A 22 -13.16 6.36 -4.87
N ALA A 23 -12.78 6.91 -3.74
CA ALA A 23 -13.22 6.35 -2.47
C ALA A 23 -14.73 6.53 -2.31
N ALA A 24 -15.23 7.61 -2.85
CA ALA A 24 -16.63 7.93 -2.78
C ALA A 24 -17.47 7.04 -3.69
N VAL A 25 -16.85 6.44 -4.70
CA VAL A 25 -17.62 5.57 -5.59
C VAL A 25 -17.66 4.13 -5.05
N ILE A 26 -16.69 3.77 -4.23
CA ILE A 26 -16.63 2.47 -3.65
C ILE A 26 -17.45 2.41 -2.33
N LEU A 27 -17.28 3.41 -1.47
CA LEU A 27 -17.96 3.39 -0.17
C LEU A 27 -19.25 4.15 -0.21
N ASP A 28 -19.44 4.95 -1.26
CA ASP A 28 -20.61 5.86 -1.43
C ASP A 28 -20.45 7.08 -0.48
N ARG A 29 -19.29 7.12 0.16
CA ARG A 29 -18.90 8.15 1.10
C ARG A 29 -17.42 8.40 0.92
N THR A 30 -16.93 9.50 1.42
CA THR A 30 -15.52 9.81 1.34
C THR A 30 -14.73 8.99 2.36
N ALA A 31 -13.76 8.22 1.89
CA ALA A 31 -12.97 7.36 2.76
C ALA A 31 -11.79 8.11 3.30
N ASP A 32 -11.28 7.66 4.40
CA ASP A 32 -10.09 8.23 4.94
C ASP A 32 -8.89 7.39 4.60
N THR A 33 -8.05 7.89 3.73
CA THR A 33 -6.82 7.24 3.50
C THR A 33 -5.76 7.97 4.27
N VAL A 34 -4.84 7.24 4.81
CA VAL A 34 -3.77 7.80 5.57
C VAL A 34 -2.48 7.09 5.20
N PRO A 35 -1.34 7.79 5.22
CA PRO A 35 -0.04 7.22 4.82
C PRO A 35 0.33 6.01 5.68
N ALA A 36 0.79 5.00 5.03
CA ALA A 36 1.26 3.82 5.67
C ALA A 36 2.33 3.18 4.82
N VAL A 37 3.18 2.41 5.42
CA VAL A 37 4.18 1.75 4.62
C VAL A 37 4.14 0.24 4.81
N LEU A 38 4.04 -0.45 3.70
CA LEU A 38 4.01 -1.87 3.69
C LEU A 38 5.41 -2.42 3.52
N HIS A 39 6.02 -2.65 4.62
CA HIS A 39 7.30 -3.32 4.68
C HIS A 39 7.10 -4.81 4.39
N GLY A 40 7.80 -5.33 3.41
CA GLY A 40 7.70 -6.74 3.10
C GLY A 40 7.29 -6.98 1.66
N TYR A 41 6.77 -5.96 1.03
CA TYR A 41 6.35 -6.05 -0.34
C TYR A 41 7.07 -5.02 -1.15
N HIS A 42 7.19 -5.27 -2.43
CA HIS A 42 7.86 -4.35 -3.30
C HIS A 42 6.94 -4.11 -4.47
N ARG A 43 6.77 -2.87 -4.90
CA ARG A 43 5.97 -2.63 -6.08
C ARG A 43 6.86 -2.71 -7.25
N TYR A 44 6.50 -3.50 -8.17
CA TYR A 44 7.27 -3.68 -9.35
C TYR A 44 6.61 -2.84 -10.41
N LYS A 45 7.35 -1.93 -11.00
CA LYS A 45 6.79 -1.01 -11.90
C LYS A 45 6.54 -1.69 -13.24
N LEU A 46 5.33 -2.16 -13.37
CA LEU A 46 4.86 -2.84 -14.56
C LEU A 46 4.47 -1.89 -15.64
N LYS A 47 5.36 -1.68 -16.57
CA LYS A 47 5.03 -0.93 -17.71
C LYS A 47 4.33 -1.82 -18.71
N GLY A 48 3.06 -1.94 -18.51
CA GLY A 48 2.27 -2.79 -19.30
C GLY A 48 0.88 -2.82 -18.78
N LEU A 49 0.75 -3.14 -17.50
CA LEU A 49 -0.57 -3.14 -16.85
C LEU A 49 -0.82 -1.77 -16.18
N PRO A 50 -2.07 -1.45 -15.75
CA PRO A 50 -2.37 -0.19 -15.07
C PRO A 50 -2.27 -0.31 -13.52
N TYR A 51 -1.61 0.69 -12.88
CA TYR A 51 -1.38 0.75 -11.38
C TYR A 51 -0.89 -0.59 -10.72
N PRO A 52 0.13 -1.26 -11.32
CA PRO A 52 0.63 -2.57 -10.87
C PRO A 52 2.09 -2.56 -10.34
N CYS A 53 2.52 -3.53 -9.50
CA CYS A 53 1.78 -4.56 -8.71
C CYS A 53 2.70 -4.87 -7.52
N ILE A 54 2.24 -5.55 -6.47
CA ILE A 54 3.17 -5.91 -5.39
C ILE A 54 3.21 -7.40 -5.15
N VAL A 55 4.38 -7.88 -4.79
CA VAL A 55 4.63 -9.27 -4.45
C VAL A 55 5.67 -9.28 -3.35
N SER A 56 5.63 -10.27 -2.49
CA SER A 56 6.61 -10.38 -1.46
C SER A 56 7.74 -11.29 -1.91
N SER A 57 8.75 -10.69 -2.43
CA SER A 57 9.93 -11.40 -2.86
C SER A 57 11.11 -10.62 -2.36
N ASP A 58 11.15 -9.37 -2.75
CA ASP A 58 12.14 -8.45 -2.28
C ASP A 58 11.69 -7.91 -0.93
N SER A 59 12.61 -7.77 -0.01
CA SER A 59 12.32 -7.37 1.37
C SER A 59 12.11 -5.84 1.53
N GLY A 60 11.90 -5.14 0.43
CA GLY A 60 11.67 -3.71 0.46
C GLY A 60 10.35 -3.32 1.10
N LYS A 61 10.00 -2.07 1.01
CA LYS A 61 8.80 -1.58 1.61
C LYS A 61 8.13 -0.58 0.68
N VAL A 62 6.84 -0.66 0.60
CA VAL A 62 6.04 0.19 -0.26
C VAL A 62 5.28 1.17 0.56
N ASN A 63 5.43 2.44 0.31
CA ASN A 63 4.65 3.41 1.03
C ASN A 63 3.38 3.64 0.24
N GLY A 64 2.32 3.85 0.92
CA GLY A 64 1.07 4.10 0.30
C GLY A 64 0.09 4.58 1.31
N LYS A 65 -1.17 4.31 1.10
CA LYS A 65 -2.15 4.76 2.04
C LYS A 65 -3.12 3.66 2.32
N VAL A 66 -3.58 3.62 3.52
CA VAL A 66 -4.54 2.65 3.90
C VAL A 66 -5.88 3.32 4.00
N ILE A 67 -6.85 2.66 3.45
CA ILE A 67 -8.20 3.14 3.45
C ILE A 67 -8.77 2.65 4.75
N THR A 68 -9.01 3.55 5.64
CA THR A 68 -9.45 3.21 6.95
C THR A 68 -10.95 3.31 7.09
N GLY A 69 -11.50 2.69 8.10
CA GLY A 69 -12.91 2.77 8.37
C GLY A 69 -13.74 2.03 7.34
N VAL A 70 -13.22 0.94 6.84
CA VAL A 70 -13.95 0.16 5.88
C VAL A 70 -14.75 -0.92 6.59
N SER A 71 -16.04 -0.93 6.42
CA SER A 71 -16.84 -1.96 7.02
C SER A 71 -16.77 -3.20 6.16
N ASP A 72 -17.05 -4.34 6.74
CA ASP A 72 -16.90 -5.64 6.04
C ASP A 72 -17.61 -5.69 4.68
N ALA A 73 -18.80 -5.13 4.60
CA ALA A 73 -19.56 -5.19 3.33
C ALA A 73 -18.96 -4.26 2.31
N GLU A 74 -18.44 -3.18 2.79
CA GLU A 74 -17.79 -2.20 1.96
C GLU A 74 -16.44 -2.71 1.49
N LEU A 75 -15.81 -3.54 2.33
CA LEU A 75 -14.51 -4.12 2.03
C LEU A 75 -14.70 -5.07 0.84
N ASN A 76 -15.85 -5.72 0.83
CA ASN A 76 -16.23 -6.67 -0.20
C ASN A 76 -16.19 -6.05 -1.60
N ASN A 77 -16.37 -4.74 -1.71
CA ASN A 77 -16.43 -4.12 -3.02
C ASN A 77 -15.01 -4.02 -3.59
N PHE A 78 -14.02 -3.87 -2.71
CA PHE A 78 -12.61 -3.82 -3.12
C PHE A 78 -12.19 -5.17 -3.70
N ASP A 79 -12.78 -6.22 -3.14
CA ASP A 79 -12.51 -7.60 -3.56
C ASP A 79 -12.93 -7.82 -5.01
N VAL A 80 -14.05 -7.21 -5.37
CA VAL A 80 -14.61 -7.35 -6.69
C VAL A 80 -13.82 -6.56 -7.73
N ILE A 81 -13.45 -5.33 -7.39
CA ILE A 81 -12.73 -4.46 -8.32
C ILE A 81 -11.31 -4.93 -8.65
N GLU A 82 -10.43 -4.96 -7.68
CA GLU A 82 -9.09 -5.42 -7.94
C GLU A 82 -8.89 -6.82 -7.44
N GLY A 83 -9.53 -7.75 -8.11
CA GLY A 83 -9.42 -9.13 -7.73
C GLY A 83 -9.42 -10.03 -8.94
N ASN A 84 -9.21 -9.44 -10.09
CA ASN A 84 -9.22 -10.20 -11.33
C ASN A 84 -7.90 -10.88 -11.59
N ASP A 85 -6.81 -10.18 -11.36
CA ASP A 85 -5.48 -10.76 -11.48
C ASP A 85 -4.74 -10.46 -10.21
N TYR A 86 -5.47 -10.05 -9.25
CA TYR A 86 -4.94 -9.72 -7.97
C TYR A 86 -5.75 -10.48 -6.94
N GLU A 87 -5.19 -10.70 -5.81
CA GLU A 87 -5.93 -11.31 -4.74
C GLU A 87 -5.75 -10.48 -3.49
N ARG A 88 -6.79 -10.44 -2.67
CA ARG A 88 -6.74 -9.68 -1.47
C ARG A 88 -6.08 -10.48 -0.39
N VAL A 89 -4.98 -10.01 0.09
CA VAL A 89 -4.28 -10.68 1.15
C VAL A 89 -4.09 -9.78 2.31
N THR A 90 -3.86 -10.37 3.43
CA THR A 90 -3.60 -9.64 4.62
C THR A 90 -2.06 -9.42 4.74
N VAL A 91 -1.67 -8.20 4.97
CA VAL A 91 -0.27 -7.79 5.07
C VAL A 91 -0.15 -6.88 6.28
N GLU A 92 1.03 -6.56 6.72
CA GLU A 92 1.13 -5.70 7.87
C GLU A 92 1.93 -4.46 7.51
N VAL A 93 1.36 -3.31 7.81
CA VAL A 93 1.95 -2.06 7.47
C VAL A 93 2.05 -1.18 8.70
N VAL A 94 2.77 -0.11 8.58
CA VAL A 94 2.82 0.88 9.62
C VAL A 94 1.98 2.03 9.19
N ARG A 95 0.89 2.23 9.89
CA ARG A 95 0.00 3.30 9.60
C ARG A 95 0.58 4.56 10.20
N MET A 96 1.21 5.34 9.33
CA MET A 96 2.00 6.52 9.68
C MET A 96 1.11 7.57 10.36
N ASP A 97 -0.21 7.42 10.16
CA ASP A 97 -1.23 8.28 10.81
C ASP A 97 -0.96 8.45 12.31
N ASN A 98 -0.47 7.37 12.94
CA ASN A 98 -0.12 7.43 14.35
C ASN A 98 1.22 6.67 14.55
N SER A 99 1.87 6.34 13.42
CA SER A 99 3.12 5.57 13.39
C SER A 99 2.94 4.19 14.06
N GLU A 100 1.70 3.71 14.03
CA GLU A 100 1.34 2.46 14.64
C GLU A 100 1.42 1.36 13.62
N LYS A 101 1.52 0.18 14.07
CA LYS A 101 1.67 -0.94 13.19
C LYS A 101 0.33 -1.63 13.12
N VAL A 102 -0.14 -1.88 11.93
CA VAL A 102 -1.45 -2.48 11.75
C VAL A 102 -1.44 -3.52 10.66
N LYS A 103 -2.18 -4.56 10.87
CA LYS A 103 -2.33 -5.60 9.91
C LYS A 103 -3.53 -5.20 9.02
N VAL A 104 -3.32 -5.17 7.73
CA VAL A 104 -4.32 -4.64 6.80
C VAL A 104 -4.51 -5.58 5.60
N GLU A 105 -5.47 -5.27 4.75
CA GLU A 105 -5.69 -6.02 3.52
C GLU A 105 -5.06 -5.24 2.38
N THR A 106 -4.67 -5.90 1.33
CA THR A 106 -4.13 -5.23 0.18
C THR A 106 -4.33 -6.11 -1.06
N TYR A 107 -3.97 -5.59 -2.22
CA TYR A 107 -4.10 -6.34 -3.45
C TYR A 107 -2.71 -6.75 -3.90
N VAL A 108 -2.48 -8.02 -3.98
CA VAL A 108 -1.21 -8.50 -4.48
C VAL A 108 -1.42 -9.18 -5.78
N TRP A 109 -0.35 -9.37 -6.51
CA TRP A 109 -0.42 -10.00 -7.79
C TRP A 109 -0.74 -11.48 -7.60
N VAL A 110 -1.84 -11.93 -8.19
CA VAL A 110 -2.36 -13.28 -7.94
C VAL A 110 -1.43 -14.36 -8.51
N ASN A 111 -0.59 -13.96 -9.45
CA ASN A 111 0.33 -14.85 -10.14
C ASN A 111 1.67 -14.94 -9.37
N LYS A 112 1.68 -14.43 -8.14
CA LYS A 112 2.89 -14.40 -7.27
C LYS A 112 3.62 -15.74 -7.07
N ASP A 113 2.96 -16.86 -7.34
CA ASP A 113 3.61 -18.18 -7.15
C ASP A 113 4.47 -18.51 -8.37
N ASP A 114 4.15 -17.86 -9.46
CA ASP A 114 4.88 -17.96 -10.69
C ASP A 114 5.94 -16.85 -10.70
N PRO A 115 7.17 -17.12 -11.16
CA PRO A 115 8.21 -16.12 -11.22
C PRO A 115 7.96 -15.08 -12.31
N ARG A 116 7.08 -14.15 -12.03
CA ARG A 116 6.74 -13.13 -12.96
C ARG A 116 6.72 -11.78 -12.28
N MET A 117 7.64 -10.91 -12.68
CA MET A 117 7.80 -9.56 -12.12
C MET A 117 8.02 -9.56 -10.62
N TYR A 118 9.24 -9.85 -10.22
CA TYR A 118 9.58 -9.89 -8.80
C TYR A 118 10.98 -9.33 -8.56
N GLY A 119 11.57 -8.83 -9.61
CA GLY A 119 12.88 -8.29 -9.50
C GLY A 119 12.88 -6.79 -9.53
N GLU A 120 14.03 -6.21 -9.52
CA GLU A 120 14.15 -4.79 -9.58
C GLU A 120 14.70 -4.40 -10.94
N TRP A 121 14.28 -3.28 -11.44
CA TRP A 121 14.68 -2.80 -12.74
C TRP A 121 14.38 -1.32 -12.92
N ASP A 122 13.71 -0.69 -11.96
CA ASP A 122 13.23 0.65 -12.21
C ASP A 122 13.62 1.66 -11.15
N PHE A 123 14.44 2.62 -11.56
CA PHE A 123 14.92 3.69 -10.70
C PHE A 123 13.76 4.64 -10.32
N GLU A 124 12.78 4.70 -11.19
CA GLU A 124 11.62 5.56 -11.04
C GLU A 124 10.74 5.06 -9.93
N GLU A 125 10.60 3.76 -9.88
CA GLU A 125 9.86 3.09 -8.85
C GLU A 125 10.43 3.47 -7.49
N TRP A 126 11.73 3.35 -7.34
CA TRP A 126 12.30 3.69 -6.04
C TRP A 126 12.26 5.20 -5.82
N ARG A 127 12.36 5.95 -6.91
CA ARG A 127 12.35 7.40 -6.87
C ARG A 127 11.06 7.88 -6.20
N VAL A 128 9.93 7.31 -6.60
CA VAL A 128 8.67 7.72 -6.03
C VAL A 128 8.53 7.21 -4.60
N VAL A 129 8.99 6.00 -4.34
CA VAL A 129 8.86 5.37 -3.03
C VAL A 129 9.70 6.09 -1.95
N HIS A 130 10.84 6.64 -2.32
CA HIS A 130 11.60 7.38 -1.30
C HIS A 130 11.07 8.80 -1.16
N ALA A 131 10.68 9.43 -2.27
CA ALA A 131 10.21 10.81 -2.23
C ALA A 131 8.92 10.94 -1.47
N GLU A 132 7.98 10.05 -1.76
CA GLU A 132 6.72 10.07 -1.08
C GLU A 132 6.89 9.77 0.39
N LYS A 133 7.81 8.86 0.70
CA LYS A 133 8.08 8.45 2.08
C LYS A 133 8.44 9.67 2.94
N PHE A 134 9.26 10.55 2.41
CA PHE A 134 9.68 11.72 3.14
C PHE A 134 8.59 12.78 3.21
N VAL A 135 7.93 13.07 2.10
CA VAL A 135 6.88 14.09 2.10
C VAL A 135 5.75 13.73 3.10
N GLU A 136 5.41 12.43 3.22
CA GLU A 136 4.41 11.95 4.20
C GLU A 136 4.88 12.33 5.60
N THR A 137 6.17 12.12 5.84
CA THR A 137 6.79 12.43 7.11
C THR A 137 6.66 13.92 7.43
N PHE A 138 7.03 14.78 6.48
CA PHE A 138 6.95 16.22 6.67
C PHE A 138 5.51 16.68 6.86
N ARG A 139 4.58 16.02 6.16
CA ARG A 139 3.17 16.34 6.33
C ARG A 139 2.72 16.01 7.74
N LYS A 140 3.00 14.80 8.17
CA LYS A 140 2.62 14.35 9.51
C LYS A 140 3.27 15.17 10.61
N MET A 141 4.54 15.44 10.47
CA MET A 141 5.24 16.25 11.47
C MET A 141 4.66 17.65 11.53
N LEU A 142 4.35 18.22 10.36
CA LEU A 142 3.80 19.55 10.28
C LEU A 142 2.43 19.61 10.93
N GLU A 143 1.57 18.64 10.63
CA GLU A 143 0.24 18.63 11.24
C GLU A 143 0.30 18.38 12.75
N TRP A 144 1.26 17.58 13.20
CA TRP A 144 1.45 17.38 14.64
C TRP A 144 1.97 18.64 15.33
N ASN A 145 2.72 19.43 14.61
CA ASN A 145 3.26 20.66 15.15
C ASN A 145 2.24 21.78 15.12
N LYS A 146 1.59 21.93 13.98
CA LYS A 146 0.67 23.01 13.74
C LYS A 146 -0.70 22.75 14.37
N ASN A 147 -1.09 21.50 14.44
CA ASN A 147 -2.42 21.15 14.93
C ASN A 147 -2.34 20.29 16.17
N PRO A 148 -2.87 20.81 17.29
CA PRO A 148 -2.94 20.05 18.55
C PRO A 148 -3.85 18.84 18.40
N ASN A 149 -4.83 18.97 17.50
CA ASN A 149 -5.84 17.94 17.23
C ASN A 149 -5.25 16.76 16.44
N GLY A 150 -3.98 16.87 16.03
CA GLY A 150 -3.33 15.78 15.33
C GLY A 150 -3.07 14.63 16.29
N LYS A 151 -2.89 14.98 17.53
CA LYS A 151 -2.68 14.04 18.61
C LYS A 151 -4.04 13.85 19.27
N SER A 152 -4.36 12.68 19.77
CA SER A 152 -5.62 12.54 20.47
C SER A 152 -5.44 13.10 21.90
N MET A 153 -6.50 13.53 22.54
CA MET A 153 -6.38 14.16 23.85
C MET A 153 -6.03 13.17 24.94
N GLU A 154 -6.68 12.03 24.95
CA GLU A 154 -6.38 11.01 25.95
C GLU A 154 -5.02 10.39 25.66
N GLU A 155 -4.61 10.51 24.44
CA GLU A 155 -3.33 10.04 23.98
C GLU A 155 -2.21 10.97 24.43
N ALA A 156 -2.47 12.27 24.38
CA ALA A 156 -1.51 13.27 24.81
C ALA A 156 -1.31 13.22 26.31
N VAL A 157 -2.36 12.95 27.03
CA VAL A 157 -2.34 12.90 28.45
C VAL A 157 -3.04 11.66 28.98
N GLY A 158 -2.30 10.80 29.62
CA GLY A 158 -2.84 9.57 30.11
C GLY A 158 -3.62 9.74 31.40
N SER A 159 -3.17 10.65 32.23
CA SER A 159 -3.80 10.85 33.49
C SER A 159 -3.75 12.31 33.94
N LEU A 160 -4.89 12.81 34.28
CA LEU A 160 -5.05 14.15 34.79
C LEU A 160 -5.85 14.04 36.06
N LEU A 161 -5.80 15.04 36.90
CA LEU A 161 -6.57 15.02 38.11
C LEU A 161 -7.12 16.38 38.46
N SER A 162 -8.33 16.39 38.94
CA SER A 162 -8.97 17.60 39.36
C SER A 162 -8.70 17.82 40.84
N SER A 163 -8.66 16.71 41.56
CA SER A 163 -8.40 16.65 42.98
C SER A 163 -9.32 17.55 43.81
N GLY A 164 -10.57 17.14 43.89
CA GLY A 164 -11.54 17.82 44.73
C GLY A 164 -11.97 16.91 45.85
N ASP A 165 -11.59 15.66 45.69
CA ASP A 165 -11.87 14.62 46.65
C ASP A 165 -10.69 13.68 46.68
N SER A 1 -19.62 -20.11 5.31
CA SER A 1 -19.97 -19.21 6.39
C SER A 1 -19.60 -17.78 6.00
N THR A 2 -20.50 -16.86 6.18
CA THR A 2 -20.26 -15.49 5.87
C THR A 2 -20.82 -14.60 6.98
N SER A 3 -19.94 -13.99 7.74
CA SER A 3 -20.34 -13.14 8.84
C SER A 3 -20.02 -11.68 8.53
N SER A 4 -20.90 -10.80 8.90
CA SER A 4 -20.66 -9.41 8.71
C SER A 4 -19.91 -8.87 9.93
N ASP A 5 -18.60 -8.95 9.87
CA ASP A 5 -17.75 -8.53 10.97
C ASP A 5 -17.72 -7.02 11.10
N PRO A 6 -18.12 -6.48 12.29
CA PRO A 6 -18.18 -5.04 12.54
C PRO A 6 -16.81 -4.41 12.81
N GLN A 7 -15.76 -5.16 12.54
CA GLN A 7 -14.41 -4.70 12.67
C GLN A 7 -14.11 -3.80 11.51
N SER A 8 -14.01 -2.53 11.77
CA SER A 8 -13.74 -1.56 10.73
C SER A 8 -12.43 -1.92 10.01
N HIS A 9 -12.51 -2.09 8.74
CA HIS A 9 -11.41 -2.56 7.96
C HIS A 9 -10.60 -1.43 7.39
N ASN A 10 -9.37 -1.73 7.10
CA ASN A 10 -8.43 -0.79 6.52
C ASN A 10 -7.82 -1.44 5.30
N VAL A 11 -7.74 -0.74 4.20
CA VAL A 11 -7.19 -1.31 2.98
C VAL A 11 -6.02 -0.47 2.48
N PHE A 12 -4.86 -1.09 2.36
CA PHE A 12 -3.67 -0.44 1.85
C PHE A 12 -3.73 -0.45 0.35
N VAL A 13 -3.89 0.70 -0.22
CA VAL A 13 -4.03 0.80 -1.63
C VAL A 13 -2.94 1.66 -2.20
N TYR A 14 -2.48 1.27 -3.35
CA TYR A 14 -1.53 2.03 -4.06
C TYR A 14 -2.27 2.81 -5.15
N GLY A 15 -2.26 4.11 -5.04
CA GLY A 15 -2.83 4.98 -6.05
C GLY A 15 -4.36 5.08 -6.06
N SER A 16 -5.01 3.99 -6.41
CA SER A 16 -6.46 3.94 -6.74
C SER A 16 -7.42 4.79 -5.84
N ILE A 17 -7.78 4.28 -4.66
CA ILE A 17 -8.78 4.95 -3.82
C ILE A 17 -8.07 5.86 -2.81
N LEU A 18 -6.90 6.34 -3.16
CA LEU A 18 -6.16 7.19 -2.27
C LEU A 18 -6.76 8.57 -2.20
N GLU A 19 -7.58 8.87 -3.17
CA GLU A 19 -8.31 10.10 -3.21
C GLU A 19 -9.77 9.87 -2.81
N PRO A 20 -10.32 10.73 -1.92
CA PRO A 20 -11.70 10.62 -1.43
C PRO A 20 -12.76 10.49 -2.53
N ALA A 21 -12.50 11.11 -3.68
CA ALA A 21 -13.41 11.04 -4.83
C ALA A 21 -13.62 9.62 -5.30
N VAL A 22 -12.57 8.83 -5.25
CA VAL A 22 -12.63 7.45 -5.66
C VAL A 22 -13.30 6.63 -4.56
N ALA A 23 -13.07 7.01 -3.32
CA ALA A 23 -13.73 6.34 -2.20
C ALA A 23 -15.22 6.60 -2.29
N ALA A 24 -15.57 7.77 -2.77
CA ALA A 24 -16.95 8.16 -2.93
C ALA A 24 -17.62 7.38 -4.07
N VAL A 25 -16.85 6.67 -4.88
CA VAL A 25 -17.45 5.88 -5.92
C VAL A 25 -17.55 4.41 -5.48
N ILE A 26 -16.56 3.94 -4.71
CA ILE A 26 -16.57 2.57 -4.20
C ILE A 26 -17.47 2.46 -2.96
N LEU A 27 -17.30 3.35 -2.03
CA LEU A 27 -18.06 3.30 -0.78
C LEU A 27 -19.32 4.10 -0.94
N ASP A 28 -19.32 4.95 -1.97
CA ASP A 28 -20.42 5.90 -2.25
C ASP A 28 -20.42 7.01 -1.16
N ARG A 29 -19.37 6.98 -0.38
CA ARG A 29 -19.16 7.82 0.76
C ARG A 29 -17.69 8.18 0.80
N THR A 30 -17.40 9.38 1.20
CA THR A 30 -16.03 9.85 1.27
C THR A 30 -15.31 9.28 2.49
N ALA A 31 -14.27 8.50 2.24
CA ALA A 31 -13.47 7.94 3.31
C ALA A 31 -12.16 8.65 3.40
N ASP A 32 -11.53 8.55 4.53
CA ASP A 32 -10.24 9.13 4.75
C ASP A 32 -9.13 8.12 4.65
N THR A 33 -8.12 8.46 3.92
CA THR A 33 -6.95 7.67 3.81
C THR A 33 -5.82 8.28 4.63
N VAL A 34 -5.00 7.44 5.23
CA VAL A 34 -3.85 7.92 6.00
C VAL A 34 -2.60 7.22 5.49
N PRO A 35 -1.44 7.92 5.47
CA PRO A 35 -0.22 7.38 4.93
C PRO A 35 0.34 6.23 5.78
N ALA A 36 0.71 5.18 5.12
CA ALA A 36 1.25 4.01 5.74
C ALA A 36 2.22 3.34 4.81
N VAL A 37 3.12 2.57 5.34
CA VAL A 37 4.04 1.86 4.51
C VAL A 37 3.96 0.36 4.75
N LEU A 38 3.84 -0.37 3.69
CA LEU A 38 3.79 -1.80 3.75
C LEU A 38 5.19 -2.35 3.68
N HIS A 39 5.57 -3.02 4.72
CA HIS A 39 6.88 -3.62 4.77
C HIS A 39 6.82 -5.05 4.31
N GLY A 40 7.67 -5.39 3.40
CA GLY A 40 7.74 -6.74 2.94
C GLY A 40 7.26 -6.89 1.53
N TYR A 41 6.78 -5.82 0.94
CA TYR A 41 6.32 -5.87 -0.42
C TYR A 41 7.00 -4.83 -1.28
N HIS A 42 7.17 -5.17 -2.53
CA HIS A 42 7.76 -4.31 -3.51
C HIS A 42 6.71 -4.05 -4.60
N ARG A 43 6.48 -2.80 -4.94
CA ARG A 43 5.47 -2.40 -5.96
C ARG A 43 6.08 -2.41 -7.33
N TYR A 44 5.33 -2.87 -8.30
CA TYR A 44 5.79 -2.86 -9.67
C TYR A 44 5.00 -1.91 -10.50
N LYS A 45 5.63 -1.36 -11.52
CA LYS A 45 4.98 -0.42 -12.37
C LYS A 45 4.27 -1.09 -13.52
N LEU A 46 3.00 -1.23 -13.38
CA LEU A 46 2.16 -1.71 -14.43
C LEU A 46 0.86 -0.93 -14.45
N LYS A 47 0.96 0.30 -14.90
CA LYS A 47 -0.17 1.21 -14.90
C LYS A 47 -1.10 1.05 -16.08
N GLY A 48 -0.86 -0.01 -16.86
CA GLY A 48 -1.80 -0.39 -17.88
C GLY A 48 -2.94 -1.13 -17.22
N LEU A 49 -2.66 -1.59 -16.02
CA LEU A 49 -3.61 -2.16 -15.12
C LEU A 49 -4.00 -1.04 -14.16
N PRO A 50 -5.06 -1.20 -13.31
CA PRO A 50 -5.51 -0.12 -12.41
C PRO A 50 -4.35 0.63 -11.71
N TYR A 51 -3.63 -0.09 -10.85
CA TYR A 51 -2.51 0.43 -10.03
C TYR A 51 -1.62 -0.68 -9.41
N PRO A 52 -2.20 -1.87 -8.95
CA PRO A 52 -1.39 -3.03 -8.48
C PRO A 52 -0.23 -3.39 -9.48
N CYS A 53 0.74 -4.22 -9.07
CA CYS A 53 0.69 -4.98 -7.85
C CYS A 53 1.99 -4.94 -7.08
N ILE A 54 2.05 -5.75 -6.05
CA ILE A 54 3.18 -5.90 -5.22
C ILE A 54 3.50 -7.37 -5.05
N VAL A 55 4.76 -7.64 -4.84
CA VAL A 55 5.25 -8.97 -4.59
C VAL A 55 6.17 -8.86 -3.37
N SER A 56 6.28 -9.92 -2.60
CA SER A 56 7.04 -9.88 -1.38
C SER A 56 8.56 -9.80 -1.64
N SER A 57 9.23 -9.09 -0.75
CA SER A 57 10.67 -8.93 -0.76
C SER A 57 11.10 -8.61 0.67
N ASP A 58 12.38 -8.74 0.97
CA ASP A 58 12.87 -8.45 2.32
C ASP A 58 13.00 -6.98 2.54
N SER A 59 13.76 -6.34 1.69
CA SER A 59 14.06 -4.93 1.84
C SER A 59 13.06 -4.06 1.07
N GLY A 60 11.98 -4.66 0.63
CA GLY A 60 11.00 -3.94 -0.10
C GLY A 60 9.93 -3.39 0.80
N LYS A 61 9.63 -2.11 0.62
CA LYS A 61 8.57 -1.46 1.36
C LYS A 61 7.78 -0.61 0.40
N VAL A 62 6.50 -0.59 0.56
CA VAL A 62 5.64 0.19 -0.32
C VAL A 62 4.98 1.29 0.46
N ASN A 63 5.17 2.50 0.05
CA ASN A 63 4.57 3.64 0.71
C ASN A 63 3.24 3.97 0.04
N GLY A 64 2.21 4.03 0.83
CA GLY A 64 0.92 4.34 0.31
C GLY A 64 0.00 4.88 1.35
N LYS A 65 -1.24 4.60 1.20
CA LYS A 65 -2.25 5.04 2.12
C LYS A 65 -3.25 3.95 2.35
N VAL A 66 -3.74 3.90 3.54
CA VAL A 66 -4.74 2.95 3.90
C VAL A 66 -6.09 3.61 3.98
N ILE A 67 -7.08 2.99 3.41
CA ILE A 67 -8.42 3.51 3.44
C ILE A 67 -9.02 2.98 4.71
N THR A 68 -9.38 3.85 5.60
CA THR A 68 -9.82 3.45 6.89
C THR A 68 -11.34 3.47 7.00
N GLY A 69 -11.86 2.78 8.00
CA GLY A 69 -13.28 2.77 8.26
C GLY A 69 -14.07 2.06 7.21
N VAL A 70 -13.54 1.00 6.69
CA VAL A 70 -14.22 0.26 5.67
C VAL A 70 -15.06 -0.84 6.30
N SER A 71 -16.34 -0.82 6.05
CA SER A 71 -17.22 -1.86 6.56
C SER A 71 -16.99 -3.14 5.76
N ASP A 72 -17.35 -4.26 6.32
CA ASP A 72 -17.21 -5.55 5.63
C ASP A 72 -17.88 -5.56 4.26
N ALA A 73 -19.07 -5.00 4.19
CA ALA A 73 -19.82 -4.92 2.93
C ALA A 73 -19.10 -4.04 1.94
N GLU A 74 -18.46 -3.03 2.47
CA GLU A 74 -17.73 -2.06 1.69
C GLU A 74 -16.41 -2.66 1.21
N LEU A 75 -15.77 -3.44 2.09
CA LEU A 75 -14.49 -4.08 1.77
C LEU A 75 -14.72 -5.01 0.63
N ASN A 76 -15.88 -5.62 0.65
CA ASN A 76 -16.28 -6.58 -0.34
C ASN A 76 -16.19 -6.02 -1.76
N ASN A 77 -16.35 -4.70 -1.95
CA ASN A 77 -16.32 -4.17 -3.30
C ASN A 77 -14.89 -4.17 -3.82
N PHE A 78 -13.93 -4.00 -2.89
CA PHE A 78 -12.51 -4.01 -3.26
C PHE A 78 -12.11 -5.45 -3.57
N ASP A 79 -12.76 -6.36 -2.90
CA ASP A 79 -12.52 -7.78 -3.10
C ASP A 79 -13.13 -8.25 -4.44
N VAL A 80 -14.30 -7.70 -4.76
CA VAL A 80 -15.04 -8.00 -6.01
C VAL A 80 -14.43 -7.29 -7.27
N ILE A 81 -13.77 -6.14 -7.07
CA ILE A 81 -13.22 -5.36 -8.21
C ILE A 81 -12.21 -6.23 -9.01
N GLU A 82 -11.86 -5.78 -10.23
CA GLU A 82 -10.99 -6.52 -11.13
C GLU A 82 -9.66 -6.92 -10.51
N GLY A 83 -9.62 -8.12 -10.02
CA GLY A 83 -8.44 -8.72 -9.53
C GLY A 83 -8.25 -10.02 -10.23
N ASN A 84 -8.14 -9.94 -11.54
CA ASN A 84 -8.09 -11.10 -12.44
C ASN A 84 -6.94 -12.05 -12.09
N ASP A 85 -5.80 -11.49 -11.78
CA ASP A 85 -4.64 -12.30 -11.41
C ASP A 85 -4.12 -11.73 -10.10
N TYR A 86 -5.01 -11.09 -9.39
CA TYR A 86 -4.68 -10.43 -8.17
C TYR A 86 -5.50 -11.06 -7.04
N GLU A 87 -4.98 -11.05 -5.85
CA GLU A 87 -5.70 -11.59 -4.72
C GLU A 87 -5.70 -10.57 -3.58
N ARG A 88 -6.78 -10.53 -2.84
CA ARG A 88 -6.92 -9.62 -1.73
C ARG A 88 -6.50 -10.32 -0.45
N VAL A 89 -5.43 -9.84 0.14
CA VAL A 89 -4.80 -10.46 1.31
C VAL A 89 -4.59 -9.46 2.42
N THR A 90 -4.40 -9.97 3.61
CA THR A 90 -4.10 -9.13 4.73
C THR A 90 -2.55 -9.01 4.84
N VAL A 91 -2.08 -7.80 4.97
CA VAL A 91 -0.65 -7.52 5.09
C VAL A 91 -0.43 -6.58 6.25
N GLU A 92 0.78 -6.52 6.76
CA GLU A 92 1.05 -5.66 7.88
C GLU A 92 1.74 -4.39 7.43
N VAL A 93 1.17 -3.27 7.77
CA VAL A 93 1.70 -2.01 7.36
C VAL A 93 1.90 -1.15 8.57
N VAL A 94 2.70 -0.17 8.41
CA VAL A 94 2.95 0.75 9.42
C VAL A 94 2.24 2.02 9.11
N ARG A 95 1.25 2.36 9.92
CA ARG A 95 0.58 3.62 9.75
C ARG A 95 1.46 4.69 10.21
N MET A 96 2.03 5.36 9.25
CA MET A 96 3.05 6.39 9.40
C MET A 96 2.57 7.47 10.36
N ASP A 97 1.26 7.67 10.40
CA ASP A 97 0.61 8.65 11.27
C ASP A 97 1.02 8.47 12.75
N ASN A 98 1.11 7.21 13.16
CA ASN A 98 1.46 6.90 14.56
C ASN A 98 2.70 5.98 14.63
N SER A 99 3.19 5.59 13.46
CA SER A 99 4.36 4.70 13.30
C SER A 99 4.04 3.31 13.91
N GLU A 100 2.75 2.96 13.93
CA GLU A 100 2.29 1.71 14.50
C GLU A 100 2.15 0.70 13.41
N LYS A 101 2.12 -0.53 13.78
CA LYS A 101 2.02 -1.59 12.83
C LYS A 101 0.65 -2.19 12.93
N VAL A 102 -0.02 -2.33 11.84
CA VAL A 102 -1.35 -2.86 11.83
C VAL A 102 -1.56 -3.68 10.57
N LYS A 103 -2.31 -4.76 10.67
CA LYS A 103 -2.64 -5.51 9.50
C LYS A 103 -3.88 -5.02 8.82
N VAL A 104 -3.71 -4.78 7.56
CA VAL A 104 -4.73 -4.23 6.68
C VAL A 104 -4.86 -5.11 5.44
N GLU A 105 -5.80 -4.81 4.58
CA GLU A 105 -6.00 -5.61 3.37
C GLU A 105 -5.34 -4.92 2.20
N THR A 106 -4.94 -5.66 1.20
CA THR A 106 -4.34 -5.08 0.02
C THR A 106 -4.45 -6.08 -1.17
N TYR A 107 -4.03 -5.67 -2.36
CA TYR A 107 -4.11 -6.50 -3.55
C TYR A 107 -2.71 -6.97 -3.92
N VAL A 108 -2.48 -8.25 -3.94
CA VAL A 108 -1.21 -8.77 -4.35
C VAL A 108 -1.37 -9.58 -5.64
N TRP A 109 -0.28 -10.08 -6.16
CA TRP A 109 -0.26 -10.76 -7.44
C TRP A 109 -0.22 -12.27 -7.20
N VAL A 110 -1.16 -13.01 -7.77
CA VAL A 110 -1.21 -14.46 -7.56
C VAL A 110 -0.07 -15.15 -8.30
N ASN A 111 0.37 -14.55 -9.37
CA ASN A 111 1.49 -15.03 -10.19
C ASN A 111 2.84 -14.67 -9.52
N LYS A 112 2.76 -14.23 -8.25
CA LYS A 112 3.91 -13.80 -7.45
C LYS A 112 5.05 -14.84 -7.42
N ASP A 113 4.70 -16.11 -7.64
CA ASP A 113 5.67 -17.20 -7.58
C ASP A 113 6.32 -17.46 -8.92
N ASP A 114 5.89 -16.75 -9.92
CA ASP A 114 6.44 -16.90 -11.24
C ASP A 114 7.37 -15.76 -11.56
N PRO A 115 8.37 -15.99 -12.46
CA PRO A 115 9.30 -14.94 -12.87
C PRO A 115 8.57 -13.79 -13.56
N ARG A 116 8.55 -12.68 -12.90
CA ARG A 116 7.85 -11.49 -13.33
C ARG A 116 8.80 -10.32 -13.14
N MET A 117 8.47 -9.16 -13.74
CA MET A 117 9.27 -7.93 -13.53
C MET A 117 9.51 -7.74 -12.04
N TYR A 118 10.76 -7.67 -11.64
CA TYR A 118 11.11 -7.57 -10.23
C TYR A 118 12.09 -6.43 -9.97
N GLY A 119 12.36 -5.67 -10.99
CA GLY A 119 13.37 -4.66 -10.90
C GLY A 119 12.94 -3.36 -10.23
N GLU A 120 13.64 -2.30 -10.60
CA GLU A 120 13.43 -0.99 -10.05
C GLU A 120 12.46 -0.18 -10.89
N TRP A 121 12.15 1.01 -10.43
CA TRP A 121 11.18 1.86 -11.09
C TRP A 121 11.89 2.82 -11.97
N ASP A 122 12.73 3.54 -11.34
CA ASP A 122 13.56 4.52 -12.01
C ASP A 122 14.99 4.22 -11.69
N PHE A 123 15.78 3.92 -12.71
CA PHE A 123 17.18 3.59 -12.51
C PHE A 123 17.99 4.76 -11.96
N GLU A 124 17.55 5.98 -12.26
CA GLU A 124 18.15 7.17 -11.73
C GLU A 124 17.88 7.25 -10.22
N GLU A 125 16.63 7.08 -9.86
CA GLU A 125 16.19 7.11 -8.48
C GLU A 125 16.84 5.99 -7.70
N TRP A 126 16.85 4.80 -8.28
CA TRP A 126 17.41 3.66 -7.62
C TRP A 126 18.90 3.85 -7.46
N ARG A 127 19.54 4.45 -8.46
CA ARG A 127 20.97 4.71 -8.46
C ARG A 127 21.36 5.53 -7.24
N VAL A 128 20.61 6.61 -6.99
CA VAL A 128 20.94 7.49 -5.88
C VAL A 128 20.69 6.84 -4.52
N VAL A 129 19.71 5.93 -4.45
CA VAL A 129 19.44 5.20 -3.21
C VAL A 129 20.51 4.13 -3.00
N HIS A 130 20.81 3.42 -4.08
CA HIS A 130 21.80 2.36 -4.10
C HIS A 130 23.17 2.98 -3.73
N ALA A 131 23.43 4.17 -4.27
CA ALA A 131 24.64 4.92 -3.99
C ALA A 131 24.75 5.30 -2.51
N GLU A 132 23.66 5.76 -1.94
CA GLU A 132 23.64 6.15 -0.53
C GLU A 132 23.80 4.96 0.38
N LYS A 133 23.40 3.81 -0.09
CA LYS A 133 23.56 2.60 0.65
C LYS A 133 25.05 2.25 0.69
N PHE A 134 25.66 2.12 -0.47
CA PHE A 134 27.06 1.71 -0.53
C PHE A 134 28.03 2.71 0.07
N VAL A 135 27.72 4.00 -0.03
CA VAL A 135 28.60 5.00 0.53
C VAL A 135 28.73 4.83 2.05
N GLU A 136 27.61 4.48 2.72
CA GLU A 136 27.66 4.29 4.13
C GLU A 136 28.40 3.03 4.48
N THR A 137 28.27 2.04 3.62
CA THR A 137 28.93 0.78 3.80
C THR A 137 30.46 0.97 3.82
N PHE A 138 30.97 1.73 2.85
CA PHE A 138 32.40 2.03 2.82
C PHE A 138 32.84 2.78 4.07
N ARG A 139 31.96 3.63 4.58
CA ARG A 139 32.24 4.38 5.79
C ARG A 139 32.25 3.46 7.01
N LYS A 140 31.21 2.64 7.15
CA LYS A 140 31.10 1.69 8.27
C LYS A 140 32.30 0.76 8.28
N MET A 141 32.68 0.28 7.10
CA MET A 141 33.84 -0.58 6.96
C MET A 141 35.13 0.16 7.26
N LEU A 142 35.16 1.45 6.98
CA LEU A 142 36.33 2.28 7.27
C LEU A 142 36.48 2.46 8.78
N GLU A 143 35.35 2.67 9.45
CA GLU A 143 35.32 2.80 10.92
C GLU A 143 35.78 1.49 11.55
N TRP A 144 35.44 0.42 10.88
CA TRP A 144 35.79 -0.91 11.27
C TRP A 144 37.31 -1.12 11.04
N ASN A 145 37.79 -0.67 9.89
CA ASN A 145 39.20 -0.81 9.46
C ASN A 145 40.12 0.04 10.34
N LYS A 146 39.67 1.22 10.71
CA LYS A 146 40.49 2.15 11.49
C LYS A 146 40.56 1.79 12.97
N ASN A 147 39.73 0.89 13.40
CA ASN A 147 39.72 0.52 14.80
C ASN A 147 40.11 -0.93 14.99
N PRO A 148 41.05 -1.19 15.93
CA PRO A 148 41.51 -2.56 16.27
C PRO A 148 40.37 -3.39 16.86
N ASN A 149 39.32 -2.71 17.24
CA ASN A 149 38.13 -3.34 17.79
C ASN A 149 37.33 -3.99 16.69
N GLY A 150 37.55 -3.54 15.48
CA GLY A 150 36.93 -4.13 14.36
C GLY A 150 37.89 -5.09 13.71
N LYS A 151 38.96 -4.55 13.22
CA LYS A 151 39.99 -5.34 12.60
C LYS A 151 41.07 -5.61 13.58
N SER A 152 41.37 -6.85 13.79
CA SER A 152 42.42 -7.22 14.68
C SER A 152 43.77 -6.76 14.10
N MET A 153 44.79 -6.59 14.95
CA MET A 153 46.07 -6.04 14.51
C MET A 153 46.75 -6.91 13.45
N GLU A 154 46.71 -8.23 13.61
CA GLU A 154 47.29 -9.12 12.62
C GLU A 154 46.42 -9.22 11.39
N GLU A 155 45.17 -8.88 11.54
CA GLU A 155 44.28 -8.88 10.42
C GLU A 155 44.56 -7.69 9.54
N ALA A 156 44.68 -6.55 10.18
CA ALA A 156 44.91 -5.31 9.50
C ALA A 156 46.22 -5.28 8.73
N VAL A 157 47.24 -5.92 9.26
CA VAL A 157 48.57 -5.83 8.60
C VAL A 157 49.05 -7.18 8.07
N GLY A 158 48.50 -8.25 8.58
CA GLY A 158 48.94 -9.55 8.21
C GLY A 158 49.96 -10.04 9.20
N SER A 159 49.92 -11.31 9.54
CA SER A 159 50.85 -11.89 10.47
C SER A 159 52.28 -11.81 9.95
N LEU A 160 53.07 -11.00 10.63
CA LEU A 160 54.44 -10.77 10.30
C LEU A 160 55.25 -10.75 11.57
N LEU A 161 56.53 -10.84 11.43
CA LEU A 161 57.43 -10.71 12.54
C LEU A 161 57.95 -9.30 12.48
N SER A 162 58.16 -8.71 13.63
CA SER A 162 58.71 -7.39 13.67
C SER A 162 60.13 -7.41 13.11
N SER A 163 60.98 -8.26 13.71
CA SER A 163 62.36 -8.46 13.25
C SER A 163 63.15 -7.12 13.24
N GLY A 164 64.28 -7.11 12.59
CA GLY A 164 65.07 -5.91 12.52
C GLY A 164 66.31 -6.05 13.34
N ASP A 165 66.15 -6.70 14.45
CA ASP A 165 67.25 -6.97 15.33
C ASP A 165 67.14 -8.41 15.76
#